data_4M8D
#
_entry.id   4M8D
#
_cell.length_a   84.980
_cell.length_b   51.820
_cell.length_c   357.090
_cell.angle_alpha   90.00
_cell.angle_beta   91.92
_cell.angle_gamma   90.00
#
_symmetry.space_group_name_H-M   'P 1 21 1'
#
loop_
_entity.id
_entity.type
_entity.pdbx_description
1 polymer 'Putative uncharacterized protein'
2 non-polymer 'MANGANESE (II) ION'
3 non-polymer 'oxo(2-sulfanylphenyl)acetic acid'
4 non-polymer 'CALCIUM ION'
5 water water
#
_entity_poly.entity_id   1
_entity_poly.type   'polypeptide(L)'
_entity_poly.pdbx_seq_one_letter_code
;MSAQSALSGLGAKLLSGEVEVVDCTGVLGPNTPILQLPPDFAKNTPKVEIHKISEYDSDGPFFAWNWMVLGEHSGTHFDA
PHHWITGKDYSDGFTDTLDVQRLIAPVNVIDCSKESAADPDFLLTADLIKAWEAEHGEIGAGEWVVMRTDWDKRAGDEAA
FLNADETGPHSPGPTPDAIEYLLSKKIVGWGSQCIGTDAGQAGGMEPPFPAHNLLHRDNCFGLASLANLDKLPAKGAILI
AAPLKIERGTGSPIRALALVPKA
;
_entity_poly.pdbx_strand_id   A,B,C,D,E,F,G,H,I,J,K,L
#
# COMPACT_ATOMS: atom_id res chain seq x y z
N MET A 1 27.41 28.86 0.60
CA MET A 1 27.39 28.23 1.92
C MET A 1 25.96 28.20 2.48
N SER A 2 25.03 28.85 1.79
CA SER A 2 23.62 28.82 2.16
C SER A 2 22.97 27.53 1.67
N ALA A 3 21.82 27.19 2.25
CA ALA A 3 21.06 26.03 1.81
C ALA A 3 20.64 26.16 0.35
N GLN A 4 20.24 27.35 -0.07
CA GLN A 4 19.83 27.54 -1.45
C GLN A 4 21.00 27.29 -2.39
N SER A 5 22.18 27.78 -2.02
CA SER A 5 23.36 27.54 -2.84
C SER A 5 23.68 26.06 -2.91
N ALA A 6 23.50 25.36 -1.80
CA ALA A 6 23.75 23.92 -1.82
C ALA A 6 22.80 23.21 -2.80
N LEU A 7 21.53 23.59 -2.76
CA LEU A 7 20.55 22.95 -3.62
C LEU A 7 20.72 23.33 -5.10
N SER A 8 21.03 24.60 -5.36
N SER A 8 21.03 24.59 -5.37
CA SER A 8 21.28 25.05 -6.72
CA SER A 8 21.26 25.00 -6.75
C SER A 8 22.52 24.35 -7.26
C SER A 8 22.52 24.31 -7.27
N GLY A 9 23.56 24.32 -6.44
CA GLY A 9 24.78 23.59 -6.76
C GLY A 9 24.55 22.11 -7.06
N LEU A 10 23.70 21.47 -6.26
CA LEU A 10 23.39 20.06 -6.49
C LEU A 10 22.75 19.88 -7.85
N GLY A 11 21.79 20.75 -8.15
CA GLY A 11 21.09 20.70 -9.43
C GLY A 11 22.04 20.84 -10.61
N ALA A 12 22.96 21.79 -10.54
CA ALA A 12 23.93 21.97 -11.61
C ALA A 12 24.87 20.77 -11.75
N LYS A 13 25.32 20.22 -10.63
CA LYS A 13 26.29 19.13 -10.66
C LYS A 13 25.65 17.82 -11.12
N LEU A 14 24.35 17.68 -10.89
CA LEU A 14 23.62 16.54 -11.42
C LEU A 14 23.54 16.62 -12.93
N LEU A 15 23.29 17.80 -13.46
CA LEU A 15 23.21 17.97 -14.92
C LEU A 15 24.57 17.74 -15.58
N SER A 16 25.63 18.21 -14.94
CA SER A 16 26.97 18.12 -15.52
C SER A 16 27.58 16.75 -15.31
N GLY A 17 27.02 16.01 -14.36
CA GLY A 17 27.47 14.67 -14.05
C GLY A 17 28.56 14.64 -13.01
N GLU A 18 28.91 15.81 -12.50
CA GLU A 18 29.92 15.89 -11.44
C GLU A 18 29.42 15.22 -10.17
N VAL A 19 28.10 15.22 -9.97
CA VAL A 19 27.49 14.37 -8.95
C VAL A 19 26.73 13.28 -9.69
N GLU A 20 26.98 12.03 -9.33
CA GLU A 20 26.32 10.91 -9.98
C GLU A 20 25.28 10.28 -9.05
N VAL A 21 24.15 9.91 -9.62
CA VAL A 21 23.14 9.14 -8.91
C VAL A 21 23.41 7.66 -9.11
N VAL A 22 23.72 6.97 -8.02
CA VAL A 22 23.94 5.54 -8.11
C VAL A 22 22.64 4.80 -7.78
N ASP A 23 22.27 3.84 -8.61
CA ASP A 23 21.12 3.00 -8.34
C ASP A 23 21.51 1.91 -7.35
N CYS A 24 20.99 2.00 -6.13
CA CYS A 24 21.31 1.01 -5.12
C CYS A 24 20.20 -0.05 -4.97
N THR A 25 19.43 -0.24 -6.03
CA THR A 25 18.24 -1.08 -5.98
C THR A 25 18.35 -2.25 -6.92
N GLY A 26 17.93 -3.43 -6.46
CA GLY A 26 17.84 -4.59 -7.35
C GLY A 26 16.51 -4.60 -8.08
N VAL A 27 16.42 -5.37 -9.16
CA VAL A 27 15.19 -5.47 -9.93
C VAL A 27 14.07 -6.09 -9.09
N LEU A 28 12.88 -5.50 -9.16
CA LEU A 28 11.75 -6.00 -8.40
C LEU A 28 10.79 -6.75 -9.32
N GLY A 29 10.73 -8.07 -9.13
CA GLY A 29 9.92 -8.93 -9.99
C GLY A 29 9.80 -10.35 -9.44
N PRO A 30 9.24 -11.28 -10.23
CA PRO A 30 9.00 -12.63 -9.71
C PRO A 30 10.28 -13.35 -9.29
N ASN A 31 11.42 -13.00 -9.87
CA ASN A 31 12.70 -13.65 -9.54
C ASN A 31 13.42 -13.00 -8.35
N THR A 32 12.89 -11.90 -7.85
CA THR A 32 13.49 -11.22 -6.70
C THR A 32 13.56 -12.19 -5.52
N PRO A 33 14.76 -12.37 -4.94
CA PRO A 33 14.85 -13.25 -3.76
C PRO A 33 14.00 -12.73 -2.59
N ILE A 34 13.26 -13.65 -1.98
CA ILE A 34 12.36 -13.34 -0.88
C ILE A 34 12.71 -14.24 0.31
N LEU A 35 12.71 -13.64 1.52
CA LEU A 35 12.98 -14.36 2.76
C LEU A 35 12.18 -15.66 2.90
N GLN A 36 12.87 -16.73 3.32
CA GLN A 36 12.20 -17.96 3.69
C GLN A 36 12.37 -18.19 5.19
N LEU A 37 11.24 -18.39 5.86
CA LEU A 37 11.23 -18.71 7.28
C LEU A 37 10.76 -20.15 7.48
N PRO A 38 11.22 -20.81 8.55
CA PRO A 38 10.68 -22.15 8.88
C PRO A 38 9.17 -22.08 9.05
N PRO A 39 8.42 -22.89 8.29
CA PRO A 39 6.95 -22.89 8.29
C PRO A 39 6.35 -23.05 9.69
N ASP A 40 6.98 -23.83 10.54
CA ASP A 40 6.49 -24.03 11.90
C ASP A 40 6.64 -22.76 12.73
N PHE A 41 7.55 -21.87 12.31
CA PHE A 41 7.89 -20.68 13.08
C PHE A 41 7.04 -19.46 12.72
N ALA A 42 6.73 -19.31 11.43
CA ALA A 42 6.01 -18.12 10.95
C ALA A 42 5.52 -18.27 9.52
N LYS A 43 4.50 -17.51 9.15
CA LYS A 43 4.04 -17.45 7.77
C LYS A 43 5.05 -16.67 6.93
N ASN A 44 5.20 -17.02 5.65
CA ASN A 44 6.12 -16.32 4.77
C ASN A 44 5.47 -15.13 4.07
N THR A 45 6.26 -14.10 3.81
CA THR A 45 5.83 -13.01 2.93
C THR A 45 5.82 -13.57 1.49
N PRO A 46 4.84 -13.15 0.66
CA PRO A 46 4.65 -13.80 -0.65
C PRO A 46 5.69 -13.42 -1.69
N LYS A 47 5.86 -14.29 -2.69
CA LYS A 47 6.72 -13.97 -3.81
C LYS A 47 6.07 -12.87 -4.64
N VAL A 48 6.90 -12.05 -5.26
CA VAL A 48 6.43 -10.93 -6.06
C VAL A 48 5.74 -11.44 -7.34
N GLU A 49 4.57 -10.89 -7.64
CA GLU A 49 3.93 -11.18 -8.92
C GLU A 49 3.65 -9.87 -9.67
N ILE A 50 3.84 -9.90 -10.99
CA ILE A 50 3.47 -8.76 -11.82
C ILE A 50 2.43 -9.23 -12.81
N HIS A 51 1.25 -8.60 -12.75
CA HIS A 51 0.13 -8.99 -13.61
C HIS A 51 -0.19 -7.91 -14.64
N LYS A 52 -0.30 -8.31 -15.91
CA LYS A 52 -0.65 -7.37 -16.97
C LYS A 52 -2.09 -6.91 -16.85
N ILE A 53 -2.31 -5.60 -16.91
CA ILE A 53 -3.68 -5.08 -17.09
C ILE A 53 -3.93 -4.88 -18.57
N SER A 54 -3.03 -4.14 -19.23
CA SER A 54 -3.06 -4.00 -20.69
C SER A 54 -1.66 -3.67 -21.20
N GLU A 55 -1.47 -3.86 -22.50
CA GLU A 55 -0.30 -3.32 -23.20
C GLU A 55 -0.68 -2.97 -24.64
N TYR A 56 -1.27 -1.78 -24.81
CA TYR A 56 -1.72 -1.29 -26.12
C TYR A 56 -2.55 -2.34 -26.86
N ASP A 57 -3.62 -2.80 -26.23
CA ASP A 57 -4.43 -3.88 -26.77
C ASP A 57 -5.90 -3.62 -26.45
N SER A 58 -6.76 -4.60 -26.67
CA SER A 58 -8.19 -4.38 -26.49
C SER A 58 -8.57 -4.13 -25.01
N ASP A 59 -7.66 -4.43 -24.09
CA ASP A 59 -7.91 -4.19 -22.67
C ASP A 59 -7.48 -2.79 -22.23
N GLY A 60 -6.74 -2.13 -23.11
CA GLY A 60 -6.22 -0.79 -22.88
C GLY A 60 -5.48 -0.36 -24.13
N PRO A 61 -6.23 0.22 -25.07
CA PRO A 61 -5.78 0.54 -26.43
C PRO A 61 -4.50 1.35 -26.50
N PHE A 62 -4.37 2.37 -25.65
CA PHE A 62 -3.32 3.36 -25.84
C PHE A 62 -2.29 3.35 -24.73
N PHE A 63 -2.36 2.38 -23.84
CA PHE A 63 -1.49 2.39 -22.68
C PHE A 63 -1.12 0.99 -22.18
N ALA A 64 -0.07 0.95 -21.38
CA ALA A 64 0.40 -0.30 -20.80
C ALA A 64 0.54 -0.08 -19.31
N TRP A 65 0.13 -1.07 -18.54
CA TRP A 65 0.26 -1.01 -17.09
C TRP A 65 -0.02 -2.35 -16.48
N ASN A 66 0.46 -2.50 -15.25
CA ASN A 66 0.44 -3.75 -14.51
C ASN A 66 -0.03 -3.54 -13.08
N TRP A 67 -0.43 -4.63 -12.43
CA TRP A 67 -0.60 -4.60 -10.98
C TRP A 67 0.24 -5.71 -10.33
N MET A 68 0.54 -5.55 -9.04
CA MET A 68 1.44 -6.45 -8.34
C MET A 68 0.83 -7.11 -7.11
N VAL A 69 1.26 -8.35 -6.85
CA VAL A 69 1.19 -8.94 -5.52
C VAL A 69 2.55 -8.63 -4.90
N LEU A 70 2.58 -7.88 -3.81
CA LEU A 70 3.81 -7.26 -3.32
C LEU A 70 3.83 -7.17 -1.78
N GLY A 71 4.67 -7.97 -1.15
CA GLY A 71 4.91 -7.82 0.28
C GLY A 71 5.64 -6.53 0.55
N GLU A 72 5.37 -5.92 1.70
CA GLU A 72 6.15 -4.78 2.15
C GLU A 72 7.64 -5.10 2.11
N HIS A 73 7.98 -6.33 2.53
CA HIS A 73 9.39 -6.70 2.71
C HIS A 73 9.85 -7.52 1.50
N SER A 74 10.01 -6.80 0.39
CA SER A 74 10.31 -7.41 -0.91
C SER A 74 11.43 -6.69 -1.62
N GLY A 75 12.51 -7.41 -1.94
CA GLY A 75 13.60 -6.85 -2.71
C GLY A 75 14.33 -5.80 -1.90
N THR A 76 14.96 -4.85 -2.59
CA THR A 76 15.57 -3.71 -1.91
C THR A 76 14.45 -3.03 -1.14
N HIS A 77 14.56 -3.00 0.18
CA HIS A 77 13.42 -2.55 0.96
C HIS A 77 13.81 -1.97 2.32
N PHE A 78 12.82 -1.33 2.94
CA PHE A 78 12.99 -0.51 4.13
C PHE A 78 12.23 -1.16 5.27
N ASP A 79 12.86 -1.27 6.45
CA ASP A 79 12.20 -1.76 7.66
C ASP A 79 11.85 -0.60 8.60
N ALA A 80 10.58 -0.38 8.88
CA ALA A 80 10.16 0.66 9.84
C ALA A 80 10.13 0.07 11.25
N PRO A 81 10.17 0.94 12.28
CA PRO A 81 10.28 0.34 13.61
C PRO A 81 9.12 -0.56 14.00
N HIS A 82 7.92 -0.33 13.46
CA HIS A 82 6.79 -1.19 13.79
C HIS A 82 7.02 -2.64 13.35
N HIS A 83 7.96 -2.85 12.45
CA HIS A 83 8.23 -4.19 11.94
C HIS A 83 8.59 -5.17 13.06
N TRP A 84 9.26 -4.69 14.10
CA TRP A 84 9.63 -5.59 15.20
C TRP A 84 8.83 -5.29 16.44
N ILE A 85 8.61 -6.33 17.25
CA ILE A 85 7.84 -6.19 18.47
C ILE A 85 8.45 -5.10 19.38
N THR A 86 9.77 -4.95 19.33
CA THR A 86 10.45 -3.96 20.17
C THR A 86 10.14 -2.51 19.76
N GLY A 87 9.70 -2.32 18.52
CA GLY A 87 9.37 -0.99 18.05
C GLY A 87 7.86 -0.75 17.95
N LYS A 88 7.07 -1.64 18.54
CA LYS A 88 5.62 -1.64 18.27
C LYS A 88 4.87 -0.40 18.76
N ASP A 89 5.41 0.26 19.78
CA ASP A 89 4.65 1.33 20.43
C ASP A 89 5.04 2.75 19.97
N TYR A 90 5.94 2.87 19.01
CA TYR A 90 6.20 4.19 18.41
C TYR A 90 5.07 4.60 17.50
N SER A 91 4.35 5.67 17.84
CA SER A 91 3.27 6.13 16.97
C SER A 91 3.84 6.57 15.63
N ASP A 92 5.08 7.06 15.67
CA ASP A 92 5.81 7.49 14.46
C ASP A 92 6.62 6.36 13.79
N GLY A 93 6.29 5.12 14.13
CA GLY A 93 7.11 3.98 13.74
C GLY A 93 6.62 3.26 12.49
N PHE A 94 5.71 3.89 11.76
CA PHE A 94 5.16 3.34 10.53
C PHE A 94 5.68 4.09 9.30
N THR A 95 5.55 3.49 8.12
CA THR A 95 6.02 4.13 6.92
C THR A 95 5.26 5.43 6.63
N ASP A 96 4.04 5.55 7.15
CA ASP A 96 3.26 6.76 6.92
C ASP A 96 3.36 7.78 8.05
N THR A 97 4.01 7.43 9.16
CA THR A 97 4.05 8.36 10.29
C THR A 97 5.48 8.76 10.69
N LEU A 98 6.49 8.13 10.07
CA LEU A 98 7.88 8.43 10.40
C LEU A 98 8.30 9.80 9.83
N ASP A 99 9.45 10.29 10.28
CA ASP A 99 9.94 11.64 9.94
C ASP A 99 10.77 11.55 8.63
N VAL A 100 10.27 12.12 7.54
CA VAL A 100 10.96 11.96 6.26
C VAL A 100 12.31 12.68 6.21
N GLN A 101 12.53 13.65 7.09
CA GLN A 101 13.84 14.29 7.23
C GLN A 101 14.94 13.25 7.45
N ARG A 102 14.63 12.18 8.18
CA ARG A 102 15.64 11.20 8.57
C ARG A 102 16.07 10.26 7.44
N LEU A 103 15.30 10.25 6.36
CA LEU A 103 15.46 9.27 5.28
C LEU A 103 16.64 9.50 4.36
N ILE A 104 17.09 10.74 4.28
CA ILE A 104 18.18 11.14 3.37
C ILE A 104 19.35 11.61 4.21
N ALA A 105 20.47 10.90 4.17
CA ALA A 105 21.56 11.23 5.06
C ALA A 105 22.88 10.74 4.49
N PRO A 106 24.00 11.36 4.93
CA PRO A 106 25.30 10.75 4.65
C PRO A 106 25.32 9.27 5.02
N VAL A 107 25.98 8.46 4.20
CA VAL A 107 26.07 7.03 4.45
C VAL A 107 27.54 6.61 4.69
N ASN A 108 27.69 5.72 5.65
CA ASN A 108 28.97 5.08 5.96
C ASN A 108 28.97 3.70 5.36
N VAL A 109 29.86 3.45 4.40
CA VAL A 109 29.87 2.18 3.69
C VAL A 109 31.06 1.36 4.15
N ILE A 110 30.76 0.31 4.89
CA ILE A 110 31.79 -0.51 5.49
C ILE A 110 32.03 -1.75 4.63
N ASP A 111 33.16 -1.78 3.95
CA ASP A 111 33.42 -2.82 2.98
C ASP A 111 33.88 -4.11 3.66
N CYS A 112 32.99 -5.08 3.67
CA CYS A 112 33.25 -6.40 4.22
C CYS A 112 33.23 -7.48 3.14
N SER A 113 33.41 -7.08 1.88
CA SER A 113 33.26 -8.00 0.77
C SER A 113 34.30 -9.13 0.79
N LYS A 114 35.56 -8.80 1.05
CA LYS A 114 36.59 -9.84 1.09
C LYS A 114 36.32 -10.84 2.23
N GLU A 115 36.01 -10.31 3.41
CA GLU A 115 35.71 -11.15 4.56
C GLU A 115 34.48 -12.07 4.33
N SER A 116 33.43 -11.53 3.71
CA SER A 116 32.24 -12.29 3.39
C SER A 116 32.45 -13.32 2.28
N ALA A 117 33.33 -13.04 1.34
CA ALA A 117 33.68 -14.02 0.33
C ALA A 117 34.38 -15.24 0.99
N ALA A 118 35.23 -14.97 1.98
CA ALA A 118 35.96 -16.04 2.67
C ALA A 118 35.06 -16.81 3.66
N ASP A 119 34.08 -16.13 4.23
CA ASP A 119 33.22 -16.71 5.25
C ASP A 119 31.82 -16.13 5.13
N PRO A 120 30.88 -16.93 4.63
CA PRO A 120 29.52 -16.39 4.46
C PRO A 120 28.83 -16.08 5.79
N ASP A 121 29.36 -16.56 6.91
CA ASP A 121 28.77 -16.22 8.20
C ASP A 121 29.55 -15.10 8.87
N PHE A 122 30.37 -14.40 8.10
CA PHE A 122 31.14 -13.28 8.61
C PHE A 122 30.31 -12.31 9.44
N LEU A 123 30.81 -11.97 10.62
CA LEU A 123 30.13 -11.04 11.48
C LEU A 123 30.91 -9.76 11.68
N LEU A 124 30.28 -8.62 11.38
CA LEU A 124 30.87 -7.33 11.70
C LEU A 124 30.71 -7.06 13.18
N THR A 125 31.84 -6.83 13.83
CA THR A 125 31.89 -6.59 15.26
C THR A 125 32.07 -5.11 15.61
N ALA A 126 31.79 -4.76 16.86
CA ALA A 126 32.02 -3.41 17.34
C ALA A 126 33.51 -3.04 17.17
N ASP A 127 34.42 -3.96 17.47
CA ASP A 127 35.85 -3.69 17.32
C ASP A 127 36.21 -3.37 15.88
N LEU A 128 35.63 -4.10 14.93
CA LEU A 128 35.96 -3.86 13.52
C LEU A 128 35.38 -2.53 13.06
N ILE A 129 34.22 -2.15 13.60
CA ILE A 129 33.63 -0.87 13.26
C ILE A 129 34.52 0.24 13.78
N LYS A 130 35.02 0.11 15.00
CA LYS A 130 35.89 1.13 15.55
C LYS A 130 37.17 1.26 14.73
N ALA A 131 37.73 0.14 14.25
CA ALA A 131 38.92 0.22 13.41
C ALA A 131 38.59 0.93 12.10
N TRP A 132 37.39 0.69 11.56
CA TRP A 132 36.93 1.38 10.37
C TRP A 132 36.86 2.89 10.61
N GLU A 133 36.34 3.28 11.76
CA GLU A 133 36.25 4.70 12.10
C GLU A 133 37.64 5.34 12.23
N ALA A 134 38.57 4.60 12.85
CA ALA A 134 39.96 5.05 12.98
C ALA A 134 40.52 5.43 11.61
N GLU A 135 40.20 4.64 10.60
CA GLU A 135 40.70 4.86 9.25
C GLU A 135 39.93 5.94 8.49
N HIS A 136 38.60 5.85 8.54
CA HIS A 136 37.76 6.66 7.67
C HIS A 136 37.12 7.88 8.33
N GLY A 137 37.00 7.88 9.64
CA GLY A 137 36.30 8.95 10.33
C GLY A 137 35.16 8.41 11.17
N GLU A 138 34.81 9.12 12.23
CA GLU A 138 33.77 8.64 13.15
C GLU A 138 32.39 8.61 12.49
N ILE A 139 31.61 7.60 12.84
CA ILE A 139 30.22 7.52 12.44
C ILE A 139 29.43 8.54 13.29
N GLY A 140 28.59 9.35 12.65
CA GLY A 140 27.91 10.43 13.35
C GLY A 140 26.40 10.28 13.45
N ALA A 141 25.80 11.05 14.35
CA ALA A 141 24.36 11.08 14.57
C ALA A 141 23.60 11.29 13.25
N GLY A 142 22.57 10.48 13.05
CA GLY A 142 21.66 10.65 11.93
C GLY A 142 22.13 10.00 10.64
N GLU A 143 23.35 9.46 10.63
CA GLU A 143 23.89 8.86 9.42
C GLU A 143 23.41 7.44 9.18
N TRP A 144 23.35 7.06 7.90
CA TRP A 144 23.16 5.66 7.54
C TRP A 144 24.48 4.89 7.67
N VAL A 145 24.39 3.63 8.08
CA VAL A 145 25.58 2.78 8.05
C VAL A 145 25.19 1.54 7.26
N VAL A 146 25.96 1.19 6.24
CA VAL A 146 25.61 0.00 5.45
C VAL A 146 26.81 -0.94 5.37
N MET A 147 26.51 -2.22 5.44
CA MET A 147 27.53 -3.26 5.39
C MET A 147 27.63 -3.75 3.95
N ARG A 148 28.70 -3.36 3.27
CA ARG A 148 28.91 -3.84 1.91
C ARG A 148 29.50 -5.24 1.95
N THR A 149 28.88 -6.17 1.23
CA THR A 149 29.32 -7.55 1.22
C THR A 149 29.40 -8.05 -0.22
N ASP A 150 28.88 -7.22 -1.12
CA ASP A 150 28.68 -7.57 -2.52
C ASP A 150 27.81 -8.82 -2.67
N TRP A 151 26.90 -9.02 -1.71
CA TRP A 151 25.97 -10.12 -1.78
C TRP A 151 25.03 -9.96 -2.98
N ASP A 152 24.95 -8.75 -3.53
CA ASP A 152 24.09 -8.52 -4.71
C ASP A 152 24.55 -9.28 -5.93
N LYS A 153 25.80 -9.74 -5.94
CA LYS A 153 26.26 -10.61 -7.02
C LYS A 153 25.44 -11.91 -7.08
N ARG A 154 24.79 -12.26 -5.96
CA ARG A 154 24.03 -13.50 -5.88
C ARG A 154 22.54 -13.33 -6.14
N ALA A 155 22.11 -12.11 -6.39
CA ALA A 155 20.68 -11.80 -6.39
C ALA A 155 19.94 -12.38 -7.60
N GLY A 156 20.67 -12.85 -8.59
CA GLY A 156 20.07 -13.48 -9.76
C GLY A 156 19.68 -14.92 -9.49
N ASP A 157 19.96 -15.42 -8.29
CA ASP A 157 19.71 -16.82 -7.95
C ASP A 157 19.29 -16.86 -6.50
N GLU A 158 17.99 -17.04 -6.24
CA GLU A 158 17.47 -16.93 -4.89
C GLU A 158 18.11 -17.95 -3.94
N ALA A 159 18.34 -19.16 -4.43
CA ALA A 159 19.00 -20.18 -3.63
C ALA A 159 20.37 -19.67 -3.22
N ALA A 160 21.11 -19.11 -4.17
CA ALA A 160 22.46 -18.61 -3.89
C ALA A 160 22.40 -17.39 -2.95
N PHE A 161 21.33 -16.61 -3.09
CA PHE A 161 21.19 -15.39 -2.32
C PHE A 161 20.89 -15.68 -0.83
N LEU A 162 19.96 -16.61 -0.58
CA LEU A 162 19.68 -17.05 0.79
C LEU A 162 20.82 -17.90 1.34
N ASN A 163 21.47 -18.66 0.47
CA ASN A 163 22.63 -19.49 0.81
C ASN A 163 22.41 -20.39 2.02
N ALA A 164 21.34 -21.18 1.97
CA ALA A 164 20.99 -22.08 3.06
C ALA A 164 21.54 -23.48 2.89
N ASP A 165 21.83 -24.13 4.01
CA ASP A 165 22.12 -25.55 4.01
C ASP A 165 21.35 -26.19 5.16
N GLU A 166 21.79 -27.35 5.64
CA GLU A 166 21.03 -28.06 6.68
C GLU A 166 20.83 -27.25 7.97
N THR A 167 21.73 -26.32 8.29
CA THR A 167 21.57 -25.57 9.54
C THR A 167 20.99 -24.19 9.34
N GLY A 168 20.44 -23.93 8.16
CA GLY A 168 19.80 -22.66 7.88
C GLY A 168 20.57 -21.75 6.94
N PRO A 169 20.14 -20.49 6.83
CA PRO A 169 20.77 -19.49 5.96
C PRO A 169 22.16 -19.08 6.44
N HIS A 170 23.07 -18.89 5.50
CA HIS A 170 24.42 -18.45 5.85
C HIS A 170 24.77 -17.22 5.04
N SER A 171 24.61 -16.08 5.70
CA SER A 171 24.88 -14.80 5.07
C SER A 171 25.38 -13.88 6.17
N PRO A 172 26.25 -12.92 5.80
CA PRO A 172 26.94 -12.08 6.78
C PRO A 172 26.04 -11.02 7.43
N GLY A 173 26.49 -10.50 8.57
CA GLY A 173 25.68 -9.51 9.27
C GLY A 173 26.42 -8.98 10.48
N PRO A 174 25.71 -8.21 11.31
CA PRO A 174 26.30 -7.62 12.50
C PRO A 174 26.15 -8.49 13.75
N THR A 175 27.06 -8.33 14.70
CA THR A 175 26.85 -8.86 16.05
C THR A 175 25.92 -7.93 16.84
N PRO A 176 25.33 -8.45 17.93
CA PRO A 176 24.52 -7.54 18.77
C PRO A 176 25.35 -6.35 19.26
N ASP A 177 26.60 -6.57 19.64
CA ASP A 177 27.36 -5.44 20.17
C ASP A 177 27.72 -4.41 19.10
N ALA A 178 27.88 -4.86 17.86
CA ALA A 178 28.12 -3.91 16.77
C ALA A 178 26.92 -2.98 16.61
N ILE A 179 25.71 -3.52 16.68
CA ILE A 179 24.51 -2.70 16.52
C ILE A 179 24.31 -1.78 17.74
N GLU A 180 24.53 -2.35 18.92
CA GLU A 180 24.50 -1.57 20.14
C GLU A 180 25.45 -0.39 20.05
N TYR A 181 26.66 -0.64 19.56
CA TYR A 181 27.64 0.44 19.41
C TYR A 181 27.16 1.52 18.41
N LEU A 182 26.69 1.10 17.24
CA LEU A 182 26.17 2.06 16.25
C LEU A 182 25.04 2.92 16.82
N LEU A 183 24.16 2.29 17.59
CA LEU A 183 23.03 2.98 18.18
C LEU A 183 23.52 4.03 19.18
N SER A 184 24.64 3.74 19.86
CA SER A 184 25.22 4.71 20.77
C SER A 184 25.70 5.96 20.03
N LYS A 185 25.95 5.85 18.72
CA LYS A 185 26.36 7.00 17.92
C LYS A 185 25.14 7.71 17.30
N LYS A 186 23.95 7.19 17.61
CA LYS A 186 22.68 7.80 17.21
C LYS A 186 22.45 7.77 15.70
N ILE A 187 22.90 6.71 15.04
CA ILE A 187 22.65 6.53 13.61
C ILE A 187 21.16 6.53 13.31
N VAL A 188 20.79 6.79 12.06
CA VAL A 188 19.37 6.69 11.68
C VAL A 188 19.03 5.23 11.39
N GLY A 189 19.99 4.47 10.92
CA GLY A 189 19.65 3.12 10.50
C GLY A 189 20.78 2.36 9.84
N TRP A 190 20.52 1.09 9.56
CA TRP A 190 21.54 0.12 9.17
C TRP A 190 21.05 -0.65 7.99
N GLY A 191 21.93 -0.85 7.00
CA GLY A 191 21.55 -1.46 5.76
C GLY A 191 22.43 -2.65 5.40
N SER A 192 21.82 -3.63 4.74
CA SER A 192 22.54 -4.81 4.29
C SER A 192 22.27 -5.10 2.83
N GLN A 193 23.14 -5.89 2.21
CA GLN A 193 22.91 -6.36 0.85
C GLN A 193 22.32 -7.76 0.85
N CYS A 194 22.17 -8.35 2.04
CA CYS A 194 21.59 -9.68 2.15
C CYS A 194 20.08 -9.58 2.27
N ILE A 195 19.42 -10.71 2.45
CA ILE A 195 17.96 -10.73 2.43
C ILE A 195 17.36 -9.92 3.59
N GLY A 196 18.13 -9.74 4.66
CA GLY A 196 17.68 -8.96 5.81
C GLY A 196 18.84 -8.23 6.48
N THR A 197 18.54 -7.48 7.53
CA THR A 197 19.55 -6.65 8.19
C THR A 197 20.45 -7.46 9.12
N ASP A 198 20.01 -8.68 9.42
CA ASP A 198 20.73 -9.56 10.33
C ASP A 198 21.47 -10.62 9.56
N ALA A 199 22.47 -11.23 10.22
CA ALA A 199 23.16 -12.37 9.65
C ALA A 199 22.18 -13.51 9.41
N GLY A 200 22.46 -14.34 8.41
CA GLY A 200 21.63 -15.51 8.16
C GLY A 200 21.39 -16.38 9.38
N GLN A 201 22.42 -16.52 10.21
CA GLN A 201 22.36 -17.33 11.42
C GLN A 201 21.98 -16.53 12.68
N ALA A 202 21.32 -15.39 12.50
CA ALA A 202 20.96 -14.55 13.65
C ALA A 202 19.79 -15.10 14.47
N GLY A 203 19.04 -16.01 13.86
CA GLY A 203 17.96 -16.70 14.53
C GLY A 203 18.46 -17.37 15.80
N GLY A 204 19.75 -17.64 15.87
CA GLY A 204 20.36 -18.27 17.03
C GLY A 204 21.26 -17.40 17.88
N MET A 205 21.18 -16.08 17.69
CA MET A 205 21.94 -15.10 18.49
C MET A 205 21.16 -14.67 19.75
N GLU A 206 21.82 -13.96 20.67
CA GLU A 206 21.14 -13.38 21.84
C GLU A 206 21.29 -11.84 21.92
N PRO A 207 20.20 -11.11 21.69
CA PRO A 207 18.86 -11.58 21.30
C PRO A 207 18.83 -12.08 19.85
N PRO A 208 17.86 -12.94 19.51
CA PRO A 208 17.63 -13.38 18.13
C PRO A 208 17.36 -12.20 17.20
N PHE A 209 17.98 -12.19 16.02
CA PHE A 209 17.82 -11.07 15.10
C PHE A 209 18.11 -9.72 15.79
N PRO A 210 19.34 -9.55 16.31
CA PRO A 210 19.66 -8.36 17.09
C PRO A 210 19.56 -7.05 16.31
N ALA A 211 19.90 -7.02 15.02
CA ALA A 211 19.73 -5.77 14.28
C ALA A 211 18.24 -5.38 14.32
N HIS A 212 17.37 -6.32 13.98
CA HIS A 212 15.93 -6.03 14.00
C HIS A 212 15.50 -5.60 15.38
N ASN A 213 15.84 -6.41 16.36
CA ASN A 213 15.50 -6.12 17.73
C ASN A 213 15.94 -4.72 18.17
N LEU A 214 17.22 -4.44 18.05
CA LEU A 214 17.79 -3.24 18.64
C LEU A 214 17.52 -1.97 17.82
N LEU A 215 17.66 -2.04 16.51
CA LEU A 215 17.34 -0.88 15.67
C LEU A 215 15.92 -0.39 15.94
N HIS A 216 14.96 -1.29 15.85
CA HIS A 216 13.56 -0.88 15.90
C HIS A 216 13.16 -0.53 17.34
N ARG A 217 13.87 -1.14 18.30
CA ARG A 217 13.71 -0.74 19.70
C ARG A 217 14.00 0.74 19.89
N ASP A 218 14.97 1.25 19.13
CA ASP A 218 15.41 2.62 19.29
C ASP A 218 14.79 3.55 18.25
N ASN A 219 13.71 3.13 17.60
CA ASN A 219 13.00 3.93 16.59
C ASN A 219 13.94 4.21 15.40
N CYS A 220 14.76 3.22 15.07
CA CYS A 220 15.66 3.37 13.91
C CYS A 220 15.28 2.43 12.78
N PHE A 221 15.90 2.61 11.62
CA PHE A 221 15.45 1.92 10.41
C PHE A 221 16.40 0.82 9.95
N GLY A 222 15.88 -0.11 9.16
CA GLY A 222 16.72 -1.09 8.50
C GLY A 222 16.55 -1.07 6.99
N LEU A 223 17.60 -1.45 6.26
CA LEU A 223 17.55 -1.59 4.79
C LEU A 223 18.06 -2.98 4.43
N ALA A 224 17.42 -3.63 3.47
CA ALA A 224 17.85 -4.96 3.05
C ALA A 224 17.97 -5.00 1.53
N SER A 225 18.76 -5.95 1.03
CA SER A 225 18.94 -6.21 -0.41
C SER A 225 19.42 -4.99 -1.18
N LEU A 226 20.23 -4.15 -0.53
CA LEU A 226 20.90 -3.06 -1.22
C LEU A 226 21.83 -3.60 -2.32
N ALA A 227 21.82 -2.91 -3.45
CA ALA A 227 22.68 -3.22 -4.59
C ALA A 227 23.74 -2.14 -4.82
N ASN A 228 24.80 -2.49 -5.53
CA ASN A 228 25.77 -1.49 -5.99
C ASN A 228 26.44 -0.70 -4.89
N LEU A 229 26.55 -1.27 -3.70
CA LEU A 229 27.37 -0.60 -2.69
C LEU A 229 28.84 -0.54 -3.13
N ASP A 230 29.23 -1.38 -4.07
CA ASP A 230 30.60 -1.32 -4.56
C ASP A 230 30.84 -0.07 -5.42
N LYS A 231 29.79 0.69 -5.70
CA LYS A 231 29.95 1.93 -6.45
C LYS A 231 30.00 3.13 -5.53
N LEU A 232 29.94 2.89 -4.22
CA LEU A 232 29.97 3.98 -3.25
C LEU A 232 31.33 4.06 -2.54
N PRO A 233 31.78 5.28 -2.20
CA PRO A 233 32.95 5.46 -1.34
C PRO A 233 32.63 5.09 0.11
N ALA A 234 33.65 4.84 0.94
CA ALA A 234 33.43 4.55 2.37
C ALA A 234 32.72 5.73 3.07
N LYS A 235 33.12 6.94 2.70
CA LYS A 235 32.59 8.18 3.26
C LYS A 235 32.22 9.18 2.18
N GLY A 236 31.22 10.03 2.43
CA GLY A 236 30.98 11.14 1.53
C GLY A 236 29.72 11.06 0.67
N ALA A 237 29.22 9.86 0.42
CA ALA A 237 27.97 9.72 -0.34
C ALA A 237 26.78 10.06 0.55
N ILE A 238 25.68 10.43 -0.10
CA ILE A 238 24.38 10.62 0.54
C ILE A 238 23.44 9.51 0.08
N LEU A 239 22.81 8.84 1.04
CA LEU A 239 21.89 7.76 0.70
C LEU A 239 20.46 8.24 0.87
N ILE A 240 19.64 7.94 -0.14
CA ILE A 240 18.22 8.28 -0.19
C ILE A 240 17.45 6.97 -0.11
N ALA A 241 16.77 6.72 0.99
CA ALA A 241 16.14 5.43 1.18
C ALA A 241 14.77 5.62 1.78
N ALA A 242 13.77 5.81 0.93
CA ALA A 242 12.46 6.26 1.38
C ALA A 242 11.35 5.25 1.10
N PRO A 243 10.66 4.81 2.15
CA PRO A 243 9.57 3.86 1.96
C PRO A 243 8.36 4.54 1.33
N LEU A 244 7.60 3.80 0.52
CA LEU A 244 6.26 4.21 0.13
C LEU A 244 5.44 4.60 1.38
N LYS A 245 4.49 5.51 1.24
CA LYS A 245 3.73 6.01 2.37
C LYS A 245 2.58 5.06 2.70
N ILE A 246 2.92 3.80 2.94
CA ILE A 246 1.91 2.76 3.14
C ILE A 246 1.18 3.01 4.46
N GLU A 247 -0.15 2.92 4.44
CA GLU A 247 -0.96 3.17 5.64
C GLU A 247 -0.64 2.11 6.71
N ARG A 248 -0.19 2.59 7.87
CA ARG A 248 0.30 1.73 8.94
C ARG A 248 1.34 0.72 8.42
N GLY A 249 2.13 1.11 7.43
CA GLY A 249 3.13 0.19 6.89
C GLY A 249 4.27 -0.15 7.84
N THR A 250 4.72 -1.40 7.82
CA THR A 250 5.84 -1.86 8.66
C THR A 250 7.13 -1.78 7.90
N GLY A 251 7.02 -1.52 6.60
CA GLY A 251 8.18 -1.56 5.74
C GLY A 251 7.70 -1.31 4.32
N SER A 252 8.64 -1.25 3.38
CA SER A 252 8.30 -0.95 2.00
C SER A 252 9.44 -1.28 1.03
N PRO A 253 9.09 -1.79 -0.15
CA PRO A 253 10.08 -1.77 -1.23
C PRO A 253 10.50 -0.31 -1.46
N ILE A 254 11.73 -0.07 -1.87
CA ILE A 254 12.21 1.29 -2.13
C ILE A 254 13.03 1.36 -3.40
N ARG A 255 13.16 2.56 -3.94
CA ARG A 255 14.21 2.85 -4.90
C ARG A 255 15.31 3.54 -4.13
N ALA A 256 16.22 2.77 -3.55
CA ALA A 256 17.38 3.32 -2.86
C ALA A 256 18.31 3.97 -3.89
N LEU A 257 18.67 5.22 -3.65
CA LEU A 257 19.58 5.93 -4.53
C LEU A 257 20.64 6.59 -3.71
N ALA A 258 21.83 6.71 -4.27
CA ALA A 258 22.89 7.41 -3.60
C ALA A 258 23.48 8.49 -4.49
N LEU A 259 23.87 9.60 -3.87
CA LEU A 259 24.58 10.66 -4.54
C LEU A 259 26.07 10.49 -4.28
N VAL A 260 26.87 10.40 -5.33
CA VAL A 260 28.31 10.23 -5.15
C VAL A 260 29.06 11.19 -6.06
N PRO A 261 30.26 11.60 -5.64
CA PRO A 261 31.11 12.42 -6.50
C PRO A 261 31.59 11.68 -7.74
N LYS A 262 31.77 12.46 -8.80
CA LYS A 262 32.61 12.14 -9.96
C LYS A 262 31.84 11.47 -11.07
N SER B 2 34.51 21.26 -5.06
CA SER B 2 34.45 20.00 -5.79
CA SER B 2 34.43 20.02 -5.82
C SER B 2 33.14 19.29 -5.49
N ALA B 3 32.92 18.16 -6.15
CA ALA B 3 31.71 17.38 -5.94
C ALA B 3 31.64 16.80 -4.55
N GLN B 4 32.75 16.27 -4.04
CA GLN B 4 32.74 15.69 -2.70
C GLN B 4 32.51 16.76 -1.63
N SER B 5 33.15 17.93 -1.77
CA SER B 5 32.93 18.99 -0.80
C SER B 5 31.46 19.43 -0.81
N ALA B 6 30.90 19.54 -2.01
CA ALA B 6 29.48 19.88 -2.13
C ALA B 6 28.59 18.86 -1.43
N LEU B 7 28.88 17.57 -1.62
CA LEU B 7 28.02 16.55 -1.00
C LEU B 7 28.20 16.53 0.53
N SER B 8 29.41 16.81 1.01
CA SER B 8 29.65 16.90 2.45
C SER B 8 28.85 18.05 3.07
N GLY B 9 28.88 19.20 2.40
CA GLY B 9 28.16 20.38 2.82
C GLY B 9 26.67 20.12 2.82
N LEU B 10 26.17 19.53 1.73
CA LEU B 10 24.76 19.17 1.64
C LEU B 10 24.36 18.15 2.70
N GLY B 11 25.22 17.16 2.93
CA GLY B 11 24.94 16.13 3.92
C GLY B 11 24.78 16.73 5.31
N ALA B 12 25.64 17.67 5.65
CA ALA B 12 25.59 18.31 6.96
C ALA B 12 24.29 19.11 7.13
N LYS B 13 23.83 19.73 6.05
CA LYS B 13 22.63 20.56 6.08
C LYS B 13 21.37 19.70 6.16
N LEU B 14 21.40 18.51 5.56
CA LEU B 14 20.29 17.58 5.69
C LEU B 14 20.19 17.09 7.13
N LEU B 15 21.31 16.69 7.69
CA LEU B 15 21.34 16.21 9.09
C LEU B 15 20.88 17.28 10.05
N SER B 16 21.22 18.54 9.78
CA SER B 16 20.91 19.62 10.71
C SER B 16 19.52 20.20 10.50
N GLY B 17 18.90 19.86 9.39
CA GLY B 17 17.61 20.43 9.04
C GLY B 17 17.70 21.78 8.32
N GLU B 18 18.91 22.29 8.08
CA GLU B 18 19.07 23.53 7.32
C GLU B 18 18.57 23.36 5.85
N VAL B 19 18.58 22.12 5.39
CA VAL B 19 17.82 21.73 4.19
C VAL B 19 16.68 20.82 4.66
N GLU B 20 15.44 21.20 4.36
CA GLU B 20 14.30 20.44 4.88
C GLU B 20 13.83 19.44 3.84
N VAL B 21 13.55 18.21 4.28
CA VAL B 21 12.94 17.23 3.40
C VAL B 21 11.42 17.35 3.55
N VAL B 22 10.73 17.65 2.46
CA VAL B 22 9.29 17.83 2.51
C VAL B 22 8.58 16.60 1.91
N ASP B 23 7.63 16.04 2.63
CA ASP B 23 6.91 14.87 2.15
C ASP B 23 5.86 15.32 1.10
N CYS B 24 6.04 14.93 -0.16
CA CYS B 24 5.08 15.29 -1.23
C CYS B 24 4.20 14.11 -1.64
N THR B 25 3.94 13.23 -0.68
CA THR B 25 3.28 11.96 -0.93
C THR B 25 2.01 11.81 -0.10
N GLY B 26 0.95 11.30 -0.72
CA GLY B 26 -0.28 10.94 -0.01
C GLY B 26 -0.20 9.53 0.54
N VAL B 27 -1.04 9.23 1.53
CA VAL B 27 -1.04 7.92 2.15
C VAL B 27 -1.52 6.90 1.13
N LEU B 28 -0.85 5.76 1.11
CA LEU B 28 -1.14 4.69 0.16
C LEU B 28 -1.86 3.59 0.93
N GLY B 29 -3.13 3.38 0.62
CA GLY B 29 -3.92 2.37 1.32
C GLY B 29 -5.24 2.17 0.63
N PRO B 30 -6.14 1.37 1.24
CA PRO B 30 -7.43 1.06 0.61
C PRO B 30 -8.23 2.29 0.21
N ASN B 31 -7.99 3.43 0.87
CA ASN B 31 -8.79 4.62 0.60
C ASN B 31 -8.14 5.58 -0.38
N THR B 32 -6.96 5.22 -0.86
CA THR B 32 -6.27 6.02 -1.87
C THR B 32 -7.16 6.11 -3.12
N PRO B 33 -7.43 7.32 -3.62
CA PRO B 33 -8.19 7.42 -4.87
C PRO B 33 -7.47 6.74 -6.03
N ILE B 34 -8.24 6.04 -6.83
CA ILE B 34 -7.72 5.25 -7.95
C ILE B 34 -8.53 5.59 -9.20
N LEU B 35 -7.83 5.80 -10.31
CA LEU B 35 -8.46 6.09 -11.60
C LEU B 35 -9.61 5.15 -11.94
N GLN B 36 -10.70 5.71 -12.48
CA GLN B 36 -11.80 4.92 -13.00
C GLN B 36 -11.96 5.16 -14.49
N LEU B 37 -12.02 4.08 -15.27
CA LEU B 37 -12.16 4.17 -16.73
C LEU B 37 -13.47 3.55 -17.16
N PRO B 38 -14.03 4.01 -18.29
CA PRO B 38 -15.24 3.34 -18.78
C PRO B 38 -14.92 1.88 -19.08
N PRO B 39 -15.64 0.95 -18.44
CA PRO B 39 -15.30 -0.48 -18.61
C PRO B 39 -15.45 -0.95 -20.06
N ASP B 40 -16.27 -0.26 -20.86
CA ASP B 40 -16.39 -0.58 -22.28
C ASP B 40 -15.19 -0.08 -23.05
N PHE B 41 -14.32 0.64 -22.36
CA PHE B 41 -13.16 1.23 -22.99
C PHE B 41 -11.88 0.51 -22.55
N ALA B 42 -11.77 0.21 -21.25
CA ALA B 42 -10.55 -0.36 -20.69
C ALA B 42 -10.78 -1.00 -19.33
N LYS B 43 -9.97 -2.00 -19.02
CA LYS B 43 -9.97 -2.62 -17.69
C LYS B 43 -9.36 -1.64 -16.70
N ASN B 44 -9.85 -1.67 -15.47
CA ASN B 44 -9.37 -0.77 -14.43
C ASN B 44 -8.12 -1.30 -13.72
N THR B 45 -7.30 -0.39 -13.22
CA THR B 45 -6.23 -0.77 -12.31
C THR B 45 -6.88 -0.94 -10.94
N PRO B 46 -6.46 -1.94 -10.15
CA PRO B 46 -7.21 -2.30 -8.95
C PRO B 46 -7.03 -1.35 -7.75
N LYS B 47 -8.04 -1.32 -6.89
CA LYS B 47 -7.93 -0.63 -5.61
C LYS B 47 -6.79 -1.25 -4.80
N VAL B 48 -6.14 -0.42 -4.01
CA VAL B 48 -5.07 -0.85 -3.12
C VAL B 48 -5.61 -1.73 -1.98
N GLU B 49 -4.94 -2.84 -1.72
CA GLU B 49 -5.29 -3.68 -0.56
C GLU B 49 -4.05 -3.90 0.30
N ILE B 50 -4.25 -3.91 1.61
CA ILE B 50 -3.16 -4.16 2.56
C ILE B 50 -3.62 -5.32 3.44
N HIS B 51 -2.81 -6.37 3.51
CA HIS B 51 -3.22 -7.61 4.16
C HIS B 51 -2.19 -8.02 5.20
N LYS B 52 -2.65 -8.29 6.41
CA LYS B 52 -1.74 -8.67 7.48
C LYS B 52 -1.12 -10.04 7.21
N ILE B 53 0.21 -10.15 7.37
CA ILE B 53 0.86 -11.45 7.42
C ILE B 53 0.92 -11.87 8.90
N SER B 54 1.48 -11.01 9.74
CA SER B 54 1.46 -11.24 11.18
C SER B 54 1.54 -9.91 11.90
N GLU B 55 1.18 -9.92 13.19
CA GLU B 55 1.45 -8.77 14.03
C GLU B 55 1.80 -9.26 15.44
N TYR B 56 3.03 -9.76 15.61
CA TYR B 56 3.52 -10.23 16.90
C TYR B 56 2.58 -11.29 17.49
N ASP B 57 2.31 -12.32 16.70
CA ASP B 57 1.31 -13.32 17.03
C ASP B 57 1.78 -14.70 16.61
N SER B 58 0.90 -15.70 16.67
CA SER B 58 1.26 -17.08 16.30
C SER B 58 1.70 -17.23 14.82
N ASP B 59 1.34 -16.26 13.99
CA ASP B 59 1.76 -16.24 12.58
C ASP B 59 3.15 -15.63 12.36
N GLY B 60 3.67 -15.00 13.39
CA GLY B 60 4.96 -14.31 13.33
C GLY B 60 5.17 -13.65 14.68
N PRO B 61 5.77 -14.39 15.63
CA PRO B 61 5.71 -13.98 17.04
C PRO B 61 6.45 -12.68 17.40
N PHE B 62 7.49 -12.32 16.65
CA PHE B 62 8.32 -11.19 17.03
C PHE B 62 8.17 -9.99 16.10
N PHE B 63 7.33 -10.10 15.08
CA PHE B 63 7.36 -9.09 14.03
C PHE B 63 5.98 -8.84 13.43
N ALA B 64 5.85 -7.67 12.80
CA ALA B 64 4.65 -7.31 12.09
C ALA B 64 5.04 -7.01 10.65
N TRP B 65 4.21 -7.48 9.72
CA TRP B 65 4.40 -7.14 8.33
C TRP B 65 3.15 -7.47 7.53
N ASN B 66 3.03 -6.81 6.38
CA ASN B 66 1.87 -6.91 5.50
C ASN B 66 2.26 -7.21 4.06
N TRP B 67 1.27 -7.62 3.25
CA TRP B 67 1.47 -7.67 1.80
C TRP B 67 0.35 -6.93 1.09
N MET B 68 0.61 -6.57 -0.17
CA MET B 68 -0.27 -5.66 -0.88
C MET B 68 -0.76 -6.17 -2.23
N VAL B 69 -1.99 -5.81 -2.57
CA VAL B 69 -2.41 -5.78 -3.96
C VAL B 69 -2.17 -4.33 -4.40
N LEU B 70 -1.27 -4.13 -5.34
CA LEU B 70 -0.79 -2.79 -5.63
C LEU B 70 -0.59 -2.57 -7.13
N GLY B 71 -1.46 -1.77 -7.72
CA GLY B 71 -1.25 -1.38 -9.09
C GLY B 71 -0.01 -0.50 -9.18
N GLU B 72 0.68 -0.57 -10.31
CA GLU B 72 1.77 0.36 -10.61
C GLU B 72 1.29 1.78 -10.49
N HIS B 73 0.08 2.04 -10.99
CA HIS B 73 -0.41 3.40 -11.08
C HIS B 73 -1.40 3.69 -9.94
N SER B 74 -0.86 3.83 -8.74
CA SER B 74 -1.63 3.92 -7.49
C SER B 74 -1.10 5.02 -6.60
N GLY B 75 -1.96 5.98 -6.25
CA GLY B 75 -1.60 7.05 -5.34
C GLY B 75 -0.54 7.98 -5.91
N THR B 76 0.25 8.61 -5.05
CA THR B 76 1.37 9.40 -5.55
C THR B 76 2.26 8.47 -6.33
N HIS B 77 2.39 8.71 -7.64
CA HIS B 77 3.05 7.72 -8.48
C HIS B 77 3.68 8.30 -9.72
N PHE B 78 4.46 7.45 -10.38
CA PHE B 78 5.39 7.84 -11.45
C PHE B 78 4.95 7.14 -12.72
N ASP B 79 4.91 7.86 -13.83
CA ASP B 79 4.61 7.29 -15.14
C ASP B 79 5.89 7.18 -15.96
N ALA B 80 6.30 5.97 -16.31
CA ALA B 80 7.45 5.78 -17.22
C ALA B 80 6.98 5.82 -18.65
N PRO B 81 7.88 6.11 -19.61
CA PRO B 81 7.45 6.28 -21.00
C PRO B 81 6.68 5.07 -21.58
N HIS B 82 6.99 3.85 -21.14
CA HIS B 82 6.32 2.68 -21.70
C HIS B 82 4.81 2.70 -21.39
N HIS B 83 4.43 3.48 -20.38
CA HIS B 83 3.03 3.61 -19.97
C HIS B 83 2.12 4.01 -21.14
N TRP B 84 2.61 4.85 -22.04
CA TRP B 84 1.81 5.29 -23.20
C TRP B 84 2.31 4.72 -24.50
N ILE B 85 1.39 4.48 -25.43
CA ILE B 85 1.74 3.87 -26.70
C ILE B 85 2.82 4.69 -27.42
N THR B 86 2.85 5.99 -27.17
CA THR B 86 3.81 6.87 -27.82
C THR B 86 5.24 6.70 -27.28
N GLY B 87 5.38 6.04 -26.13
CA GLY B 87 6.69 5.78 -25.56
C GLY B 87 7.10 4.31 -25.61
N LYS B 88 6.35 3.52 -26.38
CA LYS B 88 6.51 2.06 -26.34
C LYS B 88 7.88 1.55 -26.83
N ASP B 89 8.57 2.30 -27.68
CA ASP B 89 9.78 1.80 -28.30
C ASP B 89 11.08 2.19 -27.61
N TYR B 90 10.99 2.99 -26.55
CA TYR B 90 12.19 3.29 -25.77
C TYR B 90 12.57 2.09 -24.92
N SER B 91 13.74 1.52 -25.18
CA SER B 91 14.24 0.39 -24.40
C SER B 91 14.51 0.85 -22.98
N ASP B 92 14.88 2.12 -22.82
CA ASP B 92 15.10 2.71 -21.50
C ASP B 92 13.84 3.32 -20.93
N GLY B 93 12.68 2.92 -21.47
CA GLY B 93 11.41 3.51 -21.07
C GLY B 93 10.68 2.79 -19.94
N PHE B 94 11.36 1.87 -19.26
CA PHE B 94 10.74 1.13 -18.15
C PHE B 94 11.33 1.59 -16.83
N THR B 95 10.64 1.30 -15.73
CA THR B 95 11.11 1.69 -14.40
C THR B 95 12.43 1.02 -14.07
N ASP B 96 12.72 -0.13 -14.66
CA ASP B 96 14.01 -0.80 -14.42
C ASP B 96 15.09 -0.52 -15.48
N THR B 97 14.76 0.27 -16.50
CA THR B 97 15.77 0.56 -17.53
C THR B 97 15.99 2.06 -17.71
N LEU B 98 15.17 2.89 -17.08
CA LEU B 98 15.36 4.34 -17.21
C LEU B 98 16.61 4.82 -16.47
N ASP B 99 17.01 6.06 -16.74
CA ASP B 99 18.26 6.61 -16.21
C ASP B 99 18.01 7.30 -14.86
N VAL B 100 18.51 6.72 -13.77
CA VAL B 100 18.21 7.30 -12.44
C VAL B 100 18.87 8.67 -12.25
N GLN B 101 19.87 8.98 -13.08
CA GLN B 101 20.52 10.29 -13.02
C GLN B 101 19.49 11.42 -13.23
N ARG B 102 18.42 11.10 -13.97
CA ARG B 102 17.42 12.10 -14.35
C ARG B 102 16.37 12.39 -13.27
N LEU B 103 16.26 11.51 -12.28
CA LEU B 103 15.10 11.51 -11.37
C LEU B 103 15.09 12.60 -10.33
N ILE B 104 16.26 13.20 -10.10
CA ILE B 104 16.42 14.22 -9.09
C ILE B 104 16.79 15.51 -9.79
N ALA B 105 15.98 16.54 -9.59
CA ALA B 105 16.20 17.76 -10.35
C ALA B 105 15.49 18.92 -9.68
N PRO B 106 15.96 20.15 -9.95
CA PRO B 106 15.19 21.33 -9.53
C PRO B 106 13.76 21.23 -10.02
N VAL B 107 12.81 21.74 -9.23
CA VAL B 107 11.40 21.67 -9.59
C VAL B 107 10.84 23.08 -9.71
N ASN B 108 9.96 23.25 -10.67
CA ASN B 108 9.20 24.48 -10.87
C ASN B 108 7.78 24.24 -10.38
N VAL B 109 7.34 24.97 -9.35
CA VAL B 109 6.03 24.73 -8.78
C VAL B 109 5.10 25.85 -9.22
N ILE B 110 4.22 25.54 -10.16
CA ILE B 110 3.32 26.53 -10.74
C ILE B 110 1.99 26.50 -10.01
N ASP B 111 1.73 27.54 -9.23
CA ASP B 111 0.53 27.56 -8.37
C ASP B 111 -0.72 27.96 -9.15
N CYS B 112 -1.59 26.98 -9.35
CA CYS B 112 -2.87 27.18 -10.01
C CYS B 112 -3.99 26.85 -9.03
N SER B 113 -3.73 26.96 -7.73
CA SER B 113 -4.72 26.55 -6.75
C SER B 113 -5.97 27.45 -6.78
N LYS B 114 -5.78 28.76 -6.81
CA LYS B 114 -6.93 29.67 -6.87
C LYS B 114 -7.77 29.43 -8.12
N GLU B 115 -7.11 29.36 -9.27
CA GLU B 115 -7.78 29.13 -10.56
C GLU B 115 -8.57 27.83 -10.57
N SER B 116 -7.99 26.79 -9.96
CA SER B 116 -8.59 25.46 -9.90
C SER B 116 -9.78 25.38 -8.94
N ALA B 117 -9.74 26.16 -7.87
CA ALA B 117 -10.88 26.24 -6.95
C ALA B 117 -12.08 26.90 -7.62
N ALA B 118 -11.80 27.86 -8.49
CA ALA B 118 -12.84 28.57 -9.21
C ALA B 118 -13.40 27.75 -10.37
N ASP B 119 -12.54 26.93 -10.98
CA ASP B 119 -12.90 26.15 -12.15
C ASP B 119 -12.18 24.82 -12.15
N PRO B 120 -12.92 23.73 -11.89
CA PRO B 120 -12.23 22.44 -11.77
C PRO B 120 -11.70 21.98 -13.14
N ASP B 121 -12.17 22.59 -14.21
CA ASP B 121 -11.67 22.23 -15.53
C ASP B 121 -10.56 23.17 -15.98
N PHE B 122 -10.00 23.93 -15.03
CA PHE B 122 -8.95 24.91 -15.35
C PHE B 122 -7.82 24.28 -16.14
N LEU B 123 -7.41 24.96 -17.20
CA LEU B 123 -6.32 24.51 -18.05
C LEU B 123 -5.13 25.45 -17.98
N LEU B 124 -3.96 24.91 -17.63
CA LEU B 124 -2.71 25.65 -17.73
C LEU B 124 -2.26 25.70 -19.20
N THR B 125 -2.04 26.90 -19.72
CA THR B 125 -1.67 27.10 -21.11
C THR B 125 -0.20 27.46 -21.23
N ALA B 126 0.33 27.40 -22.46
CA ALA B 126 1.68 27.87 -22.71
C ALA B 126 1.85 29.34 -22.33
N ASP B 127 0.86 30.18 -22.66
CA ASP B 127 0.97 31.61 -22.36
C ASP B 127 1.04 31.84 -20.85
N LEU B 128 0.28 31.06 -20.09
CA LEU B 128 0.30 31.21 -18.63
C LEU B 128 1.64 30.74 -18.04
N ILE B 129 2.22 29.70 -18.63
CA ILE B 129 3.55 29.26 -18.21
C ILE B 129 4.57 30.35 -18.54
N LYS B 130 4.49 30.93 -19.72
CA LYS B 130 5.41 32.01 -20.07
C LYS B 130 5.28 33.19 -19.11
N ALA B 131 4.06 33.47 -18.66
CA ALA B 131 3.85 34.55 -17.70
C ALA B 131 4.42 34.19 -16.33
N TRP B 132 4.35 32.91 -15.97
CA TRP B 132 4.94 32.44 -14.73
C TRP B 132 6.48 32.59 -14.77
N GLU B 133 7.07 32.24 -15.91
CA GLU B 133 8.51 32.41 -16.12
C GLU B 133 8.98 33.87 -16.06
N ALA B 134 8.17 34.78 -16.58
CA ALA B 134 8.51 36.21 -16.55
C ALA B 134 8.62 36.68 -15.10
N GLU B 135 7.82 36.09 -14.22
CA GLU B 135 7.86 36.45 -12.81
C GLU B 135 8.92 35.66 -12.04
N HIS B 136 8.97 34.35 -12.28
CA HIS B 136 9.78 33.49 -11.41
C HIS B 136 11.11 33.08 -11.98
N GLY B 137 11.25 33.15 -13.30
CA GLY B 137 12.45 32.71 -13.96
C GLY B 137 12.15 31.62 -14.97
N GLU B 138 12.98 31.50 -16.00
CA GLU B 138 12.77 30.50 -17.05
C GLU B 138 12.91 29.06 -16.55
N ILE B 139 12.07 28.19 -17.11
CA ILE B 139 12.17 26.76 -16.87
C ILE B 139 13.34 26.18 -17.67
N GLY B 140 14.18 25.36 -17.03
CA GLY B 140 15.41 24.90 -17.66
C GLY B 140 15.47 23.41 -17.94
N ALA B 141 16.48 23.02 -18.72
CA ALA B 141 16.65 21.63 -19.13
C ALA B 141 16.77 20.69 -17.93
N GLY B 142 16.08 19.57 -18.00
CA GLY B 142 16.15 18.53 -17.00
C GLY B 142 15.31 18.78 -15.77
N GLU B 143 14.62 19.91 -15.72
CA GLU B 143 13.87 20.26 -14.51
C GLU B 143 12.52 19.56 -14.44
N TRP B 144 12.03 19.36 -13.21
CA TRP B 144 10.65 18.94 -12.99
C TRP B 144 9.75 20.15 -13.09
N VAL B 145 8.56 19.99 -13.65
CA VAL B 145 7.53 21.04 -13.60
C VAL B 145 6.28 20.44 -13.02
N VAL B 146 5.77 21.02 -11.93
CA VAL B 146 4.56 20.46 -11.33
C VAL B 146 3.46 21.53 -11.25
N MET B 147 2.24 21.09 -11.47
CA MET B 147 1.08 21.99 -11.43
C MET B 147 0.42 21.88 -10.08
N ARG B 148 0.61 22.90 -9.24
CA ARG B 148 -0.05 22.92 -7.95
C ARG B 148 -1.49 23.37 -8.11
N THR B 149 -2.41 22.56 -7.59
CA THR B 149 -3.84 22.84 -7.65
C THR B 149 -4.45 22.65 -6.25
N ASP B 150 -3.63 22.14 -5.34
CA ASP B 150 -4.08 21.70 -4.03
C ASP B 150 -5.23 20.69 -4.12
N TRP B 151 -5.21 19.88 -5.18
CA TRP B 151 -6.22 18.84 -5.38
C TRP B 151 -6.08 17.78 -4.30
N ASP B 152 -4.90 17.72 -3.69
CA ASP B 152 -4.65 16.74 -2.64
C ASP B 152 -5.59 16.95 -1.44
N LYS B 153 -6.15 18.15 -1.32
CA LYS B 153 -7.12 18.41 -0.26
C LYS B 153 -8.38 17.57 -0.41
N ARG B 154 -8.57 16.98 -1.60
CA ARG B 154 -9.75 16.17 -1.90
C ARG B 154 -9.54 14.67 -1.74
N ALA B 155 -8.33 14.26 -1.38
CA ALA B 155 -7.95 12.85 -1.44
C ALA B 155 -8.69 12.03 -0.39
N GLY B 156 -9.34 12.68 0.57
CA GLY B 156 -10.09 11.99 1.60
C GLY B 156 -11.43 11.49 1.09
N ASP B 157 -11.83 11.94 -0.09
CA ASP B 157 -13.11 11.57 -0.67
C ASP B 157 -12.86 11.23 -2.14
N GLU B 158 -12.81 9.96 -2.49
CA GLU B 158 -12.43 9.57 -3.86
C GLU B 158 -13.35 10.20 -4.91
N ALA B 159 -14.64 10.24 -4.60
CA ALA B 159 -15.64 10.85 -5.47
C ALA B 159 -15.29 12.31 -5.75
N ALA B 160 -14.91 13.03 -4.70
CA ALA B 160 -14.53 14.44 -4.83
C ALA B 160 -13.22 14.59 -5.59
N PHE B 161 -12.31 13.62 -5.39
CA PHE B 161 -11.00 13.66 -6.02
C PHE B 161 -11.09 13.42 -7.53
N LEU B 162 -11.91 12.46 -7.94
CA LEU B 162 -12.12 12.20 -9.36
C LEU B 162 -13.03 13.26 -9.96
N ASN B 163 -14.01 13.70 -9.16
CA ASN B 163 -14.92 14.79 -9.52
C ASN B 163 -15.62 14.63 -10.87
N ALA B 164 -16.28 13.48 -11.05
CA ALA B 164 -16.94 13.19 -12.32
C ALA B 164 -18.40 13.56 -12.28
N ASP B 165 -18.95 13.87 -13.45
CA ASP B 165 -20.39 14.01 -13.63
C ASP B 165 -20.77 13.34 -14.95
N GLU B 166 -21.94 13.64 -15.50
CA GLU B 166 -22.39 12.92 -16.70
C GLU B 166 -21.42 13.01 -17.88
N THR B 167 -20.60 14.05 -17.95
CA THR B 167 -19.70 14.19 -19.09
C THR B 167 -18.28 13.75 -18.76
N GLY B 168 -18.10 13.16 -17.59
CA GLY B 168 -16.83 12.59 -17.22
C GLY B 168 -16.12 13.33 -16.11
N PRO B 169 -14.82 13.07 -15.95
CA PRO B 169 -14.05 13.66 -14.85
C PRO B 169 -13.77 15.14 -15.09
N HIS B 170 -13.82 15.95 -14.04
CA HIS B 170 -13.53 17.37 -14.13
C HIS B 170 -12.43 17.74 -13.14
N SER B 171 -11.21 17.83 -13.65
CA SER B 171 -10.07 18.15 -12.82
C SER B 171 -9.07 18.90 -13.71
N PRO B 172 -8.26 19.78 -13.10
CA PRO B 172 -7.40 20.66 -13.91
C PRO B 172 -6.22 19.94 -14.55
N GLY B 173 -5.70 20.53 -15.61
CA GLY B 173 -4.52 19.99 -16.24
C GLY B 173 -3.98 20.92 -17.29
N PRO B 174 -2.99 20.44 -18.08
CA PRO B 174 -2.34 21.21 -19.14
C PRO B 174 -3.03 21.10 -20.51
N THR B 175 -2.89 22.13 -21.33
CA THR B 175 -3.27 22.07 -22.73
C THR B 175 -2.16 21.36 -23.48
N PRO B 176 -2.46 20.86 -24.69
CA PRO B 176 -1.41 20.36 -25.58
C PRO B 176 -0.26 21.36 -25.79
N ASP B 177 -0.55 22.64 -26.02
CA ASP B 177 0.52 23.59 -26.28
C ASP B 177 1.33 23.86 -25.02
N ALA B 178 0.72 23.69 -23.86
CA ALA B 178 1.44 23.80 -22.61
C ALA B 178 2.51 22.71 -22.51
N ILE B 179 2.15 21.48 -22.83
CA ILE B 179 3.11 20.40 -22.73
C ILE B 179 4.17 20.52 -23.83
N GLU B 180 3.76 20.92 -25.02
CA GLU B 180 4.72 21.10 -26.10
C GLU B 180 5.76 22.16 -25.72
N TYR B 181 5.31 23.24 -25.08
CA TYR B 181 6.22 24.31 -24.73
C TYR B 181 7.24 23.83 -23.69
N LEU B 182 6.75 23.13 -22.67
CA LEU B 182 7.64 22.60 -21.64
C LEU B 182 8.66 21.64 -22.25
N LEU B 183 8.20 20.78 -23.14
CA LEU B 183 9.11 19.82 -23.76
C LEU B 183 10.18 20.54 -24.59
N SER B 184 9.85 21.71 -25.13
CA SER B 184 10.84 22.45 -25.91
C SER B 184 11.95 22.99 -24.99
N LYS B 185 11.67 23.09 -23.70
CA LYS B 185 12.70 23.49 -22.75
C LYS B 185 13.49 22.30 -22.22
N LYS B 186 13.13 21.11 -22.72
CA LYS B 186 13.83 19.87 -22.41
C LYS B 186 13.73 19.49 -20.92
N ILE B 187 12.55 19.70 -20.34
CA ILE B 187 12.26 19.24 -18.98
C ILE B 187 12.38 17.71 -18.85
N VAL B 188 12.53 17.22 -17.61
CA VAL B 188 12.58 15.79 -17.43
C VAL B 188 11.17 15.25 -17.31
N GLY B 189 10.26 16.07 -16.81
CA GLY B 189 8.97 15.54 -16.46
C GLY B 189 7.98 16.53 -15.88
N TRP B 190 6.72 16.11 -15.87
CA TRP B 190 5.57 16.92 -15.49
C TRP B 190 4.75 16.21 -14.40
N GLY B 191 4.33 16.95 -13.39
CA GLY B 191 3.59 16.36 -12.28
C GLY B 191 2.28 17.06 -11.98
N SER B 192 1.32 16.28 -11.48
CA SER B 192 0.00 16.77 -11.14
C SER B 192 -0.38 16.30 -9.76
N GLN B 193 -1.34 16.99 -9.15
CA GLN B 193 -1.93 16.56 -7.88
C GLN B 193 -3.23 15.83 -8.11
N CYS B 194 -3.64 15.74 -9.38
CA CYS B 194 -4.85 15.03 -9.72
C CYS B 194 -4.55 13.57 -9.97
N ILE B 195 -5.58 12.80 -10.31
CA ILE B 195 -5.44 11.36 -10.46
C ILE B 195 -4.44 10.98 -11.56
N GLY B 196 -4.30 11.84 -12.57
CA GLY B 196 -3.35 11.61 -13.65
C GLY B 196 -2.70 12.91 -14.08
N THR B 197 -1.83 12.86 -15.09
CA THR B 197 -1.04 14.02 -15.49
C THR B 197 -1.82 14.97 -16.40
N ASP B 198 -2.96 14.50 -16.89
CA ASP B 198 -3.82 15.26 -17.80
C ASP B 198 -5.06 15.79 -17.11
N ALA B 199 -5.68 16.79 -17.72
CA ALA B 199 -6.98 17.30 -17.28
C ALA B 199 -8.00 16.18 -17.31
N GLY B 200 -9.00 16.27 -16.44
CA GLY B 200 -10.06 15.27 -16.42
C GLY B 200 -10.73 15.19 -17.78
N GLN B 201 -10.89 16.34 -18.43
CA GLN B 201 -11.54 16.39 -19.74
C GLN B 201 -10.56 16.30 -20.93
N ALA B 202 -9.39 15.68 -20.72
CA ALA B 202 -8.36 15.63 -21.79
C ALA B 202 -8.75 14.70 -22.95
N GLY B 203 -9.77 13.88 -22.76
CA GLY B 203 -10.24 12.98 -23.80
C GLY B 203 -10.70 13.66 -25.09
N GLY B 204 -11.15 14.91 -24.98
CA GLY B 204 -11.65 15.65 -26.12
C GLY B 204 -10.61 16.62 -26.68
N MET B 205 -9.40 16.53 -26.15
CA MET B 205 -8.30 17.37 -26.61
C MET B 205 -7.67 16.84 -27.91
N GLU B 206 -6.85 17.67 -28.53
CA GLU B 206 -6.11 17.26 -29.73
C GLU B 206 -4.61 17.45 -29.55
N PRO B 207 -3.87 16.35 -29.30
CA PRO B 207 -4.36 14.98 -29.20
C PRO B 207 -5.00 14.72 -27.85
N PRO B 208 -5.79 13.64 -27.73
CA PRO B 208 -6.34 13.21 -26.45
C PRO B 208 -5.20 13.01 -25.44
N PHE B 209 -5.41 13.44 -24.20
CA PHE B 209 -4.43 13.21 -23.13
C PHE B 209 -3.02 13.62 -23.52
N PRO B 210 -2.82 14.91 -23.84
CA PRO B 210 -1.55 15.36 -24.40
C PRO B 210 -0.37 15.18 -23.47
N ALA B 211 -0.59 15.25 -22.15
CA ALA B 211 0.53 15.04 -21.23
C ALA B 211 1.06 13.63 -21.40
N HIS B 212 0.15 12.65 -21.30
CA HIS B 212 0.53 11.26 -21.49
C HIS B 212 1.18 11.06 -22.85
N ASN B 213 0.51 11.55 -23.89
CA ASN B 213 0.98 11.38 -25.25
C ASN B 213 2.36 12.00 -25.49
N LEU B 214 2.51 13.27 -25.16
CA LEU B 214 3.69 14.01 -25.57
C LEU B 214 4.88 13.77 -24.66
N LEU B 215 4.64 13.74 -23.35
CA LEU B 215 5.71 13.47 -22.39
C LEU B 215 6.39 12.16 -22.76
N HIS B 216 5.60 11.12 -22.98
CA HIS B 216 6.17 9.80 -23.16
C HIS B 216 6.68 9.66 -24.59
N ARG B 217 6.12 10.43 -25.51
CA ARG B 217 6.71 10.51 -26.85
C ARG B 217 8.18 10.93 -26.78
N ASP B 218 8.48 11.80 -25.80
CA ASP B 218 9.79 12.41 -25.68
C ASP B 218 10.69 11.71 -24.65
N ASN B 219 10.27 10.52 -24.21
CA ASN B 219 11.04 9.74 -23.23
C ASN B 219 11.15 10.48 -21.89
N CYS B 220 10.08 11.19 -21.54
CA CYS B 220 9.99 11.96 -20.30
C CYS B 220 8.96 11.36 -19.34
N PHE B 221 8.93 11.89 -18.11
CA PHE B 221 8.23 11.25 -17.00
C PHE B 221 6.98 12.00 -16.60
N GLY B 222 6.03 11.28 -15.99
CA GLY B 222 4.83 11.91 -15.45
C GLY B 222 4.74 11.58 -13.97
N LEU B 223 4.16 12.50 -13.19
CA LEU B 223 3.89 12.25 -11.76
C LEU B 223 2.43 12.60 -11.48
N ALA B 224 1.75 11.78 -10.68
CA ALA B 224 0.35 12.04 -10.37
C ALA B 224 0.09 11.93 -8.88
N SER B 225 -1.02 12.50 -8.44
CA SER B 225 -1.43 12.50 -7.03
C SER B 225 -0.34 13.04 -6.10
N LEU B 226 0.43 14.02 -6.57
CA LEU B 226 1.40 14.68 -5.71
C LEU B 226 0.69 15.41 -4.57
N ALA B 227 1.30 15.37 -3.39
CA ALA B 227 0.70 15.98 -2.22
C ALA B 227 1.56 17.13 -1.73
N ASN B 228 0.93 18.06 -1.02
CA ASN B 228 1.66 19.09 -0.28
C ASN B 228 2.52 20.02 -1.11
N LEU B 229 2.14 20.27 -2.35
CA LEU B 229 2.88 21.22 -3.16
C LEU B 229 2.74 22.62 -2.55
N ASP B 230 1.72 22.83 -1.72
CA ASP B 230 1.56 24.13 -1.07
C ASP B 230 2.71 24.42 -0.09
N LYS B 231 3.54 23.43 0.19
CA LYS B 231 4.68 23.59 1.10
C LYS B 231 5.99 23.86 0.35
N LEU B 232 5.91 23.93 -0.97
CA LEU B 232 7.12 24.18 -1.79
C LEU B 232 7.16 25.61 -2.29
N PRO B 233 8.38 26.15 -2.51
CA PRO B 233 8.50 27.45 -3.18
C PRO B 233 8.30 27.28 -4.68
N ALA B 234 8.01 28.37 -5.39
CA ALA B 234 7.88 28.32 -6.83
C ALA B 234 9.20 27.86 -7.44
N LYS B 235 10.30 28.36 -6.89
CA LYS B 235 11.64 28.06 -7.40
C LYS B 235 12.58 27.66 -6.27
N GLY B 236 13.61 26.89 -6.62
CA GLY B 236 14.74 26.70 -5.74
C GLY B 236 14.75 25.35 -5.04
N ALA B 237 13.63 24.63 -5.06
CA ALA B 237 13.56 23.31 -4.43
C ALA B 237 14.06 22.22 -5.37
N ILE B 238 14.49 21.09 -4.80
CA ILE B 238 14.88 19.91 -5.54
C ILE B 238 13.79 18.87 -5.34
N LEU B 239 13.34 18.23 -6.41
CA LEU B 239 12.34 17.18 -6.24
C LEU B 239 12.97 15.81 -6.53
N ILE B 240 12.69 14.84 -5.66
CA ILE B 240 13.15 13.46 -5.83
C ILE B 240 11.97 12.56 -6.09
N ALA B 241 11.87 12.01 -7.30
CA ALA B 241 10.72 11.21 -7.65
C ALA B 241 11.19 9.96 -8.36
N ALA B 242 11.32 8.87 -7.60
CA ALA B 242 11.99 7.67 -8.08
C ALA B 242 11.07 6.45 -8.01
N PRO B 243 10.80 5.82 -9.16
CA PRO B 243 9.95 4.63 -9.14
C PRO B 243 10.69 3.40 -8.61
N LEU B 244 9.94 2.46 -8.03
CA LEU B 244 10.45 1.14 -7.72
C LEU B 244 11.04 0.53 -8.98
N LYS B 245 12.04 -0.34 -8.82
CA LYS B 245 12.71 -0.90 -10.00
C LYS B 245 11.93 -2.13 -10.49
N ILE B 246 10.64 -1.93 -10.75
CA ILE B 246 9.75 -3.00 -11.21
C ILE B 246 10.24 -3.51 -12.56
N GLU B 247 10.32 -4.83 -12.71
CA GLU B 247 10.79 -5.44 -13.94
C GLU B 247 9.84 -5.12 -15.07
N ARG B 248 10.38 -4.51 -16.13
CA ARG B 248 9.58 -3.95 -17.23
C ARG B 248 8.40 -3.12 -16.73
N GLY B 249 8.59 -2.37 -15.64
CA GLY B 249 7.49 -1.61 -15.07
C GLY B 249 7.12 -0.40 -15.91
N THR B 250 5.82 -0.09 -15.98
CA THR B 250 5.33 1.07 -16.74
C THR B 250 5.22 2.28 -15.84
N GLY B 251 5.31 2.06 -14.54
CA GLY B 251 5.24 3.15 -13.61
C GLY B 251 5.29 2.55 -12.22
N SER B 252 5.06 3.36 -11.19
CA SER B 252 5.23 2.90 -9.84
C SER B 252 4.71 3.91 -8.85
N PRO B 253 4.13 3.42 -7.74
CA PRO B 253 4.01 4.33 -6.60
C PRO B 253 5.39 4.80 -6.19
N ILE B 254 5.45 5.99 -5.57
CA ILE B 254 6.70 6.59 -5.17
C ILE B 254 6.56 7.30 -3.84
N ARG B 255 7.67 7.49 -3.16
CA ARG B 255 7.71 8.44 -2.06
C ARG B 255 8.34 9.71 -2.63
N ALA B 256 7.50 10.59 -3.14
CA ALA B 256 7.98 11.85 -3.69
C ALA B 256 8.43 12.73 -2.53
N LEU B 257 9.68 13.17 -2.56
CA LEU B 257 10.25 14.04 -1.51
C LEU B 257 10.89 15.26 -2.16
N ALA B 258 10.73 16.42 -1.55
CA ALA B 258 11.41 17.60 -2.05
C ALA B 258 12.41 18.11 -1.02
N LEU B 259 13.50 18.70 -1.49
CA LEU B 259 14.45 19.42 -0.63
C LEU B 259 14.19 20.91 -0.71
N VAL B 260 13.94 21.57 0.42
CA VAL B 260 13.72 23.01 0.43
C VAL B 260 14.70 23.70 1.36
N PRO B 261 15.18 24.87 0.97
CA PRO B 261 16.24 25.54 1.75
C PRO B 261 15.71 26.36 2.92
N LYS B 262 16.42 26.31 4.05
CA LYS B 262 16.14 27.23 5.15
C LYS B 262 17.37 28.11 5.39
N ALA B 263 17.24 29.07 6.32
CA ALA B 263 18.32 30.03 6.59
C ALA B 263 18.39 30.38 8.07
N MET C 1 0.03 24.62 11.37
CA MET C 1 1.25 23.85 11.57
C MET C 1 0.97 22.35 11.50
N SER C 2 1.56 21.57 12.41
CA SER C 2 1.29 20.14 12.40
C SER C 2 -0.13 19.94 12.89
N ALA C 3 -0.76 18.87 12.43
CA ALA C 3 -2.12 18.56 12.86
C ALA C 3 -2.11 18.20 14.35
N GLN C 4 -1.02 17.56 14.80
CA GLN C 4 -0.91 17.17 16.21
C GLN C 4 -0.84 18.39 17.13
N SER C 5 -0.07 19.39 16.74
CA SER C 5 0.07 20.60 17.52
C SER C 5 -1.28 21.29 17.63
N ALA C 6 -2.02 21.28 16.53
CA ALA C 6 -3.35 21.87 16.49
C ALA C 6 -4.26 21.20 17.49
N LEU C 7 -4.30 19.87 17.46
CA LEU C 7 -5.19 19.13 18.34
C LEU C 7 -4.72 19.21 19.79
N SER C 8 -3.41 19.19 20.00
CA SER C 8 -2.87 19.34 21.35
C SER C 8 -3.19 20.72 21.90
N GLY C 9 -2.99 21.73 21.07
CA GLY C 9 -3.31 23.09 21.44
C GLY C 9 -4.79 23.28 21.71
N LEU C 10 -5.64 22.61 20.94
CA LEU C 10 -7.06 22.70 21.16
C LEU C 10 -7.41 22.07 22.49
N GLY C 11 -6.81 20.92 22.78
CA GLY C 11 -7.07 20.24 24.03
C GLY C 11 -6.70 21.13 25.20
N ALA C 12 -5.55 21.80 25.08
CA ALA C 12 -5.06 22.62 26.17
C ALA C 12 -5.97 23.83 26.38
N LYS C 13 -6.50 24.37 25.29
CA LYS C 13 -7.31 25.59 25.39
C LYS C 13 -8.75 25.30 25.82
N LEU C 14 -9.25 24.12 25.49
CA LEU C 14 -10.52 23.69 26.04
C LEU C 14 -10.41 23.64 27.56
N LEU C 15 -9.32 23.05 28.05
CA LEU C 15 -9.08 22.90 29.49
C LEU C 15 -8.90 24.23 30.21
N SER C 16 -8.10 25.13 29.63
CA SER C 16 -7.86 26.45 30.20
C SER C 16 -9.10 27.35 30.11
N GLY C 17 -9.96 27.09 29.13
CA GLY C 17 -11.12 27.93 28.88
C GLY C 17 -10.86 29.00 27.83
N GLU C 18 -9.69 28.95 27.20
CA GLU C 18 -9.40 29.89 26.11
C GLU C 18 -10.29 29.61 24.91
N VAL C 19 -10.67 28.35 24.74
CA VAL C 19 -11.70 27.98 23.77
C VAL C 19 -12.91 27.55 24.57
N GLU C 20 -14.02 28.22 24.36
CA GLU C 20 -15.23 27.98 25.12
C GLU C 20 -16.17 27.11 24.28
N VAL C 21 -16.77 26.11 24.90
CA VAL C 21 -17.77 25.30 24.24
C VAL C 21 -19.14 25.92 24.52
N VAL C 22 -19.82 26.37 23.47
CA VAL C 22 -21.14 26.94 23.62
C VAL C 22 -22.18 25.88 23.33
N ASP C 23 -23.11 25.71 24.24
CA ASP C 23 -24.24 24.82 24.04
C ASP C 23 -25.26 25.45 23.09
N CYS C 24 -25.37 24.93 21.87
CA CYS C 24 -26.34 25.48 20.91
C CYS C 24 -27.60 24.63 20.82
N THR C 25 -27.93 23.95 21.91
CA THR C 25 -29.02 22.99 21.92
C THR C 25 -30.09 23.42 22.91
N GLY C 26 -31.35 23.18 22.55
CA GLY C 26 -32.44 23.43 23.49
C GLY C 26 -32.81 22.15 24.21
N VAL C 27 -33.51 22.28 25.34
CA VAL C 27 -33.92 21.12 26.09
C VAL C 27 -34.84 20.20 25.29
N LEU C 28 -34.56 18.90 25.34
CA LEU C 28 -35.37 17.90 24.66
C LEU C 28 -36.25 17.14 25.65
N GLY C 29 -37.56 17.40 25.58
CA GLY C 29 -38.53 16.72 26.42
C GLY C 29 -39.96 17.00 25.98
N PRO C 30 -40.94 16.68 26.84
CA PRO C 30 -42.34 16.81 26.43
C PRO C 30 -42.75 18.23 26.03
N ASN C 31 -42.06 19.24 26.54
CA ASN C 31 -42.44 20.61 26.22
C ASN C 31 -41.66 21.22 25.05
N THR C 32 -40.77 20.43 24.45
CA THR C 32 -40.05 20.88 23.26
C THR C 32 -41.03 21.15 22.12
N PRO C 33 -40.97 22.36 21.52
CA PRO C 33 -41.79 22.68 20.35
C PRO C 33 -41.55 21.69 19.21
N ILE C 34 -42.64 21.12 18.69
CA ILE C 34 -42.60 20.15 17.61
C ILE C 34 -43.44 20.66 16.44
N LEU C 35 -42.94 20.49 15.21
CA LEU C 35 -43.61 20.98 14.02
C LEU C 35 -45.05 20.49 13.92
N GLN C 36 -45.96 21.38 13.54
CA GLN C 36 -47.33 20.98 13.24
C GLN C 36 -47.65 21.20 11.77
N LEU C 37 -48.11 20.15 11.10
CA LEU C 37 -48.52 20.23 9.70
C LEU C 37 -50.02 20.09 9.60
N PRO C 38 -50.62 20.65 8.53
CA PRO C 38 -52.06 20.43 8.34
C PRO C 38 -52.34 18.94 8.22
N PRO C 39 -53.18 18.40 9.12
CA PRO C 39 -53.41 16.94 9.15
C PRO C 39 -53.97 16.38 7.83
N ASP C 40 -54.57 17.20 6.99
CA ASP C 40 -55.10 16.71 5.71
C ASP C 40 -54.01 16.67 4.65
N PHE C 41 -52.85 17.25 4.98
CA PHE C 41 -51.73 17.30 4.06
C PHE C 41 -50.67 16.24 4.38
N ALA C 42 -50.40 16.05 5.67
CA ALA C 42 -49.37 15.10 6.09
C ALA C 42 -49.55 14.67 7.55
N LYS C 43 -49.16 13.43 7.83
CA LYS C 43 -49.11 12.93 9.20
C LYS C 43 -48.07 13.71 10.00
N ASN C 44 -48.30 13.87 11.30
CA ASN C 44 -47.37 14.63 12.11
C ASN C 44 -46.35 13.78 12.84
N THR C 45 -45.16 14.33 13.04
CA THR C 45 -44.15 13.69 13.87
C THR C 45 -44.59 13.86 15.34
N PRO C 46 -44.37 12.83 16.16
CA PRO C 46 -45.02 12.83 17.49
C PRO C 46 -44.34 13.72 18.51
N LYS C 47 -45.10 14.10 19.52
CA LYS C 47 -44.55 14.85 20.65
C LYS C 47 -43.54 13.97 21.41
N VAL C 48 -42.51 14.61 21.95
CA VAL C 48 -41.49 13.91 22.72
C VAL C 48 -42.12 13.38 24.02
N GLU C 49 -41.85 12.10 24.30
CA GLU C 49 -42.22 11.54 25.59
C GLU C 49 -40.98 11.01 26.31
N ILE C 50 -40.89 11.28 27.61
CA ILE C 50 -39.86 10.66 28.45
C ILE C 50 -40.55 9.73 29.46
N HIS C 51 -40.19 8.46 29.43
CA HIS C 51 -40.83 7.46 30.28
C HIS C 51 -39.84 6.87 31.27
N LYS C 52 -40.19 6.85 32.55
CA LYS C 52 -39.29 6.32 33.56
C LYS C 52 -39.22 4.80 33.50
N ILE C 53 -38.01 4.26 33.48
CA ILE C 53 -37.83 2.82 33.67
C ILE C 53 -37.62 2.55 35.15
N SER C 54 -36.65 3.25 35.74
CA SER C 54 -36.43 3.18 37.17
C SER C 54 -35.71 4.43 37.67
N GLU C 55 -35.81 4.67 38.98
CA GLU C 55 -34.99 5.68 39.64
C GLU C 55 -34.68 5.22 41.05
N TYR C 56 -33.65 4.39 41.16
CA TYR C 56 -33.21 3.85 42.45
C TYR C 56 -34.38 3.25 43.22
N ASP C 57 -35.19 2.45 42.53
CA ASP C 57 -36.40 1.91 43.16
C ASP C 57 -36.54 0.41 42.93
N SER C 58 -37.73 -0.09 43.24
CA SER C 58 -38.07 -1.49 43.08
C SER C 58 -37.84 -2.02 41.65
N ASP C 59 -37.97 -1.14 40.67
CA ASP C 59 -37.77 -1.53 39.26
C ASP C 59 -36.32 -1.46 38.79
N GLY C 60 -35.45 -0.90 39.64
CA GLY C 60 -34.04 -0.72 39.30
C GLY C 60 -33.36 -0.07 40.48
N PRO C 61 -32.85 -0.90 41.39
CA PRO C 61 -32.48 -0.45 42.74
C PRO C 61 -31.34 0.54 42.83
N PHE C 62 -30.34 0.44 41.96
CA PHE C 62 -29.13 1.25 42.11
C PHE C 62 -28.94 2.26 40.99
N PHE C 63 -29.95 2.41 40.14
CA PHE C 63 -29.75 3.21 38.93
C PHE C 63 -31.03 3.87 38.46
N ALA C 64 -30.85 4.92 37.68
CA ALA C 64 -31.97 5.66 37.12
C ALA C 64 -31.81 5.72 35.61
N TRP C 65 -32.91 5.51 34.89
CA TRP C 65 -32.92 5.65 33.44
C TRP C 65 -34.35 5.69 32.87
N ASN C 66 -34.42 6.19 31.64
CA ASN C 66 -35.66 6.50 30.93
C ASN C 66 -35.66 5.95 29.51
N TRP C 67 -36.84 5.78 28.93
CA TRP C 67 -36.91 5.55 27.48
C TRP C 67 -37.82 6.61 26.88
N MET C 68 -37.69 6.84 25.57
CA MET C 68 -38.36 7.95 24.92
C MET C 68 -39.20 7.56 23.71
N VAL C 69 -40.23 8.36 23.46
CA VAL C 69 -40.87 8.39 22.15
C VAL C 69 -40.28 9.62 21.51
N LEU C 70 -39.53 9.41 20.45
CA LEU C 70 -38.67 10.46 19.90
C LEU C 70 -38.68 10.44 18.38
N GLY C 71 -39.24 11.49 17.78
CA GLY C 71 -39.15 11.65 16.34
C GLY C 71 -37.72 12.04 15.97
N GLU C 72 -37.29 11.61 14.79
CA GLU C 72 -36.02 12.06 14.22
C GLU C 72 -35.95 13.58 14.24
N HIS C 73 -37.07 14.21 13.89
CA HIS C 73 -37.09 15.66 13.72
C HIS C 73 -37.68 16.30 14.96
N SER C 74 -36.90 16.28 16.03
CA SER C 74 -37.36 16.77 17.34
C SER C 74 -36.34 17.68 18.00
N GLY C 75 -36.77 18.90 18.35
CA GLY C 75 -35.91 19.84 19.04
C GLY C 75 -34.77 20.29 18.14
N THR C 76 -33.70 20.77 18.75
CA THR C 76 -32.47 21.03 18.02
C THR C 76 -32.11 19.77 17.28
N HIS C 77 -32.14 19.82 15.95
CA HIS C 77 -31.96 18.60 15.19
C HIS C 77 -31.40 18.84 13.78
N PHE C 78 -31.06 17.73 13.14
CA PHE C 78 -30.29 17.68 11.91
C PHE C 78 -31.17 17.09 10.81
N ASP C 79 -31.20 17.73 9.63
CA ASP C 79 -31.88 17.21 8.44
C ASP C 79 -30.89 16.58 7.49
N ALA C 80 -31.01 15.28 7.23
CA ALA C 80 -30.14 14.64 6.25
C ALA C 80 -30.82 14.77 4.88
N PRO C 81 -30.03 14.68 3.78
CA PRO C 81 -30.64 14.87 2.47
C PRO C 81 -31.80 13.93 2.15
N HIS C 82 -31.79 12.71 2.66
CA HIS C 82 -32.89 11.79 2.33
C HIS C 82 -34.23 12.29 2.87
N HIS C 83 -34.18 13.24 3.80
CA HIS C 83 -35.39 13.86 4.34
C HIS C 83 -36.30 14.42 3.25
N TRP C 84 -35.71 15.03 2.22
CA TRP C 84 -36.53 15.58 1.15
C TRP C 84 -36.52 14.71 -0.12
N ILE C 85 -37.62 14.75 -0.85
CA ILE C 85 -37.76 13.95 -2.06
C ILE C 85 -36.62 14.28 -3.04
N THR C 86 -36.18 15.54 -3.03
CA THR C 86 -35.09 15.97 -3.89
C THR C 86 -33.73 15.37 -3.52
N GLY C 87 -33.62 14.82 -2.30
CA GLY C 87 -32.37 14.24 -1.86
C GLY C 87 -32.43 12.73 -1.76
N LYS C 88 -33.52 12.15 -2.27
CA LYS C 88 -33.84 10.74 -2.00
C LYS C 88 -32.84 9.74 -2.58
N ASP C 89 -32.13 10.13 -3.65
CA ASP C 89 -31.29 9.18 -4.39
C ASP C 89 -29.85 9.10 -3.91
N TYR C 90 -29.44 9.98 -3.00
CA TYR C 90 -28.08 9.94 -2.47
C TYR C 90 -27.90 8.74 -1.54
N SER C 91 -27.01 7.82 -1.93
CA SER C 91 -26.73 6.63 -1.11
C SER C 91 -26.15 7.03 0.23
N ASP C 92 -25.41 8.13 0.25
CA ASP C 92 -24.80 8.66 1.47
C ASP C 92 -25.69 9.75 2.09
N GLY C 93 -26.98 9.74 1.72
CA GLY C 93 -27.92 10.75 2.19
C GLY C 93 -28.62 10.44 3.51
N PHE C 94 -28.22 9.37 4.19
CA PHE C 94 -28.85 8.98 5.46
C PHE C 94 -27.94 9.32 6.63
N THR C 95 -28.49 9.32 7.84
CA THR C 95 -27.67 9.65 9.01
C THR C 95 -26.58 8.60 9.27
N ASP C 96 -26.79 7.37 8.80
CA ASP C 96 -25.80 6.32 9.03
C ASP C 96 -24.88 6.13 7.83
N THR C 97 -25.11 6.87 6.75
CA THR C 97 -24.25 6.75 5.58
C THR C 97 -23.59 8.08 5.15
N LEU C 98 -23.96 9.20 5.77
CA LEU C 98 -23.32 10.46 5.40
C LEU C 98 -21.86 10.49 5.88
N ASP C 99 -21.13 11.51 5.42
CA ASP C 99 -19.70 11.65 5.63
C ASP C 99 -19.44 12.51 6.87
N VAL C 100 -18.97 11.88 7.95
CA VAL C 100 -18.81 12.61 9.22
C VAL C 100 -17.73 13.68 9.13
N GLN C 101 -16.82 13.58 8.15
CA GLN C 101 -15.82 14.64 7.96
C GLN C 101 -16.50 16.01 7.75
N ARG C 102 -17.68 16.01 7.14
CA ARG C 102 -18.35 17.25 6.81
C ARG C 102 -19.04 17.96 8.00
N LEU C 103 -19.26 17.23 9.09
CA LEU C 103 -20.17 17.67 10.16
C LEU C 103 -19.62 18.80 11.04
N ILE C 104 -18.31 18.97 11.00
CA ILE C 104 -17.61 19.90 11.86
C ILE C 104 -16.91 20.92 10.98
N ALA C 105 -17.28 22.19 11.13
CA ALA C 105 -16.77 23.19 10.19
C ALA C 105 -16.95 24.59 10.74
N PRO C 106 -16.15 25.56 10.26
CA PRO C 106 -16.39 26.96 10.60
C PRO C 106 -17.85 27.33 10.31
N VAL C 107 -18.42 28.20 11.13
CA VAL C 107 -19.81 28.57 10.96
C VAL C 107 -19.88 30.08 10.73
N ASN C 108 -20.77 30.45 9.82
CA ASN C 108 -21.12 31.83 9.54
C ASN C 108 -22.44 32.15 10.22
N VAL C 109 -22.42 33.09 11.17
CA VAL C 109 -23.61 33.42 11.95
C VAL C 109 -24.14 34.76 11.49
N ILE C 110 -25.25 34.72 10.78
CA ILE C 110 -25.83 35.94 10.20
C ILE C 110 -26.90 36.45 11.14
N ASP C 111 -26.62 37.56 11.82
CA ASP C 111 -27.53 38.05 12.83
C ASP C 111 -28.71 38.81 12.21
N CYS C 112 -29.87 38.19 12.24
CA CYS C 112 -31.11 38.78 11.77
C CYS C 112 -32.07 39.03 12.93
N SER C 113 -31.52 39.21 14.13
CA SER C 113 -32.36 39.36 15.33
C SER C 113 -33.29 40.56 15.28
N LYS C 114 -32.73 41.73 14.98
CA LYS C 114 -33.53 42.95 14.90
C LYS C 114 -34.62 42.83 13.85
N GLU C 115 -34.22 42.43 12.65
CA GLU C 115 -35.14 42.27 11.53
C GLU C 115 -36.26 41.28 11.81
N SER C 116 -35.95 40.23 12.56
CA SER C 116 -36.93 39.18 12.85
C SER C 116 -37.89 39.60 13.96
N ALA C 117 -37.40 40.44 14.87
CA ALA C 117 -38.23 40.99 15.93
C ALA C 117 -39.26 41.94 15.33
N ALA C 118 -38.85 42.66 14.29
CA ALA C 118 -39.72 43.62 13.61
C ALA C 118 -40.70 42.91 12.70
N ASP C 119 -40.32 41.75 12.17
CA ASP C 119 -41.17 41.07 11.21
C ASP C 119 -40.97 39.57 11.34
N PRO C 120 -41.97 38.88 11.91
CA PRO C 120 -41.87 37.42 12.09
C PRO C 120 -41.74 36.68 10.76
N ASP C 121 -42.12 37.32 9.65
CA ASP C 121 -41.98 36.67 8.35
C ASP C 121 -40.76 37.17 7.60
N PHE C 122 -39.79 37.74 8.33
CA PHE C 122 -38.58 38.27 7.71
C PHE C 122 -37.86 37.21 6.86
N LEU C 123 -37.46 37.60 5.66
CA LEU C 123 -36.72 36.71 4.76
C LEU C 123 -35.30 37.20 4.49
N LEU C 124 -34.32 36.37 4.80
CA LEU C 124 -32.94 36.60 4.40
C LEU C 124 -32.83 36.36 2.89
N THR C 125 -32.37 37.38 2.17
CA THR C 125 -32.20 37.31 0.73
C THR C 125 -30.75 37.05 0.32
N ALA C 126 -30.53 36.71 -0.95
CA ALA C 126 -29.18 36.58 -1.48
C ALA C 126 -28.45 37.91 -1.38
N ASP C 127 -29.14 38.99 -1.74
CA ASP C 127 -28.57 40.34 -1.62
C ASP C 127 -28.07 40.63 -0.21
N LEU C 128 -28.87 40.29 0.80
CA LEU C 128 -28.49 40.53 2.20
C LEU C 128 -27.30 39.65 2.64
N ILE C 129 -27.20 38.45 2.08
CA ILE C 129 -26.07 37.60 2.40
C ILE C 129 -24.78 38.17 1.79
N LYS C 130 -24.89 38.71 0.59
CA LYS C 130 -23.74 39.33 -0.08
C LYS C 130 -23.26 40.55 0.69
N ALA C 131 -24.21 41.36 1.17
CA ALA C 131 -23.91 42.49 2.04
C ALA C 131 -23.20 42.02 3.30
N TRP C 132 -23.72 40.94 3.89
CA TRP C 132 -23.11 40.36 5.06
C TRP C 132 -21.65 39.97 4.76
N GLU C 133 -21.45 39.28 3.64
CA GLU C 133 -20.11 38.84 3.25
C GLU C 133 -19.14 40.00 3.05
N ALA C 134 -19.63 41.08 2.46
CA ALA C 134 -18.84 42.28 2.24
C ALA C 134 -18.29 42.82 3.54
N GLU C 135 -19.08 42.71 4.60
CA GLU C 135 -18.66 43.22 5.89
C GLU C 135 -17.78 42.24 6.65
N HIS C 136 -18.19 40.97 6.71
CA HIS C 136 -17.54 39.98 7.59
C HIS C 136 -16.57 39.03 6.88
N GLY C 137 -16.67 38.94 5.57
CA GLY C 137 -15.84 38.01 4.82
C GLY C 137 -16.68 37.03 4.02
N GLU C 138 -16.11 36.52 2.94
CA GLU C 138 -16.80 35.59 2.07
C GLU C 138 -17.14 34.28 2.77
N ILE C 139 -18.29 33.72 2.42
CA ILE C 139 -18.70 32.41 2.91
C ILE C 139 -17.98 31.34 2.06
N GLY C 140 -17.37 30.36 2.72
CA GLY C 140 -16.51 29.44 2.01
C GLY C 140 -17.02 28.01 1.89
N ALA C 141 -16.35 27.24 1.04
CA ALA C 141 -16.68 25.83 0.82
C ALA C 141 -16.64 25.06 2.13
N GLY C 142 -17.65 24.21 2.34
CA GLY C 142 -17.69 23.32 3.49
C GLY C 142 -18.16 23.96 4.79
N GLU C 143 -18.43 25.26 4.77
CA GLU C 143 -18.81 25.94 6.01
C GLU C 143 -20.30 25.83 6.30
N TRP C 144 -20.64 25.90 7.58
CA TRP C 144 -22.02 26.04 8.01
C TRP C 144 -22.44 27.49 7.86
N VAL C 145 -23.68 27.72 7.49
CA VAL C 145 -24.23 29.06 7.58
C VAL C 145 -25.49 28.97 8.43
N VAL C 146 -25.57 29.78 9.49
CA VAL C 146 -26.76 29.75 10.32
C VAL C 146 -27.37 31.13 10.47
N MET C 147 -28.71 31.15 10.50
CA MET C 147 -29.47 32.39 10.57
C MET C 147 -29.90 32.65 12.00
N ARG C 148 -29.23 33.58 12.65
CA ARG C 148 -29.57 33.92 14.02
C ARG C 148 -30.78 34.85 14.04
N THR C 149 -31.82 34.44 14.75
CA THR C 149 -33.03 35.24 14.87
C THR C 149 -33.41 35.42 16.32
N ASP C 150 -32.67 34.73 17.19
CA ASP C 150 -33.01 34.62 18.62
C ASP C 150 -34.45 34.09 18.84
N TRP C 151 -34.88 33.18 17.96
CA TRP C 151 -36.19 32.53 18.11
C TRP C 151 -36.21 31.60 19.31
N ASP C 152 -35.02 31.19 19.75
CA ASP C 152 -34.89 30.32 20.93
C ASP C 152 -35.46 30.98 22.19
N LYS C 153 -35.61 32.30 22.17
CA LYS C 153 -36.27 32.98 23.28
C LYS C 153 -37.74 32.55 23.42
N ARG C 154 -38.32 32.02 22.34
CA ARG C 154 -39.71 31.57 22.36
C ARG C 154 -39.84 30.08 22.67
N ALA C 155 -38.73 29.40 22.83
CA ALA C 155 -38.70 27.94 22.93
C ALA C 155 -39.45 27.38 24.13
N GLY C 156 -39.74 28.23 25.11
CA GLY C 156 -40.45 27.78 26.30
C GLY C 156 -41.95 27.66 26.08
N ASP C 157 -42.41 28.20 24.95
CA ASP C 157 -43.84 28.20 24.64
C ASP C 157 -44.06 27.81 23.18
N GLU C 158 -44.52 26.57 22.96
CA GLU C 158 -44.63 26.05 21.61
C GLU C 158 -45.49 26.93 20.73
N ALA C 159 -46.59 27.44 21.29
CA ALA C 159 -47.47 28.34 20.56
C ALA C 159 -46.71 29.58 20.05
N ALA C 160 -45.95 30.22 20.94
CA ALA C 160 -45.14 31.38 20.54
C ALA C 160 -44.02 31.00 19.57
N PHE C 161 -43.48 29.80 19.73
CA PHE C 161 -42.35 29.34 18.91
C PHE C 161 -42.81 29.04 17.48
N LEU C 162 -43.93 28.34 17.34
CA LEU C 162 -44.49 28.08 16.02
C LEU C 162 -45.06 29.37 15.44
N ASN C 163 -45.65 30.17 16.31
CA ASN C 163 -46.19 31.48 15.98
C ASN C 163 -47.19 31.48 14.82
N ALA C 164 -48.24 30.67 14.93
CA ALA C 164 -49.18 30.49 13.83
C ALA C 164 -50.46 31.28 14.03
N ASP C 165 -51.02 31.74 12.91
CA ASP C 165 -52.38 32.26 12.92
C ASP C 165 -53.16 31.58 11.80
N GLU C 166 -54.25 32.20 11.35
CA GLU C 166 -55.12 31.58 10.37
C GLU C 166 -54.42 31.30 9.04
N THR C 167 -53.38 32.07 8.74
CA THR C 167 -52.64 31.81 7.50
C THR C 167 -51.44 30.91 7.74
N GLY C 168 -51.31 30.37 8.95
CA GLY C 168 -50.27 29.39 9.24
C GLY C 168 -49.14 29.92 10.07
N PRO C 169 -48.02 29.17 10.16
CA PRO C 169 -46.93 29.61 11.04
C PRO C 169 -46.21 30.83 10.49
N HIS C 170 -45.75 31.70 11.38
CA HIS C 170 -44.98 32.88 10.95
C HIS C 170 -43.63 32.96 11.64
N SER C 171 -42.60 32.54 10.91
CA SER C 171 -41.24 32.51 11.43
C SER C 171 -40.28 32.84 10.30
N PRO C 172 -39.14 33.46 10.62
CA PRO C 172 -38.21 33.91 9.59
C PRO C 172 -37.51 32.75 8.89
N GLY C 173 -36.88 33.04 7.75
CA GLY C 173 -36.13 32.04 7.02
C GLY C 173 -35.55 32.61 5.73
N PRO C 174 -35.01 31.73 4.88
CA PRO C 174 -34.38 32.13 3.63
C PRO C 174 -35.32 32.21 2.42
N THR C 175 -34.97 33.06 1.44
CA THR C 175 -35.61 33.02 0.14
C THR C 175 -34.98 31.88 -0.67
N PRO C 176 -35.67 31.41 -1.72
CA PRO C 176 -35.06 30.38 -2.57
C PRO C 176 -33.73 30.80 -3.17
N ASP C 177 -33.60 32.06 -3.60
CA ASP C 177 -32.33 32.46 -4.22
C ASP C 177 -31.23 32.68 -3.18
N ALA C 178 -31.63 32.90 -1.92
CA ALA C 178 -30.66 32.95 -0.84
C ALA C 178 -30.01 31.59 -0.69
N ILE C 179 -30.82 30.54 -0.70
CA ILE C 179 -30.29 29.19 -0.56
C ILE C 179 -29.50 28.81 -1.80
N GLU C 180 -30.02 29.17 -2.99
CA GLU C 180 -29.29 28.93 -4.23
C GLU C 180 -27.90 29.55 -4.18
N TYR C 181 -27.84 30.81 -3.74
CA TYR C 181 -26.56 31.51 -3.65
C TYR C 181 -25.60 30.78 -2.74
N LEU C 182 -26.11 30.36 -1.58
CA LEU C 182 -25.30 29.70 -0.59
C LEU C 182 -24.73 28.41 -1.15
N LEU C 183 -25.57 27.68 -1.87
CA LEU C 183 -25.17 26.43 -2.47
C LEU C 183 -24.10 26.65 -3.53
N SER C 184 -24.09 27.85 -4.13
CA SER C 184 -23.07 28.17 -5.14
C SER C 184 -21.71 28.31 -4.48
N LYS C 185 -21.71 28.58 -3.18
CA LYS C 185 -20.47 28.67 -2.40
C LYS C 185 -20.07 27.31 -1.83
N LYS C 186 -20.87 26.28 -2.13
CA LYS C 186 -20.58 24.91 -1.74
C LYS C 186 -20.53 24.74 -0.21
N ILE C 187 -21.43 25.42 0.49
CA ILE C 187 -21.57 25.22 1.93
C ILE C 187 -21.90 23.77 2.26
N VAL C 188 -21.63 23.35 3.48
CA VAL C 188 -22.07 22.03 3.91
C VAL C 188 -23.55 22.04 4.28
N GLY C 189 -24.04 23.15 4.82
CA GLY C 189 -25.38 23.14 5.36
C GLY C 189 -25.86 24.44 5.96
N TRP C 190 -27.16 24.49 6.22
CA TRP C 190 -27.82 25.71 6.67
C TRP C 190 -28.66 25.46 7.93
N GLY C 191 -28.57 26.38 8.89
CA GLY C 191 -29.24 26.21 10.16
C GLY C 191 -30.15 27.36 10.54
N SER C 192 -31.20 27.03 11.29
CA SER C 192 -32.15 28.00 11.78
C SER C 192 -32.39 27.82 13.28
N GLN C 193 -32.92 28.85 13.91
CA GLN C 193 -33.37 28.75 15.29
C GLN C 193 -34.88 28.48 15.38
N CYS C 194 -35.53 28.42 14.22
CA CYS C 194 -36.96 28.17 14.18
C CYS C 194 -37.24 26.68 14.06
N ILE C 195 -38.50 26.30 13.95
CA ILE C 195 -38.87 24.89 13.98
C ILE C 195 -38.27 24.13 12.80
N GLY C 196 -38.03 24.84 11.70
CA GLY C 196 -37.48 24.25 10.50
C GLY C 196 -36.46 25.16 9.84
N THR C 197 -35.82 24.67 8.78
CA THR C 197 -34.80 25.44 8.08
C THR C 197 -35.44 26.50 7.18
N ASP C 198 -36.73 26.36 6.91
CA ASP C 198 -37.46 27.30 6.06
C ASP C 198 -38.31 28.29 6.85
N ALA C 199 -38.67 29.39 6.20
CA ALA C 199 -39.59 30.36 6.79
C ALA C 199 -40.92 29.68 7.10
N GLY C 200 -41.64 30.15 8.10
CA GLY C 200 -42.93 29.56 8.44
C GLY C 200 -43.85 29.54 7.24
N GLN C 201 -43.74 30.55 6.39
CA GLN C 201 -44.61 30.69 5.25
C GLN C 201 -43.99 30.16 3.94
N ALA C 202 -43.05 29.23 4.07
CA ALA C 202 -42.32 28.71 2.90
C ALA C 202 -43.19 27.85 1.98
N GLY C 203 -44.33 27.40 2.47
CA GLY C 203 -45.24 26.58 1.69
C GLY C 203 -45.73 27.22 0.40
N GLY C 204 -45.76 28.55 0.37
CA GLY C 204 -46.24 29.27 -0.80
C GLY C 204 -45.12 29.89 -1.61
N MET C 205 -43.88 29.53 -1.29
CA MET C 205 -42.72 29.92 -2.08
C MET C 205 -42.56 29.01 -3.28
N GLU C 206 -41.82 29.46 -4.29
CA GLU C 206 -41.48 28.58 -5.40
C GLU C 206 -39.97 28.36 -5.46
N PRO C 207 -39.52 27.11 -5.26
CA PRO C 207 -40.33 25.95 -4.88
C PRO C 207 -40.80 26.03 -3.43
N PRO C 208 -41.80 25.22 -3.05
CA PRO C 208 -42.22 25.11 -1.66
C PRO C 208 -41.06 24.66 -0.77
N PHE C 209 -40.88 25.33 0.37
CA PHE C 209 -39.82 25.00 1.31
C PHE C 209 -38.45 24.88 0.65
N PRO C 210 -37.95 25.99 0.08
CA PRO C 210 -36.72 26.02 -0.72
C PRO C 210 -35.47 25.50 0.01
N ALA C 211 -35.30 25.82 1.29
CA ALA C 211 -34.15 25.32 2.04
C ALA C 211 -34.17 23.79 2.02
N HIS C 212 -35.28 23.18 2.44
CA HIS C 212 -35.39 21.73 2.37
C HIS C 212 -35.17 21.21 0.95
N ASN C 213 -35.87 21.81 0.00
CA ASN C 213 -35.79 21.38 -1.39
C ASN C 213 -34.36 21.48 -1.95
N LEU C 214 -33.78 22.68 -1.88
CA LEU C 214 -32.51 22.95 -2.54
C LEU C 214 -31.28 22.41 -1.78
N LEU C 215 -31.28 22.53 -0.45
CA LEU C 215 -30.16 22.00 0.34
C LEU C 215 -30.01 20.52 0.08
N HIS C 216 -31.12 19.79 0.18
CA HIS C 216 -31.06 18.35 0.06
C HIS C 216 -30.91 17.88 -1.39
N ARG C 217 -31.39 18.68 -2.34
CA ARG C 217 -31.09 18.44 -3.75
C ARG C 217 -29.57 18.30 -3.96
N ASP C 218 -28.80 19.10 -3.25
CA ASP C 218 -27.35 19.15 -3.44
C ASP C 218 -26.57 18.32 -2.41
N ASN C 219 -27.26 17.41 -1.72
CA ASN C 219 -26.63 16.51 -0.73
C ASN C 219 -26.04 17.31 0.44
N CYS C 220 -26.75 18.33 0.86
CA CYS C 220 -26.34 19.17 1.98
C CYS C 220 -27.31 19.04 3.15
N PHE C 221 -26.93 19.63 4.28
CA PHE C 221 -27.61 19.40 5.55
C PHE C 221 -28.40 20.61 6.06
N GLY C 222 -29.39 20.33 6.90
CA GLY C 222 -30.13 21.39 7.56
C GLY C 222 -30.08 21.19 9.05
N LEU C 223 -30.18 22.28 9.78
CA LEU C 223 -30.23 22.30 11.24
C LEU C 223 -31.43 23.14 11.66
N ALA C 224 -32.15 22.71 12.70
CA ALA C 224 -33.32 23.44 13.17
C ALA C 224 -33.30 23.58 14.68
N SER C 225 -34.04 24.57 15.18
CA SER C 225 -34.15 24.86 16.61
C SER C 225 -32.77 25.01 17.29
N LEU C 226 -31.84 25.64 16.59
CA LEU C 226 -30.57 26.00 17.21
C LEU C 226 -30.80 27.02 18.31
N ALA C 227 -30.06 26.88 19.41
CA ALA C 227 -30.15 27.81 20.53
C ALA C 227 -28.83 28.55 20.71
N ASN C 228 -28.88 29.68 21.40
CA ASN C 228 -27.65 30.38 21.78
C ASN C 228 -26.75 30.84 20.66
N LEU C 229 -27.31 31.09 19.48
CA LEU C 229 -26.53 31.67 18.40
C LEU C 229 -26.06 33.08 18.80
N ASP C 230 -26.74 33.67 19.78
CA ASP C 230 -26.35 35.00 20.26
C ASP C 230 -25.08 34.94 21.13
N LYS C 231 -24.57 33.74 21.39
CA LYS C 231 -23.28 33.59 22.06
C LYS C 231 -22.13 33.39 21.07
N LEU C 232 -22.46 33.33 19.77
CA LEU C 232 -21.45 33.10 18.74
C LEU C 232 -21.11 34.37 17.98
N PRO C 233 -19.83 34.53 17.58
CA PRO C 233 -19.45 35.64 16.72
C PRO C 233 -19.84 35.37 15.25
N ALA C 234 -19.94 36.42 14.46
CA ALA C 234 -20.31 36.30 13.05
C ALA C 234 -19.34 35.37 12.32
N LYS C 235 -18.08 35.40 12.73
CA LYS C 235 -17.06 34.60 12.07
C LYS C 235 -16.11 33.99 13.10
N GLY C 236 -15.53 32.84 12.73
CA GLY C 236 -14.42 32.30 13.50
C GLY C 236 -14.75 31.20 14.48
N ALA C 237 -16.03 30.89 14.65
CA ALA C 237 -16.42 29.79 15.53
C ALA C 237 -16.47 28.54 14.70
N ILE C 238 -16.43 27.40 15.38
CA ILE C 238 -16.55 26.11 14.72
C ILE C 238 -17.80 25.45 15.25
N LEU C 239 -18.63 24.95 14.34
CA LEU C 239 -19.88 24.30 14.73
C LEU C 239 -19.78 22.79 14.56
N ILE C 240 -20.19 22.08 15.62
CA ILE C 240 -20.26 20.63 15.66
C ILE C 240 -21.72 20.23 15.69
N ALA C 241 -22.18 19.59 14.63
CA ALA C 241 -23.59 19.23 14.53
C ALA C 241 -23.72 17.86 13.90
N ALA C 242 -23.81 16.85 14.75
CA ALA C 242 -23.69 15.46 14.31
C ALA C 242 -24.92 14.65 14.69
N PRO C 243 -25.58 14.05 13.68
CA PRO C 243 -26.78 13.25 13.94
C PRO C 243 -26.42 11.91 14.54
N LEU C 244 -27.31 11.38 15.38
CA LEU C 244 -27.22 9.98 15.79
C LEU C 244 -27.10 9.10 14.55
N LYS C 245 -26.42 7.97 14.67
CA LYS C 245 -26.20 7.10 13.53
C LYS C 245 -27.40 6.17 13.30
N ILE C 246 -28.56 6.79 13.09
CA ILE C 246 -29.80 6.04 12.94
C ILE C 246 -29.82 5.27 11.63
N GLU C 247 -30.21 4.00 11.71
CA GLU C 247 -30.26 3.15 10.51
C GLU C 247 -31.22 3.74 9.49
N ARG C 248 -30.69 4.08 8.32
CA ARG C 248 -31.46 4.75 7.26
C ARG C 248 -32.18 6.00 7.76
N GLY C 249 -31.56 6.70 8.72
CA GLY C 249 -32.16 7.88 9.31
C GLY C 249 -32.27 9.05 8.34
N THR C 250 -33.38 9.79 8.43
CA THR C 250 -33.59 10.96 7.59
C THR C 250 -33.16 12.22 8.34
N GLY C 251 -32.86 12.06 9.61
CA GLY C 251 -32.56 13.19 10.46
C GLY C 251 -32.40 12.69 11.87
N SER C 252 -32.17 13.61 12.81
CA SER C 252 -31.86 13.22 14.17
C SER C 252 -31.84 14.40 15.12
N PRO C 253 -32.31 14.19 16.37
CA PRO C 253 -31.95 15.19 17.38
C PRO C 253 -30.44 15.23 17.52
N ILE C 254 -29.89 16.36 17.93
CA ILE C 254 -28.44 16.50 18.05
C ILE C 254 -28.09 17.30 19.29
N ARG C 255 -26.85 17.14 19.75
CA ARG C 255 -26.28 18.08 20.71
C ARG C 255 -25.34 19.00 19.93
N ALA C 256 -25.91 20.06 19.38
CA ALA C 256 -25.13 21.05 18.62
C ALA C 256 -24.26 21.84 19.58
N LEU C 257 -22.95 21.83 19.33
CA LEU C 257 -21.99 22.56 20.15
C LEU C 257 -21.12 23.42 19.25
N ALA C 258 -20.79 24.64 19.72
CA ALA C 258 -19.86 25.47 18.98
C ALA C 258 -18.61 25.72 19.81
N LEU C 259 -17.47 25.85 19.14
CA LEU C 259 -16.22 26.25 19.77
C LEU C 259 -15.99 27.72 19.45
N VAL C 260 -15.90 28.55 20.48
CA VAL C 260 -15.62 29.97 20.26
C VAL C 260 -14.41 30.42 21.05
N PRO C 261 -13.71 31.43 20.53
CA PRO C 261 -12.57 32.00 21.25
C PRO C 261 -13.02 32.88 22.41
N LYS C 262 -12.54 32.58 23.61
CA LYS C 262 -12.75 33.39 24.81
C LYS C 262 -11.95 32.83 25.98
N MET D 1 -0.73 32.00 22.52
CA MET D 1 -1.40 31.74 21.24
C MET D 1 -2.85 32.23 21.24
N SER D 2 -3.26 32.81 20.12
CA SER D 2 -4.64 33.21 19.92
C SER D 2 -5.54 31.98 19.84
N ALA D 3 -6.69 32.04 20.51
CA ALA D 3 -7.68 30.98 20.40
C ALA D 3 -8.31 31.00 19.01
N GLN D 4 -8.44 32.19 18.44
CA GLN D 4 -9.03 32.33 17.11
C GLN D 4 -8.19 31.63 16.04
N SER D 5 -6.89 31.88 16.04
CA SER D 5 -6.01 31.29 15.04
C SER D 5 -6.00 29.76 15.21
N ALA D 6 -6.14 29.32 16.46
CA ALA D 6 -6.26 27.90 16.76
C ALA D 6 -7.52 27.28 16.14
N LEU D 7 -8.63 28.00 16.25
CA LEU D 7 -9.88 27.53 15.67
C LEU D 7 -9.85 27.68 14.15
N SER D 8 -9.30 28.78 13.65
CA SER D 8 -9.22 28.98 12.21
C SER D 8 -8.35 27.90 11.59
N GLY D 9 -7.26 27.58 12.27
CA GLY D 9 -6.33 26.58 11.78
C GLY D 9 -6.98 25.22 11.77
N LEU D 10 -7.79 24.97 12.79
CA LEU D 10 -8.48 23.70 12.92
C LEU D 10 -9.49 23.51 11.80
N GLY D 11 -10.25 24.56 11.50
CA GLY D 11 -11.22 24.54 10.41
C GLY D 11 -10.57 24.24 9.07
N ALA D 12 -9.47 24.92 8.79
CA ALA D 12 -8.70 24.68 7.57
C ALA D 12 -8.21 23.23 7.51
N LYS D 13 -7.76 22.67 8.63
CA LYS D 13 -7.22 21.32 8.60
C LYS D 13 -8.31 20.26 8.42
N LEU D 14 -9.50 20.52 8.96
CA LEU D 14 -10.64 19.65 8.71
C LEU D 14 -10.98 19.57 7.20
N LEU D 15 -10.98 20.70 6.51
CA LEU D 15 -11.24 20.70 5.06
C LEU D 15 -10.19 19.97 4.23
N SER D 16 -8.94 20.03 4.67
CA SER D 16 -7.85 19.48 3.88
C SER D 16 -7.56 18.01 4.22
N GLY D 17 -8.25 17.50 5.24
CA GLY D 17 -8.02 16.13 5.70
C GLY D 17 -6.83 15.97 6.62
N GLU D 18 -6.14 17.07 6.94
CA GLU D 18 -5.04 17.01 7.89
C GLU D 18 -5.53 16.59 9.28
N VAL D 19 -6.75 17.01 9.62
CA VAL D 19 -7.42 16.46 10.81
C VAL D 19 -8.58 15.62 10.31
N GLU D 20 -8.57 14.35 10.65
CA GLU D 20 -9.62 13.46 10.18
C GLU D 20 -10.68 13.24 11.26
N VAL D 21 -11.95 13.30 10.86
CA VAL D 21 -13.05 13.00 11.78
C VAL D 21 -13.32 11.52 11.71
N VAL D 22 -13.08 10.84 12.82
CA VAL D 22 -13.34 9.42 12.89
C VAL D 22 -14.70 9.18 13.54
N ASP D 23 -15.54 8.39 12.89
CA ASP D 23 -16.83 8.00 13.43
C ASP D 23 -16.66 6.90 14.49
N CYS D 24 -16.94 7.20 15.74
CA CYS D 24 -16.79 6.19 16.77
C CYS D 24 -18.14 5.66 17.24
N THR D 25 -19.10 5.60 16.32
CA THR D 25 -20.47 5.28 16.65
C THR D 25 -20.95 4.07 15.90
N GLY D 26 -21.66 3.18 16.58
CA GLY D 26 -22.32 2.07 15.94
C GLY D 26 -23.69 2.44 15.36
N VAL D 27 -24.17 1.67 14.41
CA VAL D 27 -25.47 1.93 13.81
C VAL D 27 -26.57 1.76 14.86
N LEU D 28 -27.48 2.73 14.92
CA LEU D 28 -28.56 2.73 15.88
C LEU D 28 -29.87 2.33 15.22
N GLY D 29 -30.42 1.20 15.63
CA GLY D 29 -31.62 0.65 15.02
C GLY D 29 -32.05 -0.60 15.75
N PRO D 30 -33.08 -1.28 15.23
CA PRO D 30 -33.68 -2.44 15.89
C PRO D 30 -32.67 -3.57 16.20
N ASN D 31 -31.60 -3.68 15.42
CA ASN D 31 -30.61 -4.73 15.68
C ASN D 31 -29.49 -4.35 16.64
N THR D 32 -29.47 -3.08 17.06
CA THR D 32 -28.49 -2.63 18.04
C THR D 32 -28.56 -3.45 19.32
N PRO D 33 -27.43 -4.05 19.72
CA PRO D 33 -27.39 -4.77 21.01
C PRO D 33 -27.81 -3.88 22.18
N ILE D 34 -28.66 -4.43 23.03
CA ILE D 34 -29.24 -3.71 24.15
C ILE D 34 -29.05 -4.55 25.41
N LEU D 35 -28.70 -3.89 26.50
CA LEU D 35 -28.50 -4.56 27.79
C LEU D 35 -29.69 -5.45 28.18
N GLN D 36 -29.38 -6.62 28.72
CA GLN D 36 -30.40 -7.46 29.33
C GLN D 36 -30.05 -7.68 30.78
N LEU D 37 -31.03 -7.46 31.65
CA LEU D 37 -30.85 -7.68 33.09
C LEU D 37 -31.81 -8.77 33.55
N PRO D 38 -31.48 -9.46 34.66
CA PRO D 38 -32.44 -10.49 35.09
C PRO D 38 -33.76 -9.84 35.51
N PRO D 39 -34.89 -10.35 34.98
CA PRO D 39 -36.24 -9.84 35.25
C PRO D 39 -36.58 -9.74 36.74
N ASP D 40 -35.93 -10.53 37.58
CA ASP D 40 -36.20 -10.48 39.01
C ASP D 40 -35.38 -9.39 39.67
N PHE D 41 -34.42 -8.84 38.93
CA PHE D 41 -33.56 -7.80 39.46
C PHE D 41 -34.02 -6.40 39.06
N ALA D 42 -34.44 -6.23 37.80
CA ALA D 42 -34.81 -4.92 37.30
C ALA D 42 -35.57 -4.99 35.98
N LYS D 43 -36.32 -3.93 35.68
CA LYS D 43 -36.99 -3.83 34.39
C LYS D 43 -35.96 -3.49 33.32
N ASN D 44 -36.14 -4.04 32.11
CA ASN D 44 -35.19 -3.81 31.02
C ASN D 44 -35.44 -2.48 30.29
N THR D 45 -34.40 -1.95 29.66
CA THR D 45 -34.57 -0.83 28.75
C THR D 45 -34.96 -1.44 27.39
N PRO D 46 -35.81 -0.74 26.61
CA PRO D 46 -36.39 -1.40 25.44
C PRO D 46 -35.47 -1.48 24.22
N LYS D 47 -35.77 -2.43 23.34
CA LYS D 47 -35.11 -2.49 22.04
C LYS D 47 -35.51 -1.26 21.22
N VAL D 48 -34.57 -0.78 20.42
CA VAL D 48 -34.78 0.36 19.54
C VAL D 48 -35.82 0.00 18.46
N GLU D 49 -36.74 0.93 18.20
CA GLU D 49 -37.69 0.81 17.10
C GLU D 49 -37.64 2.05 16.23
N ILE D 50 -37.70 1.86 14.90
CA ILE D 50 -37.74 2.96 13.97
C ILE D 50 -39.04 2.86 13.17
N HIS D 51 -39.91 3.86 13.28
CA HIS D 51 -41.23 3.83 12.66
C HIS D 51 -41.40 4.88 11.58
N LYS D 52 -41.78 4.45 10.39
CA LYS D 52 -41.98 5.36 9.28
C LYS D 52 -43.16 6.30 9.54
N ILE D 53 -42.94 7.60 9.37
CA ILE D 53 -44.06 8.53 9.35
C ILE D 53 -44.53 8.71 7.91
N SER D 54 -43.57 8.94 7.01
CA SER D 54 -43.84 8.99 5.59
C SER D 54 -42.55 8.78 4.82
N GLU D 55 -42.68 8.39 3.55
CA GLU D 55 -41.55 8.39 2.64
C GLU D 55 -42.02 8.76 1.24
N TYR D 56 -42.13 10.07 0.99
CA TYR D 56 -42.59 10.61 -0.28
C TYR D 56 -43.88 9.92 -0.77
N ASP D 57 -44.85 9.79 0.13
CA ASP D 57 -46.09 9.08 -0.16
C ASP D 57 -47.29 9.93 0.26
N SER D 58 -48.45 9.32 0.44
CA SER D 58 -49.66 10.09 0.71
C SER D 58 -49.73 10.59 2.17
N ASP D 59 -48.83 10.09 3.01
CA ASP D 59 -48.70 10.53 4.40
C ASP D 59 -47.74 11.70 4.56
N GLY D 60 -47.01 12.00 3.48
CA GLY D 60 -46.03 13.07 3.46
C GLY D 60 -45.42 13.05 2.07
N PRO D 61 -46.04 13.79 1.13
CA PRO D 61 -45.68 13.70 -0.29
C PRO D 61 -44.28 14.16 -0.67
N PHE D 62 -43.70 15.11 0.06
CA PHE D 62 -42.43 15.70 -0.38
C PHE D 62 -41.26 15.29 0.50
N PHE D 63 -41.51 14.45 1.50
CA PHE D 63 -40.48 14.20 2.49
C PHE D 63 -40.55 12.81 3.11
N ALA D 64 -39.45 12.41 3.74
CA ALA D 64 -39.35 11.15 4.45
C ALA D 64 -38.89 11.42 5.86
N TRP D 65 -39.54 10.79 6.83
CA TRP D 65 -39.07 10.87 8.20
C TRP D 65 -39.65 9.76 9.04
N ASN D 66 -39.00 9.52 10.18
CA ASN D 66 -39.33 8.44 11.10
C ASN D 66 -39.47 8.91 12.54
N TRP D 67 -40.03 8.06 13.38
CA TRP D 67 -39.98 8.28 14.81
C TRP D 67 -39.51 7.00 15.49
N MET D 68 -39.00 7.14 16.71
CA MET D 68 -38.36 6.01 17.35
C MET D 68 -38.91 5.69 18.73
N VAL D 69 -38.81 4.42 19.09
CA VAL D 69 -38.82 4.01 20.48
C VAL D 69 -37.35 3.85 20.87
N LEU D 70 -36.89 4.69 21.80
CA LEU D 70 -35.47 4.84 22.05
C LEU D 70 -35.16 5.02 23.53
N GLY D 71 -34.55 4.01 24.16
CA GLY D 71 -34.06 4.18 25.52
C GLY D 71 -32.89 5.13 25.53
N GLU D 72 -32.73 5.88 26.63
CA GLU D 72 -31.55 6.72 26.83
C GLU D 72 -30.29 5.87 26.64
N HIS D 73 -30.28 4.67 27.20
CA HIS D 73 -29.07 3.86 27.18
C HIS D 73 -29.14 2.85 26.03
N SER D 74 -28.90 3.34 24.82
CA SER D 74 -29.05 2.55 23.59
C SER D 74 -27.89 2.79 22.63
N GLY D 75 -27.23 1.71 22.21
CA GLY D 75 -26.15 1.79 21.26
C GLY D 75 -24.99 2.58 21.82
N THR D 76 -24.20 3.17 20.94
CA THR D 76 -23.17 4.09 21.38
C THR D 76 -23.83 5.20 22.19
N HIS D 77 -23.50 5.28 23.49
CA HIS D 77 -24.23 6.19 24.36
C HIS D 77 -23.43 6.67 25.57
N PHE D 78 -24.02 7.67 26.23
CA PHE D 78 -23.40 8.50 27.26
C PHE D 78 -24.14 8.22 28.57
N ASP D 79 -23.40 8.01 29.65
CA ASP D 79 -23.97 7.86 31.00
C ASP D 79 -23.72 9.14 31.78
N ALA D 80 -24.78 9.84 32.21
CA ALA D 80 -24.62 11.04 33.04
C ALA D 80 -24.60 10.60 34.51
N PRO D 81 -24.09 11.46 35.41
CA PRO D 81 -23.98 10.96 36.80
C PRO D 81 -25.30 10.56 37.46
N HIS D 82 -26.43 11.18 37.11
CA HIS D 82 -27.71 10.77 37.70
C HIS D 82 -28.07 9.30 37.41
N HIS D 83 -27.47 8.73 36.38
CA HIS D 83 -27.68 7.32 36.02
C HIS D 83 -27.46 6.34 37.20
N TRP D 84 -26.53 6.66 38.09
CA TRP D 84 -26.26 5.77 39.23
C TRP D 84 -26.64 6.41 40.55
N ILE D 85 -27.02 5.56 41.50
CA ILE D 85 -27.48 6.04 42.80
C ILE D 85 -26.40 6.90 43.45
N THR D 86 -25.13 6.60 43.17
CA THR D 86 -24.04 7.36 43.78
C THR D 86 -23.91 8.78 43.20
N GLY D 87 -24.55 9.04 42.07
CA GLY D 87 -24.49 10.35 41.46
C GLY D 87 -25.79 11.12 41.56
N LYS D 88 -26.71 10.60 42.37
CA LYS D 88 -28.10 11.08 42.35
C LYS D 88 -28.26 12.52 42.81
N ASP D 89 -27.32 13.03 43.59
CA ASP D 89 -27.54 14.35 44.19
C ASP D 89 -26.83 15.51 43.46
N TYR D 90 -26.11 15.22 42.38
CA TYR D 90 -25.54 16.30 41.59
C TYR D 90 -26.63 16.97 40.79
N SER D 91 -26.86 18.25 41.05
CA SER D 91 -27.84 19.03 40.31
C SER D 91 -27.40 19.17 38.85
N ASP D 92 -26.08 19.18 38.63
CA ASP D 92 -25.52 19.17 37.27
C ASP D 92 -25.27 17.76 36.71
N GLY D 93 -25.92 16.75 37.30
CA GLY D 93 -25.66 15.37 36.95
C GLY D 93 -26.58 14.82 35.86
N PHE D 94 -27.35 15.70 35.22
CA PHE D 94 -28.25 15.30 34.16
C PHE D 94 -27.71 15.75 32.79
N THR D 95 -28.21 15.13 31.73
CA THR D 95 -27.80 15.49 30.37
C THR D 95 -28.13 16.95 30.02
N ASP D 96 -29.17 17.50 30.65
CA ASP D 96 -29.56 18.89 30.38
C ASP D 96 -28.94 19.91 31.37
N THR D 97 -28.19 19.44 32.35
CA THR D 97 -27.61 20.35 33.33
C THR D 97 -26.09 20.21 33.47
N LEU D 98 -25.49 19.23 32.80
CA LEU D 98 -24.05 19.04 32.92
C LEU D 98 -23.29 20.15 32.18
N ASP D 99 -21.99 20.21 32.39
CA ASP D 99 -21.15 21.23 31.78
C ASP D 99 -20.63 20.79 30.40
N VAL D 100 -21.09 21.44 29.32
CA VAL D 100 -20.69 20.99 27.98
C VAL D 100 -19.21 21.26 27.71
N GLN D 101 -18.60 22.15 28.48
CA GLN D 101 -17.17 22.42 28.37
C GLN D 101 -16.36 21.13 28.59
N ARG D 102 -16.89 20.24 29.42
CA ARG D 102 -16.19 19.00 29.74
C ARG D 102 -16.22 17.92 28.65
N LEU D 103 -17.14 18.05 27.70
CA LEU D 103 -17.49 16.96 26.80
C LEU D 103 -16.46 16.66 25.72
N ILE D 104 -15.62 17.64 25.43
CA ILE D 104 -14.64 17.54 24.37
C ILE D 104 -13.26 17.63 24.99
N ALA D 105 -12.44 16.60 24.78
CA ALA D 105 -11.15 16.48 25.46
C ALA D 105 -10.23 15.46 24.78
N PRO D 106 -8.90 15.59 25.00
CA PRO D 106 -7.98 14.53 24.57
C PRO D 106 -8.46 13.17 25.09
N VAL D 107 -8.24 12.15 24.28
CA VAL D 107 -8.64 10.82 24.67
C VAL D 107 -7.40 9.92 24.76
N ASN D 108 -7.40 9.08 25.78
CA ASN D 108 -6.39 8.06 25.97
C ASN D 108 -6.97 6.72 25.55
N VAL D 109 -6.44 6.13 24.49
CA VAL D 109 -7.00 4.89 23.95
C VAL D 109 -6.13 3.73 24.35
N ILE D 110 -6.63 2.90 25.26
CA ILE D 110 -5.84 1.80 25.81
C ILE D 110 -6.23 0.50 25.12
N ASP D 111 -5.33 -0.03 24.28
CA ASP D 111 -5.64 -1.21 23.47
C ASP D 111 -5.55 -2.51 24.25
N CYS D 112 -6.71 -3.09 24.54
CA CYS D 112 -6.80 -4.37 25.22
C CYS D 112 -7.42 -5.40 24.28
N SER D 113 -7.29 -5.19 22.97
CA SER D 113 -8.06 -5.99 22.03
C SER D 113 -7.56 -7.43 22.01
N LYS D 114 -6.25 -7.63 21.98
CA LYS D 114 -5.75 -9.01 21.99
C LYS D 114 -6.03 -9.72 23.32
N GLU D 115 -5.86 -9.01 24.44
CA GLU D 115 -6.12 -9.60 25.75
C GLU D 115 -7.58 -10.02 25.88
N SER D 116 -8.46 -9.22 25.29
CA SER D 116 -9.89 -9.43 25.39
C SER D 116 -10.34 -10.57 24.47
N ALA D 117 -9.68 -10.72 23.32
CA ALA D 117 -9.95 -11.86 22.43
C ALA D 117 -9.53 -13.18 23.08
N ALA D 118 -8.43 -13.16 23.83
CA ALA D 118 -7.96 -14.33 24.56
C ALA D 118 -8.84 -14.68 25.77
N ASP D 119 -9.45 -13.67 26.38
CA ASP D 119 -10.22 -13.84 27.61
C ASP D 119 -11.31 -12.78 27.66
N PRO D 120 -12.56 -13.19 27.44
CA PRO D 120 -13.65 -12.22 27.40
C PRO D 120 -13.88 -11.57 28.76
N ASP D 121 -13.35 -12.16 29.83
CA ASP D 121 -13.45 -11.57 31.17
C ASP D 121 -12.22 -10.76 31.55
N PHE D 122 -11.43 -10.38 30.56
CA PHE D 122 -10.23 -9.57 30.79
C PHE D 122 -10.51 -8.31 31.59
N LEU D 123 -9.71 -8.08 32.62
CA LEU D 123 -9.86 -6.90 33.45
C LEU D 123 -8.70 -5.93 33.28
N LEU D 124 -8.98 -4.68 32.93
CA LEU D 124 -7.92 -3.68 32.97
C LEU D 124 -7.73 -3.24 34.43
N THR D 125 -6.51 -3.35 34.94
CA THR D 125 -6.19 -2.99 36.32
C THR D 125 -5.44 -1.66 36.46
N ALA D 126 -5.34 -1.15 37.68
CA ALA D 126 -4.54 0.06 37.89
C ALA D 126 -3.09 -0.15 37.46
N ASP D 127 -2.52 -1.31 37.77
CA ASP D 127 -1.13 -1.57 37.37
C ASP D 127 -0.95 -1.56 35.83
N LEU D 128 -1.92 -2.10 35.10
CA LEU D 128 -1.84 -2.10 33.63
C LEU D 128 -1.97 -0.67 33.07
N ILE D 129 -2.81 0.15 33.70
CA ILE D 129 -2.94 1.54 33.26
C ILE D 129 -1.64 2.30 33.51
N LYS D 130 -1.04 2.07 34.66
CA LYS D 130 0.24 2.70 34.98
C LYS D 130 1.33 2.31 33.97
N ALA D 131 1.35 1.05 33.58
CA ALA D 131 2.30 0.58 32.58
C ALA D 131 2.01 1.19 31.20
N TRP D 132 0.74 1.43 30.90
CA TRP D 132 0.36 2.09 29.66
C TRP D 132 0.88 3.53 29.66
N GLU D 133 0.73 4.21 30.81
CA GLU D 133 1.22 5.58 30.95
C GLU D 133 2.72 5.65 30.81
N ALA D 134 3.41 4.65 31.35
CA ALA D 134 4.85 4.58 31.23
C ALA D 134 5.24 4.62 29.75
N GLU D 135 4.46 3.93 28.92
CA GLU D 135 4.77 3.80 27.50
C GLU D 135 4.32 5.02 26.68
N HIS D 136 3.15 5.55 27.00
CA HIS D 136 2.51 6.55 26.16
C HIS D 136 2.43 7.95 26.77
N GLY D 137 2.63 8.04 28.08
CA GLY D 137 2.52 9.32 28.75
C GLY D 137 1.36 9.38 29.73
N GLU D 138 1.54 10.13 30.82
CA GLU D 138 0.54 10.29 31.87
C GLU D 138 -0.84 10.69 31.36
N ILE D 139 -1.86 10.13 32.01
CA ILE D 139 -3.23 10.52 31.78
C ILE D 139 -3.53 11.81 32.54
N GLY D 140 -4.10 12.79 31.85
CA GLY D 140 -4.26 14.12 32.43
C GLY D 140 -5.67 14.46 32.89
N ALA D 141 -5.75 15.46 33.76
CA ALA D 141 -7.02 16.02 34.20
C ALA D 141 -7.91 16.38 33.02
N GLY D 142 -9.18 16.02 33.10
CA GLY D 142 -10.14 16.42 32.09
C GLY D 142 -10.20 15.50 30.89
N GLU D 143 -9.26 14.57 30.80
CA GLU D 143 -9.20 13.73 29.61
C GLU D 143 -10.18 12.56 29.65
N TRP D 144 -10.48 12.07 28.46
CA TRP D 144 -11.23 10.84 28.30
C TRP D 144 -10.27 9.64 28.35
N VAL D 145 -10.74 8.54 28.91
CA VAL D 145 -9.99 7.29 28.84
C VAL D 145 -10.92 6.22 28.30
N VAL D 146 -10.51 5.55 27.23
CA VAL D 146 -11.36 4.52 26.66
C VAL D 146 -10.63 3.20 26.54
N MET D 147 -11.35 2.13 26.82
CA MET D 147 -10.81 0.79 26.76
C MET D 147 -11.15 0.20 25.41
N ARG D 148 -10.15 0.10 24.54
CA ARG D 148 -10.33 -0.54 23.24
C ARG D 148 -10.27 -2.05 23.39
N THR D 149 -11.30 -2.74 22.92
CA THR D 149 -11.36 -4.20 22.99
C THR D 149 -11.78 -4.80 21.65
N ASP D 150 -12.04 -3.93 20.69
CA ASP D 150 -12.69 -4.28 19.43
C ASP D 150 -13.96 -5.12 19.62
N TRP D 151 -14.69 -4.84 20.71
CA TRP D 151 -15.96 -5.52 20.93
C TRP D 151 -17.00 -5.11 19.89
N ASP D 152 -16.76 -4.00 19.19
CA ASP D 152 -17.70 -3.53 18.17
C ASP D 152 -17.80 -4.50 17.01
N LYS D 153 -16.82 -5.39 16.86
CA LYS D 153 -16.88 -6.43 15.82
C LYS D 153 -18.03 -7.40 16.04
N ARG D 154 -18.57 -7.40 17.26
CA ARG D 154 -19.67 -8.30 17.62
C ARG D 154 -21.03 -7.66 17.49
N ALA D 155 -21.11 -6.45 16.96
CA ALA D 155 -22.37 -5.69 17.03
C ALA D 155 -23.46 -6.34 16.19
N GLY D 156 -23.09 -7.15 15.21
CA GLY D 156 -24.07 -7.85 14.38
C GLY D 156 -24.63 -9.14 14.96
N ASP D 157 -24.32 -9.42 16.22
CA ASP D 157 -24.84 -10.60 16.90
C ASP D 157 -25.02 -10.25 18.37
N GLU D 158 -26.23 -9.88 18.78
CA GLU D 158 -26.46 -9.41 20.14
C GLU D 158 -26.04 -10.46 21.18
N ALA D 159 -26.26 -11.74 20.86
CA ALA D 159 -25.89 -12.80 21.79
C ALA D 159 -24.36 -12.88 21.98
N ALA D 160 -23.60 -12.70 20.91
CA ALA D 160 -22.14 -12.64 21.03
C ALA D 160 -21.69 -11.33 21.71
N PHE D 161 -22.46 -10.27 21.56
CA PHE D 161 -22.07 -8.96 22.06
C PHE D 161 -22.22 -8.91 23.58
N LEU D 162 -23.33 -9.45 24.06
CA LEU D 162 -23.54 -9.59 25.49
C LEU D 162 -22.71 -10.74 26.05
N ASN D 163 -22.62 -11.83 25.29
CA ASN D 163 -21.73 -12.95 25.57
C ASN D 163 -21.98 -13.58 26.93
N ALA D 164 -23.25 -13.92 27.17
CA ALA D 164 -23.65 -14.45 28.46
C ALA D 164 -23.71 -15.98 28.44
N ASP D 165 -23.43 -16.59 29.59
CA ASP D 165 -23.64 -18.03 29.79
C ASP D 165 -24.34 -18.25 31.14
N GLU D 166 -24.27 -19.46 31.69
CA GLU D 166 -24.98 -19.74 32.93
C GLU D 166 -24.63 -18.78 34.07
N THR D 167 -23.42 -18.21 34.05
CA THR D 167 -23.03 -17.35 35.17
C THR D 167 -23.15 -15.85 34.87
N GLY D 168 -23.76 -15.52 33.73
CA GLY D 168 -24.01 -14.13 33.37
C GLY D 168 -23.18 -13.64 32.18
N PRO D 169 -23.12 -12.33 31.95
CA PRO D 169 -22.40 -11.76 30.81
C PRO D 169 -20.89 -11.86 30.99
N HIS D 170 -20.18 -12.13 29.90
CA HIS D 170 -18.72 -12.16 29.93
C HIS D 170 -18.12 -11.20 28.90
N SER D 171 -17.70 -10.04 29.38
CA SER D 171 -17.18 -8.99 28.54
C SER D 171 -16.19 -8.22 29.38
N PRO D 172 -15.16 -7.67 28.74
CA PRO D 172 -14.02 -7.08 29.45
C PRO D 172 -14.39 -5.76 30.10
N GLY D 173 -13.58 -5.31 31.05
CA GLY D 173 -13.88 -4.09 31.75
C GLY D 173 -12.80 -3.75 32.76
N PRO D 174 -13.04 -2.72 33.56
CA PRO D 174 -12.06 -2.22 34.53
C PRO D 174 -12.25 -2.83 35.90
N THR D 175 -11.18 -2.91 36.69
CA THR D 175 -11.34 -3.26 38.10
C THR D 175 -11.70 -2.01 38.88
N PRO D 176 -12.19 -2.19 40.12
CA PRO D 176 -12.42 -1.02 40.97
C PRO D 176 -11.17 -0.15 41.12
N ASP D 177 -9.99 -0.76 41.29
CA ASP D 177 -8.81 0.06 41.54
C ASP D 177 -8.33 0.72 40.24
N ALA D 178 -8.75 0.19 39.09
CA ALA D 178 -8.49 0.86 37.83
C ALA D 178 -9.22 2.19 37.81
N ILE D 179 -10.52 2.15 38.09
CA ILE D 179 -11.34 3.35 38.07
C ILE D 179 -10.94 4.32 39.18
N GLU D 180 -10.64 3.81 40.36
CA GLU D 180 -10.13 4.66 41.43
C GLU D 180 -8.88 5.43 40.98
N TYR D 181 -7.98 4.73 40.32
CA TYR D 181 -6.73 5.36 39.89
C TYR D 181 -7.02 6.47 38.88
N LEU D 182 -7.85 6.16 37.89
CA LEU D 182 -8.20 7.15 36.86
C LEU D 182 -8.83 8.39 37.48
N LEU D 183 -9.78 8.20 38.39
CA LEU D 183 -10.41 9.32 39.07
C LEU D 183 -9.42 10.18 39.87
N SER D 184 -8.32 9.58 40.33
CA SER D 184 -7.31 10.33 41.06
C SER D 184 -6.55 11.23 40.10
N LYS D 185 -6.57 10.89 38.82
CA LYS D 185 -5.95 11.72 37.78
C LYS D 185 -6.92 12.78 37.27
N LYS D 186 -8.15 12.76 37.79
CA LYS D 186 -9.18 13.76 37.50
C LYS D 186 -9.67 13.71 36.06
N ILE D 187 -9.84 12.49 35.54
CA ILE D 187 -10.37 12.31 34.19
C ILE D 187 -11.78 12.85 34.08
N VAL D 188 -12.26 13.09 32.86
CA VAL D 188 -13.64 13.50 32.72
C VAL D 188 -14.53 12.28 32.68
N GLY D 189 -14.03 11.18 32.12
CA GLY D 189 -14.86 10.00 31.96
C GLY D 189 -14.22 8.82 31.26
N TRP D 190 -14.96 7.73 31.23
CA TRP D 190 -14.41 6.42 30.88
C TRP D 190 -15.32 5.76 29.89
N GLY D 191 -14.74 5.16 28.87
CA GLY D 191 -15.52 4.61 27.79
C GLY D 191 -15.16 3.18 27.46
N SER D 192 -16.17 2.44 27.04
CA SER D 192 -16.02 1.04 26.70
C SER D 192 -16.66 0.76 25.33
N GLN D 193 -16.26 -0.34 24.71
CA GLN D 193 -16.89 -0.81 23.47
C GLN D 193 -17.93 -1.90 23.77
N CYS D 194 -18.08 -2.26 25.04
CA CYS D 194 -19.07 -3.28 25.43
C CYS D 194 -20.38 -2.61 25.75
N ILE D 195 -21.36 -3.38 26.20
CA ILE D 195 -22.73 -2.88 26.34
C ILE D 195 -22.82 -1.80 27.42
N GLY D 196 -21.89 -1.84 28.37
CA GLY D 196 -21.81 -0.85 29.43
C GLY D 196 -20.36 -0.57 29.79
N THR D 197 -20.14 0.33 30.75
CA THR D 197 -18.80 0.76 31.11
C THR D 197 -18.07 -0.25 32.01
N ASP D 198 -18.81 -1.18 32.59
CA ASP D 198 -18.22 -2.18 33.49
C ASP D 198 -18.01 -3.51 32.81
N ALA D 199 -17.20 -4.37 33.43
CA ALA D 199 -17.02 -5.73 32.94
C ALA D 199 -18.35 -6.46 33.03
N GLY D 200 -18.56 -7.45 32.15
CA GLY D 200 -19.79 -8.23 32.19
C GLY D 200 -20.03 -8.83 33.56
N GLN D 201 -18.94 -9.24 34.21
CA GLN D 201 -19.01 -9.89 35.52
C GLN D 201 -18.86 -8.91 36.71
N ALA D 202 -19.15 -7.62 36.49
CA ALA D 202 -18.94 -6.61 37.51
C ALA D 202 -19.89 -6.72 38.71
N GLY D 203 -20.97 -7.48 38.57
CA GLY D 203 -21.92 -7.65 39.67
C GLY D 203 -21.30 -8.24 40.91
N GLY D 204 -20.19 -8.96 40.75
CA GLY D 204 -19.54 -9.63 41.86
C GLY D 204 -18.31 -8.92 42.37
N MET D 205 -18.07 -7.73 41.82
CA MET D 205 -16.96 -6.90 42.25
C MET D 205 -17.29 -6.13 43.52
N GLU D 206 -16.27 -5.53 44.11
CA GLU D 206 -16.44 -4.70 45.30
C GLU D 206 -15.85 -3.32 45.06
N PRO D 207 -16.70 -2.30 44.88
CA PRO D 207 -18.16 -2.39 44.86
C PRO D 207 -18.66 -2.97 43.55
N PRO D 208 -19.91 -3.44 43.51
CA PRO D 208 -20.44 -3.93 42.23
C PRO D 208 -20.51 -2.82 41.20
N PHE D 209 -20.27 -3.17 39.94
CA PHE D 209 -20.26 -2.18 38.86
C PHE D 209 -19.49 -0.91 39.22
N PRO D 210 -18.19 -1.06 39.53
CA PRO D 210 -17.36 0.04 40.03
C PRO D 210 -17.24 1.24 39.10
N ALA D 211 -17.24 1.02 37.79
CA ALA D 211 -17.18 2.14 36.87
C ALA D 211 -18.42 2.99 37.05
N HIS D 212 -19.59 2.36 36.97
CA HIS D 212 -20.84 3.07 37.22
C HIS D 212 -20.81 3.71 38.61
N ASN D 213 -20.49 2.92 39.61
CA ASN D 213 -20.48 3.42 40.98
C ASN D 213 -19.51 4.61 41.16
N LEU D 214 -18.25 4.42 40.81
CA LEU D 214 -17.22 5.41 41.14
C LEU D 214 -17.20 6.63 40.20
N LEU D 215 -17.36 6.40 38.89
CA LEU D 215 -17.38 7.54 37.97
C LEU D 215 -18.50 8.52 38.34
N HIS D 216 -19.67 7.98 38.62
CA HIS D 216 -20.83 8.83 38.85
C HIS D 216 -20.84 9.38 40.27
N ARG D 217 -20.24 8.65 41.21
CA ARG D 217 -19.98 9.20 42.53
C ARG D 217 -19.19 10.51 42.42
N ASP D 218 -18.27 10.55 41.46
CA ASP D 218 -17.38 11.70 41.25
C ASP D 218 -17.88 12.71 40.21
N ASN D 219 -19.13 12.59 39.78
CA ASN D 219 -19.74 13.54 38.86
C ASN D 219 -18.98 13.48 37.53
N CYS D 220 -18.58 12.27 37.15
CA CYS D 220 -17.90 12.02 35.88
C CYS D 220 -18.78 11.16 34.99
N PHE D 221 -18.31 10.94 33.76
CA PHE D 221 -19.14 10.39 32.70
C PHE D 221 -18.72 8.99 32.26
N GLY D 222 -19.66 8.25 31.70
CA GLY D 222 -19.37 6.99 31.06
C GLY D 222 -19.81 6.95 29.60
N LEU D 223 -19.11 6.16 28.79
CA LEU D 223 -19.47 5.90 27.40
C LEU D 223 -19.49 4.39 27.16
N ALA D 224 -20.47 3.93 26.38
CA ALA D 224 -20.59 2.52 26.07
C ALA D 224 -20.84 2.31 24.58
N SER D 225 -20.59 1.07 24.14
CA SER D 225 -20.73 0.66 22.75
C SER D 225 -19.98 1.57 21.78
N LEU D 226 -18.82 2.05 22.20
CA LEU D 226 -17.97 2.82 21.30
C LEU D 226 -17.51 1.93 20.14
N ALA D 227 -17.47 2.51 18.93
CA ALA D 227 -17.00 1.82 17.73
C ALA D 227 -15.70 2.40 17.21
N ASN D 228 -14.99 1.61 16.41
CA ASN D 228 -13.83 2.13 15.65
C ASN D 228 -12.69 2.70 16.50
N LEU D 229 -12.55 2.23 17.73
CA LEU D 229 -11.41 2.68 18.52
C LEU D 229 -10.13 2.20 17.87
N ASP D 230 -10.21 1.15 17.05
CA ASP D 230 -9.03 0.68 16.33
C ASP D 230 -8.50 1.70 15.32
N LYS D 231 -9.29 2.74 15.03
CA LYS D 231 -8.85 3.80 14.14
C LYS D 231 -8.17 4.98 14.85
N LEU D 232 -8.09 4.91 16.19
CA LEU D 232 -7.49 6.01 16.95
C LEU D 232 -6.10 5.65 17.44
N PRO D 233 -5.23 6.65 17.59
CA PRO D 233 -3.94 6.46 18.24
C PRO D 233 -4.08 6.38 19.76
N ALA D 234 -3.08 5.84 20.45
CA ALA D 234 -3.12 5.78 21.90
C ALA D 234 -3.27 7.17 22.50
N LYS D 235 -2.54 8.11 21.92
CA LYS D 235 -2.50 9.51 22.37
C LYS D 235 -2.70 10.45 21.20
N GLY D 236 -3.18 11.66 21.49
CA GLY D 236 -3.12 12.72 20.51
C GLY D 236 -4.46 13.04 19.88
N ALA D 237 -5.42 12.14 20.01
CA ALA D 237 -6.74 12.41 19.42
C ALA D 237 -7.61 13.17 20.40
N ILE D 238 -8.64 13.84 19.86
CA ILE D 238 -9.64 14.53 20.66
C ILE D 238 -10.94 13.75 20.52
N LEU D 239 -11.62 13.48 21.62
CA LEU D 239 -12.91 12.81 21.55
C LEU D 239 -14.05 13.78 21.86
N ILE D 240 -15.07 13.73 21.01
CA ILE D 240 -16.30 14.51 21.17
C ILE D 240 -17.42 13.54 21.50
N ALA D 241 -17.90 13.58 22.75
CA ALA D 241 -18.96 12.68 23.17
C ALA D 241 -20.02 13.47 23.93
N ALA D 242 -21.08 13.89 23.23
CA ALA D 242 -22.04 14.85 23.78
C ALA D 242 -23.45 14.26 23.77
N PRO D 243 -24.07 14.15 24.95
CA PRO D 243 -25.42 13.58 25.01
C PRO D 243 -26.45 14.57 24.49
N LEU D 244 -27.55 14.07 23.93
CA LEU D 244 -28.73 14.88 23.67
C LEU D 244 -29.14 15.61 24.95
N LYS D 245 -29.70 16.81 24.81
CA LYS D 245 -30.05 17.62 25.97
C LYS D 245 -31.40 17.18 26.57
N ILE D 246 -31.50 15.89 26.88
CA ILE D 246 -32.75 15.30 27.38
C ILE D 246 -33.13 15.90 28.74
N GLU D 247 -34.38 16.28 28.90
CA GLU D 247 -34.81 16.90 30.15
C GLU D 247 -34.65 15.94 31.32
N ARG D 248 -33.85 16.33 32.31
CA ARG D 248 -33.46 15.46 33.42
C ARG D 248 -33.00 14.10 32.92
N GLY D 249 -32.29 14.07 31.79
CA GLY D 249 -31.86 12.81 31.24
C GLY D 249 -30.75 12.19 32.05
N THR D 250 -30.74 10.86 32.14
CA THR D 250 -29.70 10.13 32.86
C THR D 250 -28.59 9.67 31.92
N GLY D 251 -28.80 9.86 30.63
CA GLY D 251 -27.86 9.41 29.63
C GLY D 251 -28.49 9.60 28.27
N SER D 252 -27.79 9.22 27.22
CA SER D 252 -28.28 9.50 25.87
C SER D 252 -27.49 8.75 24.82
N PRO D 253 -28.16 8.34 23.73
CA PRO D 253 -27.43 7.95 22.52
C PRO D 253 -26.58 9.12 22.08
N ILE D 254 -25.45 8.85 21.44
CA ILE D 254 -24.59 9.93 20.98
C ILE D 254 -24.01 9.60 19.62
N ARG D 255 -23.54 10.63 18.94
CA ARG D 255 -22.68 10.41 17.79
C ARG D 255 -21.27 10.70 18.26
N ALA D 256 -20.60 9.68 18.76
CA ALA D 256 -19.23 9.86 19.22
C ALA D 256 -18.32 10.10 18.02
N LEU D 257 -17.58 11.20 18.03
CA LEU D 257 -16.66 11.51 16.94
C LEU D 257 -15.28 11.80 17.51
N ALA D 258 -14.24 11.34 16.82
CA ALA D 258 -12.90 11.68 17.23
C ALA D 258 -12.18 12.48 16.15
N LEU D 259 -11.36 13.41 16.59
CA LEU D 259 -10.45 14.17 15.75
C LEU D 259 -9.05 13.54 15.83
N VAL D 260 -8.53 13.06 14.71
CA VAL D 260 -7.19 12.46 14.70
C VAL D 260 -6.27 13.13 13.69
N PRO D 261 -5.01 13.34 14.07
CA PRO D 261 -4.07 14.05 13.22
C PRO D 261 -3.53 13.10 12.15
N LYS D 262 -3.46 13.58 10.92
CA LYS D 262 -2.94 12.78 9.84
C LYS D 262 -1.66 13.42 9.33
N ALA D 263 -0.70 12.58 8.95
CA ALA D 263 0.54 13.08 8.42
C ALA D 263 0.69 12.64 6.98
N MET E 1 40.16 -68.40 20.26
CA MET E 1 38.77 -68.83 20.40
C MET E 1 37.80 -68.42 19.28
N SER E 2 37.74 -67.15 18.86
CA SER E 2 38.58 -66.04 19.29
C SER E 2 37.79 -65.00 20.08
N ALA E 3 38.47 -63.92 20.45
CA ALA E 3 37.80 -62.84 21.19
C ALA E 3 36.71 -62.23 20.32
N GLN E 4 37.02 -61.99 19.04
CA GLN E 4 36.04 -61.37 18.15
C GLN E 4 34.79 -62.21 17.95
N SER E 5 34.97 -63.51 17.71
CA SER E 5 33.80 -64.36 17.50
C SER E 5 33.02 -64.51 18.81
N ALA E 6 33.73 -64.41 19.94
CA ALA E 6 33.10 -64.38 21.25
C ALA E 6 32.21 -63.15 21.41
N LEU E 7 32.69 -61.99 20.97
CA LEU E 7 31.90 -60.77 21.08
C LEU E 7 30.86 -60.68 19.96
N SER E 8 31.22 -61.13 18.76
CA SER E 8 30.26 -61.17 17.67
C SER E 8 29.12 -62.13 18.02
N GLY E 9 29.50 -63.29 18.57
CA GLY E 9 28.53 -64.26 19.04
C GLY E 9 27.66 -63.69 20.14
N LEU E 10 28.29 -63.06 21.13
CA LEU E 10 27.56 -62.45 22.23
C LEU E 10 26.57 -61.40 21.72
N GLY E 11 27.06 -60.55 20.82
CA GLY E 11 26.25 -59.47 20.28
C GLY E 11 25.03 -60.03 19.60
N ALA E 12 25.20 -61.05 18.78
CA ALA E 12 24.11 -61.62 18.04
C ALA E 12 23.12 -62.23 19.00
N LYS E 13 23.63 -62.84 20.07
CA LYS E 13 22.77 -63.52 21.00
C LYS E 13 22.01 -62.56 21.91
N LEU E 14 22.60 -61.40 22.16
CA LEU E 14 21.89 -60.32 22.86
C LEU E 14 20.77 -59.75 22.00
N LEU E 15 21.10 -59.47 20.74
CA LEU E 15 20.13 -58.90 19.83
C LEU E 15 18.96 -59.86 19.62
N SER E 16 19.25 -61.15 19.58
CA SER E 16 18.22 -62.16 19.41
C SER E 16 17.45 -62.50 20.69
N GLY E 17 18.08 -62.28 21.84
CA GLY E 17 17.47 -62.68 23.10
C GLY E 17 17.94 -64.04 23.63
N GLU E 18 18.88 -64.67 22.92
CA GLU E 18 19.43 -65.96 23.36
C GLU E 18 20.28 -65.77 24.63
N VAL E 19 20.92 -64.61 24.74
CA VAL E 19 21.45 -64.17 26.03
C VAL E 19 20.51 -63.10 26.55
N GLU E 20 20.05 -63.28 27.79
CA GLU E 20 19.10 -62.37 28.39
C GLU E 20 19.76 -61.46 29.41
N VAL E 21 19.45 -60.16 29.31
CA VAL E 21 19.91 -59.15 30.25
C VAL E 21 18.88 -59.09 31.38
N VAL E 22 19.30 -59.45 32.60
CA VAL E 22 18.45 -59.36 33.78
C VAL E 22 18.72 -58.06 34.52
N ASP E 23 17.67 -57.29 34.81
CA ASP E 23 17.79 -56.04 35.57
C ASP E 23 17.95 -56.34 37.07
N CYS E 24 19.14 -56.12 37.62
CA CYS E 24 19.36 -56.40 39.04
C CYS E 24 19.31 -55.15 39.92
N THR E 25 18.51 -54.19 39.48
CA THR E 25 18.51 -52.86 40.09
C THR E 25 17.12 -52.50 40.59
N GLY E 26 17.06 -51.87 41.75
CA GLY E 26 15.81 -51.37 42.27
C GLY E 26 15.56 -49.96 41.78
N VAL E 27 14.31 -49.51 41.82
CA VAL E 27 13.99 -48.15 41.38
C VAL E 27 14.63 -47.11 42.32
N LEU E 28 15.23 -46.09 41.71
CA LEU E 28 15.93 -45.04 42.45
C LEU E 28 15.06 -43.80 42.52
N GLY E 29 14.58 -43.46 43.72
CA GLY E 29 13.67 -42.34 43.88
C GLY E 29 13.50 -42.00 45.35
N PRO E 30 12.62 -41.05 45.66
CA PRO E 30 12.44 -40.62 47.05
C PRO E 30 12.07 -41.74 48.02
N ASN E 31 11.41 -42.80 47.56
CA ASN E 31 11.05 -43.91 48.45
C ASN E 31 12.11 -45.02 48.55
N THR E 32 13.19 -44.91 47.80
CA THR E 32 14.31 -45.86 47.90
C THR E 32 14.80 -45.95 49.34
N PRO E 33 14.87 -47.17 49.91
CA PRO E 33 15.40 -47.30 51.26
C PRO E 33 16.84 -46.83 51.34
N ILE E 34 17.12 -46.03 52.36
CA ILE E 34 18.44 -45.44 52.57
C ILE E 34 18.92 -45.78 53.99
N LEU E 35 20.19 -46.15 54.12
CA LEU E 35 20.76 -46.47 55.44
C LEU E 35 20.46 -45.42 56.52
N GLN E 36 20.17 -45.89 57.73
CA GLN E 36 20.09 -45.00 58.90
C GLN E 36 21.13 -45.37 59.93
N LEU E 37 21.88 -44.37 60.35
CA LEU E 37 22.93 -44.53 61.35
C LEU E 37 22.56 -43.77 62.61
N PRO E 38 23.09 -44.20 63.76
CA PRO E 38 22.86 -43.43 65.00
C PRO E 38 23.45 -42.01 64.88
N PRO E 39 22.61 -40.97 65.08
CA PRO E 39 23.04 -39.57 64.95
C PRO E 39 24.24 -39.19 65.81
N ASP E 40 24.42 -39.86 66.95
CA ASP E 40 25.56 -39.58 67.81
C ASP E 40 26.80 -40.32 67.34
N PHE E 41 26.60 -41.24 66.40
CA PHE E 41 27.70 -42.01 65.84
C PHE E 41 28.20 -41.40 64.54
N ALA E 42 27.26 -41.08 63.63
CA ALA E 42 27.67 -40.52 62.34
C ALA E 42 26.55 -39.74 61.68
N LYS E 43 26.93 -38.87 60.74
CA LYS E 43 25.97 -38.14 59.93
C LYS E 43 25.36 -39.10 58.92
N ASN E 44 24.11 -38.86 58.56
CA ASN E 44 23.42 -39.73 57.62
C ASN E 44 23.60 -39.30 56.17
N THR E 45 23.59 -40.27 55.26
CA THR E 45 23.55 -39.96 53.85
C THR E 45 22.10 -39.59 53.50
N PRO E 46 21.91 -38.62 52.59
CA PRO E 46 20.57 -38.03 52.46
C PRO E 46 19.57 -38.87 51.66
N LYS E 47 18.29 -38.66 51.94
CA LYS E 47 17.23 -39.29 51.16
C LYS E 47 17.29 -38.79 49.72
N VAL E 48 16.94 -39.65 48.78
CA VAL E 48 16.94 -39.29 47.36
C VAL E 48 15.86 -38.27 47.08
N GLU E 49 16.21 -37.22 46.34
CA GLU E 49 15.24 -36.23 45.87
C GLU E 49 15.25 -36.18 44.35
N ILE E 50 14.08 -36.15 43.74
CA ILE E 50 14.00 -35.91 42.29
C ILE E 50 13.23 -34.61 42.06
N HIS E 51 13.87 -33.64 41.42
CA HIS E 51 13.27 -32.32 41.17
C HIS E 51 13.00 -32.09 39.69
N LYS E 52 11.79 -31.67 39.35
CA LYS E 52 11.48 -31.36 37.96
C LYS E 52 12.18 -30.08 37.50
N ILE E 53 12.82 -30.14 36.34
CA ILE E 53 13.31 -28.91 35.72
C ILE E 53 12.22 -28.43 34.77
N SER E 54 11.75 -29.33 33.92
CA SER E 54 10.61 -29.06 33.06
C SER E 54 9.96 -30.36 32.61
N GLU E 55 8.73 -30.27 32.15
CA GLU E 55 8.09 -31.36 31.40
C GLU E 55 7.21 -30.77 30.31
N TYR E 56 7.84 -30.49 29.16
CA TYR E 56 7.16 -29.90 28.01
C TYR E 56 6.25 -28.74 28.43
N ASP E 57 6.84 -27.75 29.08
CA ASP E 57 6.08 -26.62 29.64
C ASP E 57 6.85 -25.31 29.49
N SER E 58 6.39 -24.25 30.13
CA SER E 58 7.01 -22.94 29.94
C SER E 58 8.45 -22.89 30.48
N ASP E 59 8.81 -23.87 31.31
CA ASP E 59 10.19 -23.96 31.81
C ASP E 59 11.10 -24.74 30.87
N GLY E 60 10.52 -25.37 29.85
CA GLY E 60 11.26 -26.17 28.89
C GLY E 60 10.25 -26.80 27.94
N PRO E 61 9.90 -26.09 26.85
CA PRO E 61 8.74 -26.38 26.00
C PRO E 61 8.77 -27.74 25.30
N PHE E 62 9.95 -28.25 24.93
CA PHE E 62 10.00 -29.40 24.04
C PHE E 62 10.64 -30.62 24.69
N PHE E 63 10.87 -30.55 26.00
CA PHE E 63 11.65 -31.57 26.66
C PHE E 63 11.30 -31.69 28.15
N ALA E 64 11.66 -32.84 28.71
CA ALA E 64 11.43 -33.13 30.11
C ALA E 64 12.74 -33.57 30.72
N TRP E 65 13.01 -33.10 31.93
CA TRP E 65 14.20 -33.52 32.65
C TRP E 65 14.15 -33.08 34.11
N ASN E 66 14.93 -33.79 34.91
CA ASN E 66 14.97 -33.61 36.35
C ASN E 66 16.40 -33.44 36.85
N TRP E 67 16.55 -32.98 38.10
CA TRP E 67 17.83 -33.06 38.79
C TRP E 67 17.61 -33.70 40.16
N MET E 68 18.68 -34.20 40.75
CA MET E 68 18.55 -35.01 41.96
C MET E 68 19.46 -34.54 43.08
N VAL E 69 19.02 -34.80 44.30
CA VAL E 69 19.89 -34.86 45.47
C VAL E 69 20.14 -36.36 45.67
N LEU E 70 21.41 -36.77 45.58
CA LEU E 70 21.71 -38.18 45.42
C LEU E 70 23.02 -38.52 46.11
N GLY E 71 22.90 -39.21 47.25
CA GLY E 71 24.08 -39.75 47.91
C GLY E 71 24.74 -40.80 47.04
N GLU E 72 26.07 -40.87 47.07
CA GLU E 72 26.80 -41.97 46.45
C GLU E 72 26.21 -43.34 46.83
N HIS E 73 25.91 -43.48 48.12
CA HIS E 73 25.48 -44.78 48.64
C HIS E 73 23.96 -44.81 48.72
N SER E 74 23.32 -44.90 47.56
CA SER E 74 21.87 -44.81 47.44
C SER E 74 21.29 -45.89 46.53
N GLY E 75 20.35 -46.68 47.05
CA GLY E 75 19.71 -47.70 46.24
C GLY E 75 20.69 -48.77 45.85
N THR E 76 20.40 -49.47 44.76
CA THR E 76 21.34 -50.43 44.22
C THR E 76 22.62 -49.69 43.94
N HIS E 77 23.70 -50.07 44.62
CA HIS E 77 24.90 -49.26 44.53
C HIS E 77 26.19 -50.01 44.80
N PHE E 78 27.27 -49.31 44.52
CA PHE E 78 28.61 -49.85 44.47
C PHE E 78 29.44 -49.19 45.56
N ASP E 79 30.19 -50.00 46.30
CA ASP E 79 31.16 -49.53 47.29
C ASP E 79 32.58 -49.64 46.76
N ALA E 80 33.29 -48.52 46.64
CA ALA E 80 34.69 -48.53 46.24
C ALA E 80 35.57 -48.63 47.51
N PRO E 81 36.83 -49.10 47.37
CA PRO E 81 37.61 -49.32 48.58
C PRO E 81 37.82 -48.08 49.45
N HIS E 82 37.82 -46.88 48.86
CA HIS E 82 38.00 -45.67 49.66
C HIS E 82 36.86 -45.46 50.65
N HIS E 83 35.72 -46.09 50.39
CA HIS E 83 34.58 -46.00 51.29
C HIS E 83 34.93 -46.39 52.74
N TRP E 84 35.86 -47.34 52.93
CA TRP E 84 36.22 -47.72 54.29
C TRP E 84 37.63 -47.26 54.63
N ILE E 85 37.87 -47.03 55.93
CA ILE E 85 39.17 -46.58 56.40
C ILE E 85 40.26 -47.59 56.02
N THR E 86 39.91 -48.87 55.94
CA THR E 86 40.90 -49.91 55.61
C THR E 86 41.32 -49.84 54.14
N GLY E 87 40.51 -49.20 53.31
CA GLY E 87 40.82 -49.07 51.90
C GLY E 87 41.35 -47.70 51.53
N LYS E 88 41.60 -46.86 52.54
CA LYS E 88 41.86 -45.44 52.30
C LYS E 88 43.13 -45.15 51.49
N ASP E 89 44.11 -46.03 51.55
CA ASP E 89 45.41 -45.71 50.96
C ASP E 89 45.56 -46.18 49.51
N TYR E 90 44.58 -46.88 48.97
CA TYR E 90 44.64 -47.32 47.57
C TYR E 90 44.37 -46.15 46.63
N SER E 91 45.36 -45.79 45.80
CA SER E 91 45.18 -44.70 44.84
C SER E 91 44.13 -45.06 43.80
N ASP E 92 44.00 -46.35 43.52
CA ASP E 92 42.98 -46.82 42.59
C ASP E 92 41.70 -47.20 43.33
N GLY E 93 41.53 -46.67 44.54
CA GLY E 93 40.39 -47.04 45.36
C GLY E 93 39.14 -46.18 45.18
N PHE E 94 39.16 -45.30 44.19
CA PHE E 94 38.03 -44.39 43.94
C PHE E 94 37.27 -44.82 42.69
N THR E 95 36.04 -44.35 42.56
CA THR E 95 35.22 -44.74 41.42
C THR E 95 35.81 -44.26 40.11
N ASP E 96 36.62 -43.20 40.16
CA ASP E 96 37.25 -42.66 38.96
C ASP E 96 38.68 -43.17 38.76
N THR E 97 39.20 -44.00 39.66
CA THR E 97 40.58 -44.46 39.50
C THR E 97 40.69 -45.98 39.52
N LEU E 98 39.59 -46.65 39.81
CA LEU E 98 39.60 -48.12 39.85
C LEU E 98 39.67 -48.70 38.43
N ASP E 99 39.98 -50.00 38.36
CA ASP E 99 40.24 -50.66 37.08
C ASP E 99 38.93 -51.21 36.51
N VAL E 100 38.41 -50.61 35.43
CA VAL E 100 37.10 -51.02 34.91
C VAL E 100 37.10 -52.46 34.40
N GLN E 101 38.29 -53.00 34.14
CA GLN E 101 38.43 -54.37 33.66
C GLN E 101 37.85 -55.36 34.67
N ARG E 102 37.85 -54.95 35.94
CA ARG E 102 37.43 -55.83 37.02
C ARG E 102 35.93 -55.89 37.22
N LEU E 103 35.21 -54.93 36.64
CA LEU E 103 33.81 -54.67 37.00
C LEU E 103 32.81 -55.68 36.45
N ILE E 104 33.19 -56.38 35.40
CA ILE E 104 32.34 -57.34 34.74
C ILE E 104 32.94 -58.73 34.90
N ALA E 105 32.21 -59.64 35.54
CA ALA E 105 32.78 -60.95 35.85
C ALA E 105 31.69 -61.97 36.08
N PRO E 106 32.04 -63.27 35.98
CA PRO E 106 31.09 -64.29 36.41
C PRO E 106 30.62 -64.03 37.83
N VAL E 107 29.36 -64.36 38.11
CA VAL E 107 28.83 -64.16 39.44
C VAL E 107 28.42 -65.50 40.04
N ASN E 108 28.70 -65.62 41.34
CA ASN E 108 28.27 -66.78 42.09
C ASN E 108 27.11 -66.35 42.95
N VAL E 109 25.96 -66.94 42.71
CA VAL E 109 24.75 -66.56 43.43
C VAL E 109 24.43 -67.62 44.48
N ILE E 110 24.66 -67.27 45.74
CA ILE E 110 24.43 -68.18 46.86
C ILE E 110 23.05 -67.94 47.43
N ASP E 111 22.13 -68.89 47.20
CA ASP E 111 20.75 -68.68 47.57
C ASP E 111 20.54 -68.90 49.09
N CYS E 112 20.22 -67.82 49.80
CA CYS E 112 20.03 -67.87 51.25
C CYS E 112 18.64 -67.38 51.61
N SER E 113 17.73 -67.43 50.64
CA SER E 113 16.40 -66.89 50.80
C SER E 113 15.56 -67.64 51.85
N LYS E 114 15.62 -68.97 51.86
CA LYS E 114 14.87 -69.74 52.86
C LYS E 114 15.41 -69.48 54.27
N GLU E 115 16.73 -69.52 54.39
CA GLU E 115 17.41 -69.27 55.66
C GLU E 115 17.09 -67.87 56.20
N SER E 116 17.05 -66.88 55.29
CA SER E 116 16.82 -65.50 55.70
C SER E 116 15.37 -65.24 56.02
N ALA E 117 14.48 -66.01 55.41
CA ALA E 117 13.06 -65.90 55.73
C ALA E 117 12.83 -66.46 57.12
N ALA E 118 13.61 -67.47 57.48
CA ALA E 118 13.48 -68.10 58.79
C ALA E 118 14.13 -67.25 59.89
N ASP E 119 15.21 -66.56 59.53
CA ASP E 119 15.99 -65.81 60.50
C ASP E 119 16.54 -64.56 59.86
N PRO E 120 16.00 -63.38 60.25
CA PRO E 120 16.44 -62.12 59.63
C PRO E 120 17.89 -61.80 59.95
N ASP E 121 18.46 -62.46 60.95
CA ASP E 121 19.87 -62.26 61.27
C ASP E 121 20.76 -63.37 60.76
N PHE E 122 20.25 -64.15 59.81
CA PHE E 122 21.02 -65.25 59.23
C PHE E 122 22.41 -64.80 58.78
N LEU E 123 23.42 -65.58 59.13
CA LEU E 123 24.79 -65.28 58.73
C LEU E 123 25.31 -66.38 57.81
N LEU E 124 25.70 -66.00 56.60
CA LEU E 124 26.42 -66.92 55.72
C LEU E 124 27.84 -67.13 56.23
N THR E 125 28.22 -68.39 56.46
CA THR E 125 29.54 -68.70 57.01
C THR E 125 30.51 -69.28 55.97
N ALA E 126 31.78 -69.34 56.34
CA ALA E 126 32.78 -70.00 55.51
C ALA E 126 32.38 -71.45 55.22
N ASP E 127 31.93 -72.16 56.24
CA ASP E 127 31.58 -73.57 56.07
C ASP E 127 30.45 -73.72 55.06
N LEU E 128 29.44 -72.85 55.17
CA LEU E 128 28.30 -72.89 54.26
C LEU E 128 28.70 -72.56 52.83
N ILE E 129 29.64 -71.64 52.67
CA ILE E 129 30.13 -71.32 51.33
C ILE E 129 30.89 -72.51 50.72
N LYS E 130 31.68 -73.19 51.54
CA LYS E 130 32.42 -74.34 51.06
C LYS E 130 31.46 -75.45 50.62
N ALA E 131 30.38 -75.65 51.36
CA ALA E 131 29.38 -76.63 50.98
C ALA E 131 28.77 -76.25 49.62
N TRP E 132 28.42 -74.98 49.49
CA TRP E 132 27.91 -74.45 48.23
C TRP E 132 28.86 -74.74 47.06
N GLU E 133 30.15 -74.50 47.27
CA GLU E 133 31.17 -74.77 46.25
C GLU E 133 31.26 -76.26 45.89
N ALA E 134 31.12 -77.10 46.91
CA ALA E 134 31.17 -78.54 46.71
C ALA E 134 30.08 -78.95 45.73
N GLU E 135 28.93 -78.28 45.82
CA GLU E 135 27.80 -78.58 44.96
C GLU E 135 27.86 -77.88 43.59
N HIS E 136 28.21 -76.60 43.56
CA HIS E 136 28.07 -75.80 42.35
C HIS E 136 29.39 -75.53 41.63
N GLY E 137 30.52 -75.69 42.32
CA GLY E 137 31.81 -75.41 41.74
C GLY E 137 32.54 -74.35 42.54
N GLU E 138 33.87 -74.39 42.48
CA GLU E 138 34.71 -73.48 43.27
C GLU E 138 34.44 -72.05 42.84
N ILE E 139 34.51 -71.14 43.82
CA ILE E 139 34.50 -69.72 43.51
C ILE E 139 35.89 -69.33 43.04
N GLY E 140 35.98 -68.67 41.89
CA GLY E 140 37.28 -68.39 41.31
C GLY E 140 37.73 -66.95 41.41
N ALA E 141 39.01 -66.75 41.11
CA ALA E 141 39.63 -65.43 41.07
C ALA E 141 38.84 -64.44 40.22
N GLY E 142 38.68 -63.22 40.72
CA GLY E 142 38.06 -62.14 39.98
C GLY E 142 36.54 -62.19 39.87
N GLU E 143 35.92 -63.22 40.42
CA GLU E 143 34.48 -63.38 40.33
C GLU E 143 33.73 -62.56 41.38
N TRP E 144 32.48 -62.23 41.05
CA TRP E 144 31.55 -61.63 41.99
C TRP E 144 30.92 -62.73 42.81
N VAL E 145 30.65 -62.46 44.10
CA VAL E 145 29.87 -63.36 44.93
C VAL E 145 28.71 -62.57 45.51
N VAL E 146 27.49 -63.02 45.29
CA VAL E 146 26.37 -62.29 45.86
C VAL E 146 25.51 -63.20 46.70
N MET E 147 25.04 -62.64 47.81
CA MET E 147 24.21 -63.37 48.75
C MET E 147 22.76 -63.07 48.43
N ARG E 148 22.08 -64.06 47.84
CA ARG E 148 20.66 -63.93 47.54
C ARG E 148 19.83 -64.16 48.80
N THR E 149 19.00 -63.19 49.14
CA THR E 149 18.16 -63.30 50.33
C THR E 149 16.72 -62.95 50.01
N ASP E 150 16.51 -62.50 48.78
CA ASP E 150 15.25 -61.93 48.32
C ASP E 150 14.77 -60.82 49.26
N TRP E 151 15.73 -60.07 49.82
CA TRP E 151 15.39 -58.92 50.64
C TRP E 151 14.70 -57.85 49.80
N ASP E 152 14.89 -57.90 48.48
CA ASP E 152 14.29 -56.89 47.60
C ASP E 152 12.76 -56.92 47.68
N LYS E 153 12.20 -58.03 48.13
CA LYS E 153 10.76 -58.08 48.36
C LYS E 153 10.31 -57.00 49.35
N ARG E 154 11.23 -56.52 50.17
CA ARG E 154 10.92 -55.51 51.20
C ARG E 154 11.21 -54.09 50.72
N ALA E 155 11.72 -53.94 49.50
CA ALA E 155 12.23 -52.65 49.03
C ALA E 155 11.16 -51.55 48.92
N GLY E 156 9.88 -51.91 48.93
CA GLY E 156 8.83 -50.92 48.81
C GLY E 156 8.48 -50.27 50.15
N ASP E 157 9.16 -50.70 51.21
CA ASP E 157 8.88 -50.22 52.55
C ASP E 157 10.19 -50.04 53.31
N GLU E 158 10.68 -48.80 53.42
CA GLU E 158 11.97 -48.58 54.06
C GLU E 158 12.07 -49.21 55.45
N ALA E 159 11.05 -49.03 56.29
CA ALA E 159 11.07 -49.61 57.64
C ALA E 159 11.22 -51.14 57.59
N ALA E 160 10.51 -51.78 56.67
CA ALA E 160 10.60 -53.23 56.53
C ALA E 160 11.95 -53.66 55.95
N PHE E 161 12.54 -52.80 55.11
CA PHE E 161 13.78 -53.12 54.44
C PHE E 161 14.95 -53.06 55.44
N LEU E 162 14.96 -52.02 56.26
CA LEU E 162 15.99 -51.88 57.28
C LEU E 162 15.72 -52.86 58.42
N ASN E 163 14.43 -53.09 58.70
CA ASN E 163 14.00 -54.11 59.66
C ASN E 163 14.64 -53.93 61.04
N ALA E 164 14.57 -52.72 61.58
CA ALA E 164 15.19 -52.43 62.86
C ALA E 164 14.22 -52.55 64.03
N ASP E 165 14.75 -52.91 65.19
CA ASP E 165 14.02 -52.78 66.45
C ASP E 165 14.94 -52.14 67.49
N GLU E 166 14.63 -52.31 68.78
CA GLU E 166 15.41 -51.62 69.81
C GLU E 166 16.91 -51.94 69.80
N THR E 167 17.29 -53.09 69.27
CA THR E 167 18.72 -53.41 69.25
C THR E 167 19.35 -53.15 67.87
N GLY E 168 18.63 -52.46 66.98
CA GLY E 168 19.21 -52.08 65.70
C GLY E 168 18.65 -52.84 64.52
N PRO E 169 19.29 -52.68 63.34
CA PRO E 169 18.79 -53.32 62.13
C PRO E 169 18.94 -54.83 62.19
N HIS E 170 18.00 -55.56 61.57
CA HIS E 170 18.11 -57.00 61.51
C HIS E 170 17.95 -57.48 60.08
N SER E 171 19.09 -57.72 59.45
CA SER E 171 19.13 -58.15 58.05
C SER E 171 20.32 -59.09 57.89
N PRO E 172 20.22 -60.02 56.93
CA PRO E 172 21.23 -61.09 56.82
C PRO E 172 22.53 -60.57 56.21
N GLY E 173 23.62 -61.29 56.42
CA GLY E 173 24.91 -60.90 55.86
C GLY E 173 25.97 -61.96 56.13
N PRO E 174 27.24 -61.65 55.85
CA PRO E 174 28.28 -62.65 56.01
C PRO E 174 28.96 -62.59 57.39
N THR E 175 29.60 -63.66 57.83
CA THR E 175 30.53 -63.60 58.96
C THR E 175 31.90 -63.05 58.52
N PRO E 176 32.74 -62.63 59.48
CA PRO E 176 34.12 -62.28 59.16
C PRO E 176 34.85 -63.42 58.44
N ASP E 177 34.66 -64.65 58.90
CA ASP E 177 35.36 -65.79 58.33
C ASP E 177 34.88 -66.09 56.91
N ALA E 178 33.61 -65.83 56.63
CA ALA E 178 33.08 -65.96 55.27
C ALA E 178 33.82 -65.03 54.32
N ILE E 179 33.94 -63.78 54.72
CA ILE E 179 34.56 -62.79 53.85
C ILE E 179 36.05 -63.05 53.71
N GLU E 180 36.71 -63.42 54.80
CA GLU E 180 38.12 -63.81 54.72
C GLU E 180 38.32 -64.97 53.76
N TYR E 181 37.45 -65.97 53.83
CA TYR E 181 37.60 -67.13 52.95
C TYR E 181 37.42 -66.71 51.48
N LEU E 182 36.38 -65.94 51.20
CA LEU E 182 36.17 -65.41 49.83
C LEU E 182 37.36 -64.63 49.31
N LEU E 183 37.96 -63.81 50.18
CA LEU E 183 39.11 -63.02 49.75
C LEU E 183 40.33 -63.90 49.49
N SER E 184 40.41 -65.03 50.15
CA SER E 184 41.50 -65.98 49.88
C SER E 184 41.36 -66.59 48.48
N LYS E 185 40.15 -66.56 47.94
CA LYS E 185 39.85 -67.01 46.60
C LYS E 185 40.07 -65.91 45.57
N LYS E 186 40.42 -64.72 46.05
CA LYS E 186 40.71 -63.55 45.23
C LYS E 186 39.49 -63.08 44.40
N ILE E 187 38.31 -63.12 44.99
CA ILE E 187 37.13 -62.54 44.36
C ILE E 187 37.32 -61.05 44.05
N VAL E 188 36.50 -60.51 43.15
CA VAL E 188 36.57 -59.09 42.91
C VAL E 188 35.71 -58.35 43.94
N GLY E 189 34.65 -58.99 44.41
CA GLY E 189 33.76 -58.30 45.32
C GLY E 189 32.53 -59.08 45.74
N TRP E 190 31.78 -58.49 46.65
CA TRP E 190 30.72 -59.17 47.36
C TRP E 190 29.47 -58.32 47.33
N GLY E 191 28.34 -58.96 47.03
CA GLY E 191 27.10 -58.23 46.90
C GLY E 191 26.01 -58.73 47.80
N SER E 192 25.15 -57.80 48.21
CA SER E 192 24.00 -58.10 49.03
C SER E 192 22.72 -57.51 48.48
N GLN E 193 21.57 -58.01 48.94
CA GLN E 193 20.29 -57.41 48.59
C GLN E 193 19.79 -56.50 49.71
N CYS E 194 20.55 -56.45 50.80
CA CYS E 194 20.14 -55.59 51.91
C CYS E 194 20.74 -54.20 51.76
N ILE E 195 20.52 -53.36 52.76
CA ILE E 195 20.89 -51.95 52.63
C ILE E 195 22.41 -51.78 52.50
N GLY E 196 23.17 -52.75 53.02
CA GLY E 196 24.62 -52.72 52.96
C GLY E 196 25.17 -54.12 52.75
N THR E 197 26.49 -54.22 52.62
CA THR E 197 27.16 -55.49 52.38
C THR E 197 27.25 -56.35 53.64
N ASP E 198 26.99 -55.73 54.78
CA ASP E 198 27.11 -56.43 56.05
C ASP E 198 25.74 -56.76 56.63
N ALA E 199 25.70 -57.73 57.53
CA ALA E 199 24.48 -58.05 58.27
C ALA E 199 24.06 -56.80 59.04
N GLY E 200 22.77 -56.67 59.30
CA GLY E 200 22.28 -55.52 60.04
C GLY E 200 22.97 -55.36 61.39
N GLN E 201 23.34 -56.48 61.99
CA GLN E 201 23.93 -56.51 63.32
C GLN E 201 25.45 -56.65 63.27
N ALA E 202 26.06 -56.19 62.18
CA ALA E 202 27.51 -56.33 61.98
C ALA E 202 28.34 -55.45 62.92
N GLY E 203 27.73 -54.39 63.45
CA GLY E 203 28.38 -53.51 64.39
C GLY E 203 29.01 -54.17 65.60
N GLY E 204 28.48 -55.32 66.00
CA GLY E 204 28.98 -56.05 67.15
C GLY E 204 29.85 -57.23 66.77
N MET E 205 30.13 -57.35 65.48
CA MET E 205 31.05 -58.37 65.00
C MET E 205 32.50 -57.95 65.25
N GLU E 206 33.43 -58.88 65.02
CA GLU E 206 34.85 -58.58 65.13
C GLU E 206 35.61 -59.01 63.88
N PRO E 207 36.03 -58.03 63.05
CA PRO E 207 35.85 -56.60 63.30
C PRO E 207 34.44 -56.16 62.98
N PRO E 208 34.02 -55.00 63.50
CA PRO E 208 32.74 -54.42 63.13
C PRO E 208 32.64 -54.25 61.61
N PHE E 209 31.49 -54.60 61.06
CA PHE E 209 31.24 -54.49 59.62
C PHE E 209 32.34 -55.15 58.82
N PRO E 210 32.50 -56.48 58.97
CA PRO E 210 33.64 -57.17 58.35
C PRO E 210 33.64 -57.15 56.81
N ALA E 211 32.49 -57.21 56.14
CA ALA E 211 32.50 -57.12 54.69
C ALA E 211 33.16 -55.80 54.31
N HIS E 212 32.67 -54.70 54.87
CA HIS E 212 33.25 -53.39 54.56
C HIS E 212 34.73 -53.37 54.90
N ASN E 213 35.02 -53.79 56.12
CA ASN E 213 36.37 -53.72 56.62
C ASN E 213 37.31 -54.51 55.72
N LEU E 214 37.00 -55.80 55.53
CA LEU E 214 37.93 -56.71 54.86
C LEU E 214 37.92 -56.57 53.34
N LEU E 215 36.75 -56.40 52.73
CA LEU E 215 36.71 -56.21 51.28
C LEU E 215 37.58 -55.03 50.89
N HIS E 216 37.41 -53.94 51.60
CA HIS E 216 38.07 -52.72 51.16
C HIS E 216 39.54 -52.72 51.57
N ARG E 217 39.86 -53.46 52.64
CA ARG E 217 41.25 -53.73 52.99
C ARG E 217 42.02 -54.32 51.82
N ASP E 218 41.33 -55.16 51.03
CA ASP E 218 42.01 -55.87 49.95
C ASP E 218 41.74 -55.27 48.57
N ASN E 219 41.27 -54.02 48.54
CA ASN E 219 41.03 -53.30 47.29
C ASN E 219 39.94 -54.02 46.48
N CYS E 220 38.95 -54.54 47.19
CA CYS E 220 37.82 -55.19 46.57
C CYS E 220 36.55 -54.39 46.77
N PHE E 221 35.49 -54.79 46.06
CA PHE E 221 34.30 -53.97 45.89
C PHE E 221 33.11 -54.54 46.65
N GLY E 222 32.15 -53.70 46.96
CA GLY E 222 30.92 -54.19 47.56
C GLY E 222 29.71 -53.72 46.77
N LEU E 223 28.63 -54.51 46.79
CA LEU E 223 27.38 -54.12 46.14
C LEU E 223 26.25 -54.24 47.14
N ALA E 224 25.31 -53.30 47.12
CA ALA E 224 24.17 -53.35 48.03
C ALA E 224 22.84 -53.08 47.33
N SER E 225 21.75 -53.46 47.99
CA SER E 225 20.39 -53.35 47.47
C SER E 225 20.21 -53.97 46.07
N LEU E 226 20.93 -55.05 45.79
CA LEU E 226 20.73 -55.77 44.54
C LEU E 226 19.32 -56.33 44.45
N ALA E 227 18.74 -56.29 43.25
CA ALA E 227 17.40 -56.79 43.01
C ALA E 227 17.42 -58.01 42.10
N ASN E 228 16.38 -58.83 42.19
CA ASN E 228 16.14 -59.88 41.20
C ASN E 228 17.23 -60.95 41.11
N LEU E 229 17.93 -61.19 42.19
CA LEU E 229 18.88 -62.29 42.21
C LEU E 229 18.17 -63.62 42.05
N ASP E 230 16.87 -63.63 42.36
CA ASP E 230 16.06 -64.84 42.19
C ASP E 230 15.84 -65.18 40.71
N LYS E 231 16.24 -64.29 39.82
CA LYS E 231 16.20 -64.55 38.37
C LYS E 231 17.51 -65.10 37.86
N LEU E 232 18.51 -65.23 38.74
CA LEU E 232 19.85 -65.67 38.32
C LEU E 232 20.13 -67.11 38.72
N PRO E 233 20.92 -67.81 37.91
CA PRO E 233 21.36 -69.14 38.29
C PRO E 233 22.49 -69.05 39.31
N ALA E 234 22.70 -70.11 40.09
CA ALA E 234 23.82 -70.21 41.00
C ALA E 234 25.14 -69.96 40.28
N LYS E 235 25.29 -70.56 39.11
CA LYS E 235 26.52 -70.45 38.31
C LYS E 235 26.21 -70.06 36.87
N GLY E 236 27.17 -69.43 36.19
CA GLY E 236 27.11 -69.26 34.74
C GLY E 236 26.66 -67.88 34.27
N ALA E 237 26.15 -67.06 35.16
CA ALA E 237 25.78 -65.70 34.78
C ALA E 237 26.99 -64.75 34.87
N ILE E 238 26.89 -63.65 34.13
CA ILE E 238 27.87 -62.59 34.16
C ILE E 238 27.26 -61.36 34.79
N LEU E 239 27.90 -60.78 35.80
CA LEU E 239 27.39 -59.56 36.44
C LEU E 239 28.15 -58.33 35.99
N ILE E 240 27.40 -57.30 35.57
CA ILE E 240 27.96 -55.99 35.21
C ILE E 240 27.59 -55.01 36.30
N ALA E 241 28.57 -54.52 37.05
CA ALA E 241 28.27 -53.64 38.17
C ALA E 241 29.26 -52.47 38.20
N ALA E 242 28.90 -51.37 37.54
CA ALA E 242 29.86 -50.33 37.22
C ALA E 242 29.42 -49.00 37.82
N PRO E 243 30.28 -48.42 38.67
CA PRO E 243 29.95 -47.14 39.29
C PRO E 243 30.10 -45.99 38.32
N LEU E 244 29.26 -44.97 38.46
CA LEU E 244 29.49 -43.69 37.81
C LEU E 244 30.92 -43.22 38.08
N LYS E 245 31.51 -42.51 37.12
CA LYS E 245 32.90 -42.11 37.26
C LYS E 245 33.02 -40.84 38.12
N ILE E 246 32.49 -40.91 39.34
CA ILE E 246 32.44 -39.77 40.23
C ILE E 246 33.87 -39.36 40.65
N GLU E 247 34.16 -38.07 40.61
CA GLU E 247 35.47 -37.56 40.98
C GLU E 247 35.78 -37.87 42.45
N ARG E 248 36.85 -38.64 42.67
CA ARG E 248 37.24 -39.14 44.00
C ARG E 248 36.06 -39.80 44.70
N GLY E 249 35.22 -40.50 43.94
CA GLY E 249 34.01 -41.08 44.51
C GLY E 249 34.30 -42.27 45.39
N THR E 250 33.54 -42.43 46.47
CA THR E 250 33.71 -43.60 47.37
C THR E 250 32.77 -44.73 47.01
N GLY E 251 31.88 -44.45 46.06
CA GLY E 251 30.85 -45.38 45.68
C GLY E 251 29.90 -44.69 44.72
N SER E 252 28.86 -45.40 44.31
CA SER E 252 27.92 -44.87 43.31
C SER E 252 26.67 -45.72 43.18
N PRO E 253 25.52 -45.06 42.95
CA PRO E 253 24.39 -45.84 42.44
C PRO E 253 24.80 -46.49 41.16
N ILE E 254 24.23 -47.65 40.84
CA ILE E 254 24.59 -48.35 39.60
C ILE E 254 23.34 -48.90 38.95
N ARG E 255 23.46 -49.18 37.64
CA ARG E 255 22.48 -50.04 36.98
C ARG E 255 23.13 -51.41 36.87
N ALA E 256 22.97 -52.20 37.94
CA ALA E 256 23.44 -53.57 37.96
C ALA E 256 22.66 -54.43 36.96
N LEU E 257 23.38 -55.04 36.02
CA LEU E 257 22.76 -55.89 35.00
C LEU E 257 23.46 -57.23 34.95
N ALA E 258 22.71 -58.31 34.75
CA ALA E 258 23.35 -59.61 34.61
C ALA E 258 23.03 -60.22 33.27
N LEU E 259 23.97 -60.99 32.73
CA LEU E 259 23.78 -61.73 31.47
C LEU E 259 23.56 -63.20 31.78
N VAL E 260 22.42 -63.74 31.35
CA VAL E 260 22.12 -65.14 31.61
C VAL E 260 21.63 -65.81 30.33
N PRO E 261 21.90 -67.11 30.19
CA PRO E 261 21.43 -67.81 28.98
C PRO E 261 19.90 -67.96 28.94
N LYS E 262 19.32 -67.94 27.72
CA LYS E 262 17.90 -68.23 27.50
C LYS E 262 16.97 -67.16 28.07
N MET F 1 27.67 -73.70 20.05
CA MET F 1 27.83 -72.25 19.88
C MET F 1 27.02 -71.45 20.90
N SER F 2 26.73 -72.06 22.04
CA SER F 2 25.63 -71.63 22.92
C SER F 2 25.84 -70.33 23.71
N ALA F 3 24.73 -69.84 24.26
CA ALA F 3 24.75 -68.70 25.17
C ALA F 3 25.66 -68.98 26.37
N GLN F 4 25.53 -70.18 26.92
CA GLN F 4 26.31 -70.59 28.07
C GLN F 4 27.80 -70.57 27.76
N SER F 5 28.18 -71.11 26.61
CA SER F 5 29.59 -71.10 26.24
C SER F 5 30.04 -69.67 25.96
N ALA F 6 29.13 -68.85 25.43
CA ALA F 6 29.44 -67.46 25.15
C ALA F 6 29.75 -66.72 26.44
N LEU F 7 28.89 -66.92 27.45
CA LEU F 7 29.07 -66.24 28.74
C LEU F 7 30.27 -66.81 29.48
N SER F 8 30.42 -68.13 29.44
CA SER F 8 31.58 -68.76 30.06
C SER F 8 32.88 -68.26 29.44
N GLY F 9 32.95 -68.27 28.11
CA GLY F 9 34.12 -67.78 27.41
C GLY F 9 34.34 -66.29 27.61
N LEU F 10 33.25 -65.53 27.71
CA LEU F 10 33.38 -64.10 27.95
C LEU F 10 34.04 -63.87 29.29
N GLY F 11 33.57 -64.60 30.30
CA GLY F 11 34.12 -64.46 31.64
C GLY F 11 35.61 -64.74 31.65
N ALA F 12 36.02 -65.80 30.97
CA ALA F 12 37.41 -66.21 30.93
C ALA F 12 38.26 -65.18 30.19
N LYS F 13 37.69 -64.64 29.11
CA LYS F 13 38.41 -63.68 28.30
C LYS F 13 38.56 -62.32 28.97
N LEU F 14 37.57 -61.93 29.76
CA LEU F 14 37.68 -60.69 30.53
C LEU F 14 38.81 -60.80 31.54
N LEU F 15 38.89 -61.97 32.18
CA LEU F 15 39.91 -62.22 33.18
C LEU F 15 41.32 -62.16 32.59
N SER F 16 41.49 -62.78 31.43
CA SER F 16 42.79 -62.85 30.76
C SER F 16 43.15 -61.55 30.03
N GLY F 17 42.15 -60.72 29.74
CA GLY F 17 42.37 -59.50 29.00
C GLY F 17 42.20 -59.67 27.49
N GLU F 18 41.85 -60.88 27.07
CA GLU F 18 41.54 -61.16 25.66
C GLU F 18 40.37 -60.30 25.16
N VAL F 19 39.43 -60.05 26.05
CA VAL F 19 38.41 -59.01 25.88
C VAL F 19 38.75 -57.88 26.84
N GLU F 20 38.96 -56.68 26.30
CA GLU F 20 39.31 -55.53 27.13
C GLU F 20 38.11 -54.65 27.39
N VAL F 21 37.94 -54.26 28.65
CA VAL F 21 36.90 -53.31 28.99
C VAL F 21 37.44 -51.88 28.84
N VAL F 22 36.88 -51.14 27.90
CA VAL F 22 37.30 -49.77 27.68
C VAL F 22 36.34 -48.80 28.36
N ASP F 23 36.89 -47.89 29.17
CA ASP F 23 36.11 -46.90 29.87
C ASP F 23 35.73 -45.78 28.90
N CYS F 24 34.45 -45.65 28.62
CA CYS F 24 33.98 -44.63 27.66
C CYS F 24 33.32 -43.44 28.37
N THR F 25 33.75 -43.21 29.61
CA THR F 25 33.12 -42.23 30.50
C THR F 25 34.09 -41.12 30.94
N GLY F 26 33.61 -39.87 30.94
CA GLY F 26 34.35 -38.75 31.47
C GLY F 26 34.19 -38.65 32.99
N VAL F 27 35.11 -37.97 33.68
CA VAL F 27 34.98 -37.85 35.13
C VAL F 27 33.76 -37.01 35.44
N LEU F 28 32.94 -37.47 36.40
CA LEU F 28 31.77 -36.73 36.84
C LEU F 28 32.11 -35.92 38.10
N GLY F 29 32.08 -34.60 37.99
CA GLY F 29 32.40 -33.75 39.13
C GLY F 29 32.06 -32.30 38.80
N PRO F 30 32.47 -31.37 39.68
CA PRO F 30 32.13 -29.95 39.51
C PRO F 30 32.53 -29.38 38.16
N ASN F 31 33.62 -29.90 37.58
CA ASN F 31 34.15 -29.31 36.34
C ASN F 31 33.60 -30.00 35.11
N THR F 32 32.69 -30.93 35.31
CA THR F 32 32.01 -31.58 34.20
C THR F 32 31.24 -30.53 33.38
N PRO F 33 31.53 -30.44 32.07
CA PRO F 33 30.75 -29.52 31.22
C PRO F 33 29.25 -29.85 31.23
N ILE F 34 28.44 -28.81 31.40
CA ILE F 34 27.00 -28.96 31.49
C ILE F 34 26.36 -28.03 30.46
N LEU F 35 25.31 -28.50 29.79
CA LEU F 35 24.58 -27.71 28.81
C LEU F 35 24.16 -26.34 29.35
N GLN F 36 24.28 -25.31 28.52
CA GLN F 36 23.77 -23.99 28.85
C GLN F 36 22.65 -23.63 27.88
N LEU F 37 21.51 -23.18 28.42
CA LEU F 37 20.36 -22.76 27.61
C LEU F 37 20.01 -21.31 27.92
N PRO F 38 19.47 -20.58 26.94
CA PRO F 38 19.03 -19.21 27.22
C PRO F 38 17.91 -19.17 28.26
N PRO F 39 18.11 -18.46 29.38
CA PRO F 39 17.06 -18.31 30.40
C PRO F 39 15.75 -17.81 29.81
N ASP F 40 15.84 -17.14 28.67
CA ASP F 40 14.68 -16.71 27.91
C ASP F 40 13.82 -17.87 27.40
N PHE F 41 14.48 -19.00 27.19
CA PHE F 41 13.88 -20.15 26.54
C PHE F 41 13.58 -21.27 27.54
N ALA F 42 14.50 -21.53 28.45
CA ALA F 42 14.34 -22.64 29.38
C ALA F 42 15.22 -22.52 30.61
N LYS F 43 14.75 -23.13 31.71
CA LYS F 43 15.54 -23.29 32.91
C LYS F 43 16.69 -24.27 32.65
N ASN F 44 17.83 -24.04 33.31
CA ASN F 44 19.01 -24.87 33.13
C ASN F 44 19.11 -26.05 34.10
N THR F 45 19.72 -27.13 33.66
CA THR F 45 20.02 -28.23 34.57
C THR F 45 21.26 -27.80 35.38
N PRO F 46 21.32 -28.15 36.67
CA PRO F 46 22.35 -27.53 37.51
C PRO F 46 23.76 -28.10 37.36
N LYS F 47 24.75 -27.33 37.79
CA LYS F 47 26.13 -27.82 37.83
C LYS F 47 26.24 -28.97 38.83
N VAL F 48 27.16 -29.89 38.56
CA VAL F 48 27.42 -31.03 39.43
C VAL F 48 28.10 -30.55 40.70
N GLU F 49 27.65 -31.03 41.84
CA GLU F 49 28.30 -30.77 43.12
C GLU F 49 28.59 -32.08 43.84
N ILE F 50 29.77 -32.20 44.42
CA ILE F 50 30.10 -33.34 45.30
C ILE F 50 30.30 -32.80 46.72
N HIS F 51 29.49 -33.25 47.66
CA HIS F 51 29.53 -32.77 49.04
C HIS F 51 29.98 -33.86 50.01
N LYS F 52 30.95 -33.54 50.84
CA LYS F 52 31.47 -34.51 51.78
C LYS F 52 30.48 -34.80 52.89
N ILE F 53 30.21 -36.08 53.15
CA ILE F 53 29.50 -36.42 54.38
C ILE F 53 30.52 -36.67 55.50
N SER F 54 31.49 -37.54 55.24
CA SER F 54 32.58 -37.77 56.18
C SER F 54 33.77 -38.34 55.44
N GLU F 55 34.94 -38.29 56.07
CA GLU F 55 36.09 -39.04 55.59
C GLU F 55 36.93 -39.46 56.77
N TYR F 56 36.55 -40.58 57.37
CA TYR F 56 37.20 -41.14 58.57
C TYR F 56 37.47 -40.04 59.61
N ASP F 57 36.40 -39.37 60.03
CA ASP F 57 36.49 -38.25 60.96
C ASP F 57 35.34 -38.32 61.95
N SER F 58 35.10 -37.23 62.69
CA SER F 58 34.07 -37.26 63.73
C SER F 58 32.65 -37.33 63.16
N ASP F 59 32.50 -37.01 61.89
CA ASP F 59 31.22 -37.13 61.18
C ASP F 59 30.95 -38.56 60.71
N GLY F 60 31.99 -39.39 60.68
CA GLY F 60 31.91 -40.77 60.23
C GLY F 60 33.27 -41.40 60.42
N PRO F 61 33.48 -42.06 61.56
CA PRO F 61 34.83 -42.43 62.01
C PRO F 61 35.56 -43.43 61.14
N PHE F 62 34.83 -44.36 60.52
CA PHE F 62 35.44 -45.51 59.88
C PHE F 62 35.26 -45.51 58.36
N PHE F 63 34.63 -44.47 57.84
CA PHE F 63 34.22 -44.49 56.46
C PHE F 63 34.21 -43.12 55.83
N ALA F 64 34.20 -43.12 54.50
CA ALA F 64 34.14 -41.92 53.70
C ALA F 64 33.05 -42.06 52.66
N TRP F 65 32.37 -40.96 52.41
CA TRP F 65 31.27 -40.94 51.45
C TRP F 65 30.76 -39.52 51.27
N ASN F 66 30.09 -39.32 50.14
CA ASN F 66 29.71 -38.02 49.64
C ASN F 66 28.26 -38.02 49.20
N TRP F 67 27.67 -36.84 49.00
CA TRP F 67 26.41 -36.77 48.30
C TRP F 67 26.54 -35.75 47.18
N MET F 68 25.61 -35.81 46.22
CA MET F 68 25.72 -35.01 45.01
C MET F 68 24.46 -34.21 44.70
N VAL F 69 24.66 -33.04 44.10
CA VAL F 69 23.60 -32.37 43.35
C VAL F 69 23.88 -32.78 41.90
N LEU F 70 22.93 -33.47 41.28
CA LEU F 70 23.21 -34.16 40.04
C LEU F 70 22.00 -34.17 39.10
N GLY F 71 22.09 -33.42 38.01
CA GLY F 71 21.06 -33.49 36.99
C GLY F 71 21.10 -34.84 36.31
N GLU F 72 19.95 -35.35 35.90
CA GLU F 72 19.89 -36.53 35.03
C GLU F 72 20.82 -36.38 33.84
N HIS F 73 20.85 -35.18 33.25
CA HIS F 73 21.63 -34.96 32.03
C HIS F 73 22.97 -34.29 32.33
N SER F 74 23.86 -35.07 32.93
CA SER F 74 25.15 -34.57 33.42
C SER F 74 26.28 -35.49 32.97
N GLY F 75 27.28 -34.94 32.29
CA GLY F 75 28.47 -35.71 31.95
C GLY F 75 28.14 -36.78 30.92
N THR F 76 28.95 -37.83 30.87
CA THR F 76 28.62 -38.98 30.02
C THR F 76 27.27 -39.51 30.49
N HIS F 77 26.27 -39.49 29.61
CA HIS F 77 24.91 -39.71 30.06
C HIS F 77 23.99 -40.19 28.94
N PHE F 78 22.84 -40.64 29.38
CA PHE F 78 21.87 -41.39 28.58
C PHE F 78 20.58 -40.59 28.48
N ASP F 79 20.03 -40.47 27.28
CA ASP F 79 18.74 -39.84 27.03
C ASP F 79 17.67 -40.92 26.82
N ALA F 80 16.66 -40.98 27.70
CA ALA F 80 15.53 -41.88 27.48
C ALA F 80 14.47 -41.16 26.62
N PRO F 81 13.61 -41.91 25.92
CA PRO F 81 12.66 -41.24 25.03
C PRO F 81 11.79 -40.18 25.70
N HIS F 82 11.46 -40.33 26.99
CA HIS F 82 10.59 -39.34 27.64
C HIS F 82 11.23 -37.95 27.67
N HIS F 83 12.54 -37.89 27.48
CA HIS F 83 13.29 -36.63 27.52
C HIS F 83 12.79 -35.63 26.46
N TRP F 84 12.29 -36.12 25.33
CA TRP F 84 11.77 -35.21 24.31
C TRP F 84 10.27 -35.31 24.17
N ILE F 85 9.65 -34.20 23.77
CA ILE F 85 8.21 -34.17 23.58
C ILE F 85 7.74 -35.26 22.59
N THR F 86 8.58 -35.64 21.63
CA THR F 86 8.19 -36.65 20.64
C THR F 86 8.15 -38.07 21.22
N GLY F 87 8.80 -38.27 22.36
CA GLY F 87 8.81 -39.59 22.99
C GLY F 87 7.95 -39.66 24.24
N LYS F 88 7.12 -38.65 24.44
CA LYS F 88 6.42 -38.46 25.71
C LYS F 88 5.38 -39.55 26.00
N ASP F 89 4.85 -40.20 24.97
CA ASP F 89 3.74 -41.11 25.19
C ASP F 89 4.14 -42.56 25.38
N TYR F 90 5.42 -42.86 25.22
CA TYR F 90 5.91 -44.21 25.46
C TYR F 90 5.91 -44.55 26.95
N SER F 91 5.12 -45.53 27.33
CA SER F 91 5.06 -45.94 28.71
C SER F 91 6.39 -46.58 29.12
N ASP F 92 7.08 -47.19 28.16
CA ASP F 92 8.42 -47.74 28.40
C ASP F 92 9.53 -46.72 28.13
N GLY F 93 9.15 -45.44 28.03
CA GLY F 93 10.12 -44.42 27.66
C GLY F 93 10.92 -43.80 28.79
N PHE F 94 10.82 -44.36 30.00
CA PHE F 94 11.54 -43.83 31.17
C PHE F 94 12.72 -44.73 31.56
N THR F 95 13.68 -44.19 32.30
CA THR F 95 14.84 -44.99 32.71
C THR F 95 14.43 -46.20 33.55
N ASP F 96 13.29 -46.11 34.23
CA ASP F 96 12.86 -47.23 35.08
C ASP F 96 11.86 -48.13 34.37
N THR F 97 11.46 -47.81 33.14
CA THR F 97 10.51 -48.65 32.46
C THR F 97 11.00 -49.18 31.13
N LEU F 98 12.13 -48.65 30.66
CA LEU F 98 12.68 -49.11 29.39
C LEU F 98 13.16 -50.56 29.51
N ASP F 99 13.44 -51.16 28.36
CA ASP F 99 13.80 -52.58 28.28
C ASP F 99 15.33 -52.74 28.38
N VAL F 100 15.83 -53.32 29.46
CA VAL F 100 17.29 -53.39 29.63
C VAL F 100 17.98 -54.32 28.60
N GLN F 101 17.21 -55.19 27.96
CA GLN F 101 17.76 -56.04 26.91
C GLN F 101 18.40 -55.19 25.81
N ARG F 102 17.83 -54.01 25.60
CA ARG F 102 18.25 -53.14 24.52
C ARG F 102 19.56 -52.41 24.77
N LEU F 103 19.99 -52.36 26.04
CA LEU F 103 21.08 -51.46 26.44
C LEU F 103 22.48 -51.89 26.07
N ILE F 104 22.64 -53.17 25.77
CA ILE F 104 23.95 -53.75 25.50
C ILE F 104 23.94 -54.31 24.10
N ALA F 105 24.79 -53.81 23.22
CA ALA F 105 24.67 -54.17 21.82
C ALA F 105 25.95 -53.84 21.10
N PRO F 106 26.17 -54.50 19.94
CA PRO F 106 27.28 -54.13 19.06
C PRO F 106 27.25 -52.63 18.77
N VAL F 107 28.42 -52.00 18.76
CA VAL F 107 28.51 -50.58 18.49
C VAL F 107 29.23 -50.34 17.15
N ASN F 108 28.69 -49.39 16.39
CA ASN F 108 29.30 -48.88 15.18
C ASN F 108 29.99 -47.56 15.51
N VAL F 109 31.32 -47.50 15.34
CA VAL F 109 32.07 -46.31 15.73
C VAL F 109 32.53 -45.58 14.48
N ILE F 110 31.84 -44.47 14.16
CA ILE F 110 32.10 -43.73 12.94
C ILE F 110 33.06 -42.59 13.21
N ASP F 111 34.29 -42.72 12.72
CA ASP F 111 35.35 -41.75 13.02
C ASP F 111 35.27 -40.47 12.17
N CYS F 112 34.92 -39.38 12.83
CA CYS F 112 34.77 -38.08 12.22
C CYS F 112 35.73 -37.10 12.88
N SER F 113 36.79 -37.62 13.50
CA SER F 113 37.69 -36.78 14.27
C SER F 113 38.46 -35.77 13.41
N LYS F 114 39.00 -36.20 12.27
CA LYS F 114 39.72 -35.27 11.40
C LYS F 114 38.77 -34.21 10.85
N GLU F 115 37.62 -34.67 10.39
CA GLU F 115 36.59 -33.78 9.84
C GLU F 115 36.15 -32.73 10.87
N SER F 116 36.03 -33.16 12.13
CA SER F 116 35.56 -32.28 13.18
C SER F 116 36.64 -31.31 13.65
N ALA F 117 37.90 -31.72 13.54
CA ALA F 117 38.99 -30.80 13.86
C ALA F 117 39.05 -29.69 12.81
N ALA F 118 38.78 -30.06 11.56
CA ALA F 118 38.82 -29.11 10.45
C ALA F 118 37.61 -28.18 10.46
N ASP F 119 36.49 -28.66 10.98
CA ASP F 119 35.24 -27.90 11.00
C ASP F 119 34.40 -28.28 12.20
N PRO F 120 34.31 -27.39 13.19
CA PRO F 120 33.59 -27.71 14.43
C PRO F 120 32.08 -27.88 14.16
N ASP F 121 31.60 -27.38 13.02
CA ASP F 121 30.19 -27.57 12.67
C ASP F 121 30.01 -28.75 11.71
N PHE F 122 31.00 -29.64 11.67
CA PHE F 122 30.92 -30.79 10.77
C PHE F 122 29.65 -31.59 10.97
N LEU F 123 28.98 -31.89 9.86
CA LEU F 123 27.76 -32.68 9.87
C LEU F 123 27.97 -34.07 9.26
N LEU F 124 27.66 -35.12 10.04
CA LEU F 124 27.58 -36.47 9.49
C LEU F 124 26.28 -36.64 8.72
N THR F 125 26.38 -36.96 7.44
CA THR F 125 25.22 -37.10 6.54
C THR F 125 24.83 -38.56 6.31
N ALA F 126 23.65 -38.75 5.76
CA ALA F 126 23.25 -40.08 5.33
C ALA F 126 24.25 -40.63 4.29
N ASP F 127 24.70 -39.78 3.37
CA ASP F 127 25.64 -40.21 2.34
C ASP F 127 26.97 -40.67 2.96
N LEU F 128 27.46 -39.94 3.96
CA LEU F 128 28.72 -40.33 4.60
C LEU F 128 28.59 -41.64 5.38
N ILE F 129 27.44 -41.83 6.03
CA ILE F 129 27.21 -43.09 6.74
C ILE F 129 27.18 -44.26 5.77
N LYS F 130 26.53 -44.09 4.63
CA LYS F 130 26.50 -45.17 3.65
C LYS F 130 27.92 -45.51 3.14
N ALA F 131 28.76 -44.51 2.95
CA ALA F 131 30.15 -44.76 2.54
C ALA F 131 30.89 -45.54 3.65
N TRP F 132 30.63 -45.17 4.90
CA TRP F 132 31.23 -45.86 6.04
C TRP F 132 30.78 -47.32 6.03
N GLU F 133 29.49 -47.54 5.84
CA GLU F 133 28.95 -48.89 5.73
C GLU F 133 29.56 -49.69 4.59
N ALA F 134 29.75 -49.06 3.44
CA ALA F 134 30.38 -49.74 2.30
C ALA F 134 31.75 -50.27 2.71
N GLU F 135 32.49 -49.48 3.48
CA GLU F 135 33.82 -49.86 3.93
C GLU F 135 33.80 -50.91 5.04
N HIS F 136 32.98 -50.69 6.07
CA HIS F 136 33.08 -51.49 7.30
C HIS F 136 31.97 -52.53 7.49
N GLY F 137 30.87 -52.37 6.76
CA GLY F 137 29.75 -53.27 6.92
C GLY F 137 28.48 -52.55 7.32
N GLU F 138 27.34 -53.10 6.91
CA GLU F 138 26.04 -52.47 7.14
C GLU F 138 25.74 -52.31 8.63
N ILE F 139 25.12 -51.19 8.99
CA ILE F 139 24.63 -50.97 10.34
C ILE F 139 23.36 -51.80 10.55
N GLY F 140 23.29 -52.52 11.65
CA GLY F 140 22.20 -53.48 11.85
C GLY F 140 21.20 -53.14 12.92
N ALA F 141 20.06 -53.85 12.90
CA ALA F 141 19.00 -53.64 13.89
C ALA F 141 19.52 -53.82 15.31
N GLY F 142 19.10 -52.91 16.20
CA GLY F 142 19.43 -52.98 17.61
C GLY F 142 20.79 -52.45 17.96
N GLU F 143 21.61 -52.11 16.96
CA GLU F 143 22.98 -51.71 17.26
C GLU F 143 23.06 -50.26 17.72
N TRP F 144 24.11 -49.98 18.49
CA TRP F 144 24.50 -48.61 18.82
C TRP F 144 25.29 -48.02 17.66
N VAL F 145 25.05 -46.74 17.40
CA VAL F 145 25.88 -45.99 16.47
C VAL F 145 26.40 -44.75 17.19
N VAL F 146 27.72 -44.59 17.18
CA VAL F 146 28.31 -43.44 17.85
C VAL F 146 29.21 -42.66 16.89
N MET F 147 29.16 -41.35 17.02
CA MET F 147 29.96 -40.46 16.19
C MET F 147 31.23 -40.06 16.95
N ARG F 148 32.37 -40.59 16.50
CA ARG F 148 33.64 -40.22 17.12
C ARG F 148 34.12 -38.89 16.56
N THR F 149 34.37 -37.94 17.46
CA THR F 149 34.83 -36.63 17.07
C THR F 149 36.06 -36.24 17.88
N ASP F 150 36.39 -37.09 18.86
CA ASP F 150 37.40 -36.76 19.86
C ASP F 150 37.13 -35.41 20.54
N TRP F 151 35.84 -35.08 20.70
CA TRP F 151 35.47 -33.86 21.40
C TRP F 151 35.80 -33.97 22.88
N ASP F 152 36.03 -35.19 23.37
CA ASP F 152 36.41 -35.39 24.78
C ASP F 152 37.73 -34.72 25.10
N LYS F 153 38.54 -34.46 24.08
CA LYS F 153 39.79 -33.69 24.27
C LYS F 153 39.53 -32.27 24.80
N ARG F 154 38.29 -31.80 24.68
CA ARG F 154 37.89 -30.49 25.17
C ARG F 154 37.18 -30.52 26.52
N ALA F 155 36.98 -31.71 27.07
CA ALA F 155 36.14 -31.85 28.26
C ALA F 155 36.72 -31.20 29.50
N GLY F 156 38.01 -30.85 29.47
CA GLY F 156 38.64 -30.22 30.61
C GLY F 156 38.36 -28.73 30.71
N ASP F 157 37.64 -28.20 29.73
CA ASP F 157 37.31 -26.78 29.73
C ASP F 157 35.90 -26.61 29.15
N GLU F 158 34.94 -26.27 30.01
CA GLU F 158 33.55 -26.23 29.60
C GLU F 158 33.31 -25.26 28.44
N ALA F 159 33.96 -24.10 28.49
CA ALA F 159 33.82 -23.10 27.43
C ALA F 159 34.26 -23.69 26.09
N ALA F 160 35.39 -24.37 26.09
CA ALA F 160 35.89 -25.03 24.87
C ALA F 160 35.02 -26.20 24.46
N PHE F 161 34.42 -26.88 25.42
CA PHE F 161 33.60 -28.06 25.13
C PHE F 161 32.31 -27.64 24.45
N LEU F 162 31.68 -26.57 24.95
CA LEU F 162 30.46 -26.06 24.35
C LEU F 162 30.80 -25.34 23.05
N ASN F 163 31.93 -24.64 23.08
CA ASN F 163 32.49 -23.96 21.90
C ASN F 163 31.50 -22.99 21.23
N ALA F 164 30.93 -22.09 22.01
CA ALA F 164 29.94 -21.16 21.48
C ALA F 164 30.53 -19.79 21.13
N ASP F 165 29.95 -19.14 20.13
CA ASP F 165 30.26 -17.74 19.88
C ASP F 165 28.94 -16.99 19.76
N GLU F 166 28.96 -15.83 19.10
CA GLU F 166 27.74 -15.04 18.98
C GLU F 166 26.59 -15.77 18.29
N THR F 167 26.87 -16.76 17.45
CA THR F 167 25.75 -17.46 16.79
C THR F 167 25.38 -18.78 17.47
N GLY F 168 25.88 -18.97 18.69
CA GLY F 168 25.55 -20.15 19.46
C GLY F 168 26.66 -21.20 19.48
N PRO F 169 26.34 -22.42 19.96
CA PRO F 169 27.34 -23.49 20.08
C PRO F 169 27.78 -24.03 18.72
N HIS F 170 29.06 -24.39 18.60
CA HIS F 170 29.55 -24.95 17.36
C HIS F 170 30.26 -26.27 17.66
N SER F 171 29.55 -27.36 17.37
CA SER F 171 30.05 -28.69 17.66
C SER F 171 29.40 -29.66 16.67
N PRO F 172 30.10 -30.75 16.36
CA PRO F 172 29.62 -31.58 15.24
C PRO F 172 28.41 -32.44 15.61
N GLY F 173 27.68 -32.88 14.59
CA GLY F 173 26.55 -33.75 14.84
C GLY F 173 25.98 -34.27 13.53
N PRO F 174 24.81 -34.95 13.59
CA PRO F 174 24.12 -35.56 12.46
C PRO F 174 23.12 -34.59 11.80
N THR F 175 22.91 -34.78 10.51
CA THR F 175 21.81 -34.12 9.83
C THR F 175 20.51 -34.85 10.09
N PRO F 176 19.39 -34.22 9.78
CA PRO F 176 18.13 -34.96 9.90
C PRO F 176 18.12 -36.24 9.05
N ASP F 177 18.65 -36.19 7.83
CA ASP F 177 18.57 -37.35 6.96
C ASP F 177 19.48 -38.46 7.47
N ALA F 178 20.55 -38.10 8.16
CA ALA F 178 21.43 -39.10 8.78
C ALA F 178 20.67 -39.88 9.86
N ILE F 179 19.94 -39.16 10.70
CA ILE F 179 19.20 -39.83 11.75
C ILE F 179 18.04 -40.64 11.16
N GLU F 180 17.29 -40.09 10.20
CA GLU F 180 16.23 -40.89 9.57
C GLU F 180 16.81 -42.18 8.96
N TYR F 181 17.99 -42.08 8.37
CA TYR F 181 18.57 -43.25 7.73
C TYR F 181 18.95 -44.28 8.79
N LEU F 182 19.58 -43.85 9.87
CA LEU F 182 19.90 -44.79 10.95
C LEU F 182 18.63 -45.40 11.51
N LEU F 183 17.59 -44.61 11.66
CA LEU F 183 16.37 -45.14 12.26
C LEU F 183 15.70 -46.15 11.30
N SER F 184 15.90 -46.02 10.00
CA SER F 184 15.41 -47.03 9.04
C SER F 184 16.12 -48.38 9.24
N LYS F 185 17.32 -48.34 9.81
CA LYS F 185 18.10 -49.55 10.08
C LYS F 185 17.73 -50.17 11.43
N LYS F 186 16.82 -49.52 12.14
CA LYS F 186 16.26 -49.94 13.43
C LYS F 186 17.32 -50.01 14.53
N ILE F 187 18.24 -49.06 14.51
CA ILE F 187 19.25 -48.95 15.57
C ILE F 187 18.59 -48.78 16.94
N VAL F 188 19.32 -49.08 18.01
CA VAL F 188 18.79 -48.83 19.36
C VAL F 188 19.00 -47.36 19.72
N GLY F 189 20.10 -46.77 19.27
CA GLY F 189 20.41 -45.44 19.70
C GLY F 189 21.69 -44.88 19.16
N TRP F 190 21.91 -43.60 19.45
CA TRP F 190 22.92 -42.77 18.81
C TRP F 190 23.71 -42.04 19.88
N GLY F 191 25.03 -42.05 19.75
CA GLY F 191 25.89 -41.44 20.76
C GLY F 191 26.85 -40.40 20.19
N SER F 192 27.14 -39.40 21.02
CA SER F 192 28.01 -38.30 20.67
C SER F 192 29.04 -38.07 21.78
N GLN F 193 30.14 -37.40 21.46
CA GLN F 193 31.11 -36.97 22.47
C GLN F 193 30.95 -35.50 22.84
N CYS F 194 30.01 -34.82 22.20
CA CYS F 194 29.68 -33.45 22.52
C CYS F 194 28.65 -33.41 23.65
N ILE F 195 28.22 -32.20 24.00
CA ILE F 195 27.37 -32.00 25.18
C ILE F 195 26.00 -32.67 25.00
N GLY F 196 25.55 -32.79 23.75
CA GLY F 196 24.29 -33.44 23.47
C GLY F 196 24.40 -34.25 22.19
N THR F 197 23.31 -34.92 21.83
CA THR F 197 23.31 -35.82 20.68
C THR F 197 23.28 -35.08 19.34
N ASP F 198 22.93 -33.79 19.37
CA ASP F 198 22.79 -33.02 18.14
C ASP F 198 23.98 -32.10 17.92
N ALA F 199 24.13 -31.62 16.69
CA ALA F 199 25.11 -30.58 16.37
C ALA F 199 24.82 -29.33 17.19
N GLY F 200 25.86 -28.55 17.49
CA GLY F 200 25.68 -27.33 18.22
C GLY F 200 24.69 -26.41 17.53
N GLN F 201 24.66 -26.46 16.20
CA GLN F 201 23.80 -25.58 15.41
C GLN F 201 22.49 -26.23 14.95
N ALA F 202 22.06 -27.27 15.66
CA ALA F 202 20.88 -28.03 15.25
C ALA F 202 19.58 -27.23 15.40
N GLY F 203 19.65 -26.11 16.11
CA GLY F 203 18.50 -25.23 16.30
C GLY F 203 17.88 -24.78 14.99
N GLY F 204 18.73 -24.51 14.00
CA GLY F 204 18.25 -24.06 12.71
C GLY F 204 18.02 -25.17 11.70
N MET F 205 18.03 -26.42 12.16
CA MET F 205 17.74 -27.53 11.26
C MET F 205 16.24 -27.76 11.12
N GLU F 206 15.85 -28.56 10.13
CA GLU F 206 14.45 -28.94 9.95
C GLU F 206 14.31 -30.47 9.96
N PRO F 207 13.74 -31.02 11.05
CA PRO F 207 13.33 -30.32 12.28
C PRO F 207 14.52 -29.90 13.13
N PRO F 208 14.33 -28.92 14.01
CA PRO F 208 15.37 -28.56 14.99
C PRO F 208 15.74 -29.76 15.86
N PHE F 209 17.02 -29.88 16.19
CA PHE F 209 17.52 -30.97 17.03
C PHE F 209 16.97 -32.33 16.60
N PRO F 210 17.27 -32.73 15.35
CA PRO F 210 16.73 -33.96 14.77
C PRO F 210 17.07 -35.21 15.55
N ALA F 211 18.25 -35.27 16.16
CA ALA F 211 18.59 -36.47 16.90
C ALA F 211 17.62 -36.63 18.07
N HIS F 212 17.50 -35.58 18.89
CA HIS F 212 16.56 -35.61 20.00
C HIS F 212 15.16 -35.87 19.51
N ASN F 213 14.77 -35.13 18.48
CA ASN F 213 13.43 -35.26 17.95
C ASN F 213 13.11 -36.66 17.44
N LEU F 214 13.91 -37.16 16.50
CA LEU F 214 13.56 -38.38 15.78
C LEU F 214 13.90 -39.65 16.58
N LEU F 215 15.05 -39.66 17.25
CA LEU F 215 15.39 -40.85 18.07
C LEU F 215 14.27 -41.13 19.05
N HIS F 216 13.85 -40.09 19.76
CA HIS F 216 12.89 -40.32 20.83
C HIS F 216 11.49 -40.51 20.28
N ARG F 217 11.19 -39.90 19.13
CA ARG F 217 9.98 -40.26 18.38
C ARG F 217 9.87 -41.78 18.22
N ASP F 218 11.01 -42.43 17.96
CA ASP F 218 11.01 -43.84 17.61
C ASP F 218 11.33 -44.76 18.80
N ASN F 219 11.21 -44.22 20.01
CA ASN F 219 11.48 -44.97 21.23
C ASN F 219 12.93 -45.49 21.26
N CYS F 220 13.84 -44.65 20.79
CA CYS F 220 15.27 -44.96 20.80
C CYS F 220 16.02 -44.04 21.74
N PHE F 221 17.30 -44.37 21.96
CA PHE F 221 18.07 -43.75 23.02
C PHE F 221 19.12 -42.82 22.47
N GLY F 222 19.56 -41.89 23.31
CA GLY F 222 20.68 -41.03 22.97
C GLY F 222 21.76 -41.12 24.02
N LEU F 223 23.02 -40.95 23.60
CA LEU F 223 24.16 -40.88 24.53
C LEU F 223 24.94 -39.61 24.28
N ALA F 224 25.39 -38.95 25.35
CA ALA F 224 26.19 -37.74 25.18
C ALA F 224 27.44 -37.76 26.03
N SER F 225 28.41 -36.91 25.66
CA SER F 225 29.69 -36.77 26.35
C SER F 225 30.42 -38.11 26.51
N LEU F 226 30.31 -38.97 25.50
CA LEU F 226 31.10 -40.20 25.45
C LEU F 226 32.59 -39.89 25.37
N ALA F 227 33.40 -40.67 26.07
CA ALA F 227 34.85 -40.49 26.05
C ALA F 227 35.54 -41.69 25.42
N ASN F 228 36.79 -41.52 25.01
CA ASN F 228 37.63 -42.64 24.55
C ASN F 228 37.10 -43.44 23.37
N LEU F 229 36.29 -42.82 22.52
CA LEU F 229 35.85 -43.54 21.33
C LEU F 229 37.06 -43.81 20.45
N ASP F 230 38.16 -43.06 20.66
CA ASP F 230 39.35 -43.30 19.88
C ASP F 230 40.03 -44.63 20.24
N LYS F 231 39.55 -45.29 21.30
CA LYS F 231 40.04 -46.62 21.70
C LYS F 231 39.20 -47.78 21.15
N LEU F 232 38.15 -47.47 20.39
CA LEU F 232 37.25 -48.49 19.88
C LEU F 232 37.49 -48.77 18.40
N PRO F 233 37.32 -50.02 17.99
CA PRO F 233 37.37 -50.32 16.54
C PRO F 233 36.07 -49.86 15.85
N ALA F 234 36.10 -49.70 14.52
CA ALA F 234 34.91 -49.29 13.78
C ALA F 234 33.76 -50.27 14.02
N LYS F 235 34.11 -51.56 14.00
CA LYS F 235 33.17 -52.67 14.15
C LYS F 235 33.70 -53.66 15.19
N GLY F 236 32.82 -54.43 15.79
CA GLY F 236 33.24 -55.60 16.54
C GLY F 236 33.21 -55.45 18.05
N ALA F 237 33.10 -54.22 18.53
CA ALA F 237 32.98 -54.02 19.98
C ALA F 237 31.51 -54.04 20.41
N ILE F 238 31.32 -54.17 21.72
CA ILE F 238 30.00 -54.16 22.34
C ILE F 238 29.93 -52.94 23.27
N LEU F 239 28.86 -52.15 23.17
CA LEU F 239 28.72 -50.99 24.05
C LEU F 239 27.69 -51.30 25.12
N ILE F 240 28.07 -51.03 26.37
CA ILE F 240 27.19 -51.12 27.52
C ILE F 240 26.86 -49.70 28.01
N ALA F 241 25.60 -49.30 27.89
CA ALA F 241 25.22 -47.93 28.20
C ALA F 241 23.88 -47.96 28.94
N ALA F 242 23.94 -48.04 30.27
CA ALA F 242 22.76 -48.33 31.07
C ALA F 242 22.48 -47.21 32.04
N PRO F 243 21.29 -46.61 31.94
CA PRO F 243 20.98 -45.53 32.88
C PRO F 243 20.65 -46.05 34.26
N LEU F 244 20.90 -45.24 35.28
CA LEU F 244 20.39 -45.53 36.61
C LEU F 244 18.88 -45.73 36.53
N LYS F 245 18.31 -46.55 37.41
CA LYS F 245 16.88 -46.83 37.36
C LYS F 245 16.07 -45.72 38.06
N ILE F 246 16.27 -44.49 37.60
CA ILE F 246 15.59 -43.33 38.21
C ILE F 246 14.09 -43.41 37.99
N GLU F 247 13.32 -43.19 39.05
CA GLU F 247 11.86 -43.19 38.99
C GLU F 247 11.33 -42.14 38.03
N ARG F 248 10.64 -42.58 36.99
CA ARG F 248 10.18 -41.69 35.93
C ARG F 248 11.32 -40.86 35.35
N GLY F 249 12.52 -41.46 35.33
CA GLY F 249 13.70 -40.74 34.87
C GLY F 249 13.67 -40.48 33.37
N THR F 250 14.09 -39.28 32.94
CA THR F 250 14.19 -38.94 31.52
C THR F 250 15.56 -39.22 30.93
N GLY F 251 16.49 -39.60 31.79
CA GLY F 251 17.87 -39.80 31.36
C GLY F 251 18.70 -40.03 32.62
N SER F 252 19.99 -40.20 32.46
CA SER F 252 20.82 -40.54 33.61
C SER F 252 22.30 -40.44 33.24
N PRO F 253 23.14 -40.02 34.20
CA PRO F 253 24.57 -40.24 34.01
C PRO F 253 24.82 -41.74 33.91
N ILE F 254 25.84 -42.15 33.19
CA ILE F 254 26.12 -43.57 33.05
C ILE F 254 27.61 -43.83 33.20
N ARG F 255 27.96 -45.09 33.46
CA ARG F 255 29.33 -45.55 33.26
C ARG F 255 29.32 -46.33 31.96
N ALA F 256 29.54 -45.62 30.85
CA ALA F 256 29.59 -46.24 29.54
C ALA F 256 30.84 -47.08 29.45
N LEU F 257 30.67 -48.36 29.15
CA LEU F 257 31.81 -49.25 28.98
C LEU F 257 31.68 -50.01 27.67
N ALA F 258 32.81 -50.23 27.01
CA ALA F 258 32.85 -51.04 25.80
C ALA F 258 33.71 -52.27 25.98
N LEU F 259 33.27 -53.37 25.36
CA LEU F 259 34.04 -54.62 25.32
C LEU F 259 34.75 -54.69 23.98
N VAL F 260 36.07 -54.72 23.97
CA VAL F 260 36.77 -54.78 22.68
C VAL F 260 37.63 -56.04 22.60
N PRO F 261 37.61 -56.71 21.45
CA PRO F 261 38.32 -57.99 21.35
C PRO F 261 39.80 -57.76 21.09
N LYS F 262 40.64 -58.62 21.64
CA LYS F 262 42.07 -58.59 21.41
C LYS F 262 42.50 -59.92 20.82
N ALA F 263 43.53 -59.91 20.00
CA ALA F 263 43.99 -61.13 19.35
C ALA F 263 45.47 -61.39 19.61
N MET G 1 -9.06 29.94 -51.33
CA MET G 1 -8.06 30.55 -50.47
C MET G 1 -8.40 30.26 -49.00
N SER G 2 -7.39 30.10 -48.14
CA SER G 2 -5.98 30.32 -48.46
C SER G 2 -5.37 29.21 -49.32
N ALA G 3 -4.19 29.48 -49.86
CA ALA G 3 -3.48 28.49 -50.64
C ALA G 3 -2.97 27.38 -49.72
N GLN G 4 -2.62 27.72 -48.49
CA GLN G 4 -2.12 26.68 -47.58
C GLN G 4 -3.24 25.72 -47.24
N SER G 5 -4.43 26.25 -46.99
CA SER G 5 -5.59 25.39 -46.73
C SER G 5 -5.92 24.53 -47.93
N ALA G 6 -5.79 25.11 -49.12
CA ALA G 6 -6.02 24.36 -50.35
C ALA G 6 -5.04 23.18 -50.49
N LEU G 7 -3.76 23.45 -50.28
CA LEU G 7 -2.76 22.40 -50.45
C LEU G 7 -2.85 21.35 -49.35
N SER G 8 -3.14 21.78 -48.11
CA SER G 8 -3.25 20.82 -47.03
C SER G 8 -4.49 19.94 -47.25
N GLY G 9 -5.57 20.58 -47.72
CA GLY G 9 -6.79 19.89 -48.07
C GLY G 9 -6.54 18.86 -49.17
N LEU G 10 -5.88 19.30 -50.25
CA LEU G 10 -5.52 18.42 -51.36
C LEU G 10 -4.64 17.27 -50.90
N GLY G 11 -3.65 17.57 -50.06
CA GLY G 11 -2.75 16.57 -49.54
C GLY G 11 -3.45 15.47 -48.76
N ALA G 12 -4.43 15.88 -47.95
CA ALA G 12 -5.21 14.94 -47.15
C ALA G 12 -6.10 14.08 -48.05
N LYS G 13 -6.63 14.66 -49.11
CA LYS G 13 -7.53 13.90 -49.98
C LYS G 13 -6.75 12.88 -50.85
N LEU G 14 -5.51 13.20 -51.18
CA LEU G 14 -4.65 12.25 -51.87
C LEU G 14 -4.30 11.07 -50.98
N LEU G 15 -3.95 11.38 -49.73
CA LEU G 15 -3.60 10.34 -48.77
C LEU G 15 -4.79 9.41 -48.49
N SER G 16 -6.00 9.96 -48.45
CA SER G 16 -7.22 9.18 -48.21
C SER G 16 -7.79 8.51 -49.45
N GLY G 17 -7.39 8.96 -50.64
CA GLY G 17 -8.00 8.43 -51.86
C GLY G 17 -9.26 9.18 -52.31
N GLU G 18 -9.63 10.24 -51.61
CA GLU G 18 -10.77 11.07 -52.05
C GLU G 18 -10.39 11.81 -53.35
N VAL G 19 -9.10 12.07 -53.52
CA VAL G 19 -8.58 12.43 -54.84
C VAL G 19 -7.75 11.25 -55.35
N GLU G 20 -8.08 10.75 -56.54
CA GLU G 20 -7.40 9.61 -57.13
C GLU G 20 -6.36 10.09 -58.13
N VAL G 21 -5.17 9.48 -58.09
CA VAL G 21 -4.18 9.71 -59.13
C VAL G 21 -4.37 8.66 -60.21
N VAL G 22 -4.62 9.11 -61.43
CA VAL G 22 -4.79 8.20 -62.56
C VAL G 22 -3.49 8.16 -63.35
N ASP G 23 -2.96 6.96 -63.61
CA ASP G 23 -1.78 6.80 -64.43
C ASP G 23 -2.16 6.98 -65.91
N CYS G 24 -1.64 8.01 -66.56
CA CYS G 24 -1.99 8.27 -67.97
C CYS G 24 -0.85 7.92 -68.90
N THR G 25 -0.03 6.99 -68.45
CA THR G 25 1.22 6.66 -69.09
C THR G 25 1.24 5.20 -69.52
N GLY G 26 1.75 4.95 -70.71
CA GLY G 26 2.01 3.59 -71.16
C GLY G 26 3.39 3.14 -70.76
N VAL G 27 3.61 1.84 -70.78
CA VAL G 27 4.90 1.25 -70.44
C VAL G 27 5.98 1.70 -71.43
N LEU G 28 7.14 2.05 -70.88
CA LEU G 28 8.25 2.50 -71.69
C LEU G 28 9.30 1.40 -71.75
N GLY G 29 9.49 0.84 -72.94
CA GLY G 29 10.42 -0.26 -73.12
C GLY G 29 10.65 -0.56 -74.58
N PRO G 30 11.32 -1.69 -74.87
CA PRO G 30 11.64 -2.09 -76.23
C PRO G 30 10.41 -2.23 -77.11
N ASN G 31 9.26 -2.59 -76.53
CA ASN G 31 8.06 -2.79 -77.33
C ASN G 31 7.13 -1.58 -77.39
N THR G 32 7.55 -0.47 -76.79
CA THR G 32 6.79 0.76 -76.91
C THR G 32 6.72 1.20 -78.38
N PRO G 33 5.50 1.43 -78.90
CA PRO G 33 5.40 1.91 -80.28
C PRO G 33 6.13 3.24 -80.47
N ILE G 34 6.92 3.32 -81.55
CA ILE G 34 7.71 4.49 -81.90
C ILE G 34 7.41 4.93 -83.33
N LEU G 35 7.30 6.24 -83.53
CA LEU G 35 7.02 6.82 -84.84
C LEU G 35 7.92 6.29 -85.95
N GLN G 36 7.31 5.95 -87.08
CA GLN G 36 8.06 5.57 -88.26
C GLN G 36 7.81 6.59 -89.38
N LEU G 37 8.90 7.14 -89.91
CA LEU G 37 8.84 8.12 -90.98
C LEU G 37 9.37 7.51 -92.27
N PRO G 38 8.93 8.04 -93.42
CA PRO G 38 9.53 7.62 -94.70
C PRO G 38 11.02 7.93 -94.74
N PRO G 39 11.86 6.91 -94.97
CA PRO G 39 13.33 7.07 -94.92
C PRO G 39 13.84 8.19 -95.84
N ASP G 40 13.16 8.43 -96.96
CA ASP G 40 13.59 9.46 -97.90
C ASP G 40 13.18 10.85 -97.43
N PHE G 41 12.33 10.90 -96.41
CA PHE G 41 11.87 12.16 -95.86
C PHE G 41 12.67 12.60 -94.63
N ALA G 42 13.03 11.66 -93.76
CA ALA G 42 13.70 12.00 -92.49
C ALA G 42 14.25 10.77 -91.76
N LYS G 43 15.25 10.99 -90.91
CA LYS G 43 15.80 9.92 -90.07
C LYS G 43 14.81 9.59 -88.96
N ASN G 44 14.76 8.33 -88.55
CA ASN G 44 13.83 7.89 -87.52
C ASN G 44 14.39 8.08 -86.10
N THR G 45 13.52 8.43 -85.15
CA THR G 45 13.89 8.41 -83.75
C THR G 45 13.98 6.95 -83.33
N PRO G 46 14.96 6.60 -82.48
CA PRO G 46 15.26 5.18 -82.24
C PRO G 46 14.30 4.44 -81.32
N LYS G 47 14.25 3.11 -81.47
CA LYS G 47 13.49 2.26 -80.56
C LYS G 47 14.13 2.33 -79.17
N VAL G 48 13.32 2.17 -78.14
CA VAL G 48 13.82 2.16 -76.77
C VAL G 48 14.61 0.88 -76.49
N GLU G 49 15.81 1.04 -75.94
CA GLU G 49 16.60 -0.11 -75.46
C GLU G 49 16.79 0.02 -73.95
N ILE G 50 16.62 -1.09 -73.23
CA ILE G 50 16.92 -1.14 -71.79
C ILE G 50 18.07 -2.10 -71.56
N HIS G 51 19.19 -1.58 -71.07
CA HIS G 51 20.39 -2.40 -70.89
C HIS G 51 20.68 -2.62 -69.43
N LYS G 52 20.84 -3.89 -69.05
CA LYS G 52 21.15 -4.26 -67.67
C LYS G 52 22.56 -3.84 -67.28
N ILE G 53 22.68 -3.13 -66.16
CA ILE G 53 23.98 -2.84 -65.58
C ILE G 53 24.31 -3.93 -64.57
N SER G 54 23.38 -4.16 -63.65
CA SER G 54 23.48 -5.26 -62.71
C SER G 54 22.14 -5.62 -62.11
N GLU G 55 22.05 -6.81 -61.52
CA GLU G 55 20.91 -7.17 -60.69
C GLU G 55 21.33 -8.10 -59.55
N TYR G 56 21.89 -7.51 -58.48
CA TYR G 56 22.34 -8.24 -57.30
C TYR G 56 23.34 -9.35 -57.67
N ASP G 57 24.32 -9.00 -58.50
CA ASP G 57 25.27 -9.97 -59.03
C ASP G 57 26.69 -9.42 -58.90
N SER G 58 27.65 -10.07 -59.55
CA SER G 58 29.05 -9.64 -59.48
C SER G 58 29.29 -8.29 -60.15
N ASP G 59 28.35 -7.85 -60.98
CA ASP G 59 28.46 -6.54 -61.61
C ASP G 59 27.95 -5.43 -60.67
N GLY G 60 27.32 -5.83 -59.58
CA GLY G 60 26.67 -4.91 -58.64
C GLY G 60 25.94 -5.73 -57.59
N PRO G 61 26.64 -6.06 -56.49
CA PRO G 61 26.19 -7.08 -55.53
C PRO G 61 24.84 -6.81 -54.85
N PHE G 62 24.57 -5.57 -54.47
CA PHE G 62 23.44 -5.30 -53.58
C PHE G 62 22.30 -4.55 -54.26
N PHE G 63 22.42 -4.32 -55.56
CA PHE G 63 21.49 -3.44 -56.24
C PHE G 63 21.23 -3.82 -57.68
N ALA G 64 20.12 -3.31 -58.22
CA ALA G 64 19.74 -3.55 -59.59
C ALA G 64 19.54 -2.21 -60.27
N TRP G 65 20.02 -2.08 -61.51
CA TRP G 65 19.77 -0.90 -62.32
C TRP G 65 20.13 -1.10 -63.80
N ASN G 66 19.55 -0.25 -64.64
CA ASN G 66 19.70 -0.32 -66.08
C ASN G 66 20.12 1.02 -66.69
N TRP G 67 20.55 0.99 -67.95
CA TRP G 67 20.69 2.23 -68.69
C TRP G 67 19.90 2.09 -69.97
N MET G 68 19.55 3.21 -70.60
CA MET G 68 18.66 3.16 -71.75
C MET G 68 19.23 3.88 -72.97
N VAL G 69 18.88 3.36 -74.15
CA VAL G 69 18.89 4.16 -75.35
C VAL G 69 17.47 4.71 -75.51
N LEU G 70 17.33 6.02 -75.45
CA LEU G 70 16.00 6.64 -75.33
C LEU G 70 15.89 7.94 -76.12
N GLY G 71 15.03 7.94 -77.14
CA GLY G 71 14.70 9.17 -77.85
C GLY G 71 13.83 10.07 -76.99
N GLU G 72 14.02 11.38 -77.12
CA GLU G 72 13.14 12.35 -76.47
C GLU G 72 11.68 12.00 -76.74
N HIS G 73 11.40 11.64 -77.99
CA HIS G 73 10.01 11.43 -78.40
C HIS G 73 9.66 9.94 -78.42
N SER G 74 9.45 9.40 -77.21
CA SER G 74 9.30 7.97 -76.97
C SER G 74 8.15 7.70 -76.02
N GLY G 75 7.18 6.90 -76.46
CA GLY G 75 6.10 6.51 -75.58
C GLY G 75 5.23 7.68 -75.19
N THR G 76 4.61 7.60 -74.02
CA THR G 76 3.87 8.75 -73.50
C THR G 76 4.84 9.89 -73.36
N HIS G 77 4.66 10.94 -74.16
CA HIS G 77 5.68 11.98 -74.13
C HIS G 77 5.15 13.36 -74.45
N PHE G 78 6.06 14.32 -74.26
CA PHE G 78 5.78 15.74 -74.26
C PHE G 78 6.53 16.40 -75.44
N ASP G 79 5.84 17.23 -76.21
CA ASP G 79 6.46 18.03 -77.28
C ASP G 79 6.68 19.47 -76.83
N ALA G 80 7.94 19.91 -76.75
CA ALA G 80 8.23 21.31 -76.44
C ALA G 80 8.21 22.13 -77.73
N PRO G 81 7.94 23.45 -77.63
CA PRO G 81 7.81 24.27 -78.84
C PRO G 81 9.00 24.18 -79.78
N HIS G 82 10.21 23.99 -79.27
CA HIS G 82 11.37 23.90 -80.15
C HIS G 82 11.31 22.68 -81.08
N HIS G 83 10.39 21.77 -80.81
CA HIS G 83 10.27 20.55 -81.60
C HIS G 83 9.90 20.87 -83.05
N TRP G 84 9.18 21.95 -83.27
CA TRP G 84 8.81 22.31 -84.64
C TRP G 84 9.48 23.58 -85.08
N ILE G 85 9.68 23.69 -86.39
CA ILE G 85 10.35 24.84 -86.98
C ILE G 85 9.60 26.11 -86.62
N THR G 86 8.28 26.03 -86.48
CA THR G 86 7.47 27.18 -86.13
C THR G 86 7.74 27.66 -84.70
N GLY G 87 8.34 26.82 -83.88
CA GLY G 87 8.56 27.17 -82.49
C GLY G 87 10.01 27.47 -82.19
N LYS G 88 10.85 27.51 -83.22
CA LYS G 88 12.29 27.49 -83.03
C LYS G 88 12.85 28.72 -82.32
N ASP G 89 12.17 29.86 -82.43
CA ASP G 89 12.72 31.11 -81.91
C ASP G 89 12.37 31.39 -80.46
N TYR G 90 11.56 30.53 -79.85
CA TYR G 90 11.22 30.73 -78.45
C TYR G 90 12.37 30.27 -77.58
N SER G 91 12.96 31.22 -76.85
CA SER G 91 14.03 30.91 -75.92
C SER G 91 13.51 30.03 -74.79
N ASP G 92 12.23 30.17 -74.46
CA ASP G 92 11.61 29.37 -73.39
C ASP G 92 10.96 28.14 -73.99
N GLY G 93 11.35 27.79 -75.22
CA GLY G 93 10.70 26.72 -75.96
C GLY G 93 11.35 25.36 -75.82
N PHE G 94 12.31 25.25 -74.91
CA PHE G 94 12.98 23.99 -74.59
C PHE G 94 12.48 23.40 -73.26
N THR G 95 12.71 22.10 -73.06
CA THR G 95 12.26 21.45 -71.84
C THR G 95 12.95 22.03 -70.60
N ASP G 96 14.17 22.55 -70.76
CA ASP G 96 14.88 23.12 -69.62
C ASP G 96 14.66 24.62 -69.49
N THR G 97 13.88 25.21 -70.39
CA THR G 97 13.64 26.65 -70.31
C THR G 97 12.16 27.01 -70.28
N LEU G 98 11.28 26.01 -70.48
CA LEU G 98 9.85 26.30 -70.45
C LEU G 98 9.39 26.60 -69.03
N ASP G 99 8.17 27.10 -68.91
CA ASP G 99 7.66 27.57 -67.62
C ASP G 99 6.90 26.45 -66.91
N VAL G 100 7.45 25.92 -65.81
CA VAL G 100 6.82 24.77 -65.15
C VAL G 100 5.46 25.11 -64.57
N GLN G 101 5.23 26.38 -64.28
CA GLN G 101 3.91 26.81 -63.80
C GLN G 101 2.79 26.37 -64.76
N ARG G 102 3.12 26.23 -66.05
CA ARG G 102 2.11 25.92 -67.08
C ARG G 102 1.73 24.44 -67.17
N LEU G 103 2.56 23.56 -66.60
CA LEU G 103 2.49 22.12 -66.88
C LEU G 103 1.37 21.39 -66.15
N ILE G 104 0.82 22.01 -65.12
CA ILE G 104 -0.24 21.41 -64.32
C ILE G 104 -1.48 22.26 -64.51
N ALA G 105 -2.54 21.67 -65.05
CA ALA G 105 -3.72 22.47 -65.38
C ALA G 105 -4.96 21.60 -65.49
N PRO G 106 -6.15 22.20 -65.34
CA PRO G 106 -7.39 21.47 -65.64
C PRO G 106 -7.33 20.90 -67.06
N VAL G 107 -7.91 19.72 -67.27
CA VAL G 107 -7.86 19.11 -68.59
C VAL G 107 -9.27 18.91 -69.11
N ASN G 108 -9.42 19.14 -70.40
CA ASN G 108 -10.66 18.87 -71.11
C ASN G 108 -10.51 17.59 -71.87
N VAL G 109 -11.32 16.59 -71.56
CA VAL G 109 -11.20 15.28 -72.19
C VAL G 109 -12.34 15.09 -73.17
N ILE G 110 -12.03 15.16 -74.46
CA ILE G 110 -13.07 15.10 -75.47
C ILE G 110 -13.12 13.67 -76.00
N ASP G 111 -14.22 12.97 -75.69
CA ASP G 111 -14.31 11.56 -75.99
C ASP G 111 -14.72 11.30 -77.43
N CYS G 112 -13.75 10.84 -78.23
CA CYS G 112 -13.96 10.54 -79.64
C CYS G 112 -13.76 9.05 -79.88
N SER G 113 -13.93 8.25 -78.83
CA SER G 113 -13.59 6.82 -78.93
C SER G 113 -14.52 6.04 -79.87
N LYS G 114 -15.82 6.31 -79.80
CA LYS G 114 -16.75 5.64 -80.71
C LYS G 114 -16.46 6.01 -82.16
N GLU G 115 -16.30 7.32 -82.40
CA GLU G 115 -15.98 7.84 -83.71
C GLU G 115 -14.68 7.27 -84.28
N SER G 116 -13.71 7.02 -83.41
CA SER G 116 -12.41 6.54 -83.85
C SER G 116 -12.42 5.05 -84.13
N ALA G 117 -13.30 4.33 -83.43
CA ALA G 117 -13.50 2.91 -83.71
C ALA G 117 -14.24 2.71 -85.04
N ALA G 118 -15.12 3.65 -85.36
CA ALA G 118 -15.84 3.63 -86.64
C ALA G 118 -14.93 3.99 -87.82
N ASP G 119 -13.98 4.89 -87.56
CA ASP G 119 -13.12 5.44 -88.62
C ASP G 119 -11.77 5.80 -88.03
N PRO G 120 -10.72 5.06 -88.42
CA PRO G 120 -9.42 5.34 -87.82
C PRO G 120 -8.82 6.66 -88.28
N ASP G 121 -9.39 7.29 -89.30
CA ASP G 121 -8.90 8.57 -89.77
C ASP G 121 -9.80 9.70 -89.28
N PHE G 122 -10.61 9.41 -88.26
CA PHE G 122 -11.53 10.40 -87.71
C PHE G 122 -10.82 11.71 -87.35
N LEU G 123 -11.43 12.83 -87.75
CA LEU G 123 -10.87 14.14 -87.48
C LEU G 123 -11.78 14.97 -86.56
N LEU G 124 -11.21 15.43 -85.45
CA LEU G 124 -11.90 16.36 -84.57
C LEU G 124 -11.87 17.75 -85.19
N THR G 125 -13.05 18.32 -85.42
CA THR G 125 -13.17 19.62 -86.08
C THR G 125 -13.47 20.75 -85.10
N ALA G 126 -13.34 21.99 -85.55
CA ALA G 126 -13.67 23.12 -84.69
C ALA G 126 -15.15 23.05 -84.30
N ASP G 127 -15.99 22.64 -85.25
CA ASP G 127 -17.43 22.58 -84.96
C ASP G 127 -17.74 21.52 -83.90
N LEU G 128 -17.08 20.37 -83.97
CA LEU G 128 -17.33 19.35 -82.96
C LEU G 128 -16.85 19.79 -81.58
N ILE G 129 -15.73 20.53 -81.52
CA ILE G 129 -15.25 21.06 -80.25
C ILE G 129 -16.23 22.08 -79.66
N LYS G 130 -16.78 22.94 -80.51
CA LYS G 130 -17.75 23.92 -80.06
C LYS G 130 -19.00 23.22 -79.50
N ALA G 131 -19.40 22.12 -80.14
CA ALA G 131 -20.55 21.35 -79.68
C ALA G 131 -20.26 20.71 -78.33
N TRP G 132 -19.03 20.22 -78.16
CA TRP G 132 -18.58 19.67 -76.89
C TRP G 132 -18.63 20.74 -75.79
N GLU G 133 -18.19 21.96 -76.12
CA GLU G 133 -18.21 23.07 -75.16
C GLU G 133 -19.62 23.48 -74.77
N ALA G 134 -20.53 23.41 -75.72
CA ALA G 134 -21.92 23.75 -75.44
C ALA G 134 -22.46 22.81 -74.36
N GLU G 135 -22.00 21.56 -74.38
CA GLU G 135 -22.51 20.58 -73.44
C GLU G 135 -21.79 20.62 -72.10
N HIS G 136 -20.47 20.75 -72.16
CA HIS G 136 -19.61 20.57 -70.99
C HIS G 136 -19.08 21.85 -70.37
N GLY G 137 -19.07 22.93 -71.13
CA GLY G 137 -18.48 24.17 -70.65
C GLY G 137 -17.31 24.62 -71.52
N GLU G 138 -17.09 25.93 -71.57
CA GLU G 138 -16.03 26.53 -72.37
C GLU G 138 -14.64 25.99 -72.03
N ILE G 139 -13.82 25.80 -73.06
CA ILE G 139 -12.42 25.50 -72.83
C ILE G 139 -11.74 26.82 -72.47
N GLY G 140 -10.93 26.80 -71.42
CA GLY G 140 -10.39 28.03 -70.88
C GLY G 140 -8.88 28.22 -71.04
N ALA G 141 -8.43 29.46 -70.86
CA ALA G 141 -7.02 29.79 -70.95
C ALA G 141 -6.18 28.88 -70.05
N GLY G 142 -5.06 28.41 -70.60
CA GLY G 142 -4.10 27.62 -69.84
C GLY G 142 -4.47 26.15 -69.63
N GLU G 143 -5.62 25.73 -70.13
CA GLU G 143 -6.02 24.35 -69.89
C GLU G 143 -5.44 23.37 -70.90
N TRP G 144 -5.30 22.12 -70.47
CA TRP G 144 -4.99 21.04 -71.39
C TRP G 144 -6.26 20.61 -72.12
N VAL G 145 -6.11 20.23 -73.38
CA VAL G 145 -7.20 19.61 -74.12
C VAL G 145 -6.71 18.28 -74.67
N VAL G 146 -7.41 17.20 -74.39
CA VAL G 146 -6.94 15.92 -74.91
C VAL G 146 -8.05 15.20 -75.67
N MET G 147 -7.65 14.53 -76.74
CA MET G 147 -8.56 13.80 -77.59
C MET G 147 -8.58 12.35 -77.17
N ARG G 148 -9.66 11.93 -76.50
CA ARG G 148 -9.75 10.53 -76.11
C ARG G 148 -10.22 9.70 -77.30
N THR G 149 -9.44 8.66 -77.64
CA THR G 149 -9.75 7.79 -78.76
C THR G 149 -9.63 6.32 -78.38
N ASP G 150 -9.18 6.08 -77.15
CA ASP G 150 -8.84 4.75 -76.66
C ASP G 150 -7.85 4.03 -77.58
N TRP G 151 -7.02 4.80 -78.28
CA TRP G 151 -5.98 4.23 -79.11
C TRP G 151 -4.98 3.43 -78.27
N ASP G 152 -4.97 3.66 -76.95
CA ASP G 152 -4.05 2.95 -76.06
C ASP G 152 -4.34 1.45 -76.00
N LYS G 153 -5.54 1.05 -76.40
CA LYS G 153 -5.88 -0.37 -76.55
C LYS G 153 -4.96 -1.10 -77.53
N ARG G 154 -4.27 -0.34 -78.37
CA ARG G 154 -3.40 -0.88 -79.41
C ARG G 154 -1.93 -0.81 -79.04
N ALA G 155 -1.63 -0.25 -77.86
CA ALA G 155 -0.26 0.04 -77.48
C ALA G 155 0.60 -1.21 -77.34
N GLY G 156 -0.04 -2.37 -77.23
CA GLY G 156 0.69 -3.62 -77.09
C GLY G 156 1.32 -4.12 -78.39
N ASP G 157 0.96 -3.48 -79.50
CA ASP G 157 1.39 -3.95 -80.80
C ASP G 157 1.67 -2.76 -81.70
N GLU G 158 2.95 -2.53 -82.00
CA GLU G 158 3.36 -1.33 -82.71
C GLU G 158 2.67 -1.21 -84.05
N ALA G 159 2.58 -2.32 -84.77
CA ALA G 159 1.99 -2.29 -86.10
C ALA G 159 0.53 -1.85 -86.00
N ALA G 160 -0.17 -2.34 -84.98
CA ALA G 160 -1.57 -1.98 -84.78
C ALA G 160 -1.71 -0.54 -84.29
N PHE G 161 -0.73 -0.09 -83.51
CA PHE G 161 -0.75 1.25 -82.94
C PHE G 161 -0.51 2.31 -84.03
N LEU G 162 0.49 2.09 -84.88
CA LEU G 162 0.79 3.01 -85.97
C LEU G 162 -0.31 2.89 -87.03
N ASN G 163 -0.83 1.67 -87.17
CA ASN G 163 -1.94 1.36 -88.07
C ASN G 163 -1.76 1.83 -89.51
N ALA G 164 -0.64 1.46 -90.10
CA ALA G 164 -0.34 1.88 -91.47
C ALA G 164 -0.80 0.87 -92.52
N ASP G 165 -1.06 1.36 -93.73
CA ASP G 165 -1.21 0.51 -94.89
C ASP G 165 -0.44 1.14 -96.04
N GLU G 166 -0.85 0.85 -97.28
CA GLU G 166 -0.15 1.34 -98.46
C GLU G 166 -0.15 2.86 -98.55
N THR G 167 -1.15 3.52 -97.96
CA THR G 167 -1.18 4.96 -98.09
C THR G 167 -0.66 5.65 -96.83
N GLY G 168 -0.06 4.89 -95.91
CA GLY G 168 0.51 5.46 -94.71
C GLY G 168 -0.26 5.14 -93.44
N PRO G 169 0.07 5.84 -92.33
CA PRO G 169 -0.53 5.64 -91.00
C PRO G 169 -1.97 6.14 -90.93
N HIS G 170 -2.79 5.39 -90.23
CA HIS G 170 -4.19 5.75 -90.10
C HIS G 170 -4.58 5.79 -88.64
N SER G 171 -4.61 7.00 -88.10
CA SER G 171 -4.97 7.23 -86.71
C SER G 171 -5.64 8.60 -86.58
N PRO G 172 -6.51 8.76 -85.58
CA PRO G 172 -7.31 9.99 -85.52
C PRO G 172 -6.51 11.20 -85.10
N GLY G 173 -7.08 12.38 -85.30
CA GLY G 173 -6.38 13.60 -84.95
C GLY G 173 -7.24 14.82 -85.20
N PRO G 174 -6.67 16.01 -84.99
CA PRO G 174 -7.41 17.26 -85.16
C PRO G 174 -7.29 17.81 -86.57
N THR G 175 -8.25 18.63 -86.98
CA THR G 175 -8.08 19.41 -88.20
C THR G 175 -7.28 20.67 -87.90
N PRO G 176 -6.73 21.32 -88.94
CA PRO G 176 -6.10 22.63 -88.70
C PRO G 176 -7.03 23.62 -88.01
N ASP G 177 -8.29 23.70 -88.43
CA ASP G 177 -9.21 24.64 -87.83
C ASP G 177 -9.55 24.30 -86.37
N ALA G 178 -9.47 23.02 -86.02
CA ALA G 178 -9.69 22.64 -84.64
C ALA G 178 -8.58 23.19 -83.75
N ILE G 179 -7.34 23.06 -84.23
CA ILE G 179 -6.21 23.54 -83.45
C ILE G 179 -6.21 25.07 -83.38
N GLU G 180 -6.48 25.73 -84.51
CA GLU G 180 -6.56 27.20 -84.49
C GLU G 180 -7.61 27.68 -83.51
N TYR G 181 -8.76 27.01 -83.52
CA TYR G 181 -9.82 27.36 -82.57
C TYR G 181 -9.34 27.20 -81.12
N LEU G 182 -8.72 26.06 -80.82
CA LEU G 182 -8.25 25.82 -79.45
C LEU G 182 -7.22 26.88 -79.06
N LEU G 183 -6.33 27.21 -79.99
CA LEU G 183 -5.30 28.22 -79.71
C LEU G 183 -5.91 29.59 -79.46
N SER G 184 -7.10 29.85 -80.01
CA SER G 184 -7.77 31.12 -79.77
C SER G 184 -8.28 31.18 -78.33
N LYS G 185 -8.44 30.03 -77.70
CA LYS G 185 -8.82 29.99 -76.30
C LYS G 185 -7.61 30.05 -75.36
N LYS G 186 -6.41 30.10 -75.94
CA LYS G 186 -5.15 30.22 -75.20
C LYS G 186 -4.90 29.00 -74.31
N ILE G 187 -5.17 27.81 -74.84
CA ILE G 187 -4.86 26.58 -74.13
C ILE G 187 -3.35 26.48 -73.89
N VAL G 188 -2.95 25.67 -72.93
CA VAL G 188 -1.52 25.42 -72.73
C VAL G 188 -1.06 24.37 -73.74
N GLY G 189 -1.93 23.44 -74.08
CA GLY G 189 -1.48 22.35 -74.93
C GLY G 189 -2.52 21.31 -75.27
N TRP G 190 -2.15 20.40 -76.16
CA TRP G 190 -3.09 19.45 -76.75
C TRP G 190 -2.52 18.04 -76.71
N GLY G 191 -3.33 17.07 -76.31
CA GLY G 191 -2.84 15.72 -76.16
C GLY G 191 -3.59 14.70 -76.98
N SER G 192 -2.86 13.65 -77.36
CA SER G 192 -3.44 12.55 -78.12
C SER G 192 -3.06 11.20 -77.51
N GLN G 193 -3.81 10.17 -77.84
CA GLN G 193 -3.44 8.80 -77.45
C GLN G 193 -2.72 8.06 -78.58
N CYS G 194 -2.58 8.73 -79.71
CA CYS G 194 -1.88 8.14 -80.84
C CYS G 194 -0.38 8.44 -80.74
N ILE G 195 0.35 8.06 -81.78
CA ILE G 195 1.80 8.14 -81.75
C ILE G 195 2.24 9.62 -81.76
N GLY G 196 1.39 10.50 -82.27
CA GLY G 196 1.69 11.92 -82.31
C GLY G 196 0.44 12.76 -82.10
N THR G 197 0.61 14.06 -81.95
CA THR G 197 -0.49 14.97 -81.70
C THR G 197 -1.37 15.15 -82.94
N ASP G 198 -0.84 14.73 -84.09
CA ASP G 198 -1.56 14.90 -85.35
C ASP G 198 -2.17 13.59 -85.82
N ALA G 199 -3.15 13.69 -86.72
CA ALA G 199 -3.73 12.51 -87.35
C ALA G 199 -2.64 11.75 -88.08
N GLY G 200 -2.81 10.44 -88.23
CA GLY G 200 -1.88 9.66 -89.05
C GLY G 200 -1.67 10.23 -90.45
N GLN G 201 -2.72 10.82 -91.01
CA GLN G 201 -2.67 11.29 -92.40
C GLN G 201 -2.42 12.81 -92.51
N ALA G 202 -1.89 13.41 -91.45
CA ALA G 202 -1.73 14.86 -91.37
C ALA G 202 -0.71 15.41 -92.38
N GLY G 203 0.08 14.52 -92.96
CA GLY G 203 1.04 14.92 -93.99
C GLY G 203 0.41 15.57 -95.21
N GLY G 204 -0.84 15.21 -95.50
CA GLY G 204 -1.55 15.77 -96.63
C GLY G 204 -2.42 16.96 -96.28
N MET G 205 -2.41 17.36 -95.01
CA MET G 205 -3.18 18.52 -94.57
C MET G 205 -2.51 19.84 -94.95
N GLU G 206 -3.26 20.93 -94.85
CA GLU G 206 -2.72 22.25 -95.08
C GLU G 206 -2.91 23.16 -93.85
N PRO G 207 -1.84 23.40 -93.10
CA PRO G 207 -0.49 22.90 -93.38
C PRO G 207 -0.30 21.46 -92.92
N PRO G 208 0.76 20.80 -93.42
CA PRO G 208 1.10 19.45 -92.94
C PRO G 208 1.34 19.43 -91.42
N PHE G 209 0.83 18.42 -90.73
CA PHE G 209 0.98 18.30 -89.28
C PHE G 209 0.59 19.58 -88.53
N PRO G 210 -0.69 19.97 -88.64
CA PRO G 210 -1.09 21.28 -88.14
C PRO G 210 -1.03 21.37 -86.63
N ALA G 211 -1.23 20.27 -85.91
CA ALA G 211 -1.10 20.33 -84.45
C ALA G 211 0.32 20.75 -84.13
N HIS G 212 1.29 20.05 -84.72
CA HIS G 212 2.70 20.35 -84.46
C HIS G 212 3.00 21.77 -84.89
N ASN G 213 2.55 22.09 -86.10
CA ASN G 213 2.83 23.39 -86.68
C ASN G 213 2.28 24.53 -85.83
N LEU G 214 0.99 24.45 -85.52
CA LEU G 214 0.29 25.57 -84.90
C LEU G 214 0.50 25.66 -83.38
N LEU G 215 0.46 24.54 -82.67
CA LEU G 215 0.71 24.57 -81.22
C LEU G 215 2.06 25.21 -80.93
N HIS G 216 3.08 24.79 -81.66
CA HIS G 216 4.43 25.24 -81.33
C HIS G 216 4.71 26.64 -81.89
N ARG G 217 3.97 27.02 -82.93
CA ARG G 217 3.95 28.40 -83.37
C ARG G 217 3.61 29.33 -82.20
N ASP G 218 2.70 28.86 -81.35
CA ASP G 218 2.16 29.68 -80.27
C ASP G 218 2.79 29.35 -78.92
N ASN G 219 3.97 28.74 -78.91
CA ASN G 219 4.68 28.41 -77.67
C ASN G 219 3.83 27.50 -76.78
N CYS G 220 3.04 26.63 -77.41
CA CYS G 220 2.23 25.66 -76.66
C CYS G 220 2.76 24.24 -76.79
N PHE G 221 2.26 23.35 -75.94
CA PHE G 221 2.80 22.00 -75.80
C PHE G 221 1.96 20.92 -76.47
N GLY G 222 2.60 19.81 -76.83
CA GLY G 222 1.89 18.63 -77.29
C GLY G 222 2.16 17.42 -76.39
N LEU G 223 1.17 16.53 -76.31
CA LEU G 223 1.30 15.26 -75.61
C LEU G 223 0.91 14.13 -76.55
N ALA G 224 1.65 13.02 -76.50
CA ALA G 224 1.35 11.87 -77.34
C ALA G 224 1.39 10.55 -76.56
N SER G 225 0.74 9.53 -77.13
CA SER G 225 0.61 8.20 -76.53
C SER G 225 0.10 8.24 -75.09
N LEU G 226 -0.86 9.13 -74.84
CA LEU G 226 -1.52 9.19 -73.55
C LEU G 226 -2.34 7.92 -73.37
N ALA G 227 -2.33 7.39 -72.14
CA ALA G 227 -3.12 6.20 -71.81
C ALA G 227 -4.20 6.51 -70.79
N ASN G 228 -5.18 5.63 -70.69
CA ASN G 228 -6.21 5.70 -69.64
C ASN G 228 -7.04 6.97 -69.63
N LEU G 229 -7.22 7.61 -70.79
CA LEU G 229 -8.12 8.75 -70.82
C LEU G 229 -9.56 8.30 -70.57
N ASP G 230 -9.83 7.01 -70.77
CA ASP G 230 -11.14 6.47 -70.45
C ASP G 230 -11.41 6.46 -68.94
N LYS G 231 -10.41 6.80 -68.14
CA LYS G 231 -10.58 6.89 -66.69
C LYS G 231 -10.86 8.31 -66.22
N LEU G 232 -10.85 9.27 -67.16
CA LEU G 232 -10.99 10.67 -66.81
C LEU G 232 -12.37 11.22 -67.19
N PRO G 233 -12.88 12.18 -66.41
CA PRO G 233 -14.13 12.86 -66.75
C PRO G 233 -13.90 13.88 -67.86
N ALA G 234 -14.95 14.29 -68.55
CA ALA G 234 -14.84 15.31 -69.58
C ALA G 234 -14.26 16.59 -69.00
N LYS G 235 -14.70 16.92 -67.78
CA LYS G 235 -14.29 18.16 -67.11
C LYS G 235 -13.94 17.90 -65.65
N GLY G 236 -13.11 18.77 -65.08
CA GLY G 236 -12.89 18.74 -63.64
C GLY G 236 -11.60 18.10 -63.19
N ALA G 237 -10.99 17.28 -64.03
CA ALA G 237 -9.70 16.66 -63.68
C ALA G 237 -8.52 17.61 -63.87
N ILE G 238 -7.40 17.32 -63.21
CA ILE G 238 -6.16 18.08 -63.33
C ILE G 238 -5.14 17.15 -63.98
N LEU G 239 -4.49 17.62 -65.05
CA LEU G 239 -3.45 16.82 -65.70
C LEU G 239 -2.08 17.38 -65.36
N ILE G 240 -1.19 16.48 -64.96
CA ILE G 240 0.22 16.78 -64.72
C ILE G 240 1.03 16.12 -65.82
N ALA G 241 1.63 16.94 -66.68
CA ALA G 241 2.40 16.43 -67.79
C ALA G 241 3.72 17.20 -67.89
N ALA G 242 4.76 16.69 -67.23
CA ALA G 242 6.01 17.41 -67.08
C ALA G 242 7.18 16.69 -67.74
N PRO G 243 7.88 17.37 -68.67
CA PRO G 243 9.01 16.73 -69.33
C PRO G 243 10.25 16.67 -68.43
N LEU G 244 11.12 15.69 -68.62
CA LEU G 244 12.44 15.72 -68.00
C LEU G 244 13.13 17.04 -68.36
N LYS G 245 14.05 17.50 -67.51
CA LYS G 245 14.69 18.78 -67.74
C LYS G 245 15.91 18.63 -68.67
N ILE G 246 15.68 17.97 -69.80
CA ILE G 246 16.72 17.74 -70.79
C ILE G 246 17.31 19.04 -71.31
N GLU G 247 18.64 19.12 -71.34
CA GLU G 247 19.34 20.31 -71.76
C GLU G 247 19.04 20.59 -73.22
N ARG G 248 18.52 21.79 -73.50
CA ARG G 248 18.00 22.15 -74.83
C ARG G 248 17.07 21.07 -75.41
N GLY G 249 16.28 20.45 -74.55
CA GLY G 249 15.46 19.34 -74.98
C GLY G 249 14.29 19.83 -75.81
N THR G 250 13.94 19.06 -76.83
CA THR G 250 12.81 19.40 -77.70
C THR G 250 11.58 18.68 -77.26
N GLY G 251 11.75 17.77 -76.31
CA GLY G 251 10.65 16.96 -75.84
C GLY G 251 11.19 15.97 -74.84
N SER G 252 10.32 15.09 -74.35
CA SER G 252 10.72 14.15 -73.32
C SER G 252 9.66 13.10 -73.04
N PRO G 253 10.07 11.85 -72.77
CA PRO G 253 9.06 10.94 -72.22
C PRO G 253 8.57 11.50 -70.89
N ILE G 254 7.33 11.20 -70.49
CA ILE G 254 6.80 11.70 -69.24
C ILE G 254 6.04 10.62 -68.47
N ARG G 255 5.87 10.85 -67.18
CA ARG G 255 4.87 10.13 -66.42
C ARG G 255 3.66 11.04 -66.28
N ALA G 256 2.79 10.98 -67.27
CA ALA G 256 1.56 11.76 -67.25
C ALA G 256 0.67 11.19 -66.16
N LEU G 257 0.18 12.08 -65.30
CA LEU G 257 -0.70 11.73 -64.20
C LEU G 257 -1.87 12.69 -64.14
N ALA G 258 -3.06 12.17 -63.86
CA ALA G 258 -4.23 13.02 -63.74
C ALA G 258 -4.79 12.91 -62.32
N LEU G 259 -5.34 14.01 -61.82
CA LEU G 259 -6.02 14.02 -60.52
C LEU G 259 -7.53 14.06 -60.74
N VAL G 260 -8.26 13.09 -60.22
CA VAL G 260 -9.69 13.03 -60.45
C VAL G 260 -10.44 12.81 -59.14
N PRO G 261 -11.64 13.40 -59.01
CA PRO G 261 -12.40 13.16 -57.79
C PRO G 261 -12.78 11.71 -57.63
N LYS G 262 -12.99 11.34 -56.37
CA LYS G 262 -13.68 10.12 -55.93
C LYS G 262 -12.71 8.96 -55.75
N MET H 1 -15.60 20.89 -48.13
CA MET H 1 -14.58 20.98 -49.18
C MET H 1 -14.51 19.67 -49.97
N SER H 2 -15.30 19.58 -51.04
CA SER H 2 -15.36 18.34 -51.82
C SER H 2 -14.11 18.14 -52.64
N ALA H 3 -13.89 16.91 -53.09
CA ALA H 3 -12.73 16.60 -53.91
C ALA H 3 -12.73 17.46 -55.16
N GLN H 4 -13.89 17.59 -55.80
CA GLN H 4 -13.97 18.39 -57.02
C GLN H 4 -13.65 19.86 -56.76
N SER H 5 -14.19 20.43 -55.67
CA SER H 5 -13.94 21.83 -55.38
C SER H 5 -12.45 22.03 -55.09
N ALA H 6 -11.82 21.05 -54.45
CA ALA H 6 -10.39 21.13 -54.20
C ALA H 6 -9.63 21.15 -55.51
N LEU H 7 -10.05 20.31 -56.46
CA LEU H 7 -9.35 20.25 -57.73
C LEU H 7 -9.61 21.51 -58.53
N SER H 8 -10.86 21.98 -58.50
CA SER H 8 -11.24 23.19 -59.21
C SER H 8 -10.44 24.37 -58.66
N GLY H 9 -10.42 24.47 -57.33
CA GLY H 9 -9.65 25.49 -56.63
C GLY H 9 -8.16 25.44 -56.94
N LEU H 10 -7.59 24.23 -56.99
CA LEU H 10 -6.19 24.10 -57.34
C LEU H 10 -5.93 24.66 -58.75
N GLY H 11 -6.83 24.33 -59.67
CA GLY H 11 -6.68 24.79 -61.03
C GLY H 11 -6.66 26.31 -61.08
N ALA H 12 -7.55 26.93 -60.32
CA ALA H 12 -7.66 28.38 -60.32
C ALA H 12 -6.43 29.05 -59.71
N LYS H 13 -5.93 28.49 -58.62
CA LYS H 13 -4.81 29.10 -57.91
C LYS H 13 -3.49 28.91 -58.66
N LEU H 14 -3.41 27.84 -59.47
CA LEU H 14 -2.27 27.65 -60.35
C LEU H 14 -2.22 28.78 -61.37
N LEU H 15 -3.37 29.09 -61.96
CA LEU H 15 -3.44 30.15 -62.96
C LEU H 15 -3.14 31.52 -62.36
N SER H 16 -3.67 31.78 -61.17
CA SER H 16 -3.46 33.06 -60.51
C SER H 16 -2.07 33.18 -59.90
N GLY H 17 -1.38 32.05 -59.73
CA GLY H 17 -0.07 32.06 -59.10
C GLY H 17 -0.14 32.05 -57.58
N GLU H 18 -1.34 31.84 -57.04
CA GLU H 18 -1.54 31.70 -55.60
C GLU H 18 -0.96 30.38 -55.11
N VAL H 19 -0.90 29.41 -56.01
CA VAL H 19 -0.08 28.22 -55.79
C VAL H 19 1.02 28.22 -56.82
N GLU H 20 2.26 28.19 -56.34
CA GLU H 20 3.40 28.24 -57.22
C GLU H 20 3.94 26.84 -57.47
N VAL H 21 4.28 26.57 -58.73
CA VAL H 21 4.94 25.33 -59.09
C VAL H 21 6.43 25.57 -59.05
N VAL H 22 7.11 24.94 -58.08
CA VAL H 22 8.57 25.06 -57.99
C VAL H 22 9.23 23.90 -58.71
N ASP H 23 10.14 24.21 -59.63
CA ASP H 23 10.95 23.21 -60.31
C ASP H 23 12.03 22.68 -59.34
N CYS H 24 11.92 21.41 -58.95
CA CYS H 24 12.90 20.80 -58.04
C CYS H 24 13.87 19.88 -58.76
N THR H 25 14.12 20.18 -60.03
CA THR H 25 14.85 19.32 -60.94
C THR H 25 16.11 20.01 -61.48
N GLY H 26 17.22 19.27 -61.54
CA GLY H 26 18.43 19.77 -62.19
C GLY H 26 18.41 19.53 -63.68
N VAL H 27 19.21 20.28 -64.42
CA VAL H 27 19.30 20.09 -65.87
C VAL H 27 19.86 18.70 -66.14
N LEU H 28 19.23 17.97 -67.06
CA LEU H 28 19.72 16.67 -67.47
C LEU H 28 20.48 16.79 -68.78
N GLY H 29 21.78 16.54 -68.74
CA GLY H 29 22.64 16.73 -69.91
C GLY H 29 24.00 16.13 -69.59
N PRO H 30 24.94 16.25 -70.54
CA PRO H 30 26.26 15.63 -70.37
C PRO H 30 26.98 16.05 -69.10
N ASN H 31 26.74 17.25 -68.60
CA ASN H 31 27.46 17.71 -67.42
C ASN H 31 26.72 17.42 -66.11
N THR H 32 25.62 16.68 -66.19
CA THR H 32 24.94 16.25 -64.96
C THR H 32 25.85 15.33 -64.14
N PRO H 33 26.05 15.65 -62.86
CA PRO H 33 26.87 14.76 -62.03
C PRO H 33 26.27 13.35 -61.97
N ILE H 34 27.11 12.36 -62.20
CA ILE H 34 26.72 10.94 -62.20
C ILE H 34 27.55 10.16 -61.18
N LEU H 35 26.89 9.30 -60.41
CA LEU H 35 27.55 8.48 -59.38
C LEU H 35 28.76 7.70 -59.91
N GLN H 36 29.83 7.69 -59.12
CA GLN H 36 31.00 6.87 -59.41
C GLN H 36 31.19 5.85 -58.30
N LEU H 37 31.30 4.58 -58.66
CA LEU H 37 31.55 3.54 -57.68
C LEU H 37 32.96 3.02 -57.91
N PRO H 38 33.59 2.45 -56.87
CA PRO H 38 34.89 1.83 -57.09
C PRO H 38 34.76 0.79 -58.19
N PRO H 39 35.48 0.97 -59.30
CA PRO H 39 35.34 0.06 -60.46
C PRO H 39 35.59 -1.41 -60.09
N ASP H 40 36.41 -1.66 -59.07
CA ASP H 40 36.60 -3.02 -58.60
C ASP H 40 35.36 -3.57 -57.90
N PHE H 41 34.52 -2.67 -57.40
CA PHE H 41 33.32 -3.07 -56.66
C PHE H 41 32.09 -3.26 -57.55
N ALA H 42 31.94 -2.39 -58.55
CA ALA H 42 30.74 -2.44 -59.37
C ALA H 42 30.90 -1.73 -60.70
N LYS H 43 30.11 -2.18 -61.67
CA LYS H 43 29.98 -1.48 -62.94
C LYS H 43 29.26 -0.15 -62.72
N ASN H 44 29.65 0.84 -63.51
CA ASN H 44 29.14 2.20 -63.31
C ASN H 44 28.01 2.54 -64.27
N THR H 45 27.07 3.37 -63.83
CA THR H 45 26.01 3.85 -64.71
C THR H 45 26.62 4.92 -65.62
N PRO H 46 26.20 4.98 -66.90
CA PRO H 46 26.86 5.83 -67.89
C PRO H 46 26.59 7.32 -67.72
N LYS H 47 27.53 8.16 -68.17
CA LYS H 47 27.29 9.59 -68.27
C LYS H 47 26.14 9.84 -69.24
N VAL H 48 25.44 10.96 -69.06
CA VAL H 48 24.35 11.33 -69.94
C VAL H 48 24.90 11.81 -71.28
N GLU H 49 24.32 11.32 -72.37
CA GLU H 49 24.63 11.82 -73.72
C GLU H 49 23.37 12.32 -74.41
N ILE H 50 23.46 13.44 -75.11
CA ILE H 50 22.37 13.91 -75.94
C ILE H 50 22.82 13.98 -77.39
N HIS H 51 22.16 13.23 -78.25
CA HIS H 51 22.50 13.15 -79.67
C HIS H 51 21.44 13.78 -80.56
N LYS H 52 21.87 14.69 -81.41
CA LYS H 52 20.98 15.32 -82.40
C LYS H 52 20.48 14.32 -83.42
N ILE H 53 19.16 14.31 -83.66
CA ILE H 53 18.63 13.58 -84.81
C ILE H 53 18.46 14.54 -85.98
N SER H 54 17.82 15.67 -85.73
CA SER H 54 17.70 16.73 -86.72
C SER H 54 17.45 18.07 -86.03
N GLU H 55 17.67 19.16 -86.75
CA GLU H 55 17.21 20.46 -86.30
C GLU H 55 16.85 21.34 -87.49
N TYR H 56 15.66 21.11 -88.07
CA TYR H 56 15.19 21.85 -89.24
C TYR H 56 16.25 21.83 -90.34
N ASP H 57 16.72 20.63 -90.67
CA ASP H 57 17.79 20.44 -91.64
C ASP H 57 17.45 19.26 -92.54
N SER H 58 18.41 18.81 -93.35
CA SER H 58 18.15 17.76 -94.33
C SER H 58 17.80 16.40 -93.69
N ASP H 59 18.13 16.24 -92.41
CA ASP H 59 17.81 15.02 -91.67
C ASP H 59 16.40 15.04 -91.07
N GLY H 60 15.77 16.21 -91.07
CA GLY H 60 14.47 16.42 -90.48
C GLY H 60 14.10 17.86 -90.74
N PRO H 61 13.42 18.11 -91.87
CA PRO H 61 13.21 19.46 -92.43
C PRO H 61 12.38 20.41 -91.56
N PHE H 62 11.36 19.91 -90.88
CA PHE H 62 10.38 20.76 -90.22
C PHE H 62 10.40 20.63 -88.72
N PHE H 63 11.34 19.84 -88.20
CA PHE H 63 11.34 19.50 -86.78
C PHE H 63 12.75 19.28 -86.24
N ALA H 64 12.86 19.41 -84.92
CA ALA H 64 14.10 19.18 -84.19
C ALA H 64 13.84 18.17 -83.10
N TRP H 65 14.78 17.26 -82.91
CA TRP H 65 14.69 16.29 -81.83
C TRP H 65 16.02 15.58 -81.61
N ASN H 66 16.13 14.97 -80.44
CA ASN H 66 17.34 14.31 -79.96
C ASN H 66 17.06 12.90 -79.43
N TRP H 67 18.11 12.09 -79.28
CA TRP H 67 17.99 10.83 -78.54
C TRP H 67 19.09 10.77 -77.50
N MET H 68 18.89 9.95 -76.46
CA MET H 68 19.77 9.96 -75.31
C MET H 68 20.38 8.60 -74.95
N VAL H 69 21.58 8.65 -74.41
CA VAL H 69 22.09 7.56 -73.61
C VAL H 69 21.82 7.97 -72.19
N LEU H 70 20.99 7.20 -71.48
CA LEU H 70 20.43 7.64 -70.21
C LEU H 70 20.25 6.48 -69.23
N GLY H 71 21.04 6.47 -68.17
CA GLY H 71 20.83 5.51 -67.10
C GLY H 71 19.57 5.91 -66.35
N GLU H 72 18.86 4.91 -65.84
CA GLU H 72 17.73 5.13 -64.94
C GLU H 72 18.11 6.09 -63.82
N HIS H 73 19.29 5.87 -63.25
CA HIS H 73 19.70 6.62 -62.09
C HIS H 73 20.61 7.78 -62.50
N SER H 74 19.98 8.79 -63.11
CA SER H 74 20.67 9.94 -63.67
C SER H 74 20.03 11.26 -63.27
N GLY H 75 20.80 12.17 -62.70
CA GLY H 75 20.28 13.50 -62.40
C GLY H 75 19.22 13.38 -61.34
N THR H 76 18.32 14.37 -61.29
CA THR H 76 17.20 14.32 -60.35
C THR H 76 16.40 13.07 -60.68
N HIS H 77 16.38 12.11 -59.76
CA HIS H 77 15.79 10.82 -60.09
C HIS H 77 15.18 10.10 -58.90
N PHE H 78 14.53 8.99 -59.24
CA PHE H 78 13.64 8.24 -58.36
C PHE H 78 14.17 6.83 -58.24
N ASP H 79 14.33 6.33 -57.01
CA ASP H 79 14.68 4.93 -56.75
C ASP H 79 13.44 4.12 -56.41
N ALA H 80 13.13 3.11 -57.21
CA ALA H 80 12.06 2.16 -56.91
C ALA H 80 12.59 1.02 -56.02
N PRO H 81 11.69 0.32 -55.30
CA PRO H 81 12.19 -0.70 -54.36
C PRO H 81 13.02 -1.85 -55.00
N HIS H 82 12.83 -2.14 -56.27
CA HIS H 82 13.58 -3.22 -56.89
C HIS H 82 15.05 -2.85 -57.00
N HIS H 83 15.32 -1.55 -56.91
CA HIS H 83 16.68 -1.03 -57.00
C HIS H 83 17.64 -1.70 -56.00
N TRP H 84 17.16 -2.02 -54.80
CA TRP H 84 18.01 -2.68 -53.81
C TRP H 84 17.62 -4.12 -53.58
N ILE H 85 18.60 -4.92 -53.16
CA ILE H 85 18.41 -6.34 -52.93
C ILE H 85 17.31 -6.59 -51.89
N THR H 86 17.20 -5.70 -50.90
CA THR H 86 16.19 -5.83 -49.86
C THR H 86 14.77 -5.65 -50.39
N GLY H 87 14.64 -5.10 -51.59
CA GLY H 87 13.33 -4.85 -52.16
C GLY H 87 13.01 -5.70 -53.39
N LYS H 88 13.83 -6.71 -53.66
CA LYS H 88 13.73 -7.42 -54.94
C LYS H 88 12.43 -8.23 -55.11
N ASP H 89 11.78 -8.58 -54.00
CA ASP H 89 10.62 -9.47 -54.03
C ASP H 89 9.27 -8.75 -54.15
N TYR H 90 9.25 -7.43 -54.09
CA TYR H 90 8.01 -6.70 -54.31
C TYR H 90 7.65 -6.72 -55.78
N SER H 91 6.49 -7.29 -56.09
CA SER H 91 6.00 -7.33 -57.47
C SER H 91 5.64 -5.91 -57.90
N ASP H 92 5.25 -5.10 -56.94
CA ASP H 92 4.91 -3.71 -57.22
C ASP H 92 6.12 -2.80 -57.02
N GLY H 93 7.32 -3.37 -57.01
CA GLY H 93 8.52 -2.61 -56.72
C GLY H 93 9.25 -2.04 -57.93
N PHE H 94 8.61 -2.08 -59.09
CA PHE H 94 9.20 -1.52 -60.31
C PHE H 94 8.50 -0.22 -60.73
N THR H 95 9.18 0.58 -61.55
CA THR H 95 8.63 1.87 -61.94
C THR H 95 7.31 1.71 -62.70
N ASP H 96 7.11 0.55 -63.32
CA ASP H 96 5.90 0.28 -64.09
C ASP H 96 4.85 -0.49 -63.32
N THR H 97 5.15 -0.88 -62.08
CA THR H 97 4.21 -1.67 -61.30
C THR H 97 3.84 -1.03 -59.96
N LEU H 98 4.53 0.06 -59.58
CA LEU H 98 4.23 0.74 -58.32
C LEU H 98 2.91 1.51 -58.38
N ASP H 99 2.42 1.93 -57.21
CA ASP H 99 1.14 2.61 -57.07
C ASP H 99 1.29 4.11 -57.24
N VAL H 100 0.76 4.67 -58.34
CA VAL H 100 1.02 6.08 -58.61
C VAL H 100 0.30 6.99 -57.61
N GLN H 101 -0.69 6.45 -56.90
CA GLN H 101 -1.37 7.18 -55.84
C GLN H 101 -0.37 7.69 -54.80
N ARG H 102 0.69 6.91 -54.60
CA ARG H 102 1.69 7.19 -53.58
C ARG H 102 2.65 8.32 -53.94
N LEU H 103 2.73 8.67 -55.23
CA LEU H 103 3.80 9.53 -55.75
C LEU H 103 3.63 11.01 -55.45
N ILE H 104 2.41 11.43 -55.12
CA ILE H 104 2.11 12.84 -54.89
C ILE H 104 1.63 12.99 -53.45
N ALA H 105 2.32 13.80 -52.66
CA ALA H 105 2.05 13.83 -51.25
C ALA H 105 2.70 15.04 -50.60
N PRO H 106 2.17 15.45 -49.43
CA PRO H 106 2.82 16.46 -48.60
C PRO H 106 4.29 16.13 -48.38
N VAL H 107 5.13 17.16 -48.38
CA VAL H 107 6.55 16.95 -48.21
C VAL H 107 7.02 17.69 -46.97
N ASN H 108 7.94 17.05 -46.25
CA ASN H 108 8.60 17.63 -45.10
C ASN H 108 10.00 18.00 -45.51
N VAL H 109 10.35 19.28 -45.45
CA VAL H 109 11.66 19.72 -45.90
C VAL H 109 12.52 20.07 -44.70
N ILE H 110 13.49 19.20 -44.41
CA ILE H 110 14.33 19.35 -43.24
C ILE H 110 15.63 20.05 -43.64
N ASP H 111 15.78 21.29 -43.19
CA ASP H 111 16.94 22.09 -43.60
C ASP H 111 18.18 21.73 -42.79
N CYS H 112 19.19 21.23 -43.50
CA CYS H 112 20.46 20.82 -42.91
C CYS H 112 21.59 21.52 -43.64
N SER H 113 21.29 22.62 -44.30
CA SER H 113 22.27 23.25 -45.17
C SER H 113 23.42 23.85 -44.37
N LYS H 114 23.12 24.47 -43.24
CA LYS H 114 24.17 25.01 -42.36
C LYS H 114 25.08 23.90 -41.89
N GLU H 115 24.45 22.85 -41.38
CA GLU H 115 25.16 21.69 -40.85
C GLU H 115 26.04 21.03 -41.92
N SER H 116 25.53 20.98 -43.15
CA SER H 116 26.24 20.35 -44.27
C SER H 116 27.36 21.21 -44.82
N ALA H 117 27.20 22.53 -44.74
CA ALA H 117 28.27 23.42 -45.17
C ALA H 117 29.46 23.29 -44.23
N ALA H 118 29.19 23.03 -42.95
CA ALA H 118 30.25 22.92 -41.94
C ALA H 118 30.92 21.56 -41.96
N ASP H 119 30.17 20.54 -42.35
CA ASP H 119 30.67 19.17 -42.34
C ASP H 119 30.03 18.43 -43.50
N PRO H 120 30.82 18.13 -44.54
CA PRO H 120 30.24 17.47 -45.70
C PRO H 120 29.79 16.04 -45.40
N ASP H 121 30.25 15.46 -44.29
CA ASP H 121 29.77 14.13 -43.92
C ASP H 121 28.66 14.22 -42.88
N PHE H 122 28.01 15.37 -42.79
CA PHE H 122 26.93 15.56 -41.83
C PHE H 122 25.88 14.46 -41.95
N LEU H 123 25.49 13.95 -40.80
CA LEU H 123 24.48 12.90 -40.72
C LEU H 123 23.24 13.40 -39.98
N LEU H 124 22.10 13.34 -40.65
CA LEU H 124 20.83 13.62 -40.00
C LEU H 124 20.43 12.41 -39.15
N THR H 125 20.14 12.65 -37.87
CA THR H 125 19.85 11.57 -36.94
C THR H 125 18.37 11.46 -36.59
N ALA H 126 17.99 10.33 -36.01
CA ALA H 126 16.65 10.14 -35.48
C ALA H 126 16.31 11.25 -34.50
N ASP H 127 17.25 11.61 -33.63
CA ASP H 127 16.97 12.63 -32.62
C ASP H 127 16.78 14.03 -33.23
N LEU H 128 17.53 14.32 -34.28
CA LEU H 128 17.38 15.60 -34.99
C LEU H 128 16.04 15.69 -35.72
N ILE H 129 15.61 14.58 -36.32
CA ILE H 129 14.30 14.53 -36.96
C ILE H 129 13.20 14.74 -35.92
N LYS H 130 13.34 14.10 -34.76
CA LYS H 130 12.38 14.28 -33.68
C LYS H 130 12.31 15.74 -33.22
N ALA H 131 13.45 16.41 -33.14
CA ALA H 131 13.48 17.81 -32.74
C ALA H 131 12.79 18.68 -33.80
N TRP H 132 13.03 18.35 -35.06
CA TRP H 132 12.38 19.04 -36.17
C TRP H 132 10.85 18.90 -36.06
N GLU H 133 10.39 17.70 -35.73
CA GLU H 133 8.96 17.43 -35.61
C GLU H 133 8.31 18.21 -34.46
N ALA H 134 9.05 18.35 -33.37
CA ALA H 134 8.52 19.06 -32.21
C ALA H 134 8.23 20.51 -32.58
N GLU H 135 9.07 21.07 -33.45
CA GLU H 135 8.89 22.44 -33.91
C GLU H 135 7.86 22.59 -35.03
N HIS H 136 8.01 21.79 -36.09
CA HIS H 136 7.20 22.00 -37.29
C HIS H 136 5.96 21.15 -37.37
N GLY H 137 5.96 20.05 -36.63
CA GLY H 137 4.83 19.13 -36.62
C GLY H 137 5.25 17.73 -37.01
N GLU H 138 4.54 16.74 -36.46
CA GLU H 138 4.87 15.35 -36.69
C GLU H 138 4.87 14.98 -38.18
N ILE H 139 5.79 14.10 -38.56
CA ILE H 139 5.83 13.57 -39.92
C ILE H 139 4.77 12.47 -40.06
N GLY H 140 3.98 12.52 -41.13
CA GLY H 140 2.82 11.64 -41.22
C GLY H 140 2.92 10.55 -42.25
N ALA H 141 2.02 9.57 -42.12
CA ALA H 141 1.98 8.43 -43.05
C ALA H 141 1.80 8.92 -44.47
N GLY H 142 2.52 8.26 -45.38
CA GLY H 142 2.47 8.53 -46.81
C GLY H 142 3.17 9.79 -47.28
N GLU H 143 3.77 10.54 -46.37
CA GLU H 143 4.40 11.80 -46.75
C GLU H 143 5.83 11.60 -47.29
N TRP H 144 6.29 12.57 -48.09
CA TRP H 144 7.69 12.65 -48.51
C TRP H 144 8.51 13.31 -47.42
N VAL H 145 9.74 12.86 -47.23
CA VAL H 145 10.67 13.57 -46.38
C VAL H 145 11.93 13.88 -47.17
N VAL H 146 12.29 15.15 -47.24
CA VAL H 146 13.50 15.49 -47.97
C VAL H 146 14.50 16.22 -47.09
N MET H 147 15.77 15.88 -47.29
CA MET H 147 16.85 16.51 -46.57
C MET H 147 17.45 17.63 -47.41
N ARG H 148 17.13 18.86 -47.04
CA ARG H 148 17.71 20.00 -47.74
C ARG H 148 19.14 20.22 -47.24
N THR H 149 20.07 20.36 -48.19
CA THR H 149 21.47 20.61 -47.88
C THR H 149 22.02 21.71 -48.79
N ASP H 150 21.19 22.17 -49.72
CA ASP H 150 21.63 23.07 -50.80
C ASP H 150 22.84 22.52 -51.51
N TRP H 151 22.92 21.19 -51.61
CA TRP H 151 24.01 20.55 -52.35
C TRP H 151 23.90 20.90 -53.85
N ASP H 152 22.70 21.32 -54.27
CA ASP H 152 22.50 21.65 -55.68
C ASP H 152 23.36 22.83 -56.13
N LYS H 153 23.82 23.64 -55.17
CA LYS H 153 24.79 24.70 -55.49
C LYS H 153 26.05 24.12 -56.15
N ARG H 154 26.30 22.84 -55.93
CA ARG H 154 27.49 22.18 -56.47
C ARG H 154 27.25 21.47 -57.79
N ALA H 155 26.01 21.51 -58.28
CA ALA H 155 25.60 20.66 -59.40
C ALA H 155 26.30 21.00 -60.73
N GLY H 156 26.85 22.21 -60.82
CA GLY H 156 27.50 22.64 -62.04
C GLY H 156 28.96 22.25 -62.09
N ASP H 157 29.36 21.36 -61.19
CA ASP H 157 30.74 20.87 -61.12
C ASP H 157 30.71 19.49 -60.48
N GLU H 158 30.89 18.47 -61.30
CA GLU H 158 30.70 17.09 -60.85
C GLU H 158 31.67 16.72 -59.72
N ALA H 159 32.91 17.19 -59.83
CA ALA H 159 33.91 16.89 -58.81
C ALA H 159 33.47 17.47 -57.46
N ALA H 160 32.96 18.69 -57.47
CA ALA H 160 32.49 19.31 -56.24
C ALA H 160 31.25 18.60 -55.72
N PHE H 161 30.41 18.13 -56.65
CA PHE H 161 29.13 17.51 -56.28
C PHE H 161 29.34 16.15 -55.61
N LEU H 162 30.25 15.35 -56.15
CA LEU H 162 30.59 14.07 -55.54
C LEU H 162 31.47 14.30 -54.31
N ASN H 163 32.36 15.28 -54.41
CA ASN H 163 33.20 15.70 -53.29
C ASN H 163 34.01 14.55 -52.69
N ALA H 164 34.78 13.86 -53.50
CA ALA H 164 35.53 12.71 -53.03
C ALA H 164 36.99 13.03 -52.77
N ASP H 165 37.60 12.31 -51.84
CA ASP H 165 39.04 12.36 -51.64
C ASP H 165 39.56 10.94 -51.48
N GLU H 166 40.67 10.74 -50.76
CA GLU H 166 41.28 9.42 -50.68
C GLU H 166 40.37 8.37 -50.06
N THR H 167 39.50 8.79 -49.14
CA THR H 167 38.63 7.84 -48.45
C THR H 167 37.24 7.76 -49.08
N GLY H 168 37.08 8.33 -50.27
CA GLY H 168 35.82 8.24 -50.99
C GLY H 168 34.98 9.50 -50.98
N PRO H 169 33.71 9.39 -51.40
CA PRO H 169 32.85 10.56 -51.50
C PRO H 169 32.44 11.11 -50.13
N HIS H 170 32.34 12.43 -50.04
CA HIS H 170 31.93 13.07 -48.81
C HIS H 170 30.74 13.98 -49.05
N SER H 171 29.57 13.45 -48.72
CA SER H 171 28.33 14.18 -48.89
C SER H 171 27.37 13.75 -47.78
N PRO H 172 26.49 14.67 -47.36
CA PRO H 172 25.57 14.46 -46.23
C PRO H 172 24.54 13.37 -46.50
N GLY H 173 23.95 12.85 -45.44
CA GLY H 173 22.95 11.82 -45.57
C GLY H 173 22.33 11.47 -44.24
N PRO H 174 21.49 10.43 -44.22
CA PRO H 174 20.81 9.97 -43.01
C PRO H 174 21.57 8.87 -42.28
N THR H 175 21.36 8.73 -40.97
CA THR H 175 21.86 7.56 -40.27
C THR H 175 20.89 6.41 -40.50
N PRO H 176 21.34 5.17 -40.23
CA PRO H 176 20.41 4.05 -40.29
C PRO H 176 19.19 4.25 -39.39
N ASP H 177 19.42 4.72 -38.17
CA ASP H 177 18.33 4.87 -37.23
C ASP H 177 17.36 6.01 -37.64
N ALA H 178 17.89 7.03 -38.31
CA ALA H 178 17.03 8.10 -38.87
C ALA H 178 16.02 7.53 -39.85
N ILE H 179 16.50 6.68 -40.75
CA ILE H 179 15.65 6.07 -41.74
C ILE H 179 14.66 5.08 -41.09
N GLU H 180 15.12 4.29 -40.11
CA GLU H 180 14.21 3.41 -39.39
C GLU H 180 13.10 4.20 -38.69
N TYR H 181 13.44 5.33 -38.11
CA TYR H 181 12.43 6.14 -37.44
C TYR H 181 11.41 6.66 -38.46
N LEU H 182 11.91 7.18 -39.56
CA LEU H 182 11.01 7.68 -40.59
C LEU H 182 10.11 6.54 -41.08
N LEU H 183 10.67 5.37 -41.26
CA LEU H 183 9.89 4.23 -41.73
C LEU H 183 8.83 3.79 -40.71
N SER H 184 9.07 4.04 -39.42
CA SER H 184 8.05 3.77 -38.40
C SER H 184 6.86 4.74 -38.54
N LYS H 185 7.07 5.88 -39.18
CA LYS H 185 5.99 6.83 -39.44
C LYS H 185 5.24 6.49 -40.73
N LYS H 186 5.74 5.48 -41.45
CA LYS H 186 5.11 5.00 -42.68
C LYS H 186 5.16 6.06 -43.78
N ILE H 187 6.28 6.74 -43.88
CA ILE H 187 6.50 7.68 -44.99
C ILE H 187 6.46 6.94 -46.34
N VAL H 188 6.26 7.67 -47.44
CA VAL H 188 6.33 7.04 -48.76
C VAL H 188 7.78 6.92 -49.23
N GLY H 189 8.58 7.92 -48.87
CA GLY H 189 9.94 7.94 -49.40
C GLY H 189 10.76 9.10 -48.89
N TRP H 190 12.05 9.04 -49.24
CA TRP H 190 13.07 9.92 -48.70
C TRP H 190 13.91 10.51 -49.83
N GLY H 191 14.16 11.81 -49.79
CA GLY H 191 14.85 12.51 -50.87
C GLY H 191 16.06 13.29 -50.41
N SER H 192 17.05 13.38 -51.29
CA SER H 192 18.29 14.10 -51.03
C SER H 192 18.65 15.03 -52.20
N GLN H 193 19.53 15.99 -51.93
CA GLN H 193 20.07 16.85 -52.95
C GLN H 193 21.44 16.39 -53.41
N CYS H 194 21.93 15.33 -52.78
CA CYS H 194 23.21 14.75 -53.15
C CYS H 194 23.03 13.69 -54.23
N ILE H 195 24.12 13.06 -54.64
CA ILE H 195 24.10 12.13 -55.76
C ILE H 195 23.20 10.91 -55.49
N GLY H 196 23.06 10.53 -54.22
CA GLY H 196 22.20 9.42 -53.83
C GLY H 196 21.44 9.69 -52.54
N THR H 197 20.57 8.77 -52.15
CA THR H 197 19.78 8.94 -50.94
C THR H 197 20.61 8.77 -49.66
N ASP H 198 21.77 8.12 -49.78
CA ASP H 198 22.66 7.92 -48.63
C ASP H 198 23.80 8.92 -48.61
N ALA H 199 24.47 9.02 -47.47
CA ALA H 199 25.68 9.84 -47.36
C ALA H 199 26.78 9.31 -48.27
N GLY H 200 27.72 10.18 -48.64
CA GLY H 200 28.86 9.79 -49.46
C GLY H 200 29.56 8.56 -48.94
N GLN H 201 29.64 8.44 -47.61
CA GLN H 201 30.38 7.38 -46.95
C GLN H 201 29.53 6.14 -46.63
N ALA H 202 28.46 5.95 -47.39
CA ALA H 202 27.48 4.91 -47.10
C ALA H 202 28.02 3.50 -47.25
N GLY H 203 29.09 3.36 -48.01
CA GLY H 203 29.69 2.07 -48.24
C GLY H 203 30.18 1.42 -46.96
N GLY H 204 30.56 2.24 -45.99
CA GLY H 204 31.11 1.76 -44.73
C GLY H 204 30.16 1.92 -43.54
N MET H 205 28.88 2.14 -43.82
CA MET H 205 27.87 2.20 -42.77
C MET H 205 27.26 0.82 -42.53
N GLU H 206 26.43 0.69 -41.51
CA GLU H 206 25.82 -0.60 -41.18
C GLU H 206 24.30 -0.49 -41.06
N PRO H 207 23.56 -1.04 -42.05
CA PRO H 207 24.07 -1.75 -43.22
C PRO H 207 24.63 -0.79 -44.27
N PRO H 208 25.40 -1.30 -45.24
CA PRO H 208 25.89 -0.43 -46.30
C PRO H 208 24.72 0.22 -47.03
N PHE H 209 24.83 1.52 -47.27
CA PHE H 209 23.78 2.30 -47.94
C PHE H 209 22.43 2.11 -47.22
N PRO H 210 22.34 2.57 -45.97
CA PRO H 210 21.18 2.26 -45.14
C PRO H 210 19.86 2.80 -45.67
N ALA H 211 19.85 4.01 -46.24
CA ALA H 211 18.63 4.55 -46.83
C ALA H 211 18.13 3.61 -47.92
N HIS H 212 19.03 3.23 -48.83
CA HIS H 212 18.67 2.30 -49.90
C HIS H 212 18.15 0.99 -49.33
N ASN H 213 18.93 0.43 -48.42
CA ASN H 213 18.60 -0.83 -47.79
C ASN H 213 17.22 -0.80 -47.13
N LEU H 214 17.03 0.14 -46.22
CA LEU H 214 15.83 0.17 -45.37
C LEU H 214 14.59 0.67 -46.13
N LEU H 215 14.74 1.71 -46.94
CA LEU H 215 13.60 2.23 -47.68
C LEU H 215 13.00 1.14 -48.59
N HIS H 216 13.87 0.46 -49.32
CA HIS H 216 13.37 -0.47 -50.32
C HIS H 216 12.94 -1.80 -49.70
N ARG H 217 13.53 -2.16 -48.56
CA ARG H 217 12.99 -3.25 -47.73
C ARG H 217 11.51 -3.06 -47.41
N ASP H 218 11.10 -1.80 -47.20
CA ASP H 218 9.73 -1.51 -46.80
C ASP H 218 8.85 -1.03 -47.95
N ASN H 219 9.29 -1.31 -49.18
CA ASN H 219 8.55 -0.94 -50.38
C ASN H 219 8.34 0.57 -50.43
N CYS H 220 9.37 1.32 -50.01
CA CYS H 220 9.34 2.77 -50.09
C CYS H 220 10.34 3.31 -51.12
N PHE H 221 10.24 4.62 -51.40
CA PHE H 221 10.93 5.24 -52.53
C PHE H 221 12.09 6.13 -52.10
N GLY H 222 13.03 6.34 -53.01
CA GLY H 222 14.09 7.30 -52.78
C GLY H 222 14.11 8.33 -53.88
N LEU H 223 14.63 9.52 -53.56
CA LEU H 223 14.87 10.57 -54.56
C LEU H 223 16.28 11.13 -54.39
N ALA H 224 16.93 11.45 -55.49
CA ALA H 224 18.30 11.99 -55.45
C ALA H 224 18.45 13.20 -56.36
N SER H 225 19.48 14.01 -56.08
CA SER H 225 19.82 15.22 -56.83
C SER H 225 18.64 16.20 -56.95
N LEU H 226 17.83 16.28 -55.91
CA LEU H 226 16.74 17.27 -55.85
C LEU H 226 17.32 18.68 -55.85
N ALA H 227 16.65 19.58 -56.56
CA ALA H 227 17.11 20.98 -56.64
C ALA H 227 16.09 21.91 -56.01
N ASN H 228 16.55 23.11 -55.66
CA ASN H 228 15.66 24.18 -55.19
C ASN H 228 14.85 23.85 -53.94
N LEU H 229 15.35 22.96 -53.10
CA LEU H 229 14.65 22.71 -51.84
C LEU H 229 14.65 23.99 -50.98
N ASP H 230 15.55 24.93 -51.27
CA ASP H 230 15.59 26.17 -50.51
C ASP H 230 14.41 27.08 -50.87
N LYS H 231 13.63 26.71 -51.89
CA LYS H 231 12.43 27.46 -52.23
C LYS H 231 11.14 26.87 -51.63
N LEU H 232 11.28 25.78 -50.86
CA LEU H 232 10.14 25.13 -50.22
C LEU H 232 10.11 25.43 -48.74
N PRO H 233 8.90 25.49 -48.17
CA PRO H 233 8.75 25.61 -46.73
C PRO H 233 8.99 24.27 -46.06
N ALA H 234 9.34 24.27 -44.78
CA ALA H 234 9.50 23.04 -44.00
C ALA H 234 8.24 22.16 -44.08
N LYS H 235 7.08 22.81 -44.02
CA LYS H 235 5.77 22.15 -44.06
C LYS H 235 4.82 22.85 -45.04
N GLY H 236 3.83 22.12 -45.54
CA GLY H 236 2.73 22.75 -46.26
C GLY H 236 2.78 22.61 -47.77
N ALA H 237 3.92 22.19 -48.31
CA ALA H 237 4.02 21.99 -49.74
C ALA H 237 3.72 20.54 -50.13
N ILE H 238 3.45 20.36 -51.42
CA ILE H 238 3.14 19.05 -51.98
C ILE H 238 4.25 18.70 -52.96
N LEU H 239 4.83 17.51 -52.87
CA LEU H 239 5.85 17.09 -53.83
C LEU H 239 5.28 16.07 -54.83
N ILE H 240 5.56 16.32 -56.10
CA ILE H 240 5.22 15.43 -57.21
C ILE H 240 6.50 14.80 -57.73
N ALA H 241 6.67 13.50 -57.52
CA ALA H 241 7.91 12.84 -57.87
C ALA H 241 7.62 11.50 -58.53
N ALA H 242 7.48 11.52 -59.85
CA ALA H 242 6.92 10.38 -60.58
C ALA H 242 7.89 9.84 -61.62
N PRO H 243 8.25 8.56 -61.50
CA PRO H 243 9.20 7.97 -62.45
C PRO H 243 8.55 7.65 -63.78
N LEU H 244 9.34 7.74 -64.86
CA LEU H 244 8.93 7.20 -66.14
C LEU H 244 8.46 5.77 -65.93
N LYS H 245 7.52 5.32 -66.75
CA LYS H 245 6.95 4.00 -66.58
C LYS H 245 7.85 2.96 -67.28
N ILE H 246 9.12 2.94 -66.90
CA ILE H 246 10.12 2.07 -67.51
C ILE H 246 9.80 0.61 -67.22
N GLU H 247 9.85 -0.24 -68.24
CA GLU H 247 9.47 -1.65 -68.09
C GLU H 247 10.43 -2.35 -67.15
N ARG H 248 9.91 -2.88 -66.04
CA ARG H 248 10.72 -3.45 -64.96
C ARG H 248 11.84 -2.49 -64.52
N GLY H 249 11.55 -1.19 -64.57
CA GLY H 249 12.50 -0.17 -64.19
C GLY H 249 12.82 -0.18 -62.70
N THR H 250 14.10 0.02 -62.38
CA THR H 250 14.54 0.10 -60.98
C THR H 250 14.56 1.52 -60.46
N GLY H 251 14.39 2.46 -61.38
CA GLY H 251 14.49 3.86 -61.06
C GLY H 251 14.27 4.64 -62.33
N SER H 252 14.32 5.96 -62.24
CA SER H 252 14.07 6.80 -63.39
C SER H 252 14.47 8.24 -63.14
N PRO H 253 15.00 8.92 -64.17
CA PRO H 253 15.00 10.37 -64.05
C PRO H 253 13.56 10.88 -63.94
N ILE H 254 13.38 12.03 -63.29
CA ILE H 254 12.05 12.59 -63.09
C ILE H 254 12.07 14.08 -63.26
N ARG H 255 10.90 14.66 -63.45
CA ARG H 255 10.73 16.09 -63.32
C ARG H 255 10.01 16.32 -62.00
N ALA H 256 10.81 16.43 -60.94
CA ALA H 256 10.26 16.69 -59.62
C ALA H 256 9.76 18.14 -59.58
N LEU H 257 8.51 18.29 -59.14
CA LEU H 257 7.86 19.59 -58.98
C LEU H 257 7.19 19.66 -57.62
N ALA H 258 7.25 20.82 -57.00
CA ALA H 258 6.56 21.03 -55.73
C ALA H 258 5.48 22.09 -55.91
N LEU H 259 4.34 21.91 -55.23
CA LEU H 259 3.31 22.95 -55.17
C LEU H 259 3.47 23.70 -53.86
N VAL H 260 3.66 25.01 -53.94
CA VAL H 260 3.93 25.84 -52.78
C VAL H 260 2.84 26.89 -52.63
N PRO H 261 2.29 27.04 -51.41
CA PRO H 261 1.22 28.02 -51.17
C PRO H 261 1.76 29.45 -51.11
N LYS H 262 1.10 30.37 -51.81
CA LYS H 262 1.45 31.79 -51.81
C LYS H 262 0.30 32.61 -51.27
N ALA H 263 0.13 33.79 -51.86
CA ALA H 263 -0.93 34.77 -51.56
C ALA H 263 -1.63 34.61 -50.23
N MET I 1 6.26 -27.02 50.26
CA MET I 1 6.02 -28.03 51.28
C MET I 1 7.30 -28.81 51.61
N SER I 2 7.56 -29.00 52.90
CA SER I 2 6.79 -28.31 53.93
C SER I 2 7.58 -27.07 54.34
N ALA I 3 6.90 -26.11 54.94
CA ALA I 3 7.56 -24.92 55.44
C ALA I 3 8.65 -25.31 56.42
N GLN I 4 8.33 -26.23 57.34
CA GLN I 4 9.31 -26.62 58.36
C GLN I 4 10.53 -27.29 57.74
N SER I 5 10.30 -28.15 56.75
CA SER I 5 11.39 -28.81 56.05
C SER I 5 12.31 -27.80 55.38
N ALA I 6 11.71 -26.81 54.75
CA ALA I 6 12.48 -25.77 54.08
C ALA I 6 13.29 -24.95 55.08
N LEU I 7 12.70 -24.66 56.24
CA LEU I 7 13.39 -23.87 57.24
C LEU I 7 14.53 -24.67 57.86
N SER I 8 14.29 -25.95 58.10
CA SER I 8 15.31 -26.83 58.66
C SER I 8 16.48 -27.02 57.68
N GLY I 9 16.16 -27.26 56.41
CA GLY I 9 17.17 -27.37 55.37
C GLY I 9 17.99 -26.10 55.24
N LEU I 10 17.32 -24.95 55.26
CA LEU I 10 18.01 -23.67 55.20
C LEU I 10 18.94 -23.51 56.40
N GLY I 11 18.40 -23.81 57.57
CA GLY I 11 19.18 -23.69 58.80
C GLY I 11 20.45 -24.52 58.73
N ALA I 12 20.33 -25.77 58.29
CA ALA I 12 21.49 -26.65 58.13
C ALA I 12 22.54 -26.07 57.18
N LYS I 13 22.09 -25.56 56.04
CA LYS I 13 23.01 -25.07 55.02
C LYS I 13 23.67 -23.76 55.41
N LEU I 14 23.02 -22.99 56.28
CA LEU I 14 23.65 -21.80 56.84
C LEU I 14 24.78 -22.18 57.80
N LEU I 15 24.47 -23.07 58.74
CA LEU I 15 25.45 -23.49 59.73
C LEU I 15 26.68 -24.12 59.09
N SER I 16 26.47 -24.86 58.00
CA SER I 16 27.54 -25.53 57.29
C SER I 16 28.27 -24.63 56.31
N GLY I 17 27.63 -23.53 55.92
CA GLY I 17 28.23 -22.61 54.97
C GLY I 17 27.93 -22.90 53.51
N GLU I 18 27.11 -23.93 53.27
CA GLU I 18 26.63 -24.22 51.91
C GLU I 18 25.81 -23.05 51.36
N VAL I 19 25.09 -22.38 52.26
CA VAL I 19 24.47 -21.10 51.95
C VAL I 19 25.29 -20.04 52.68
N GLU I 20 25.82 -19.08 51.93
CA GLU I 20 26.64 -18.02 52.50
C GLU I 20 25.88 -16.72 52.71
N VAL I 21 26.14 -16.06 53.84
CA VAL I 21 25.63 -14.73 54.13
C VAL I 21 26.62 -13.70 53.62
N VAL I 22 26.17 -12.84 52.72
CA VAL I 22 27.00 -11.78 52.18
C VAL I 22 26.61 -10.44 52.79
N ASP I 23 27.61 -9.71 53.30
CA ASP I 23 27.39 -8.40 53.92
C ASP I 23 27.25 -7.33 52.83
N CYS I 24 26.06 -6.78 52.70
CA CYS I 24 25.82 -5.80 51.65
C CYS I 24 25.76 -4.38 52.20
N THR I 25 26.46 -4.17 53.31
CA THR I 25 26.38 -2.93 54.06
C THR I 25 27.75 -2.25 54.15
N GLY I 26 27.76 -0.92 54.02
CA GLY I 26 28.97 -0.15 54.25
C GLY I 26 29.15 0.20 55.72
N VAL I 27 30.36 0.59 56.10
CA VAL I 27 30.62 0.97 57.48
C VAL I 27 29.87 2.25 57.82
N LEU I 28 29.19 2.24 58.96
CA LEU I 28 28.42 3.37 59.44
C LEU I 28 29.19 4.16 60.51
N GLY I 29 29.68 5.34 60.15
CA GLY I 29 30.47 6.14 61.08
C GLY I 29 30.61 7.56 60.54
N PRO I 30 31.46 8.37 61.20
CA PRO I 30 31.65 9.78 60.84
C PRO I 30 32.05 9.98 59.39
N ASN I 31 32.71 9.02 58.76
CA ASN I 31 33.12 9.20 57.39
C ASN I 31 32.16 8.62 56.36
N THR I 32 31.05 8.06 56.81
CA THR I 32 30.01 7.60 55.91
C THR I 32 29.48 8.74 55.05
N PRO I 33 29.49 8.57 53.70
CA PRO I 33 28.97 9.64 52.84
C PRO I 33 27.50 9.91 53.12
N ILE I 34 27.15 11.18 53.23
CA ILE I 34 25.79 11.57 53.57
C ILE I 34 25.28 12.55 52.50
N LEU I 35 24.03 12.40 52.09
CA LEU I 35 23.45 13.29 51.07
C LEU I 35 23.63 14.78 51.35
N GLN I 36 24.05 15.54 50.33
CA GLN I 36 24.07 17.00 50.43
C GLN I 36 23.03 17.64 49.51
N LEU I 37 22.24 18.54 50.08
CA LEU I 37 21.20 19.26 49.34
C LEU I 37 21.52 20.75 49.31
N PRO I 38 21.02 21.48 48.29
CA PRO I 38 21.18 22.95 48.33
C PRO I 38 20.46 23.55 49.52
N PRO I 39 21.14 24.41 50.30
CA PRO I 39 20.58 25.03 51.52
C PRO I 39 19.31 25.84 51.27
N ASP I 40 19.26 26.51 50.12
CA ASP I 40 18.07 27.25 49.73
C ASP I 40 16.90 26.31 49.43
N PHE I 41 17.19 25.04 49.17
CA PHE I 41 16.15 24.08 48.82
C PHE I 41 15.59 23.36 50.04
N ALA I 42 16.45 22.71 50.82
CA ALA I 42 16.00 21.94 51.97
C ALA I 42 17.08 21.84 53.05
N LYS I 43 16.66 21.59 54.29
CA LYS I 43 17.60 21.28 55.38
C LYS I 43 18.27 19.94 55.13
N ASN I 44 19.54 19.81 55.51
CA ASN I 44 20.26 18.56 55.32
C ASN I 44 20.08 17.57 56.47
N THR I 45 20.17 16.29 56.16
CA THR I 45 20.25 15.27 57.19
C THR I 45 21.70 15.28 57.70
N PRO I 46 21.90 15.03 59.02
CA PRO I 46 23.20 15.25 59.65
C PRO I 46 24.24 14.16 59.40
N LYS I 47 25.51 14.52 59.48
CA LYS I 47 26.59 13.53 59.44
C LYS I 47 26.48 12.64 60.68
N VAL I 48 26.91 11.39 60.54
CA VAL I 48 26.95 10.46 61.65
C VAL I 48 27.98 10.85 62.68
N GLU I 49 27.60 10.76 63.96
CA GLU I 49 28.54 10.94 65.07
C GLU I 49 28.46 9.74 65.99
N ILE I 50 29.60 9.27 66.46
CA ILE I 50 29.66 8.19 67.44
C ILE I 50 30.36 8.74 68.66
N HIS I 51 29.67 8.65 69.80
CA HIS I 51 30.13 9.25 71.05
C HIS I 51 30.39 8.18 72.09
N LYS I 52 31.58 8.17 72.67
CA LYS I 52 31.88 7.20 73.72
C LYS I 52 31.11 7.47 75.04
N ILE I 53 30.46 6.45 75.57
CA ILE I 53 29.95 6.52 76.94
C ILE I 53 31.03 6.01 77.89
N SER I 54 31.54 4.82 77.60
CA SER I 54 32.66 4.29 78.36
C SER I 54 33.43 3.26 77.53
N GLU I 55 34.65 2.95 77.97
CA GLU I 55 35.37 1.79 77.47
C GLU I 55 36.18 1.21 78.62
N TYR I 56 35.50 0.46 79.48
CA TYR I 56 36.11 -0.15 80.65
C TYR I 56 36.94 0.86 81.44
N ASP I 57 36.29 1.92 81.92
CA ASP I 57 36.96 3.04 82.58
C ASP I 57 36.08 3.55 83.73
N SER I 58 36.41 4.70 84.31
CA SER I 58 35.64 5.18 85.44
C SER I 58 34.19 5.50 85.07
N ASP I 59 33.90 5.70 83.78
CA ASP I 59 32.55 6.00 83.36
C ASP I 59 31.69 4.75 83.17
N GLY I 60 32.32 3.59 83.29
CA GLY I 60 31.68 2.32 83.00
C GLY I 60 32.76 1.26 83.05
N PRO I 61 33.04 0.74 84.25
CA PRO I 61 34.27 -0.02 84.50
C PRO I 61 34.35 -1.38 83.79
N PHE I 62 33.24 -2.04 83.50
CA PHE I 62 33.31 -3.40 82.99
C PHE I 62 32.88 -3.53 81.52
N PHE I 63 32.54 -2.41 80.90
CA PHE I 63 31.90 -2.47 79.59
C PHE I 63 32.25 -1.30 78.70
N ALA I 64 31.94 -1.45 77.43
CA ALA I 64 32.20 -0.40 76.46
C ALA I 64 30.93 -0.18 75.67
N TRP I 65 30.62 1.09 75.41
CA TRP I 65 29.47 1.42 74.59
C TRP I 65 29.44 2.90 74.21
N ASN I 66 28.69 3.16 73.15
CA ASN I 66 28.60 4.47 72.50
C ASN I 66 27.16 4.92 72.29
N TRP I 67 26.98 6.22 72.04
CA TRP I 67 25.72 6.70 71.50
C TRP I 67 25.99 7.48 70.21
N MET I 68 24.94 7.67 69.42
CA MET I 68 25.11 8.24 68.08
C MET I 68 24.19 9.41 67.83
N VAL I 69 24.63 10.30 66.96
CA VAL I 69 23.71 11.16 66.24
C VAL I 69 23.56 10.52 64.88
N LEU I 70 22.33 10.15 64.52
CA LEU I 70 22.09 9.28 63.38
C LEU I 70 20.81 9.63 62.64
N GLY I 71 20.93 10.14 61.42
CA GLY I 71 19.75 10.36 60.61
C GLY I 71 19.17 9.03 60.16
N GLU I 72 17.86 8.99 59.99
CA GLU I 72 17.24 7.82 59.39
C GLU I 72 17.93 7.45 58.08
N HIS I 73 18.26 8.47 57.31
CA HIS I 73 18.81 8.26 55.97
C HIS I 73 20.33 8.41 55.96
N SER I 74 21.01 7.36 56.45
CA SER I 74 22.44 7.37 56.70
C SER I 74 23.07 6.05 56.28
N GLY I 75 24.07 6.13 55.41
CA GLY I 75 24.79 4.95 54.95
C GLY I 75 23.86 3.98 54.25
N THR I 76 24.21 2.69 54.25
CA THR I 76 23.33 1.67 53.72
C THR I 76 22.01 1.78 54.47
N HIS I 77 20.94 2.13 53.77
CA HIS I 77 19.72 2.46 54.45
C HIS I 77 18.49 2.21 53.61
N PHE I 78 17.34 2.33 54.26
CA PHE I 78 16.05 1.91 53.72
C PHE I 78 15.12 3.12 53.66
N ASP I 79 14.49 3.34 52.51
CA ASP I 79 13.44 4.35 52.34
C ASP I 79 12.06 3.72 52.47
N ALA I 80 11.27 4.15 53.48
CA ALA I 80 9.87 3.73 53.60
C ALA I 80 8.98 4.72 52.84
N PRO I 81 7.76 4.29 52.45
CA PRO I 81 6.94 5.15 51.60
C PRO I 81 6.63 6.54 52.17
N HIS I 82 6.52 6.69 53.50
CA HIS I 82 6.31 8.03 54.06
C HIS I 82 7.42 9.02 53.72
N HIS I 83 8.58 8.52 53.35
CA HIS I 83 9.71 9.38 53.00
C HIS I 83 9.35 10.37 51.88
N TRP I 84 8.53 9.96 50.92
CA TRP I 84 8.16 10.90 49.85
C TRP I 84 6.72 11.36 49.96
N ILE I 85 6.44 12.57 49.45
CA ILE I 85 5.11 13.14 49.57
C ILE I 85 4.07 12.23 48.84
N THR I 86 4.51 11.54 47.79
CA THR I 86 3.61 10.61 47.09
C THR I 86 3.21 9.39 47.94
N GLY I 87 3.98 9.08 48.98
CA GLY I 87 3.64 7.96 49.86
C GLY I 87 3.02 8.35 51.19
N LYS I 88 2.68 9.64 51.33
CA LYS I 88 2.27 10.18 52.63
C LYS I 88 1.01 9.53 53.21
N ASP I 89 0.08 9.10 52.38
CA ASP I 89 -1.19 8.65 52.95
C ASP I 89 -1.29 7.18 53.28
N TYR I 90 -0.19 6.44 53.10
CA TYR I 90 -0.18 5.03 53.49
C TYR I 90 0.01 4.91 54.99
N SER I 91 -1.00 4.42 55.72
CA SER I 91 -0.86 4.24 57.16
C SER I 91 0.23 3.22 57.45
N ASP I 92 0.47 2.33 56.49
CA ASP I 92 1.49 1.29 56.63
C ASP I 92 2.81 1.74 56.01
N GLY I 93 2.95 3.03 55.79
CA GLY I 93 4.11 3.55 55.05
C GLY I 93 5.29 3.92 55.93
N PHE I 94 5.25 3.55 57.21
CA PHE I 94 6.33 3.88 58.14
C PHE I 94 7.16 2.65 58.52
N THR I 95 8.36 2.88 59.06
CA THR I 95 9.23 1.78 59.44
C THR I 95 8.59 0.94 60.54
N ASP I 96 7.70 1.55 61.34
CA ASP I 96 7.04 0.77 62.38
C ASP I 96 5.63 0.30 61.99
N THR I 97 5.17 0.62 60.78
CA THR I 97 3.84 0.15 60.40
C THR I 97 3.86 -0.73 59.15
N LEU I 98 4.99 -0.77 58.44
CA LEU I 98 5.06 -1.57 57.22
C LEU I 98 5.01 -3.09 57.50
N ASP I 99 4.91 -3.86 56.43
CA ASP I 99 4.72 -5.31 56.52
C ASP I 99 6.05 -6.03 56.46
N VAL I 100 6.51 -6.61 57.57
CA VAL I 100 7.83 -7.24 57.55
C VAL I 100 7.91 -8.46 56.65
N GLN I 101 6.76 -9.05 56.32
CA GLN I 101 6.71 -10.17 55.38
C GLN I 101 7.36 -9.81 54.05
N ARG I 102 7.29 -8.53 53.68
CA ARG I 102 7.77 -8.08 52.36
C ARG I 102 9.29 -7.87 52.29
N LEU I 103 9.94 -7.78 53.45
CA LEU I 103 11.33 -7.30 53.52
C LEU I 103 12.38 -8.28 53.02
N ILE I 104 12.01 -9.54 52.94
CA ILE I 104 12.94 -10.60 52.56
C ILE I 104 12.46 -11.24 51.30
N ALA I 105 13.26 -11.18 50.24
CA ALA I 105 12.81 -11.63 48.91
C ALA I 105 13.99 -11.93 48.00
N PRO I 106 13.75 -12.72 46.93
CA PRO I 106 14.75 -12.88 45.89
C PRO I 106 15.18 -11.52 45.35
N VAL I 107 16.44 -11.41 44.98
CA VAL I 107 16.94 -10.15 44.46
C VAL I 107 17.47 -10.37 43.04
N ASN I 108 17.17 -9.39 42.19
CA ASN I 108 17.69 -9.32 40.85
C ASN I 108 18.83 -8.33 40.85
N VAL I 109 20.03 -8.77 40.51
CA VAL I 109 21.17 -7.86 40.56
C VAL I 109 21.61 -7.53 39.14
N ILE I 110 21.31 -6.30 38.73
CA ILE I 110 21.56 -5.86 37.37
C ILE I 110 22.93 -5.17 37.32
N ASP I 111 23.89 -5.81 36.65
CA ASP I 111 25.25 -5.30 36.65
C ASP I 111 25.47 -4.18 35.64
N CYS I 112 25.61 -2.96 36.15
CA CYS I 112 25.84 -1.79 35.32
C CYS I 112 27.20 -1.19 35.64
N SER I 113 28.11 -2.01 36.16
CA SER I 113 29.37 -1.47 36.66
C SER I 113 30.20 -0.93 35.50
N LYS I 114 30.31 -1.68 34.41
CA LYS I 114 31.09 -1.20 33.28
C LYS I 114 30.47 0.07 32.69
N GLU I 115 29.15 0.09 32.54
CA GLU I 115 28.48 1.24 31.95
C GLU I 115 28.64 2.49 32.83
N SER I 116 28.66 2.29 34.14
CA SER I 116 28.75 3.40 35.08
C SER I 116 30.17 3.94 35.17
N ALA I 117 31.14 3.05 35.01
CA ALA I 117 32.54 3.48 34.96
C ALA I 117 32.79 4.36 33.73
N ALA I 118 32.17 4.02 32.61
CA ALA I 118 32.37 4.80 31.39
C ALA I 118 31.61 6.11 31.44
N ASP I 119 30.55 6.17 32.26
CA ASP I 119 29.66 7.32 32.32
C ASP I 119 29.01 7.41 33.69
N PRO I 120 29.43 8.40 34.49
CA PRO I 120 28.88 8.54 35.85
C PRO I 120 27.40 8.91 35.84
N ASP I 121 26.87 9.38 34.71
CA ASP I 121 25.46 9.72 34.61
C ASP I 121 24.65 8.62 33.94
N PHE I 122 25.23 7.43 33.83
CA PHE I 122 24.59 6.32 33.14
C PHE I 122 23.19 6.08 33.69
N LEU I 123 22.23 5.90 32.79
CA LEU I 123 20.86 5.64 33.22
C LEU I 123 20.41 4.25 32.79
N LEU I 124 19.93 3.47 33.75
CA LEU I 124 19.26 2.22 33.43
C LEU I 124 17.84 2.51 32.95
N THR I 125 17.49 2.03 31.76
CA THR I 125 16.17 2.25 31.19
C THR I 125 15.28 1.00 31.24
N ALA I 126 13.99 1.18 31.00
CA ALA I 126 13.09 0.03 30.91
C ALA I 126 13.55 -0.95 29.83
N ASP I 127 14.01 -0.43 28.70
CA ASP I 127 14.48 -1.28 27.61
C ASP I 127 15.67 -2.14 28.04
N LEU I 128 16.61 -1.53 28.76
CA LEU I 128 17.78 -2.28 29.23
C LEU I 128 17.41 -3.32 30.28
N ILE I 129 16.44 -2.99 31.13
CA ILE I 129 15.95 -3.99 32.08
C ILE I 129 15.35 -5.19 31.35
N LYS I 130 14.57 -4.92 30.32
CA LYS I 130 13.99 -6.02 29.54
C LYS I 130 15.09 -6.87 28.88
N ALA I 131 16.13 -6.22 28.36
CA ALA I 131 17.27 -6.95 27.80
C ALA I 131 17.94 -7.84 28.87
N TRP I 132 18.12 -7.29 30.07
CA TRP I 132 18.64 -8.05 31.20
C TRP I 132 17.77 -9.26 31.52
N GLU I 133 16.45 -9.06 31.48
CA GLU I 133 15.52 -10.14 31.75
C GLU I 133 15.62 -11.24 30.69
N ALA I 134 15.83 -10.85 29.44
CA ALA I 134 15.98 -11.84 28.37
C ALA I 134 17.22 -12.70 28.60
N GLU I 135 18.22 -12.10 29.24
CA GLU I 135 19.49 -12.76 29.46
C GLU I 135 19.52 -13.60 30.75
N HIS I 136 18.78 -13.18 31.77
CA HIS I 136 18.87 -13.83 33.09
C HIS I 136 17.58 -14.40 33.60
N GLY I 137 16.46 -13.95 33.07
CA GLY I 137 15.16 -14.39 33.55
C GLY I 137 14.32 -13.23 34.00
N GLU I 138 13.01 -13.43 33.97
CA GLU I 138 12.04 -12.40 34.30
C GLU I 138 12.10 -11.93 35.75
N ILE I 139 11.93 -10.63 35.97
CA ILE I 139 11.74 -10.08 37.31
C ILE I 139 10.33 -10.37 37.81
N GLY I 140 10.21 -10.93 39.01
CA GLY I 140 8.91 -11.38 39.50
C GLY I 140 8.33 -10.54 40.63
N ALA I 141 7.04 -10.72 40.89
CA ALA I 141 6.36 -9.98 41.95
C ALA I 141 7.01 -10.17 43.31
N GLY I 142 7.04 -9.11 44.11
CA GLY I 142 7.59 -9.17 45.45
C GLY I 142 9.11 -9.15 45.51
N GLU I 143 9.77 -9.17 44.35
CA GLU I 143 11.22 -9.31 44.34
C GLU I 143 11.91 -7.96 44.55
N TRP I 144 13.14 -8.02 45.07
CA TRP I 144 14.00 -6.84 45.13
C TRP I 144 14.67 -6.68 43.79
N VAL I 145 14.83 -5.43 43.34
CA VAL I 145 15.66 -5.19 42.17
C VAL I 145 16.72 -4.17 42.53
N VAL I 146 17.96 -4.50 42.17
CA VAL I 146 19.11 -3.81 42.69
C VAL I 146 20.08 -3.46 41.55
N MET I 147 20.54 -2.21 41.52
CA MET I 147 21.39 -1.73 40.43
C MET I 147 22.84 -1.73 40.86
N ARG I 148 23.59 -2.69 40.34
CA ARG I 148 25.00 -2.79 40.69
C ARG I 148 25.80 -1.83 39.83
N THR I 149 26.58 -0.98 40.50
CA THR I 149 27.43 -0.02 39.80
C THR I 149 28.83 -0.03 40.36
N ASP I 150 29.03 -0.83 41.41
CA ASP I 150 30.26 -0.80 42.20
C ASP I 150 30.63 0.62 42.64
N TRP I 151 29.60 1.44 42.88
CA TRP I 151 29.80 2.78 43.41
C TRP I 151 30.38 2.72 44.82
N ASP I 152 30.25 1.57 45.47
CA ASP I 152 30.75 1.38 46.84
C ASP I 152 32.27 1.53 46.90
N LYS I 153 32.93 1.33 45.75
CA LYS I 153 34.36 1.57 45.66
C LYS I 153 34.73 3.01 46.04
N ARG I 154 33.74 3.91 45.95
CA ARG I 154 33.96 5.32 46.25
C ARG I 154 33.57 5.72 47.67
N ALA I 155 33.04 4.76 48.43
CA ALA I 155 32.46 5.06 49.76
C ALA I 155 33.49 5.62 50.74
N GLY I 156 34.77 5.41 50.45
CA GLY I 156 35.82 5.87 51.34
C GLY I 156 36.13 7.36 51.22
N ASP I 157 35.40 8.04 50.35
CA ASP I 157 35.61 9.47 50.12
C ASP I 157 34.29 10.09 49.69
N GLU I 158 33.68 10.87 50.59
CA GLU I 158 32.36 11.44 50.33
C GLU I 158 32.27 12.26 49.04
N ALA I 159 33.30 13.06 48.78
CA ALA I 159 33.34 13.88 47.57
C ALA I 159 33.27 13.04 46.31
N ALA I 160 34.03 11.94 46.29
CA ALA I 160 34.06 11.04 45.15
C ALA I 160 32.76 10.26 45.06
N PHE I 161 32.18 9.96 46.22
CA PHE I 161 30.94 9.20 46.28
C PHE I 161 29.76 10.01 45.75
N LEU I 162 29.65 11.27 46.18
CA LEU I 162 28.61 12.18 45.69
C LEU I 162 28.89 12.59 44.24
N ASN I 163 30.19 12.72 43.93
CA ASN I 163 30.69 13.04 42.59
C ASN I 163 30.03 14.25 41.94
N ALA I 164 30.02 15.38 42.65
CA ALA I 164 29.37 16.58 42.16
C ALA I 164 30.35 17.53 41.48
N ASP I 165 29.83 18.28 40.50
CA ASP I 165 30.55 19.41 39.94
C ASP I 165 29.58 20.60 39.90
N GLU I 166 29.84 21.57 39.03
CA GLU I 166 29.02 22.77 38.99
C GLU I 166 27.55 22.50 38.66
N THR I 167 27.22 21.38 38.02
CA THR I 167 25.81 21.14 37.66
C THR I 167 25.17 20.12 38.58
N GLY I 168 25.88 19.78 39.66
CA GLY I 168 25.32 18.92 40.68
C GLY I 168 25.96 17.54 40.71
N PRO I 169 25.32 16.63 41.45
CA PRO I 169 25.81 15.25 41.63
C PRO I 169 25.73 14.49 40.33
N HIS I 170 26.73 13.68 40.06
CA HIS I 170 26.71 12.81 38.88
C HIS I 170 26.94 11.39 39.32
N SER I 171 25.85 10.63 39.36
CA SER I 171 25.88 9.25 39.80
C SER I 171 24.78 8.52 39.06
N PRO I 172 24.97 7.22 38.81
CA PRO I 172 24.04 6.48 37.97
C PRO I 172 22.71 6.21 38.65
N GLY I 173 21.70 5.92 37.86
CA GLY I 173 20.39 5.66 38.39
C GLY I 173 19.42 5.25 37.31
N PRO I 174 18.14 5.15 37.66
CA PRO I 174 17.11 4.72 36.72
C PRO I 174 16.40 5.88 36.04
N THR I 175 15.90 5.64 34.84
CA THR I 175 14.99 6.60 34.20
C THR I 175 13.61 6.41 34.83
N PRO I 176 12.72 7.39 34.64
CA PRO I 176 11.34 7.18 35.08
C PRO I 176 10.76 5.87 34.52
N ASP I 177 10.96 5.62 33.23
CA ASP I 177 10.32 4.44 32.65
C ASP I 177 10.93 3.13 33.17
N ALA I 178 12.16 3.17 33.66
CA ALA I 178 12.73 1.98 34.32
C ALA I 178 11.99 1.63 35.61
N ILE I 179 11.77 2.63 36.44
CA ILE I 179 11.03 2.42 37.68
C ILE I 179 9.58 1.99 37.39
N GLU I 180 8.95 2.70 36.45
CA GLU I 180 7.59 2.36 36.02
C GLU I 180 7.46 0.89 35.58
N TYR I 181 8.42 0.43 34.78
CA TYR I 181 8.40 -0.96 34.33
C TYR I 181 8.53 -1.93 35.50
N LEU I 182 9.49 -1.67 36.39
CA LEU I 182 9.70 -2.54 37.54
C LEU I 182 8.43 -2.59 38.38
N LEU I 183 7.73 -1.46 38.48
CA LEU I 183 6.53 -1.40 39.30
C LEU I 183 5.39 -2.19 38.66
N SER I 184 5.39 -2.27 37.33
CA SER I 184 4.38 -3.08 36.63
C SER I 184 4.60 -4.56 36.89
N LYS I 185 5.80 -4.92 37.32
CA LYS I 185 6.16 -6.28 37.67
C LYS I 185 5.88 -6.60 39.15
N LYS I 186 5.39 -5.60 39.89
CA LYS I 186 5.01 -5.75 41.31
C LYS I 186 6.20 -6.05 42.23
N ILE I 187 7.35 -5.47 41.93
CA ILE I 187 8.50 -5.59 42.83
C ILE I 187 8.18 -5.07 44.23
N VAL I 188 8.97 -5.47 45.22
CA VAL I 188 8.80 -4.89 46.55
C VAL I 188 9.59 -3.58 46.63
N GLY I 189 10.70 -3.50 45.89
CA GLY I 189 11.56 -2.35 46.03
C GLY I 189 12.80 -2.36 45.18
N TRP I 190 13.48 -1.21 45.19
CA TRP I 190 14.59 -0.93 44.30
C TRP I 190 15.78 -0.41 45.11
N GLY I 191 16.96 -0.96 44.82
CA GLY I 191 18.15 -0.58 45.55
C GLY I 191 19.22 0.01 44.66
N SER I 192 20.02 0.90 45.25
CA SER I 192 21.16 1.50 44.59
C SER I 192 22.41 1.41 45.46
N GLN I 193 23.57 1.55 44.83
CA GLN I 193 24.84 1.66 45.55
C GLN I 193 25.27 3.12 45.72
N CYS I 194 24.51 4.04 45.13
CA CYS I 194 24.81 5.46 45.27
C CYS I 194 24.13 6.05 46.49
N ILE I 195 24.27 7.35 46.67
CA ILE I 195 23.78 8.01 47.87
C ILE I 195 22.26 7.87 47.98
N GLY I 196 21.57 7.79 46.83
CA GLY I 196 20.12 7.68 46.84
C GLY I 196 19.64 6.70 45.78
N THR I 197 18.33 6.47 45.73
CA THR I 197 17.72 5.55 44.78
C THR I 197 17.64 6.15 43.38
N ASP I 198 17.81 7.46 43.27
CA ASP I 198 17.75 8.11 41.96
C ASP I 198 19.14 8.46 41.43
N ALA I 199 19.23 8.71 40.12
CA ALA I 199 20.48 9.23 39.55
C ALA I 199 20.82 10.58 40.16
N GLY I 200 22.10 10.93 40.18
CA GLY I 200 22.53 12.20 40.72
C GLY I 200 21.80 13.37 40.06
N GLN I 201 21.54 13.25 38.76
CA GLN I 201 20.91 14.30 37.98
C GLN I 201 19.40 14.13 37.83
N ALA I 202 18.76 13.44 38.79
CA ALA I 202 17.33 13.17 38.69
C ALA I 202 16.44 14.40 38.91
N GLY I 203 17.03 15.50 39.39
CA GLY I 203 16.27 16.73 39.62
C GLY I 203 15.66 17.30 38.35
N GLY I 204 16.31 17.05 37.21
CA GLY I 204 15.82 17.50 35.93
C GLY I 204 15.04 16.48 35.12
N MET I 205 14.69 15.35 35.74
CA MET I 205 13.89 14.33 35.08
C MET I 205 12.40 14.66 35.14
N GLU I 206 11.60 13.95 34.38
CA GLU I 206 10.16 14.10 34.47
C GLU I 206 9.49 12.78 34.80
N PRO I 207 9.02 12.62 36.04
CA PRO I 207 9.09 13.58 37.14
C PRO I 207 10.45 13.56 37.82
N PRO I 208 10.78 14.63 38.57
CA PRO I 208 12.01 14.71 39.36
C PRO I 208 12.10 13.58 40.38
N PHE I 209 13.30 12.99 40.50
CA PHE I 209 13.49 11.89 41.42
C PHE I 209 12.41 10.82 41.28
N PRO I 210 12.29 10.26 40.07
CA PRO I 210 11.24 9.27 39.79
C PRO I 210 11.28 8.02 40.69
N ALA I 211 12.46 7.55 41.10
CA ALA I 211 12.47 6.38 41.98
C ALA I 211 11.77 6.71 43.28
N HIS I 212 12.18 7.80 43.93
CA HIS I 212 11.53 8.25 45.16
C HIS I 212 10.04 8.49 44.93
N ASN I 213 9.74 9.26 43.91
CA ASN I 213 8.37 9.56 43.59
C ASN I 213 7.51 8.31 43.34
N LEU I 214 7.94 7.48 42.39
CA LEU I 214 7.09 6.38 41.95
C LEU I 214 7.14 5.18 42.90
N LEU I 215 8.31 4.86 43.46
CA LEU I 215 8.39 3.71 44.37
C LEU I 215 7.42 3.94 45.54
N HIS I 216 7.44 5.15 46.08
CA HIS I 216 6.69 5.39 47.29
C HIS I 216 5.22 5.71 46.98
N ARG I 217 4.95 6.23 45.77
CA ARG I 217 3.56 6.28 45.28
C ARG I 217 2.89 4.91 45.38
N ASP I 218 3.63 3.85 45.07
CA ASP I 218 3.07 2.50 45.02
C ASP I 218 3.29 1.70 46.31
N ASN I 219 3.64 2.39 47.40
CA ASN I 219 3.87 1.72 48.69
C ASN I 219 5.02 0.72 48.60
N CYS I 220 6.05 1.06 47.83
CA CYS I 220 7.25 0.25 47.69
C CYS I 220 8.45 0.90 48.37
N PHE I 221 9.52 0.13 48.48
CA PHE I 221 10.66 0.50 49.31
C PHE I 221 11.84 0.89 48.44
N GLY I 222 12.73 1.73 48.99
CA GLY I 222 14.00 2.04 48.36
C GLY I 222 15.16 1.65 49.25
N LEU I 223 16.31 1.34 48.64
CA LEU I 223 17.53 1.05 49.36
C LEU I 223 18.65 1.88 48.75
N ALA I 224 19.54 2.39 49.60
CA ALA I 224 20.64 3.22 49.12
C ALA I 224 21.95 2.80 49.76
N SER I 225 23.05 3.19 49.13
CA SER I 225 24.41 2.89 49.59
C SER I 225 24.65 1.40 49.85
N LEU I 226 24.05 0.54 49.04
CA LEU I 226 24.36 -0.89 49.14
C LEU I 226 25.83 -1.16 48.81
N ALA I 227 26.43 -2.10 49.54
CA ALA I 227 27.81 -2.50 49.29
C ALA I 227 27.88 -3.93 48.81
N ASN I 228 28.98 -4.27 48.15
CA ASN I 228 29.28 -5.66 47.80
C ASN I 228 28.28 -6.36 46.91
N LEU I 229 27.63 -5.62 46.02
CA LEU I 229 26.73 -6.27 45.08
C LEU I 229 27.55 -7.08 44.07
N ASP I 230 28.83 -6.78 43.97
CA ASP I 230 29.72 -7.57 43.10
C ASP I 230 29.91 -9.01 43.63
N LYS I 231 29.50 -9.26 44.87
CA LYS I 231 29.57 -10.60 45.45
C LYS I 231 28.30 -11.39 45.20
N LEU I 232 27.30 -10.75 44.60
CA LEU I 232 26.00 -11.39 44.38
C LEU I 232 25.84 -11.89 42.95
N PRO I 233 25.11 -13.00 42.77
CA PRO I 233 24.80 -13.48 41.41
C PRO I 233 23.66 -12.65 40.82
N ALA I 234 23.53 -12.64 39.49
CA ALA I 234 22.44 -11.87 38.86
C ALA I 234 21.08 -12.36 39.37
N LYS I 235 20.97 -13.66 39.56
CA LYS I 235 19.73 -14.29 39.94
C LYS I 235 20.00 -15.32 41.03
N GLY I 236 19.00 -15.55 41.88
CA GLY I 236 19.00 -16.73 42.74
C GLY I 236 19.30 -16.45 44.19
N ALA I 237 19.73 -15.23 44.48
CA ALA I 237 20.04 -14.85 45.86
C ALA I 237 18.81 -14.27 46.57
N ILE I 238 18.88 -14.25 47.89
CA ILE I 238 17.82 -13.70 48.74
C ILE I 238 18.37 -12.44 49.42
N LEU I 239 17.62 -11.34 49.37
CA LEU I 239 18.08 -10.13 50.04
C LEU I 239 17.22 -9.87 51.26
N ILE I 240 17.88 -9.58 52.38
CA ILE I 240 17.24 -9.17 53.62
C ILE I 240 17.55 -7.71 53.89
N ALA I 241 16.52 -6.85 53.85
CA ALA I 241 16.72 -5.42 54.01
C ALA I 241 15.62 -4.89 54.90
N ALA I 242 15.89 -4.85 56.21
CA ALA I 242 14.87 -4.55 57.21
C ALA I 242 15.23 -3.29 58.02
N PRO I 243 14.33 -2.30 58.00
CA PRO I 243 14.66 -1.08 58.72
C PRO I 243 14.45 -1.26 60.23
N LEU I 244 15.17 -0.49 61.03
CA LEU I 244 14.86 -0.38 62.46
C LEU I 244 13.39 0.01 62.65
N LYS I 245 12.77 -0.42 63.73
CA LYS I 245 11.34 -0.15 63.95
C LYS I 245 11.16 1.25 64.56
N ILE I 246 11.72 2.24 63.90
CA ILE I 246 11.66 3.62 64.35
C ILE I 246 10.21 4.12 64.36
N GLU I 247 9.80 4.71 65.47
CA GLU I 247 8.44 5.22 65.63
C GLU I 247 8.12 6.26 64.57
N ARG I 248 7.08 6.01 63.76
CA ARG I 248 6.76 6.87 62.63
CA ARG I 248 6.74 6.87 62.64
C ARG I 248 7.97 7.13 61.76
N GLY I 249 8.84 6.14 61.65
CA GLY I 249 10.07 6.32 60.90
C GLY I 249 9.84 6.39 59.39
N THR I 250 10.58 7.27 58.71
CA THR I 250 10.48 7.43 57.26
C THR I 250 11.51 6.57 56.54
N GLY I 251 12.42 5.99 57.31
CA GLY I 251 13.50 5.19 56.77
C GLY I 251 14.44 4.82 57.89
N SER I 252 15.56 4.17 57.56
CA SER I 252 16.45 3.67 58.58
C SER I 252 17.74 3.10 58.00
N PRO I 253 18.87 3.31 58.71
CA PRO I 253 20.06 2.52 58.36
C PRO I 253 19.68 1.07 58.55
N ILE I 254 20.32 0.19 57.79
CA ILE I 254 20.03 -1.23 57.88
C ILE I 254 21.32 -2.00 57.85
N ARG I 255 21.26 -3.27 58.26
CA ARG I 255 22.30 -4.20 57.91
C ARG I 255 21.75 -5.07 56.79
N ALA I 256 21.96 -4.63 55.55
CA ALA I 256 21.55 -5.42 54.39
C ALA I 256 22.38 -6.69 54.27
N LEU I 257 21.72 -7.85 54.21
CA LEU I 257 22.41 -9.11 54.10
C LEU I 257 21.79 -9.92 52.97
N ALA I 258 22.64 -10.58 52.19
CA ALA I 258 22.13 -11.47 51.15
C ALA I 258 22.52 -12.91 51.43
N LEU I 259 21.65 -13.82 51.02
CA LEU I 259 21.93 -15.25 51.09
C LEU I 259 22.24 -15.75 49.70
N VAL I 260 23.42 -16.35 49.51
CA VAL I 260 23.83 -16.86 48.21
C VAL I 260 24.37 -18.29 48.35
N PRO I 261 24.33 -19.07 47.26
CA PRO I 261 24.98 -20.38 47.36
C PRO I 261 26.51 -20.26 47.46
N LYS I 262 27.12 -21.18 48.21
CA LYS I 262 28.53 -21.61 48.15
C LYS I 262 29.29 -21.46 49.45
N MET J 1 17.89 -30.94 49.72
CA MET J 1 17.89 -29.78 48.84
C MET J 1 19.31 -29.40 48.39
N SER J 2 19.43 -28.61 47.33
CA SER J 2 20.69 -27.91 47.01
C SER J 2 20.63 -26.53 47.66
N ALA J 3 21.75 -25.83 47.75
CA ALA J 3 21.71 -24.45 48.27
C ALA J 3 20.77 -23.59 47.41
N GLN J 4 20.80 -23.79 46.09
CA GLN J 4 19.96 -22.98 45.25
C GLN J 4 18.48 -23.31 45.42
N SER J 5 18.15 -24.60 45.49
CA SER J 5 16.76 -25.02 45.68
C SER J 5 16.25 -24.58 47.05
N ALA J 6 17.14 -24.57 48.05
CA ALA J 6 16.77 -24.08 49.37
C ALA J 6 16.47 -22.57 49.34
N LEU J 7 17.31 -21.81 48.63
CA LEU J 7 17.09 -20.38 48.55
C LEU J 7 15.84 -20.06 47.72
N SER J 8 15.68 -20.73 46.57
CA SER J 8 14.51 -20.49 45.72
C SER J 8 13.21 -20.91 46.42
N GLY J 9 13.27 -22.03 47.13
CA GLY J 9 12.14 -22.52 47.90
C GLY J 9 11.72 -21.53 48.97
N LEU J 10 12.69 -20.98 49.69
CA LEU J 10 12.41 -19.98 50.71
C LEU J 10 11.72 -18.75 50.10
N GLY J 11 12.23 -18.30 48.96
CA GLY J 11 11.63 -17.17 48.26
C GLY J 11 10.17 -17.43 47.94
N ALA J 12 9.90 -18.61 47.40
CA ALA J 12 8.54 -18.96 47.02
C ALA J 12 7.62 -19.05 48.24
N LYS J 13 8.13 -19.63 49.33
CA LYS J 13 7.33 -19.82 50.53
C LYS J 13 7.08 -18.52 51.29
N LEU J 14 8.02 -17.58 51.22
CA LEU J 14 7.77 -16.24 51.76
C LEU J 14 6.63 -15.55 51.01
N LEU J 15 6.66 -15.68 49.69
CA LEU J 15 5.65 -15.10 48.82
C LEU J 15 4.27 -15.70 49.09
N SER J 16 4.22 -17.02 49.27
CA SER J 16 2.95 -17.70 49.48
C SER J 16 2.45 -17.59 50.92
N GLY J 17 3.32 -17.18 51.83
CA GLY J 17 2.96 -17.09 53.24
C GLY J 17 3.16 -18.38 53.99
N GLU J 18 3.63 -19.42 53.30
CA GLU J 18 3.91 -20.71 53.94
C GLU J 18 4.96 -20.54 55.02
N VAL J 19 5.91 -19.66 54.76
CA VAL J 19 6.89 -19.25 55.75
C VAL J 19 6.54 -17.82 56.15
N GLU J 20 6.32 -17.59 57.44
CA GLU J 20 5.93 -16.27 57.92
C GLU J 20 7.10 -15.57 58.55
N VAL J 21 7.21 -14.27 58.29
CA VAL J 21 8.22 -13.44 58.93
C VAL J 21 7.62 -12.84 60.19
N VAL J 22 8.19 -13.16 61.33
CA VAL J 22 7.71 -12.63 62.60
C VAL J 22 8.56 -11.45 63.02
N ASP J 23 7.89 -10.34 63.34
CA ASP J 23 8.60 -9.14 63.76
C ASP J 23 8.95 -9.32 65.23
N CYS J 24 10.23 -9.54 65.55
CA CYS J 24 10.62 -9.72 66.95
C CYS J 24 11.19 -8.44 67.55
N THR J 25 10.71 -7.31 67.07
CA THR J 25 11.29 -6.00 67.44
C THR J 25 10.24 -5.10 68.09
N GLY J 26 10.67 -4.38 69.12
CA GLY J 26 9.81 -3.38 69.74
C GLY J 26 9.98 -2.05 69.05
N VAL J 27 9.02 -1.15 69.24
CA VAL J 27 9.09 0.17 68.62
C VAL J 27 10.27 0.94 69.21
N LEU J 28 11.03 1.59 68.32
CA LEU J 28 12.20 2.40 68.71
C LEU J 28 11.88 3.90 68.64
N GLY J 29 11.77 4.53 69.80
CA GLY J 29 11.39 5.93 69.89
C GLY J 29 11.56 6.43 71.31
N PRO J 30 11.09 7.65 71.58
CA PRO J 30 11.27 8.25 72.90
C PRO J 30 10.75 7.38 74.05
N ASN J 31 9.70 6.59 73.85
CA ASN J 31 9.15 5.84 74.97
C ASN J 31 9.77 4.45 75.11
N THR J 32 10.74 4.12 74.27
CA THR J 32 11.44 2.83 74.40
C THR J 32 12.11 2.74 75.76
N PRO J 33 11.89 1.64 76.49
CA PRO J 33 12.60 1.49 77.77
C PRO J 33 14.10 1.44 77.54
N ILE J 34 14.82 2.20 78.35
CA ILE J 34 16.28 2.27 78.27
C ILE J 34 16.88 1.95 79.64
N LEU J 35 17.96 1.18 79.62
CA LEU J 35 18.63 0.78 80.86
C LEU J 35 18.95 1.95 81.80
N GLN J 36 18.70 1.77 83.10
CA GLN J 36 19.16 2.72 84.09
C GLN J 36 20.20 2.06 85.02
N LEU J 37 21.38 2.67 85.13
CA LEU J 37 22.45 2.17 86.00
C LEU J 37 22.61 3.05 87.24
N PRO J 38 23.25 2.53 88.31
CA PRO J 38 23.39 3.39 89.48
C PRO J 38 24.29 4.59 89.19
N PRO J 39 23.90 5.78 89.68
CA PRO J 39 24.62 7.04 89.40
C PRO J 39 26.11 6.96 89.74
N ASP J 40 26.45 6.35 90.87
CA ASP J 40 27.83 6.29 91.31
C ASP J 40 28.57 5.06 90.78
N PHE J 41 27.98 4.37 89.80
CA PHE J 41 28.65 3.23 89.20
C PHE J 41 29.03 3.47 87.73
N ALA J 42 28.12 4.06 86.97
CA ALA J 42 28.35 4.26 85.55
C ALA J 42 27.51 5.37 84.96
N LYS J 43 27.99 5.93 83.85
CA LYS J 43 27.22 6.88 83.07
C LYS J 43 26.12 6.13 82.34
N ASN J 44 24.96 6.75 82.17
CA ASN J 44 23.86 6.11 81.46
C ASN J 44 23.92 6.30 79.96
N THR J 45 23.38 5.33 79.22
CA THR J 45 23.15 5.48 77.78
C THR J 45 21.89 6.35 77.62
N PRO J 46 21.85 7.21 76.58
CA PRO J 46 20.79 8.21 76.53
C PRO J 46 19.41 7.69 76.11
N LYS J 47 18.38 8.43 76.51
CA LYS J 47 17.04 8.15 76.00
C LYS J 47 16.99 8.43 74.50
N VAL J 48 16.17 7.68 73.78
CA VAL J 48 16.03 7.83 72.35
C VAL J 48 15.31 9.14 72.04
N GLU J 49 15.82 9.89 71.07
CA GLU J 49 15.16 11.10 70.59
C GLU J 49 14.90 10.99 69.10
N ILE J 50 13.74 11.44 68.65
CA ILE J 50 13.48 11.55 67.23
C ILE J 50 13.23 13.02 66.91
N HIS J 51 14.03 13.57 66.01
CA HIS J 51 13.94 14.98 65.65
C HIS J 51 13.50 15.11 64.20
N LYS J 52 12.47 15.91 63.96
CA LYS J 52 12.02 16.16 62.60
C LYS J 52 13.03 16.98 61.78
N ILE J 53 13.37 16.50 60.58
CA ILE J 53 14.13 17.35 59.65
C ILE J 53 13.12 18.11 58.80
N SER J 54 12.21 17.37 58.18
CA SER J 54 11.11 18.00 57.45
C SER J 54 9.94 17.02 57.33
N GLU J 55 8.76 17.53 57.02
CA GLU J 55 7.65 16.66 56.63
C GLU J 55 6.79 17.37 55.61
N TYR J 56 7.26 17.35 54.36
CA TYR J 56 6.58 17.98 53.23
C TYR J 56 6.30 19.47 53.50
N ASP J 57 7.33 20.23 53.84
CA ASP J 57 7.14 21.59 54.32
C ASP J 57 8.27 22.48 53.82
N SER J 58 8.37 23.70 54.35
CA SER J 58 9.35 24.66 53.84
C SER J 58 10.81 24.16 54.01
N ASP J 59 11.02 23.23 54.95
CA ASP J 59 12.35 22.68 55.21
C ASP J 59 12.68 21.47 54.31
N GLY J 60 11.68 21.01 53.57
CA GLY J 60 11.84 19.86 52.69
C GLY J 60 10.50 19.60 52.04
N PRO J 61 10.21 20.28 50.93
CA PRO J 61 8.85 20.34 50.38
C PRO J 61 8.27 18.99 49.93
N PHE J 62 9.09 18.08 49.44
CA PHE J 62 8.54 16.87 48.82
C PHE J 62 8.85 15.60 49.59
N PHE J 63 9.39 15.74 50.80
CA PHE J 63 9.84 14.57 51.55
C PHE J 63 9.78 14.76 53.05
N ALA J 64 9.83 13.63 53.76
CA ALA J 64 9.78 13.62 55.20
C ALA J 64 10.94 12.80 55.68
N TRP J 65 11.61 13.28 56.71
CA TRP J 65 12.67 12.48 57.34
C TRP J 65 13.05 13.06 58.69
N ASN J 66 13.70 12.21 59.50
CA ASN J 66 14.09 12.50 60.87
C ASN J 66 15.55 12.14 61.12
N TRP J 67 16.09 12.66 62.23
CA TRP J 67 17.38 12.21 62.75
C TRP J 67 17.22 11.87 64.23
N MET J 68 18.12 11.03 64.75
CA MET J 68 17.95 10.47 66.08
C MET J 68 19.16 10.71 66.99
N VAL J 69 18.88 10.86 68.28
CA VAL J 69 19.88 10.61 69.31
C VAL J 69 19.63 9.17 69.73
N LEU J 70 20.63 8.31 69.54
CA LEU J 70 20.41 6.88 69.64
C LEU J 70 21.65 6.19 70.21
N GLY J 71 21.56 5.66 71.43
CA GLY J 71 22.65 4.82 71.91
C GLY J 71 22.68 3.52 71.13
N GLU J 72 23.86 2.92 70.98
CA GLU J 72 23.98 1.55 70.47
C GLU J 72 23.01 0.60 71.14
N HIS J 73 22.90 0.72 72.46
CA HIS J 73 22.16 -0.25 73.27
C HIS J 73 20.77 0.27 73.61
N SER J 74 19.92 0.35 72.58
CA SER J 74 18.61 0.99 72.68
C SER J 74 17.54 0.09 72.12
N GLY J 75 16.52 -0.22 72.90
CA GLY J 75 15.42 -1.05 72.43
C GLY J 75 15.86 -2.44 72.05
N THR J 76 15.13 -3.08 71.13
CA THR J 76 15.54 -4.38 70.64
C THR J 76 16.94 -4.24 70.05
N HIS J 77 17.92 -4.92 70.63
CA HIS J 77 19.29 -4.63 70.22
C HIS J 77 20.25 -5.79 70.43
N PHE J 78 21.44 -5.61 69.88
CA PHE J 78 22.47 -6.62 69.75
C PHE J 78 23.70 -6.21 70.55
N ASP J 79 24.23 -7.13 71.35
CA ASP J 79 25.50 -6.92 72.05
C ASP J 79 26.64 -7.61 71.33
N ALA J 80 27.65 -6.86 70.90
CA ALA J 80 28.84 -7.46 70.28
C ALA J 80 29.88 -7.75 71.37
N PRO J 81 30.82 -8.66 71.11
CA PRO J 81 31.71 -9.02 72.23
C PRO J 81 32.54 -7.87 72.81
N HIS J 82 32.85 -6.83 72.03
CA HIS J 82 33.62 -5.71 72.59
C HIS J 82 32.86 -5.00 73.71
N HIS J 83 31.55 -5.17 73.73
CA HIS J 83 30.71 -4.58 74.77
C HIS J 83 31.20 -4.87 76.21
N TRP J 84 31.73 -6.05 76.46
CA TRP J 84 32.22 -6.35 77.81
C TRP J 84 33.74 -6.47 77.85
N ILE J 85 34.32 -6.22 79.02
CA ILE J 85 35.77 -6.23 79.17
C ILE J 85 36.34 -7.62 78.85
N THR J 86 35.55 -8.67 79.08
CA THR J 86 36.01 -10.02 78.80
C THR J 86 36.15 -10.28 77.29
N GLY J 87 35.52 -9.45 76.47
CA GLY J 87 35.56 -9.64 75.03
C GLY J 87 36.41 -8.62 74.29
N LYS J 88 37.14 -7.81 75.03
CA LYS J 88 37.80 -6.62 74.48
C LYS J 88 38.92 -6.92 73.46
N ASP J 89 39.55 -8.08 73.57
CA ASP J 89 40.71 -8.38 72.71
C ASP J 89 40.34 -9.04 71.38
N TYR J 90 39.06 -9.35 71.16
CA TYR J 90 38.67 -9.92 69.87
C TYR J 90 38.66 -8.83 68.80
N SER J 91 39.53 -8.96 67.80
CA SER J 91 39.56 -7.99 66.71
C SER J 91 38.28 -8.06 65.92
N ASP J 92 37.63 -9.22 65.94
CA ASP J 92 36.34 -9.39 65.27
C ASP J 92 35.16 -9.18 66.22
N GLY J 93 35.42 -8.52 67.35
CA GLY J 93 34.41 -8.34 68.38
C GLY J 93 33.55 -7.09 68.23
N PHE J 94 33.67 -6.39 67.11
CA PHE J 94 32.89 -5.18 66.86
C PHE J 94 31.80 -5.44 65.83
N THR J 95 30.77 -4.59 65.83
CA THR J 95 29.67 -4.74 64.88
C THR J 95 30.13 -4.62 63.43
N ASP J 96 31.27 -3.99 63.20
CA ASP J 96 31.77 -3.87 61.83
C ASP J 96 32.84 -4.89 61.50
N THR J 97 33.21 -5.74 62.46
CA THR J 97 34.19 -6.79 62.15
C THR J 97 33.74 -8.22 62.46
N LEU J 98 32.58 -8.39 63.09
CA LEU J 98 32.10 -9.74 63.41
C LEU J 98 31.75 -10.47 62.11
N ASP J 99 31.57 -11.79 62.20
CA ASP J 99 31.27 -12.63 61.05
C ASP J 99 29.77 -12.67 60.77
N VAL J 100 29.33 -12.09 59.65
CA VAL J 100 27.90 -12.02 59.39
C VAL J 100 27.27 -13.39 59.16
N GLN J 101 28.08 -14.40 58.80
CA GLN J 101 27.57 -15.75 58.62
C GLN J 101 26.89 -16.24 59.89
N ARG J 102 27.36 -15.75 61.03
CA ARG J 102 26.90 -16.23 62.32
C ARG J 102 25.53 -15.71 62.73
N LEU J 103 25.10 -14.61 62.10
CA LEU J 103 23.94 -13.81 62.58
C LEU J 103 22.57 -14.47 62.34
N ILE J 104 22.52 -15.40 61.40
CA ILE J 104 21.27 -16.02 60.97
C ILE J 104 21.36 -17.49 61.25
N ALA J 105 20.54 -17.99 62.17
CA ALA J 105 20.66 -19.38 62.59
C ALA J 105 19.37 -19.88 63.20
N PRO J 106 19.20 -21.21 63.23
CA PRO J 106 18.09 -21.76 64.00
C PRO J 106 18.06 -21.17 65.42
N VAL J 107 16.86 -20.97 65.96
CA VAL J 107 16.73 -20.46 67.32
C VAL J 107 16.01 -21.45 68.22
N ASN J 108 16.48 -21.52 69.46
CA ASN J 108 15.84 -22.31 70.50
C ASN J 108 15.08 -21.39 71.41
N VAL J 109 13.76 -21.55 71.48
CA VAL J 109 12.97 -20.61 72.26
C VAL J 109 12.50 -21.28 73.55
N ILE J 110 13.10 -20.89 74.67
CA ILE J 110 12.81 -21.51 75.94
C ILE J 110 11.75 -20.71 76.71
N ASP J 111 10.53 -21.25 76.77
CA ASP J 111 9.41 -20.52 77.35
C ASP J 111 9.45 -20.52 78.87
N CYS J 112 9.75 -19.37 79.43
CA CYS J 112 9.79 -19.18 80.88
C CYS J 112 8.76 -18.16 81.30
N SER J 113 7.72 -17.99 80.50
CA SER J 113 6.71 -16.97 80.77
C SER J 113 5.94 -17.20 82.08
N LYS J 114 5.44 -18.42 82.32
CA LYS J 114 4.71 -18.69 83.55
C LYS J 114 5.62 -18.50 84.76
N GLU J 115 6.84 -19.00 84.67
CA GLU J 115 7.78 -18.93 85.80
C GLU J 115 8.11 -17.47 86.14
N SER J 116 8.24 -16.65 85.09
CA SER J 116 8.54 -15.24 85.22
C SER J 116 7.36 -14.41 85.71
N ALA J 117 6.14 -14.83 85.35
CA ALA J 117 4.96 -14.15 85.89
C ALA J 117 4.88 -14.43 87.39
N ALA J 118 5.29 -15.63 87.79
CA ALA J 118 5.22 -16.01 89.20
C ALA J 118 6.34 -15.35 90.01
N ASP J 119 7.47 -15.09 89.36
CA ASP J 119 8.63 -14.55 90.04
C ASP J 119 9.43 -13.69 89.09
N PRO J 120 9.39 -12.37 89.30
CA PRO J 120 10.10 -11.47 88.40
C PRO J 120 11.61 -11.67 88.47
N ASP J 121 12.13 -12.28 89.53
CA ASP J 121 13.57 -12.60 89.58
C ASP J 121 13.88 -14.03 89.16
N PHE J 122 12.96 -14.67 88.45
CA PHE J 122 13.16 -16.05 88.02
C PHE J 122 14.48 -16.26 87.28
N LEU J 123 15.18 -17.33 87.63
CA LEU J 123 16.45 -17.64 86.98
C LEU J 123 16.38 -18.96 86.23
N LEU J 124 16.63 -18.92 84.92
CA LEU J 124 16.78 -20.14 84.15
C LEU J 124 18.13 -20.79 84.46
N THR J 125 18.11 -22.06 84.85
CA THR J 125 19.31 -22.80 85.25
C THR J 125 19.76 -23.81 84.21
N ALA J 126 21.01 -24.25 84.31
CA ALA J 126 21.51 -25.32 83.44
C ALA J 126 20.60 -26.55 83.50
N ASP J 127 20.23 -26.98 84.71
CA ASP J 127 19.32 -28.11 84.86
C ASP J 127 18.01 -27.92 84.08
N LEU J 128 17.39 -26.74 84.23
CA LEU J 128 16.13 -26.48 83.52
C LEU J 128 16.31 -26.50 82.00
N ILE J 129 17.46 -26.03 81.51
CA ILE J 129 17.74 -26.06 80.08
C ILE J 129 17.89 -27.51 79.61
N LYS J 130 18.53 -28.33 80.43
CA LYS J 130 18.70 -29.74 80.11
C LYS J 130 17.35 -30.45 80.04
N ALA J 131 16.43 -30.10 80.95
CA ALA J 131 15.09 -30.65 80.90
C ALA J 131 14.37 -30.20 79.63
N TRP J 132 14.60 -28.96 79.23
CA TRP J 132 14.03 -28.44 78.00
C TRP J 132 14.55 -29.22 76.80
N GLU J 133 15.86 -29.47 76.79
CA GLU J 133 16.50 -30.20 75.70
C GLU J 133 15.98 -31.63 75.62
N ALA J 134 15.69 -32.21 76.78
CA ALA J 134 15.21 -33.59 76.85
C ALA J 134 13.84 -33.69 76.20
N GLU J 135 13.05 -32.63 76.31
CA GLU J 135 11.73 -32.58 75.69
C GLU J 135 11.77 -32.18 74.21
N HIS J 136 12.57 -31.18 73.89
CA HIS J 136 12.49 -30.53 72.58
C HIS J 136 13.61 -30.89 71.62
N GLY J 137 14.73 -31.35 72.16
CA GLY J 137 15.90 -31.63 71.34
C GLY J 137 17.12 -30.86 71.83
N GLU J 138 18.29 -31.45 71.63
CA GLU J 138 19.56 -30.84 72.04
C GLU J 138 19.77 -29.48 71.39
N ILE J 139 20.32 -28.54 72.15
CA ILE J 139 20.74 -27.27 71.60
C ILE J 139 22.06 -27.48 70.85
N GLY J 140 22.14 -26.95 69.64
CA GLY J 140 23.27 -27.25 68.77
C GLY J 140 24.19 -26.08 68.50
N ALA J 141 25.37 -26.39 67.96
CA ALA J 141 26.43 -25.41 67.71
C ALA J 141 25.98 -24.34 66.73
N GLY J 142 26.23 -23.08 67.05
CA GLY J 142 25.90 -21.99 66.15
C GLY J 142 24.46 -21.50 66.23
N GLU J 143 23.64 -22.15 67.05
CA GLU J 143 22.24 -21.77 67.18
C GLU J 143 22.05 -20.62 68.15
N TRP J 144 21.00 -19.84 67.93
CA TRP J 144 20.55 -18.86 68.91
C TRP J 144 19.77 -19.56 70.02
N VAL J 145 19.90 -19.06 71.24
CA VAL J 145 19.03 -19.47 72.34
C VAL J 145 18.38 -18.24 72.96
N VAL J 146 17.06 -18.24 73.05
CA VAL J 146 16.38 -17.08 73.60
C VAL J 146 15.46 -17.51 74.70
N MET J 147 15.43 -16.70 75.74
CA MET J 147 14.61 -16.93 76.90
C MET J 147 13.30 -16.15 76.78
N ARG J 148 12.21 -16.85 76.50
CA ARG J 148 10.92 -16.19 76.42
C ARG J 148 10.35 -16.01 77.82
N THR J 149 9.93 -14.77 78.10
CA THR J 149 9.32 -14.39 79.38
C THR J 149 8.07 -13.56 79.18
N ASP J 150 7.79 -13.21 77.93
CA ASP J 150 6.76 -12.23 77.58
C ASP J 150 6.95 -10.93 78.35
N TRP J 151 8.19 -10.57 78.64
CA TRP J 151 8.47 -9.29 79.25
C TRP J 151 8.11 -8.12 78.35
N ASP J 152 8.02 -8.39 77.04
CA ASP J 152 7.69 -7.35 76.07
C ASP J 152 6.28 -6.80 76.28
N LYS J 153 5.44 -7.55 76.99
CA LYS J 153 4.11 -7.06 77.35
C LYS J 153 4.18 -5.86 78.31
N ARG J 154 5.38 -5.59 78.84
CA ARG J 154 5.58 -4.47 79.76
C ARG J 154 6.21 -3.25 79.08
N ALA J 155 6.47 -3.35 77.78
CA ALA J 155 7.30 -2.38 77.09
C ALA J 155 6.62 -1.01 76.97
N GLY J 156 5.31 -0.97 77.17
CA GLY J 156 4.56 0.27 77.11
C GLY J 156 4.74 1.21 78.29
N ASP J 157 5.47 0.75 79.32
CA ASP J 157 5.70 1.54 80.53
C ASP J 157 7.12 1.22 81.00
N GLU J 158 8.05 2.14 80.81
CA GLU J 158 9.46 1.90 81.13
C GLU J 158 9.65 1.45 82.57
N ALA J 159 8.97 2.12 83.50
CA ALA J 159 9.10 1.78 84.92
C ALA J 159 8.70 0.33 85.14
N ALA J 160 7.62 -0.11 84.47
CA ALA J 160 7.18 -1.48 84.65
C ALA J 160 8.16 -2.45 83.98
N PHE J 161 8.73 -2.03 82.85
CA PHE J 161 9.65 -2.87 82.10
C PHE J 161 10.96 -3.07 82.88
N LEU J 162 11.47 -2.01 83.50
CA LEU J 162 12.67 -2.15 84.33
C LEU J 162 12.35 -2.82 85.67
N ASN J 163 11.16 -2.54 86.19
CA ASN J 163 10.61 -3.21 87.37
C ASN J 163 11.49 -3.12 88.61
N ALA J 164 11.95 -1.91 88.91
CA ALA J 164 12.86 -1.70 90.04
C ALA J 164 12.14 -1.32 91.32
N ASP J 165 12.73 -1.74 92.44
CA ASP J 165 12.35 -1.20 93.75
C ASP J 165 13.62 -0.75 94.48
N GLU J 166 13.58 -0.69 95.81
CA GLU J 166 14.71 -0.16 96.56
C GLU J 166 16.00 -0.98 96.37
N THR J 167 15.87 -2.27 96.06
CA THR J 167 17.06 -3.08 95.84
C THR J 167 17.46 -3.21 94.37
N GLY J 168 16.81 -2.46 93.48
CA GLY J 168 17.23 -2.42 92.09
C GLY J 168 16.23 -3.09 91.17
N PRO J 169 16.65 -3.38 89.92
CA PRO J 169 15.75 -3.94 88.92
C PRO J 169 15.42 -5.39 89.18
N HIS J 170 14.19 -5.79 88.87
CA HIS J 170 13.77 -7.17 89.09
C HIS J 170 13.15 -7.74 87.83
N SER J 171 13.95 -8.55 87.13
CA SER J 171 13.58 -9.09 85.85
C SER J 171 14.31 -10.41 85.65
N PRO J 172 13.72 -11.33 84.89
CA PRO J 172 14.32 -12.67 84.87
C PRO J 172 15.58 -12.75 84.00
N GLY J 173 16.32 -13.84 84.15
CA GLY J 173 17.49 -14.06 83.33
C GLY J 173 18.13 -15.38 83.67
N PRO J 174 19.35 -15.61 83.16
CA PRO J 174 20.05 -16.87 83.34
C PRO J 174 20.98 -16.88 84.57
N THR J 175 21.28 -18.08 85.07
CA THR J 175 22.33 -18.24 86.05
C THR J 175 23.67 -18.29 85.33
N PRO J 176 24.79 -18.04 86.04
CA PRO J 176 26.09 -18.25 85.41
C PRO J 176 26.26 -19.65 84.83
N ASP J 177 25.85 -20.68 85.57
CA ASP J 177 26.04 -22.04 85.09
C ASP J 177 25.16 -22.32 83.86
N ALA J 178 24.02 -21.63 83.76
CA ALA J 178 23.17 -21.76 82.57
C ALA J 178 23.91 -21.26 81.34
N ILE J 179 24.50 -20.07 81.43
CA ILE J 179 25.26 -19.52 80.30
C ILE J 179 26.48 -20.37 80.00
N GLU J 180 27.19 -20.81 81.04
CA GLU J 180 28.34 -21.69 80.85
C GLU J 180 27.96 -22.97 80.12
N TYR J 181 26.80 -23.52 80.44
CA TYR J 181 26.38 -24.75 79.81
C TYR J 181 26.03 -24.49 78.33
N LEU J 182 25.32 -23.40 78.06
CA LEU J 182 24.99 -23.04 76.68
C LEU J 182 26.26 -22.85 75.86
N LEU J 183 27.27 -22.24 76.47
CA LEU J 183 28.53 -21.98 75.78
C LEU J 183 29.28 -23.28 75.49
N SER J 184 29.15 -24.27 76.36
CA SER J 184 29.75 -25.57 76.09
C SER J 184 29.12 -26.22 74.85
N LYS J 185 27.89 -25.82 74.51
CA LYS J 185 27.22 -26.31 73.32
C LYS J 185 27.59 -25.49 72.08
N LYS J 186 28.42 -24.46 72.27
CA LYS J 186 28.95 -23.63 71.19
C LYS J 186 27.85 -22.84 70.44
N ILE J 187 26.88 -22.33 71.19
CA ILE J 187 25.86 -21.48 70.63
C ILE J 187 26.49 -20.21 70.05
N VAL J 188 25.76 -19.51 69.17
CA VAL J 188 26.25 -18.23 68.66
C VAL J 188 25.93 -17.12 69.67
N GLY J 189 24.80 -17.24 70.36
CA GLY J 189 24.42 -16.19 71.28
C GLY J 189 23.12 -16.42 72.01
N TRP J 190 22.80 -15.48 72.90
CA TRP J 190 21.70 -15.62 73.84
C TRP J 190 20.86 -14.34 73.85
N GLY J 191 19.54 -14.49 73.84
CA GLY J 191 18.66 -13.33 73.79
C GLY J 191 17.63 -13.28 74.88
N SER J 192 17.27 -12.06 75.27
CA SER J 192 16.26 -11.89 76.30
C SER J 192 15.22 -10.88 75.86
N GLN J 193 14.05 -10.92 76.49
CA GLN J 193 13.01 -9.90 76.28
C GLN J 193 13.10 -8.77 77.29
N CYS J 194 14.01 -8.90 78.24
CA CYS J 194 14.20 -7.86 79.25
C CYS J 194 15.16 -6.80 78.75
N ILE J 195 15.43 -5.81 79.58
CA ILE J 195 16.28 -4.68 79.16
C ILE J 195 17.70 -5.12 78.77
N GLY J 196 18.16 -6.23 79.36
CA GLY J 196 19.49 -6.73 79.07
C GLY J 196 19.49 -8.26 79.06
N THR J 197 20.63 -8.85 78.73
CA THR J 197 20.75 -10.30 78.64
C THR J 197 20.85 -11.00 80.00
N ASP J 198 21.06 -10.21 81.04
CA ASP J 198 21.17 -10.73 82.41
C ASP J 198 19.93 -10.42 83.22
N ALA J 199 19.74 -11.15 84.32
CA ALA J 199 18.68 -10.84 85.26
C ALA J 199 18.84 -9.42 85.80
N GLY J 200 17.74 -8.80 86.17
CA GLY J 200 17.78 -7.47 86.76
C GLY J 200 18.73 -7.41 87.94
N GLN J 201 18.80 -8.51 88.69
CA GLN J 201 19.64 -8.55 89.87
C GLN J 201 21.04 -9.12 89.62
N ALA J 202 21.49 -9.10 88.37
CA ALA J 202 22.76 -9.71 87.99
C ALA J 202 23.99 -9.05 88.60
N GLY J 203 23.84 -7.79 89.05
CA GLY J 203 24.96 -7.06 89.60
C GLY J 203 25.53 -7.70 90.85
N GLY J 204 24.74 -8.57 91.48
CA GLY J 204 25.14 -9.22 92.71
C GLY J 204 25.44 -10.68 92.48
N MET J 205 25.55 -11.07 91.22
CA MET J 205 25.85 -12.46 90.89
C MET J 205 27.35 -12.66 90.79
N GLU J 206 27.77 -13.91 90.58
CA GLU J 206 29.19 -14.25 90.51
C GLU J 206 29.51 -15.08 89.27
N PRO J 207 30.19 -14.45 88.29
CA PRO J 207 30.58 -13.04 88.23
C PRO J 207 29.37 -12.11 88.01
N PRO J 208 29.52 -10.80 88.27
CA PRO J 208 28.48 -9.82 87.97
C PRO J 208 28.10 -9.85 86.49
N PHE J 209 26.80 -9.77 86.20
CA PHE J 209 26.30 -9.83 84.82
C PHE J 209 26.93 -10.98 84.04
N PRO J 210 26.65 -12.23 84.47
CA PRO J 210 27.26 -13.43 83.87
C PRO J 210 26.98 -13.62 82.39
N ALA J 211 25.77 -13.33 81.92
CA ALA J 211 25.52 -13.45 80.49
C ALA J 211 26.48 -12.55 79.73
N HIS J 212 26.60 -11.30 80.17
CA HIS J 212 27.50 -10.36 79.51
C HIS J 212 28.94 -10.84 79.60
N ASN J 213 29.36 -11.17 80.80
CA ASN J 213 30.73 -11.60 81.04
C ASN J 213 31.11 -12.81 80.20
N LEU J 214 30.29 -13.85 80.25
CA LEU J 214 30.65 -15.15 79.70
C LEU J 214 30.45 -15.23 78.18
N LEU J 215 29.28 -14.81 77.70
CA LEU J 215 29.03 -14.80 76.25
C LEU J 215 30.18 -14.08 75.54
N HIS J 216 30.51 -12.89 76.01
CA HIS J 216 31.45 -12.06 75.29
C HIS J 216 32.88 -12.51 75.54
N ARG J 217 33.12 -13.18 76.67
CA ARG J 217 34.37 -13.88 76.88
C ARG J 217 34.66 -14.85 75.73
N ASP J 218 33.60 -15.49 75.25
CA ASP J 218 33.72 -16.53 74.23
C ASP J 218 33.43 -16.04 72.81
N ASN J 219 33.47 -14.72 72.59
CA ASN J 219 33.21 -14.13 71.26
C ASN J 219 31.79 -14.45 70.77
N CYS J 220 30.82 -14.41 71.68
CA CYS J 220 29.43 -14.72 71.32
C CYS J 220 28.56 -13.48 71.54
N PHE J 221 27.32 -13.54 71.06
CA PHE J 221 26.48 -12.33 71.00
C PHE J 221 25.35 -12.34 72.02
N GLY J 222 24.85 -11.15 72.34
CA GLY J 222 23.69 -11.00 73.20
C GLY J 222 22.61 -10.25 72.47
N LEU J 223 21.36 -10.57 72.78
CA LEU J 223 20.20 -9.86 72.25
C LEU J 223 19.31 -9.44 73.40
N ALA J 224 18.76 -8.23 73.33
CA ALA J 224 17.90 -7.75 74.41
C ALA J 224 16.65 -7.09 73.85
N SER J 225 15.67 -6.93 74.74
CA SER J 225 14.36 -6.39 74.41
C SER J 225 13.72 -7.05 73.19
N LEU J 226 13.90 -8.37 73.05
CA LEU J 226 13.23 -9.13 72.00
C LEU J 226 11.72 -9.10 72.23
N ALA J 227 10.98 -8.95 71.13
CA ALA J 227 9.52 -8.91 71.19
C ALA J 227 8.93 -10.13 70.49
N ASN J 228 7.70 -10.49 70.87
CA ASN J 228 6.93 -11.48 70.13
C ASN J 228 7.50 -12.90 70.13
N LEU J 229 8.27 -13.26 71.16
CA LEU J 229 8.77 -14.63 71.20
C LEU J 229 7.60 -15.60 71.42
N ASP J 230 6.47 -15.08 71.91
CA ASP J 230 5.27 -15.89 72.07
C ASP J 230 4.66 -16.29 70.69
N LYS J 231 5.18 -15.74 69.60
CA LYS J 231 4.75 -16.14 68.27
C LYS J 231 5.68 -17.19 67.63
N LEU J 232 6.74 -17.55 68.34
CA LEU J 232 7.73 -18.50 67.82
C LEU J 232 7.50 -19.85 68.46
N PRO J 233 7.78 -20.93 67.71
CA PRO J 233 7.80 -22.28 68.26
C PRO J 233 9.09 -22.53 69.06
N ALA J 234 9.07 -23.51 69.95
CA ALA J 234 10.26 -23.87 70.72
C ALA J 234 11.43 -24.24 69.80
N LYS J 235 11.14 -24.96 68.72
CA LYS J 235 12.20 -25.30 67.77
C LYS J 235 11.74 -25.13 66.32
N GLY J 236 12.71 -24.96 65.42
CA GLY J 236 12.43 -24.99 64.00
C GLY J 236 12.36 -23.64 63.32
N ALA J 237 12.35 -22.56 64.11
CA ALA J 237 12.35 -21.22 63.53
C ALA J 237 13.79 -20.79 63.26
N ILE J 238 13.96 -19.81 62.38
CA ILE J 238 15.26 -19.22 62.12
C ILE J 238 15.23 -17.76 62.54
N LEU J 239 16.21 -17.36 63.33
CA LEU J 239 16.31 -15.98 63.82
C LEU J 239 17.34 -15.18 63.03
N ILE J 240 16.92 -14.03 62.53
CA ILE J 240 17.82 -13.06 61.90
C ILE J 240 18.07 -11.89 62.85
N ALA J 241 19.30 -11.75 63.35
CA ALA J 241 19.56 -10.66 64.30
C ALA J 241 20.89 -9.98 64.00
N ALA J 242 20.81 -8.93 63.21
CA ALA J 242 21.99 -8.33 62.59
C ALA J 242 22.14 -6.88 63.00
N PRO J 243 23.30 -6.56 63.60
CA PRO J 243 23.59 -5.18 64.00
C PRO J 243 23.92 -4.32 62.82
N LEU J 244 23.62 -3.03 62.92
CA LEU J 244 24.17 -2.04 62.01
C LEU J 244 25.69 -2.14 62.00
N LYS J 245 26.29 -1.80 60.86
CA LYS J 245 27.75 -1.93 60.70
C LYS J 245 28.41 -0.68 61.27
N ILE J 246 28.11 -0.42 62.55
CA ILE J 246 28.64 0.74 63.24
C ILE J 246 30.15 0.58 63.38
N GLU J 247 30.88 1.62 63.03
CA GLU J 247 32.34 1.60 63.09
C GLU J 247 32.82 1.41 64.54
N ARG J 248 33.62 0.37 64.76
CA ARG J 248 34.03 -0.05 66.11
C ARG J 248 32.83 -0.16 67.07
N GLY J 249 31.67 -0.54 66.55
CA GLY J 249 30.46 -0.63 67.35
C GLY J 249 30.48 -1.74 68.37
N THR J 250 29.98 -1.45 69.57
CA THR J 250 29.92 -2.43 70.65
C THR J 250 28.57 -3.13 70.65
N GLY J 251 27.66 -2.62 69.83
CA GLY J 251 26.30 -3.11 69.82
C GLY J 251 25.46 -2.28 68.86
N SER J 252 24.19 -2.60 68.74
CA SER J 252 23.34 -1.87 67.80
C SER J 252 21.88 -2.17 68.01
N PRO J 253 21.03 -1.15 67.83
CA PRO J 253 19.63 -1.54 67.65
C PRO J 253 19.50 -2.43 66.40
N ILE J 254 18.51 -3.32 66.39
CA ILE J 254 18.32 -4.24 65.29
C ILE J 254 16.84 -4.36 64.94
N ARG J 255 16.56 -4.76 63.70
CA ARG J 255 15.25 -5.29 63.38
C ARG J 255 15.36 -6.81 63.41
N ALA J 256 15.10 -7.39 64.58
CA ALA J 256 15.09 -8.84 64.73
C ALA J 256 13.86 -9.42 64.06
N LEU J 257 14.08 -10.42 63.21
CA LEU J 257 13.04 -11.05 62.44
C LEU J 257 13.19 -12.55 62.57
N ALA J 258 12.08 -13.26 62.66
CA ALA J 258 12.14 -14.71 62.70
C ALA J 258 11.37 -15.29 61.52
N LEU J 259 11.88 -16.40 60.98
CA LEU J 259 11.19 -17.17 59.97
C LEU J 259 10.53 -18.39 60.63
N VAL J 260 9.23 -18.52 60.47
CA VAL J 260 8.49 -19.60 61.09
C VAL J 260 7.52 -20.23 60.08
N PRO J 261 7.16 -21.51 60.29
CA PRO J 261 6.12 -22.13 59.46
C PRO J 261 4.76 -21.49 59.72
N LYS J 262 3.91 -21.41 58.69
CA LYS J 262 2.45 -21.15 58.76
C LYS J 262 1.96 -20.41 57.51
N MET K 1 -63.80 15.49 -36.50
CA MET K 1 -65.26 15.50 -36.40
C MET K 1 -65.98 16.04 -37.64
N SER K 2 -65.75 15.47 -38.82
CA SER K 2 -64.89 14.30 -39.05
C SER K 2 -63.49 14.75 -39.45
N ALA K 3 -62.76 13.86 -40.11
CA ALA K 3 -61.42 14.20 -40.58
C ALA K 3 -61.51 15.28 -41.65
N GLN K 4 -62.49 15.15 -42.55
CA GLN K 4 -62.65 16.12 -43.62
C GLN K 4 -63.00 17.48 -43.04
N SER K 5 -63.88 17.48 -42.05
CA SER K 5 -64.25 18.71 -41.37
C SER K 5 -63.01 19.33 -40.73
N ALA K 6 -62.16 18.48 -40.17
CA ALA K 6 -60.90 18.92 -39.59
C ALA K 6 -59.96 19.53 -40.64
N LEU K 7 -59.78 18.85 -41.76
CA LEU K 7 -58.89 19.36 -42.81
C LEU K 7 -59.46 20.63 -43.45
N SER K 8 -60.78 20.68 -43.66
CA SER K 8 -61.41 21.88 -44.23
C SER K 8 -61.18 23.09 -43.34
N GLY K 9 -61.48 22.95 -42.06
CA GLY K 9 -61.24 24.00 -41.09
C GLY K 9 -59.79 24.42 -41.02
N LEU K 10 -58.88 23.44 -40.96
CA LEU K 10 -57.46 23.75 -40.91
C LEU K 10 -57.04 24.57 -42.14
N GLY K 11 -57.52 24.16 -43.30
CA GLY K 11 -57.23 24.86 -44.55
C GLY K 11 -57.70 26.31 -44.53
N ALA K 12 -58.91 26.52 -44.02
CA ALA K 12 -59.47 27.87 -43.93
C ALA K 12 -58.67 28.73 -42.96
N LYS K 13 -58.21 28.11 -41.87
CA LYS K 13 -57.45 28.84 -40.86
C LYS K 13 -56.04 29.16 -41.33
N LEU K 14 -55.46 28.27 -42.14
CA LEU K 14 -54.18 28.56 -42.79
C LEU K 14 -54.32 29.73 -43.75
N LEU K 15 -55.35 29.66 -44.60
CA LEU K 15 -55.62 30.71 -45.58
C LEU K 15 -55.94 32.05 -44.90
N SER K 16 -56.62 32.01 -43.76
CA SER K 16 -56.96 33.23 -43.06
C SER K 16 -55.83 33.75 -42.15
N GLY K 17 -54.92 32.88 -41.76
CA GLY K 17 -53.83 33.26 -40.89
C GLY K 17 -54.10 33.02 -39.40
N GLU K 18 -55.26 32.46 -39.09
CA GLU K 18 -55.59 32.15 -37.70
C GLU K 18 -54.70 31.01 -37.20
N VAL K 19 -54.29 30.13 -38.10
CA VAL K 19 -53.18 29.21 -37.81
C VAL K 19 -51.98 29.72 -38.58
N GLU K 20 -50.90 29.94 -37.85
CA GLU K 20 -49.72 30.57 -38.40
C GLU K 20 -48.62 29.55 -38.64
N VAL K 21 -47.97 29.63 -39.79
CA VAL K 21 -46.82 28.78 -40.10
C VAL K 21 -45.55 29.49 -39.64
N VAL K 22 -44.80 28.84 -38.77
CA VAL K 22 -43.54 29.36 -38.27
C VAL K 22 -42.38 28.65 -38.99
N ASP K 23 -41.46 29.42 -39.56
CA ASP K 23 -40.26 28.88 -40.17
C ASP K 23 -39.26 28.50 -39.08
N CYS K 24 -38.97 27.20 -38.95
CA CYS K 24 -38.04 26.74 -37.92
C CYS K 24 -36.74 26.29 -38.54
N THR K 25 -36.39 26.92 -39.66
CA THR K 25 -35.27 26.54 -40.49
C THR K 25 -34.25 27.67 -40.64
N GLY K 26 -32.97 27.35 -40.53
CA GLY K 26 -31.89 28.27 -40.82
C GLY K 26 -31.55 28.31 -42.30
N VAL K 27 -30.93 29.39 -42.73
CA VAL K 27 -30.50 29.54 -44.12
C VAL K 27 -29.49 28.46 -44.49
N LEU K 28 -29.68 27.82 -45.65
CA LEU K 28 -28.81 26.76 -46.10
C LEU K 28 -27.90 27.25 -47.24
N GLY K 29 -26.59 27.33 -46.97
CA GLY K 29 -25.66 27.88 -47.92
C GLY K 29 -24.23 27.71 -47.43
N PRO K 30 -23.28 28.35 -48.12
CA PRO K 30 -21.86 28.18 -47.79
C PRO K 30 -21.52 28.55 -46.34
N ASN K 31 -22.25 29.48 -45.75
CA ASN K 31 -21.91 29.91 -44.40
C ASN K 31 -22.63 29.12 -43.32
N THR K 32 -23.51 28.21 -43.73
CA THR K 32 -24.18 27.31 -42.80
C THR K 32 -23.18 26.52 -41.95
N PRO K 33 -23.32 26.58 -40.62
CA PRO K 33 -22.42 25.80 -39.76
C PRO K 33 -22.57 24.30 -40.00
N ILE K 34 -21.44 23.65 -40.17
CA ILE K 34 -21.37 22.23 -40.44
C ILE K 34 -20.48 21.55 -39.39
N LEU K 35 -20.90 20.38 -38.92
CA LEU K 35 -20.12 19.63 -37.92
C LEU K 35 -18.66 19.43 -38.31
N GLN K 36 -17.76 19.56 -37.33
CA GLN K 36 -16.35 19.25 -37.53
C GLN K 36 -15.94 18.13 -36.60
N LEU K 37 -15.38 17.07 -37.18
CA LEU K 37 -14.89 15.93 -36.42
C LEU K 37 -13.38 15.91 -36.41
N PRO K 38 -12.79 15.31 -35.37
CA PRO K 38 -11.34 15.11 -35.34
C PRO K 38 -10.89 14.24 -36.51
N PRO K 39 -9.91 14.72 -37.30
CA PRO K 39 -9.44 14.01 -38.50
C PRO K 39 -8.99 12.57 -38.24
N ASP K 40 -8.48 12.29 -37.04
CA ASP K 40 -8.03 10.93 -36.71
C ASP K 40 -9.17 10.01 -36.33
N PHE K 41 -10.37 10.57 -36.25
CA PHE K 41 -11.56 9.82 -35.85
C PHE K 41 -12.45 9.48 -37.04
N ALA K 42 -12.80 10.48 -37.84
CA ALA K 42 -13.72 10.25 -38.95
C ALA K 42 -13.56 11.32 -40.02
N LYS K 43 -13.97 10.97 -41.24
CA LYS K 43 -14.06 11.94 -42.33
C LYS K 43 -15.20 12.91 -42.07
N ASN K 44 -15.04 14.13 -42.57
CA ASN K 44 -16.03 15.17 -42.34
C ASN K 44 -17.08 15.23 -43.45
N THR K 45 -18.26 15.71 -43.09
CA THR K 45 -19.27 15.98 -44.07
C THR K 45 -18.90 17.35 -44.68
N PRO K 46 -19.15 17.53 -46.00
CA PRO K 46 -18.65 18.74 -46.68
C PRO K 46 -19.43 20.01 -46.37
N LYS K 47 -18.76 21.14 -46.46
CA LYS K 47 -19.43 22.44 -46.46
C LYS K 47 -20.37 22.53 -47.66
N VAL K 48 -21.45 23.27 -47.48
CA VAL K 48 -22.42 23.50 -48.55
C VAL K 48 -21.81 24.36 -49.65
N GLU K 49 -21.98 23.93 -50.89
CA GLU K 49 -21.61 24.74 -52.05
C GLU K 49 -22.85 24.99 -52.90
N ILE K 50 -23.01 26.22 -53.38
CA ILE K 50 -24.06 26.58 -54.32
C ILE K 50 -23.40 27.07 -55.60
N HIS K 51 -23.68 26.38 -56.69
CA HIS K 51 -23.05 26.65 -57.99
C HIS K 51 -24.08 27.16 -59.00
N LYS K 52 -23.77 28.25 -59.70
CA LYS K 52 -24.71 28.79 -60.66
C LYS K 52 -24.74 27.95 -61.93
N ILE K 53 -25.92 27.56 -62.39
CA ILE K 53 -26.02 26.97 -63.73
C ILE K 53 -26.28 28.09 -64.75
N SER K 54 -27.26 28.92 -64.45
CA SER K 54 -27.54 30.11 -65.24
C SER K 54 -28.33 31.12 -64.42
N GLU K 55 -28.26 32.38 -64.83
CA GLU K 55 -29.19 33.40 -64.33
C GLU K 55 -29.53 34.35 -65.45
N TYR K 56 -30.47 33.94 -66.28
CA TYR K 56 -30.96 34.75 -67.39
C TYR K 56 -29.81 35.19 -68.29
N ASP K 57 -28.94 34.24 -68.65
CA ASP K 57 -27.73 34.53 -69.40
C ASP K 57 -27.57 33.55 -70.54
N SER K 58 -26.42 33.56 -71.20
CA SER K 58 -26.22 32.73 -72.38
C SER K 58 -26.26 31.22 -72.09
N ASP K 59 -26.04 30.84 -70.83
CA ASP K 59 -26.14 29.44 -70.41
C ASP K 59 -27.56 29.02 -70.07
N GLY K 60 -28.48 29.97 -70.06
CA GLY K 60 -29.87 29.69 -69.76
C GLY K 60 -30.66 30.99 -69.82
N PRO K 61 -31.15 31.34 -71.03
CA PRO K 61 -31.64 32.68 -71.34
C PRO K 61 -32.82 33.17 -70.50
N PHE K 62 -33.77 32.31 -70.18
CA PHE K 62 -35.02 32.75 -69.54
C PHE K 62 -35.16 32.36 -68.09
N PHE K 63 -34.12 31.76 -67.51
CA PHE K 63 -34.28 31.15 -66.20
C PHE K 63 -33.00 31.19 -65.37
N ALA K 64 -33.18 30.98 -64.07
CA ALA K 64 -32.09 30.97 -63.11
C ALA K 64 -32.18 29.68 -62.30
N TRP K 65 -31.04 29.04 -62.07
CA TRP K 65 -31.02 27.84 -61.23
C TRP K 65 -29.60 27.46 -60.88
N ASN K 66 -29.49 26.69 -59.80
CA ASN K 66 -28.21 26.32 -59.19
C ASN K 66 -28.14 24.84 -58.93
N TRP K 67 -26.94 24.34 -58.70
CA TRP K 67 -26.78 23.01 -58.17
C TRP K 67 -25.89 23.10 -56.93
N MET K 68 -25.97 22.08 -56.08
CA MET K 68 -25.29 22.11 -54.80
C MET K 68 -24.38 20.92 -54.55
N VAL K 69 -23.38 21.14 -53.71
CA VAL K 69 -22.72 20.05 -53.00
C VAL K 69 -23.35 20.09 -51.61
N LEU K 70 -24.08 19.04 -51.27
CA LEU K 70 -24.94 19.07 -50.08
C LEU K 70 -24.89 17.75 -49.30
N GLY K 71 -24.22 17.76 -48.15
CA GLY K 71 -24.26 16.62 -47.27
C GLY K 71 -25.68 16.41 -46.74
N GLU K 72 -26.04 15.17 -46.47
CA GLU K 72 -27.33 14.88 -45.84
C GLU K 72 -27.47 15.67 -44.54
N HIS K 73 -26.37 15.70 -43.78
CA HIS K 73 -26.38 16.33 -42.47
C HIS K 73 -25.87 17.77 -42.53
N SER K 74 -26.69 18.65 -43.12
CA SER K 74 -26.34 20.04 -43.37
C SER K 74 -27.44 20.98 -42.91
N GLY K 75 -27.09 21.92 -42.04
CA GLY K 75 -28.03 22.92 -41.55
C GLY K 75 -29.17 22.31 -40.75
N THR K 76 -30.30 23.00 -40.71
CA THR K 76 -31.51 22.42 -40.15
C THR K 76 -31.78 21.10 -40.84
N HIS K 77 -31.68 20.00 -40.11
CA HIS K 77 -31.75 18.72 -40.79
C HIS K 77 -32.23 17.60 -39.90
N PHE K 78 -32.47 16.46 -40.54
CA PHE K 78 -33.17 15.31 -40.00
C PHE K 78 -32.22 14.13 -39.93
N ASP K 79 -32.20 13.42 -38.81
CA ASP K 79 -31.44 12.16 -38.66
C ASP K 79 -32.38 10.97 -38.73
N ALA K 80 -32.21 10.09 -39.71
CA ALA K 80 -32.99 8.85 -39.78
C ALA K 80 -32.26 7.77 -39.01
N PRO K 81 -32.97 6.71 -38.58
CA PRO K 81 -32.33 5.69 -37.73
C PRO K 81 -31.06 5.08 -38.33
N HIS K 82 -30.98 4.88 -39.64
CA HIS K 82 -29.79 4.25 -40.22
C HIS K 82 -28.52 5.08 -39.98
N HIS K 83 -28.68 6.36 -39.67
CA HIS K 83 -27.54 7.24 -39.37
C HIS K 83 -26.61 6.68 -38.29
N TRP K 84 -27.18 6.02 -37.29
CA TRP K 84 -26.34 5.45 -36.22
C TRP K 84 -26.27 3.94 -36.29
N ILE K 85 -25.15 3.39 -35.85
CA ILE K 85 -24.92 1.94 -35.88
C ILE K 85 -26.04 1.21 -35.14
N THR K 86 -26.61 1.83 -34.11
CA THR K 86 -27.68 1.20 -33.33
C THR K 86 -29.00 1.11 -34.11
N GLY K 87 -29.15 1.91 -35.15
CA GLY K 87 -30.37 1.88 -35.94
C GLY K 87 -30.17 1.17 -37.27
N LYS K 88 -29.04 0.51 -37.43
CA LYS K 88 -28.62 0.01 -38.74
C LYS K 88 -29.54 -1.06 -39.31
N ASP K 89 -30.27 -1.77 -38.45
CA ASP K 89 -31.04 -2.90 -38.94
C ASP K 89 -32.54 -2.65 -39.14
N TYR K 90 -32.99 -1.41 -38.91
CA TYR K 90 -34.35 -1.08 -39.27
C TYR K 90 -34.47 -0.92 -40.79
N SER K 91 -35.26 -1.76 -41.44
CA SER K 91 -35.44 -1.66 -42.89
C SER K 91 -36.21 -0.38 -43.23
N ASP K 92 -37.01 0.08 -42.27
CA ASP K 92 -37.73 1.34 -42.43
C ASP K 92 -36.92 2.52 -41.87
N GLY K 93 -35.62 2.32 -41.71
CA GLY K 93 -34.76 3.31 -41.06
C GLY K 93 -34.07 4.29 -41.99
N PHE K 94 -34.47 4.33 -43.25
CA PHE K 94 -33.92 5.28 -44.22
C PHE K 94 -34.94 6.37 -44.57
N THR K 95 -34.44 7.46 -45.15
CA THR K 95 -35.31 8.58 -45.51
C THR K 95 -36.34 8.18 -46.56
N ASP K 96 -36.01 7.17 -47.37
CA ASP K 96 -36.94 6.68 -48.39
C ASP K 96 -37.72 5.44 -47.94
N THR K 97 -37.56 5.02 -46.69
CA THR K 97 -38.33 3.86 -46.24
C THR K 97 -39.06 4.12 -44.92
N LEU K 98 -38.84 5.28 -44.30
CA LEU K 98 -39.54 5.56 -43.06
C LEU K 98 -41.02 5.90 -43.29
N ASP K 99 -41.76 5.96 -42.20
CA ASP K 99 -43.21 6.16 -42.25
C ASP K 99 -43.53 7.65 -42.17
N VAL K 100 -43.98 8.24 -43.28
CA VAL K 100 -44.25 9.68 -43.29
C VAL K 100 -45.38 10.06 -42.33
N GLN K 101 -46.21 9.09 -41.96
CA GLN K 101 -47.28 9.34 -40.98
C GLN K 101 -46.71 9.87 -39.67
N ARG K 102 -45.47 9.49 -39.34
CA ARG K 102 -44.88 9.88 -38.04
C ARG K 102 -44.27 11.29 -38.04
N LEU K 103 -44.07 11.87 -39.22
CA LEU K 103 -43.26 13.08 -39.36
C LEU K 103 -43.93 14.33 -38.83
N ILE K 104 -45.25 14.29 -38.71
CA ILE K 104 -46.04 15.47 -38.33
C ILE K 104 -46.72 15.19 -37.04
N ALA K 105 -46.43 15.98 -36.01
CA ALA K 105 -46.92 15.67 -34.67
C ALA K 105 -46.85 16.88 -33.76
N PRO K 106 -47.64 16.88 -32.68
CA PRO K 106 -47.48 17.91 -31.64
C PRO K 106 -46.05 17.94 -31.16
N VAL K 107 -45.54 19.13 -30.89
CA VAL K 107 -44.19 19.25 -30.39
C VAL K 107 -44.20 19.81 -28.96
N ASN K 108 -43.34 19.24 -28.13
CA ASN K 108 -43.07 19.73 -26.79
C ASN K 108 -41.80 20.56 -26.82
N VAL K 109 -41.94 21.84 -26.53
CA VAL K 109 -40.84 22.78 -26.62
C VAL K 109 -40.34 23.10 -25.22
N ILE K 110 -39.16 22.56 -24.88
CA ILE K 110 -38.61 22.71 -23.54
C ILE K 110 -37.61 23.85 -23.55
N ASP K 111 -37.98 24.96 -22.91
CA ASP K 111 -37.17 26.16 -22.95
C ASP K 111 -36.00 26.09 -21.97
N CYS K 112 -34.80 25.94 -22.51
CA CYS K 112 -33.58 25.88 -21.71
C CYS K 112 -32.66 27.02 -22.08
N SER K 113 -33.22 28.13 -22.59
CA SER K 113 -32.40 29.19 -23.14
C SER K 113 -31.64 29.92 -22.04
N LYS K 114 -32.30 30.18 -20.91
CA LYS K 114 -31.65 30.87 -19.81
C LYS K 114 -30.52 30.02 -19.25
N GLU K 115 -30.81 28.76 -19.01
CA GLU K 115 -29.82 27.81 -18.50
C GLU K 115 -28.61 27.66 -19.44
N SER K 116 -28.87 27.67 -20.75
CA SER K 116 -27.83 27.50 -21.76
C SER K 116 -26.95 28.73 -21.93
N ALA K 117 -27.56 29.91 -21.79
CA ALA K 117 -26.83 31.15 -21.79
C ALA K 117 -25.87 31.20 -20.59
N ALA K 118 -26.34 30.72 -19.45
CA ALA K 118 -25.52 30.74 -18.25
C ALA K 118 -24.43 29.67 -18.29
N ASP K 119 -24.67 28.61 -19.07
CA ASP K 119 -23.74 27.49 -19.13
C ASP K 119 -23.85 26.78 -20.49
N PRO K 120 -22.84 26.95 -21.36
CA PRO K 120 -22.95 26.32 -22.68
C PRO K 120 -22.88 24.80 -22.62
N ASP K 121 -22.45 24.22 -21.50
CA ASP K 121 -22.52 22.76 -21.37
C ASP K 121 -23.75 22.28 -20.60
N PHE K 122 -24.78 23.12 -20.54
CA PHE K 122 -26.00 22.77 -19.82
C PHE K 122 -26.59 21.45 -20.29
N LEU K 123 -26.97 20.61 -19.33
CA LEU K 123 -27.57 19.31 -19.64
C LEU K 123 -29.01 19.26 -19.15
N LEU K 124 -29.91 18.90 -20.07
CA LEU K 124 -31.30 18.58 -19.74
C LEU K 124 -31.37 17.16 -19.19
N THR K 125 -31.83 17.03 -17.96
CA THR K 125 -31.90 15.74 -17.28
C THR K 125 -33.31 15.17 -17.26
N ALA K 126 -33.44 13.88 -16.97
CA ALA K 126 -34.75 13.27 -16.78
C ALA K 126 -35.58 14.00 -15.73
N ASP K 127 -34.95 14.32 -14.60
CA ASP K 127 -35.59 15.08 -13.52
C ASP K 127 -36.16 16.39 -14.05
N LEU K 128 -35.36 17.13 -14.81
CA LEU K 128 -35.82 18.43 -15.35
C LEU K 128 -36.96 18.27 -16.34
N ILE K 129 -36.89 17.22 -17.15
CA ILE K 129 -38.00 16.93 -18.05
C ILE K 129 -39.28 16.65 -17.24
N LYS K 130 -39.16 15.83 -16.20
CA LYS K 130 -40.33 15.50 -15.40
C LYS K 130 -40.95 16.76 -14.78
N ALA K 131 -40.11 17.69 -14.33
CA ALA K 131 -40.61 18.94 -13.75
C ALA K 131 -41.30 19.79 -14.81
N TRP K 132 -40.77 19.77 -16.03
CA TRP K 132 -41.39 20.49 -17.14
C TRP K 132 -42.78 19.90 -17.42
N GLU K 133 -42.88 18.58 -17.42
CA GLU K 133 -44.16 17.89 -17.58
C GLU K 133 -45.17 18.23 -16.50
N ALA K 134 -44.71 18.32 -15.25
CA ALA K 134 -45.57 18.64 -14.14
C ALA K 134 -46.23 20.02 -14.36
N GLU K 135 -45.49 20.93 -15.01
CA GLU K 135 -46.03 22.26 -15.24
C GLU K 135 -46.89 22.32 -16.52
N HIS K 136 -46.40 21.71 -17.60
CA HIS K 136 -46.97 21.88 -18.93
C HIS K 136 -47.87 20.77 -19.41
N GLY K 137 -47.67 19.57 -18.87
CA GLY K 137 -48.41 18.41 -19.33
C GLY K 137 -47.48 17.27 -19.72
N GLU K 138 -47.98 16.05 -19.64
CA GLU K 138 -47.19 14.87 -19.96
C GLU K 138 -46.80 14.84 -21.43
N ILE K 139 -45.59 14.37 -21.71
CA ILE K 139 -45.12 14.16 -23.07
C ILE K 139 -45.74 12.85 -23.57
N GLY K 140 -46.32 12.89 -24.76
CA GLY K 140 -47.15 11.78 -25.22
C GLY K 140 -46.55 10.99 -26.36
N ALA K 141 -47.14 9.81 -26.63
CA ALA K 141 -46.64 8.93 -27.67
C ALA K 141 -46.68 9.65 -29.01
N GLY K 142 -45.63 9.46 -29.80
CA GLY K 142 -45.58 10.01 -31.15
C GLY K 142 -45.22 11.49 -31.22
N GLU K 143 -45.05 12.13 -30.08
CA GLU K 143 -44.79 13.56 -30.10
C GLU K 143 -43.33 13.88 -30.36
N TRP K 144 -43.10 15.06 -30.92
CA TRP K 144 -41.76 15.62 -31.03
C TRP K 144 -41.39 16.28 -29.72
N VAL K 145 -40.12 16.23 -29.35
CA VAL K 145 -39.64 16.95 -28.19
C VAL K 145 -38.41 17.72 -28.62
N VAL K 146 -38.42 19.04 -28.44
CA VAL K 146 -37.28 19.82 -28.86
C VAL K 146 -36.73 20.62 -27.69
N MET K 147 -35.41 20.77 -27.69
CA MET K 147 -34.72 21.53 -26.66
C MET K 147 -34.44 22.93 -27.15
N ARG K 148 -35.22 23.89 -26.67
CA ARG K 148 -34.96 25.27 -27.03
C ARG K 148 -33.77 25.78 -26.22
N THR K 149 -32.76 26.29 -26.93
CA THR K 149 -31.59 26.88 -26.28
C THR K 149 -31.27 28.24 -26.88
N ASP K 150 -32.00 28.58 -27.94
CA ASP K 150 -31.74 29.77 -28.72
C ASP K 150 -30.30 29.80 -29.26
N TRP K 151 -29.75 28.61 -29.52
CA TRP K 151 -28.43 28.48 -30.12
C TRP K 151 -28.41 29.03 -31.56
N ASP K 152 -29.59 29.17 -32.15
CA ASP K 152 -29.69 29.73 -33.50
C ASP K 152 -29.19 31.18 -33.58
N LYS K 153 -29.12 31.85 -32.43
CA LYS K 153 -28.54 33.20 -32.36
C LYS K 153 -27.06 33.22 -32.77
N ARG K 154 -26.41 32.06 -32.71
CA ARG K 154 -24.99 31.94 -33.06
C ARG K 154 -24.76 31.43 -34.50
N ALA K 155 -25.84 31.21 -35.23
CA ALA K 155 -25.74 30.51 -36.50
C ALA K 155 -25.07 31.35 -37.60
N GLY K 156 -24.92 32.65 -37.37
CA GLY K 156 -24.24 33.50 -38.33
C GLY K 156 -22.72 33.43 -38.22
N ASP K 157 -22.23 32.56 -37.35
CA ASP K 157 -20.80 32.44 -37.07
C ASP K 157 -20.47 31.02 -36.66
N GLU K 158 -19.98 30.22 -37.61
CA GLU K 158 -19.79 28.80 -37.38
C GLU K 158 -18.95 28.51 -36.14
N ALA K 159 -17.89 29.31 -35.94
CA ALA K 159 -17.03 29.12 -34.78
C ALA K 159 -17.83 29.28 -33.49
N ALA K 160 -18.64 30.32 -33.41
CA ALA K 160 -19.47 30.55 -32.21
C ALA K 160 -20.51 29.47 -32.04
N PHE K 161 -21.04 28.99 -33.16
CA PHE K 161 -22.07 27.96 -33.16
C PHE K 161 -21.55 26.62 -32.63
N LEU K 162 -20.37 26.21 -33.08
CA LEU K 162 -19.77 24.96 -32.60
C LEU K 162 -19.23 25.17 -31.19
N ASN K 163 -18.72 26.37 -30.94
CA ASN K 163 -18.30 26.80 -29.62
C ASN K 163 -17.28 25.86 -28.96
N ALA K 164 -16.23 25.53 -29.71
CA ALA K 164 -15.22 24.60 -29.22
C ALA K 164 -14.03 25.32 -28.61
N ASP K 165 -13.39 24.66 -27.64
CA ASP K 165 -12.10 25.11 -27.13
C ASP K 165 -11.17 23.90 -27.07
N GLU K 166 -10.13 23.99 -26.25
CA GLU K 166 -9.16 22.90 -26.19
C GLU K 166 -9.77 21.55 -25.76
N THR K 167 -10.90 21.56 -25.07
CA THR K 167 -11.49 20.27 -24.66
C THR K 167 -12.67 19.86 -25.57
N GLY K 168 -12.85 20.55 -26.69
CA GLY K 168 -13.87 20.17 -27.65
C GLY K 168 -15.06 21.13 -27.70
N PRO K 169 -16.14 20.71 -28.38
CA PRO K 169 -17.33 21.57 -28.51
C PRO K 169 -18.06 21.74 -27.19
N HIS K 170 -18.57 22.94 -26.96
CA HIS K 170 -19.35 23.19 -25.76
C HIS K 170 -20.70 23.75 -26.15
N SER K 171 -21.68 22.86 -26.14
CA SER K 171 -23.04 23.21 -26.53
C SER K 171 -24.00 22.33 -25.73
N PRO K 172 -25.20 22.85 -25.43
CA PRO K 172 -26.11 22.13 -24.52
C PRO K 172 -26.70 20.88 -25.16
N GLY K 173 -27.19 19.97 -24.31
CA GLY K 173 -27.82 18.75 -24.81
C GLY K 173 -28.44 17.93 -23.68
N PRO K 174 -28.94 16.73 -24.01
CA PRO K 174 -29.59 15.79 -23.09
C PRO K 174 -28.61 14.85 -22.40
N THR K 175 -28.98 14.38 -21.22
CA THR K 175 -28.25 13.29 -20.59
C THR K 175 -28.75 11.96 -21.15
N PRO K 176 -27.97 10.90 -20.96
CA PRO K 176 -28.48 9.56 -21.32
C PRO K 176 -29.84 9.24 -20.68
N ASP K 177 -30.00 9.54 -19.39
CA ASP K 177 -31.24 9.20 -18.69
C ASP K 177 -32.40 10.02 -19.21
N ALA K 178 -32.11 11.24 -19.68
CA ALA K 178 -33.14 12.08 -20.27
C ALA K 178 -33.70 11.44 -21.54
N ILE K 179 -32.81 10.96 -22.39
CA ILE K 179 -33.24 10.33 -23.64
C ILE K 179 -33.94 9.01 -23.36
N GLU K 180 -33.41 8.20 -22.44
CA GLU K 180 -34.08 6.96 -22.08
C GLU K 180 -35.47 7.23 -21.54
N TYR K 181 -35.60 8.28 -20.73
CA TYR K 181 -36.90 8.66 -20.20
C TYR K 181 -37.87 9.07 -21.32
N LEU K 182 -37.42 9.93 -22.22
CA LEU K 182 -38.28 10.36 -23.33
C LEU K 182 -38.73 9.16 -24.16
N LEU K 183 -37.81 8.22 -24.36
CA LEU K 183 -38.12 7.05 -25.14
C LEU K 183 -39.17 6.18 -24.45
N SER K 184 -39.23 6.18 -23.12
CA SER K 184 -40.27 5.43 -22.42
C SER K 184 -41.66 6.03 -22.68
N LYS K 185 -41.69 7.28 -23.16
CA LYS K 185 -42.95 7.96 -23.48
C LYS K 185 -43.34 7.74 -24.95
N LYS K 186 -42.48 7.01 -25.65
CA LYS K 186 -42.70 6.58 -27.04
C LYS K 186 -42.79 7.77 -27.98
N ILE K 187 -41.99 8.81 -27.72
CA ILE K 187 -41.90 9.96 -28.63
C ILE K 187 -41.47 9.55 -30.05
N VAL K 188 -41.73 10.40 -31.03
CA VAL K 188 -41.23 10.09 -32.37
C VAL K 188 -39.80 10.52 -32.53
N GLY K 189 -39.39 11.55 -31.81
CA GLY K 189 -38.07 12.09 -32.02
C GLY K 189 -37.74 13.30 -31.18
N TRP K 190 -36.48 13.68 -31.26
CA TRP K 190 -35.91 14.71 -30.42
C TRP K 190 -35.10 15.69 -31.24
N GLY K 191 -35.26 16.98 -30.95
CA GLY K 191 -34.63 17.99 -31.75
C GLY K 191 -33.84 18.99 -30.94
N SER K 192 -32.81 19.51 -31.58
CA SER K 192 -31.91 20.48 -30.98
C SER K 192 -31.70 21.67 -31.91
N GLN K 193 -31.25 22.79 -31.35
CA GLN K 193 -30.83 23.95 -32.14
C GLN K 193 -29.33 24.01 -32.34
N CYS K 194 -28.62 23.08 -31.69
CA CYS K 194 -27.16 22.98 -31.86
C CYS K 194 -26.84 22.14 -33.08
N ILE K 195 -25.54 21.92 -33.32
CA ILE K 195 -25.07 21.32 -34.56
C ILE K 195 -25.57 19.89 -34.69
N GLY K 196 -25.83 19.26 -33.56
CA GLY K 196 -26.34 17.89 -33.50
C GLY K 196 -27.29 17.71 -32.35
N THR K 197 -27.85 16.51 -32.22
CA THR K 197 -28.85 16.20 -31.19
C THR K 197 -28.25 15.95 -29.81
N ASP K 198 -26.93 15.75 -29.75
CA ASP K 198 -26.27 15.58 -28.47
C ASP K 198 -25.55 16.84 -27.99
N ALA K 199 -25.25 16.87 -26.69
CA ALA K 199 -24.39 17.90 -26.11
C ALA K 199 -23.03 17.91 -26.81
N GLY K 200 -22.37 19.07 -26.82
CA GLY K 200 -21.04 19.18 -27.42
C GLY K 200 -20.05 18.23 -26.75
N GLN K 201 -20.25 18.01 -25.45
CA GLN K 201 -19.35 17.16 -24.70
C GLN K 201 -19.87 15.73 -24.51
N ALA K 202 -20.73 15.28 -25.41
CA ALA K 202 -21.35 13.96 -25.27
C ALA K 202 -20.38 12.82 -25.51
N GLY K 203 -19.20 13.15 -26.04
CA GLY K 203 -18.14 12.16 -26.23
C GLY K 203 -17.70 11.42 -24.98
N GLY K 204 -17.85 12.06 -23.82
CA GLY K 204 -17.41 11.48 -22.57
C GLY K 204 -18.55 10.93 -21.73
N MET K 205 -19.76 10.96 -22.28
CA MET K 205 -20.91 10.39 -21.59
C MET K 205 -20.90 8.88 -21.68
N GLU K 206 -21.73 8.24 -20.86
CA GLU K 206 -21.91 6.80 -20.90
C GLU K 206 -23.38 6.47 -21.17
N PRO K 207 -23.69 6.04 -22.40
CA PRO K 207 -22.76 5.84 -23.51
C PRO K 207 -22.43 7.16 -24.19
N PRO K 208 -21.33 7.20 -24.96
CA PRO K 208 -21.06 8.38 -25.80
C PRO K 208 -22.25 8.71 -26.70
N PHE K 209 -22.55 10.00 -26.85
CA PHE K 209 -23.57 10.48 -27.79
C PHE K 209 -24.91 9.77 -27.64
N PRO K 210 -25.49 9.83 -26.42
CA PRO K 210 -26.68 9.05 -26.08
C PRO K 210 -27.89 9.34 -26.95
N ALA K 211 -28.07 10.58 -27.41
CA ALA K 211 -29.24 10.88 -28.22
C ALA K 211 -29.14 10.10 -29.52
N HIS K 212 -28.00 10.21 -30.20
CA HIS K 212 -27.79 9.45 -31.43
C HIS K 212 -27.95 7.95 -31.20
N ASN K 213 -27.22 7.43 -30.22
CA ASN K 213 -27.27 6.01 -29.90
C ASN K 213 -28.69 5.50 -29.63
N LEU K 214 -29.35 6.14 -28.68
CA LEU K 214 -30.61 5.63 -28.15
C LEU K 214 -31.85 5.94 -29.00
N LEU K 215 -31.94 7.16 -29.53
CA LEU K 215 -33.03 7.48 -30.45
C LEU K 215 -33.07 6.47 -31.59
N HIS K 216 -31.91 6.24 -32.18
CA HIS K 216 -31.87 5.46 -33.40
C HIS K 216 -31.95 3.97 -33.10
N ARG K 217 -31.51 3.58 -31.91
CA ARG K 217 -31.73 2.24 -31.40
C ARG K 217 -33.22 1.89 -31.40
N ASP K 218 -34.05 2.89 -31.09
CA ASP K 218 -35.49 2.71 -30.99
C ASP K 218 -36.28 3.09 -32.24
N ASN K 219 -35.60 3.25 -33.39
CA ASN K 219 -36.27 3.62 -34.63
C ASN K 219 -36.93 5.00 -34.53
N CYS K 220 -36.26 5.93 -33.83
CA CYS K 220 -36.76 7.29 -33.69
C CYS K 220 -35.84 8.29 -34.37
N PHE K 221 -36.34 9.51 -34.51
CA PHE K 221 -35.70 10.53 -35.34
C PHE K 221 -34.97 11.60 -34.52
N GLY K 222 -33.99 12.23 -35.16
CA GLY K 222 -33.32 13.37 -34.57
C GLY K 222 -33.45 14.58 -35.49
N LEU K 223 -33.50 15.77 -34.89
CA LEU K 223 -33.52 17.03 -35.64
C LEU K 223 -32.38 17.90 -35.11
N ALA K 224 -31.68 18.60 -36.00
CA ALA K 224 -30.59 19.48 -35.55
C ALA K 224 -30.66 20.85 -36.21
N SER K 225 -29.95 21.81 -35.60
CA SER K 225 -29.90 23.19 -36.07
C SER K 225 -31.28 23.79 -36.31
N LEU K 226 -32.22 23.44 -35.43
CA LEU K 226 -33.56 24.03 -35.49
C LEU K 226 -33.51 25.52 -35.19
N ALA K 227 -34.29 26.31 -35.91
CA ALA K 227 -34.30 27.75 -35.73
C ALA K 227 -35.66 28.22 -35.19
N ASN K 228 -35.68 29.39 -34.56
CA ASN K 228 -36.94 30.05 -34.20
C ASN K 228 -37.82 29.30 -33.21
N LEU K 229 -37.22 28.45 -32.38
CA LEU K 229 -38.00 27.77 -31.37
C LEU K 229 -38.56 28.78 -30.35
N ASP K 230 -37.96 29.95 -30.29
CA ASP K 230 -38.46 31.02 -29.41
C ASP K 230 -39.80 31.59 -29.90
N LYS K 231 -40.25 31.21 -31.09
CA LYS K 231 -41.57 31.60 -31.60
C LYS K 231 -42.64 30.55 -31.29
N LEU K 232 -42.25 29.45 -30.67
CA LEU K 232 -43.18 28.36 -30.39
C LEU K 232 -43.55 28.35 -28.93
N PRO K 233 -44.78 27.90 -28.61
CA PRO K 233 -45.24 27.70 -27.24
C PRO K 233 -44.76 26.36 -26.71
N ALA K 234 -44.70 26.21 -25.39
CA ALA K 234 -44.30 24.94 -24.78
C ALA K 234 -45.14 23.78 -25.30
N LYS K 235 -46.45 24.03 -25.38
CA LYS K 235 -47.41 23.03 -25.80
C LYS K 235 -48.30 23.61 -26.89
N GLY K 236 -48.83 22.73 -27.74
CA GLY K 236 -49.92 23.14 -28.60
C GLY K 236 -49.54 23.32 -30.06
N ALA K 237 -48.25 23.44 -30.36
CA ALA K 237 -47.80 23.58 -31.74
C ALA K 237 -47.68 22.22 -32.42
N ILE K 238 -47.77 22.22 -33.75
CA ILE K 238 -47.56 21.01 -34.54
C ILE K 238 -46.29 21.19 -35.32
N LEU K 239 -45.38 20.23 -35.25
CA LEU K 239 -44.12 20.35 -35.99
C LEU K 239 -44.12 19.47 -37.23
N ILE K 240 -43.74 20.07 -38.37
CA ILE K 240 -43.57 19.33 -39.62
C ILE K 240 -42.08 19.25 -39.92
N ALA K 241 -41.52 18.04 -39.85
CA ALA K 241 -40.10 17.83 -40.10
C ALA K 241 -39.89 16.61 -40.98
N ALA K 242 -39.79 16.83 -42.27
CA ALA K 242 -39.81 15.75 -43.25
C ALA K 242 -38.54 15.76 -44.09
N PRO K 243 -37.79 14.64 -44.06
CA PRO K 243 -36.56 14.60 -44.86
C PRO K 243 -36.86 14.42 -46.34
N LEU K 244 -35.95 14.88 -47.21
CA LEU K 244 -36.02 14.55 -48.63
C LEU K 244 -36.03 13.03 -48.78
N LYS K 245 -36.67 12.50 -49.84
CA LYS K 245 -36.78 11.06 -50.01
C LYS K 245 -35.54 10.49 -50.68
N ILE K 246 -34.39 10.77 -50.06
CA ILE K 246 -33.10 10.33 -50.56
C ILE K 246 -32.99 8.80 -50.56
N GLU K 247 -32.48 8.24 -51.66
CA GLU K 247 -32.37 6.80 -51.80
C GLU K 247 -31.41 6.24 -50.74
N ARG K 248 -31.90 5.30 -49.94
CA ARG K 248 -31.18 4.79 -48.77
C ARG K 248 -30.57 5.92 -47.92
N GLY K 249 -31.28 7.05 -47.82
CA GLY K 249 -30.74 8.19 -47.09
C GLY K 249 -30.65 7.96 -45.59
N THR K 250 -29.61 8.52 -44.97
CA THR K 250 -29.43 8.41 -43.51
C THR K 250 -29.96 9.63 -42.80
N GLY K 251 -30.28 10.65 -43.58
CA GLY K 251 -30.64 11.95 -43.05
C GLY K 251 -30.88 12.91 -44.20
N SER K 252 -31.33 14.11 -43.89
CA SER K 252 -31.57 15.11 -44.93
C SER K 252 -31.71 16.51 -44.35
N PRO K 253 -31.28 17.52 -45.11
CA PRO K 253 -31.69 18.89 -44.82
C PRO K 253 -33.20 18.93 -44.87
N ILE K 254 -33.83 19.80 -44.08
CA ILE K 254 -35.28 19.88 -44.11
C ILE K 254 -35.74 21.33 -44.06
N ARG K 255 -36.98 21.56 -44.47
CA ARG K 255 -37.66 22.81 -44.15
C ARG K 255 -38.61 22.51 -43.00
N ALA K 256 -38.07 22.61 -41.79
CA ALA K 256 -38.88 22.47 -40.57
C ALA K 256 -39.85 23.62 -40.44
N LEU K 257 -41.14 23.29 -40.35
CA LEU K 257 -42.19 24.27 -40.20
C LEU K 257 -43.07 23.89 -39.04
N ALA K 258 -43.52 24.88 -38.27
CA ALA K 258 -44.46 24.61 -37.19
C ALA K 258 -45.79 25.32 -37.42
N LEU K 259 -46.88 24.70 -36.96
CA LEU K 259 -48.19 25.34 -36.96
C LEU K 259 -48.49 25.80 -35.55
N VAL K 260 -48.84 27.07 -35.38
CA VAL K 260 -49.18 27.59 -34.07
C VAL K 260 -50.43 28.44 -34.19
N PRO K 261 -51.19 28.57 -33.09
CA PRO K 261 -52.32 29.51 -33.17
C PRO K 261 -51.84 30.95 -33.31
N LYS K 262 -52.52 31.74 -34.15
CA LYS K 262 -52.57 33.22 -34.12
C LYS K 262 -52.84 33.86 -35.48
N MET L 1 -64.13 25.46 -35.75
CA MET L 1 -63.61 25.52 -34.39
C MET L 1 -62.51 26.56 -34.27
N SER L 2 -61.96 26.71 -33.06
CA SER L 2 -60.82 27.60 -32.82
C SER L 2 -59.52 26.99 -33.35
N ALA L 3 -58.47 27.81 -33.38
CA ALA L 3 -57.14 27.37 -33.84
C ALA L 3 -56.55 26.30 -32.94
N GLN L 4 -56.70 26.49 -31.63
CA GLN L 4 -56.21 25.54 -30.64
C GLN L 4 -56.90 24.20 -30.80
N SER L 5 -58.21 24.25 -31.05
CA SER L 5 -58.99 23.02 -31.25
C SER L 5 -58.65 22.34 -32.59
N ALA L 6 -58.32 23.13 -33.59
CA ALA L 6 -57.96 22.57 -34.88
C ALA L 6 -56.62 21.86 -34.75
N LEU L 7 -55.68 22.50 -34.09
CA LEU L 7 -54.34 21.95 -33.99
C LEU L 7 -54.35 20.74 -33.07
N SER L 8 -55.08 20.82 -31.96
CA SER L 8 -55.19 19.68 -31.04
C SER L 8 -55.81 18.49 -31.76
N GLY L 9 -56.91 18.75 -32.46
CA GLY L 9 -57.60 17.72 -33.20
C GLY L 9 -56.76 17.09 -34.29
N LEU L 10 -56.06 17.92 -35.06
CA LEU L 10 -55.17 17.40 -36.10
C LEU L 10 -54.16 16.43 -35.48
N GLY L 11 -53.57 16.83 -34.36
CA GLY L 11 -52.62 15.99 -33.68
C GLY L 11 -53.20 14.63 -33.31
N ALA L 12 -54.40 14.65 -32.71
CA ALA L 12 -55.09 13.41 -32.32
C ALA L 12 -55.40 12.53 -33.53
N LYS L 13 -55.88 13.16 -34.61
CA LYS L 13 -56.33 12.41 -35.77
C LYS L 13 -55.17 11.84 -36.57
N LEU L 14 -54.02 12.51 -36.52
CA LEU L 14 -52.81 11.97 -37.13
C LEU L 14 -52.38 10.72 -36.37
N LEU L 15 -52.42 10.78 -35.06
CA LEU L 15 -52.04 9.64 -34.23
C LEU L 15 -53.02 8.48 -34.38
N SER L 16 -54.30 8.79 -34.55
CA SER L 16 -55.33 7.76 -34.68
C SER L 16 -55.44 7.19 -36.10
N GLY L 17 -54.87 7.89 -37.06
CA GLY L 17 -54.96 7.49 -38.46
C GLY L 17 -56.16 8.03 -39.23
N GLU L 18 -57.04 8.77 -38.56
CA GLU L 18 -58.22 9.32 -39.22
C GLU L 18 -57.80 10.34 -40.28
N VAL L 19 -56.69 11.01 -40.02
CA VAL L 19 -56.03 11.85 -41.01
C VAL L 19 -54.74 11.15 -41.43
N GLU L 20 -54.64 10.83 -42.72
CA GLU L 20 -53.47 10.12 -43.24
C GLU L 20 -52.52 11.05 -43.96
N VAL L 21 -51.22 10.85 -43.73
CA VAL L 21 -50.20 11.58 -44.46
C VAL L 21 -49.84 10.81 -45.72
N VAL L 22 -50.06 11.42 -46.87
CA VAL L 22 -49.69 10.82 -48.15
C VAL L 22 -48.32 11.34 -48.58
N ASP L 23 -47.43 10.42 -48.89
CA ASP L 23 -46.12 10.75 -49.46
C ASP L 23 -46.31 11.10 -50.93
N CYS L 24 -46.12 12.37 -51.29
CA CYS L 24 -46.28 12.80 -52.68
C CYS L 24 -44.93 13.05 -53.36
N THR L 25 -43.92 12.32 -52.88
CA THR L 25 -42.54 12.50 -53.31
C THR L 25 -41.97 11.25 -53.94
N GLY L 26 -41.26 11.41 -55.06
CA GLY L 26 -40.50 10.31 -55.63
C GLY L 26 -39.13 10.13 -54.97
N VAL L 27 -38.53 8.97 -55.16
CA VAL L 27 -37.22 8.69 -54.58
C VAL L 27 -36.19 9.62 -55.21
N LEU L 28 -35.31 10.18 -54.39
CA LEU L 28 -34.26 11.07 -54.87
C LEU L 28 -32.94 10.34 -54.87
N GLY L 29 -32.40 10.07 -56.05
CA GLY L 29 -31.12 9.38 -56.15
C GLY L 29 -30.63 9.38 -57.58
N PRO L 30 -29.62 8.57 -57.88
CA PRO L 30 -28.99 8.61 -59.22
C PRO L 30 -29.95 8.33 -60.36
N ASN L 31 -31.01 7.55 -60.13
CA ASN L 31 -31.93 7.21 -61.22
C ASN L 31 -33.16 8.10 -61.27
N THR L 32 -33.18 9.15 -60.46
CA THR L 32 -34.25 10.13 -60.54
C THR L 32 -34.22 10.81 -61.92
N PRO L 33 -35.36 10.85 -62.61
CA PRO L 33 -35.39 11.53 -63.91
C PRO L 33 -35.05 13.00 -63.75
N ILE L 34 -34.17 13.46 -64.62
CA ILE L 34 -33.71 14.85 -64.59
C ILE L 34 -33.95 15.45 -65.97
N LEU L 35 -34.44 16.67 -65.98
CA LEU L 35 -34.71 17.40 -67.21
C LEU L 35 -33.52 17.44 -68.16
N GLN L 36 -33.77 17.22 -69.45
CA GLN L 36 -32.72 17.42 -70.45
C GLN L 36 -33.12 18.54 -71.39
N LEU L 37 -32.22 19.50 -71.58
CA LEU L 37 -32.46 20.62 -72.50
C LEU L 37 -31.47 20.50 -73.63
N PRO L 38 -31.81 21.05 -74.81
CA PRO L 38 -30.84 21.03 -75.90
C PRO L 38 -29.56 21.78 -75.52
N PRO L 39 -28.39 21.19 -75.78
CA PRO L 39 -27.13 21.80 -75.37
C PRO L 39 -26.93 23.20 -75.94
N ASP L 40 -27.36 23.45 -77.17
CA ASP L 40 -27.18 24.76 -77.77
C ASP L 40 -28.12 25.79 -77.15
N PHE L 41 -29.14 25.31 -76.45
CA PHE L 41 -30.09 26.18 -75.77
C PHE L 41 -29.64 26.60 -74.37
N ALA L 42 -29.17 25.62 -73.60
CA ALA L 42 -28.88 25.87 -72.18
C ALA L 42 -28.04 24.76 -71.58
N LYS L 43 -27.29 25.09 -70.53
CA LYS L 43 -26.59 24.08 -69.76
C LYS L 43 -27.63 23.28 -68.99
N ASN L 44 -27.32 22.02 -68.75
CA ASN L 44 -28.22 21.13 -68.04
C ASN L 44 -27.93 21.07 -66.56
N THR L 45 -28.98 20.89 -65.76
CA THR L 45 -28.82 20.66 -64.32
C THR L 45 -28.32 19.22 -64.15
N PRO L 46 -27.43 18.97 -63.16
CA PRO L 46 -26.72 17.68 -63.12
C PRO L 46 -27.55 16.51 -62.62
N LYS L 47 -27.19 15.28 -63.04
CA LYS L 47 -27.80 14.09 -62.45
C LYS L 47 -27.45 14.02 -60.96
N VAL L 48 -28.36 13.45 -60.18
CA VAL L 48 -28.17 13.33 -58.75
C VAL L 48 -27.06 12.31 -58.48
N GLU L 49 -26.15 12.66 -57.57
CA GLU L 49 -25.16 11.69 -57.09
C GLU L 49 -25.26 11.53 -55.58
N ILE L 50 -25.14 10.31 -55.09
CA ILE L 50 -25.08 10.05 -53.66
C ILE L 50 -23.74 9.42 -53.35
N HIS L 51 -22.93 10.13 -52.55
CA HIS L 51 -21.56 9.71 -52.22
C HIS L 51 -21.45 9.26 -50.76
N LYS L 52 -20.92 8.06 -50.55
CA LYS L 52 -20.75 7.57 -49.19
C LYS L 52 -19.64 8.31 -48.46
N ILE L 53 -19.95 8.86 -47.29
CA ILE L 53 -18.90 9.38 -46.41
C ILE L 53 -18.40 8.22 -45.54
N SER L 54 -19.33 7.54 -44.88
CA SER L 54 -19.01 6.33 -44.13
C SER L 54 -20.26 5.47 -43.94
N GLU L 55 -20.05 4.22 -43.55
CA GLU L 55 -21.14 3.38 -43.09
C GLU L 55 -20.61 2.40 -42.05
N TYR L 56 -20.50 2.88 -40.82
CA TYR L 56 -20.00 2.13 -39.67
C TYR L 56 -18.66 1.45 -40.00
N ASP L 57 -17.72 2.23 -40.51
CA ASP L 57 -16.44 1.71 -40.96
C ASP L 57 -15.29 2.57 -40.48
N SER L 58 -14.11 2.44 -41.08
CA SER L 58 -12.94 3.16 -40.60
C SER L 58 -13.01 4.66 -40.89
N ASP L 59 -13.91 5.05 -41.81
CA ASP L 59 -14.08 6.45 -42.14
C ASP L 59 -15.07 7.12 -41.19
N GLY L 60 -15.74 6.31 -40.39
CA GLY L 60 -16.79 6.78 -39.50
C GLY L 60 -17.37 5.59 -38.79
N PRO L 61 -16.80 5.26 -37.62
CA PRO L 61 -17.00 3.97 -36.93
C PRO L 61 -18.42 3.65 -36.52
N PHE L 62 -19.16 4.64 -36.03
CA PHE L 62 -20.43 4.38 -35.35
C PHE L 62 -21.62 4.97 -36.10
N PHE L 63 -21.39 5.40 -37.33
CA PHE L 63 -22.43 6.13 -38.06
C PHE L 63 -22.33 5.97 -39.57
N ALA L 64 -23.42 6.31 -40.23
CA ALA L 64 -23.55 6.22 -41.67
C ALA L 64 -24.09 7.55 -42.18
N TRP L 65 -23.49 8.05 -43.25
CA TRP L 65 -23.98 9.27 -43.87
C TRP L 65 -23.35 9.49 -45.25
N ASN L 66 -24.06 10.29 -46.04
CA ASN L 66 -23.73 10.55 -47.43
C ASN L 66 -23.71 12.03 -47.71
N TRP L 67 -23.10 12.41 -48.84
CA TRP L 67 -23.26 13.74 -49.40
C TRP L 67 -23.68 13.64 -50.86
N MET L 68 -24.29 14.71 -51.37
CA MET L 68 -24.89 14.66 -52.68
C MET L 68 -24.39 15.75 -53.62
N VAL L 69 -24.36 15.42 -54.91
CA VAL L 69 -24.42 16.42 -55.95
C VAL L 69 -25.91 16.54 -56.31
N LEU L 70 -26.47 17.72 -56.08
CA LEU L 70 -27.93 17.91 -56.08
C LEU L 70 -28.34 19.25 -56.68
N GLY L 71 -28.94 19.20 -57.87
CA GLY L 71 -29.54 20.40 -58.43
C GLY L 71 -30.73 20.84 -57.60
N GLU L 72 -30.96 22.14 -57.52
CA GLU L 72 -32.19 22.66 -56.93
C GLU L 72 -33.40 21.98 -57.55
N HIS L 73 -33.33 21.80 -58.87
CA HIS L 73 -34.46 21.32 -59.64
C HIS L 73 -34.26 19.85 -59.94
N SER L 74 -34.41 19.04 -58.89
CA SER L 74 -34.17 17.61 -58.97
C SER L 74 -35.30 16.83 -58.31
N GLY L 75 -35.87 15.87 -59.05
CA GLY L 75 -36.92 15.03 -58.48
C GLY L 75 -38.14 15.84 -58.10
N THR L 76 -38.91 15.34 -57.15
CA THR L 76 -40.06 16.10 -56.67
C THR L 76 -39.54 17.42 -56.13
N HIS L 77 -39.97 18.53 -56.70
CA HIS L 77 -39.28 19.77 -56.33
C HIS L 77 -40.12 21.01 -56.54
N PHE L 78 -39.59 22.11 -56.01
CA PHE L 78 -40.29 23.38 -55.87
C PHE L 78 -39.65 24.41 -56.78
N ASP L 79 -40.44 25.18 -57.53
CA ASP L 79 -39.95 26.32 -58.32
C ASP L 79 -40.30 27.63 -57.62
N ALA L 80 -39.30 28.42 -57.24
CA ALA L 80 -39.55 29.75 -56.64
C ALA L 80 -39.58 30.79 -57.76
N PRO L 81 -40.20 31.95 -57.52
CA PRO L 81 -40.41 32.87 -58.66
C PRO L 81 -39.12 33.40 -59.31
N HIS L 82 -38.00 33.46 -58.56
CA HIS L 82 -36.73 33.86 -59.18
C HIS L 82 -36.27 32.91 -60.28
N HIS L 83 -36.81 31.69 -60.29
CA HIS L 83 -36.47 30.68 -61.30
C HIS L 83 -36.68 31.17 -62.73
N TRP L 84 -37.66 32.05 -62.95
CA TRP L 84 -37.91 32.57 -64.31
C TRP L 84 -37.61 34.03 -64.39
N ILE L 85 -37.24 34.48 -65.59
CA ILE L 85 -36.86 35.87 -65.77
C ILE L 85 -38.05 36.79 -65.44
N THR L 86 -39.26 36.30 -65.67
CA THR L 86 -40.46 37.07 -65.32
C THR L 86 -40.62 37.34 -63.82
N GLY L 87 -39.93 36.57 -62.98
CA GLY L 87 -40.07 36.75 -61.54
C GLY L 87 -38.80 37.24 -60.87
N LYS L 88 -37.89 37.78 -61.67
CA LYS L 88 -36.54 38.08 -61.19
C LYS L 88 -36.50 39.19 -60.14
N ASP L 89 -37.49 40.07 -60.16
CA ASP L 89 -37.42 41.28 -59.36
C ASP L 89 -38.15 41.18 -58.03
N TYR L 90 -38.74 40.02 -57.76
CA TYR L 90 -39.36 39.78 -56.46
C TYR L 90 -38.31 39.53 -55.43
N SER L 91 -38.23 40.41 -54.44
CA SER L 91 -37.24 40.25 -53.39
C SER L 91 -37.60 39.01 -52.57
N ASP L 92 -38.90 38.73 -52.47
CA ASP L 92 -39.36 37.55 -51.76
C ASP L 92 -39.46 36.31 -52.67
N GLY L 93 -38.83 36.39 -53.84
CA GLY L 93 -38.96 35.31 -54.83
C GLY L 93 -37.93 34.20 -54.73
N PHE L 94 -37.25 34.11 -53.59
CA PHE L 94 -36.23 33.09 -53.36
C PHE L 94 -36.69 32.10 -52.31
N THR L 95 -36.09 30.92 -52.30
CA THR L 95 -36.50 29.89 -51.34
C THR L 95 -36.24 30.33 -49.90
N ASP L 96 -35.29 31.24 -49.72
CA ASP L 96 -35.01 31.75 -48.37
C ASP L 96 -35.72 33.06 -48.05
N THR L 97 -36.49 33.60 -49.00
CA THR L 97 -37.14 34.87 -48.72
C THR L 97 -38.66 34.82 -48.93
N LEU L 98 -39.16 33.72 -49.50
CA LEU L 98 -40.60 33.60 -49.74
C LEU L 98 -41.34 33.44 -48.41
N ASP L 99 -42.67 33.56 -48.48
CA ASP L 99 -43.53 33.52 -47.29
C ASP L 99 -43.96 32.08 -46.98
N VAL L 100 -43.44 31.50 -45.89
CA VAL L 100 -43.76 30.09 -45.61
C VAL L 100 -45.24 29.87 -45.30
N GLN L 101 -45.94 30.91 -44.85
CA GLN L 101 -47.40 30.83 -44.67
C GLN L 101 -48.12 30.35 -45.93
N ARG L 102 -47.53 30.61 -47.10
CA ARG L 102 -48.18 30.27 -48.36
C ARG L 102 -48.05 28.80 -48.74
N LEU L 103 -47.10 28.10 -48.12
CA LEU L 103 -46.68 26.79 -48.62
C LEU L 103 -47.60 25.63 -48.29
N ILE L 104 -48.48 25.82 -47.32
CA ILE L 104 -49.38 24.77 -46.87
C ILE L 104 -50.80 25.22 -47.12
N ALA L 105 -51.54 24.50 -47.96
CA ALA L 105 -52.85 25.00 -48.38
C ALA L 105 -53.73 23.89 -48.93
N PRO L 106 -55.04 24.09 -48.93
CA PRO L 106 -55.90 23.16 -49.66
C PRO L 106 -55.37 22.95 -51.07
N VAL L 107 -55.53 21.75 -51.59
CA VAL L 107 -55.10 21.49 -52.94
C VAL L 107 -56.27 21.00 -53.77
N ASN L 108 -56.32 21.49 -55.00
CA ASN L 108 -57.26 21.03 -56.00
C ASN L 108 -56.55 20.04 -56.92
N VAL L 109 -57.06 18.82 -56.99
CA VAL L 109 -56.43 17.78 -57.76
C VAL L 109 -57.28 17.49 -59.00
N ILE L 110 -56.77 17.92 -60.15
CA ILE L 110 -57.53 17.78 -61.40
C ILE L 110 -57.06 16.52 -62.13
N ASP L 111 -57.91 15.51 -62.16
CA ASP L 111 -57.52 14.21 -62.68
C ASP L 111 -57.53 14.17 -64.20
N CYS L 112 -56.34 14.24 -64.79
CA CYS L 112 -56.17 14.17 -66.25
C CYS L 112 -55.48 12.86 -66.69
N SER L 113 -55.54 11.83 -65.86
CA SER L 113 -54.77 10.60 -66.15
C SER L 113 -55.29 9.88 -67.39
N LYS L 114 -56.62 9.77 -67.53
CA LYS L 114 -57.19 9.13 -68.71
C LYS L 114 -56.81 9.88 -69.98
N GLU L 115 -56.92 11.21 -69.95
CA GLU L 115 -56.61 12.03 -71.13
C GLU L 115 -55.14 11.92 -71.49
N SER L 116 -54.30 11.80 -70.45
CA SER L 116 -52.86 11.78 -70.63
C SER L 116 -52.39 10.45 -71.12
N ALA L 117 -53.10 9.39 -70.75
CA ALA L 117 -52.78 8.06 -71.23
C ALA L 117 -53.07 7.98 -72.72
N ALA L 118 -54.15 8.64 -73.14
CA ALA L 118 -54.53 8.60 -74.55
C ALA L 118 -53.63 9.49 -75.40
N ASP L 119 -53.11 10.55 -74.80
CA ASP L 119 -52.33 11.56 -75.53
C ASP L 119 -51.25 12.12 -74.63
N PRO L 120 -49.98 11.73 -74.87
CA PRO L 120 -48.92 12.21 -73.99
C PRO L 120 -48.74 13.71 -74.09
N ASP L 121 -49.32 14.36 -75.11
CA ASP L 121 -49.16 15.81 -75.22
C ASP L 121 -50.44 16.54 -74.79
N PHE L 122 -51.28 15.84 -74.02
CA PHE L 122 -52.53 16.42 -73.54
C PHE L 122 -52.34 17.77 -72.83
N LEU L 123 -53.19 18.72 -73.18
CA LEU L 123 -53.13 20.04 -72.59
C LEU L 123 -54.41 20.35 -71.81
N LEU L 124 -54.25 20.65 -70.52
CA LEU L 124 -55.36 21.15 -69.71
C LEU L 124 -55.68 22.59 -70.11
N THR L 125 -56.95 22.86 -70.40
CA THR L 125 -57.36 24.17 -70.87
C THR L 125 -58.15 24.91 -69.81
N ALA L 126 -58.32 26.21 -70.00
CA ALA L 126 -59.18 27.01 -69.12
C ALA L 126 -60.60 26.44 -69.09
N ASP L 127 -61.13 26.06 -70.25
CA ASP L 127 -62.50 25.53 -70.31
C ASP L 127 -62.62 24.22 -69.52
N LEU L 128 -61.62 23.37 -69.59
CA LEU L 128 -61.69 22.11 -68.86
C LEU L 128 -61.63 22.35 -67.36
N ILE L 129 -60.83 23.33 -66.95
CA ILE L 129 -60.72 23.68 -65.54
C ILE L 129 -62.06 24.21 -65.04
N LYS L 130 -62.72 25.06 -65.83
CA LYS L 130 -63.99 25.62 -65.44
C LYS L 130 -65.05 24.53 -65.27
N ALA L 131 -65.04 23.55 -66.15
CA ALA L 131 -65.95 22.40 -66.05
C ALA L 131 -65.66 21.57 -64.79
N TRP L 132 -64.38 21.42 -64.47
CA TRP L 132 -63.94 20.73 -63.25
C TRP L 132 -64.51 21.47 -62.04
N GLU L 133 -64.42 22.79 -62.07
CA GLU L 133 -64.95 23.63 -61.01
C GLU L 133 -66.46 23.51 -60.88
N ALA L 134 -67.15 23.40 -62.01
CA ALA L 134 -68.59 23.25 -61.99
C ALA L 134 -68.99 21.96 -61.27
N GLU L 135 -68.16 20.92 -61.41
CA GLU L 135 -68.44 19.65 -60.76
C GLU L 135 -67.98 19.60 -59.30
N HIS L 136 -66.79 20.12 -59.02
CA HIS L 136 -66.15 19.91 -57.71
C HIS L 136 -66.18 21.12 -56.76
N GLY L 137 -66.41 22.31 -57.31
CA GLY L 137 -66.37 23.55 -56.54
C GLY L 137 -65.28 24.49 -57.05
N GLU L 138 -65.47 25.79 -56.87
CA GLU L 138 -64.52 26.76 -57.40
C GLU L 138 -63.15 26.64 -56.76
N ILE L 139 -62.13 26.98 -57.53
CA ILE L 139 -60.76 27.05 -57.05
C ILE L 139 -60.60 28.39 -56.35
N GLY L 140 -60.00 28.39 -55.17
CA GLY L 140 -59.95 29.58 -54.33
C GLY L 140 -58.58 30.19 -54.16
N ALA L 141 -58.57 31.45 -53.70
CA ALA L 141 -57.34 32.18 -53.48
C ALA L 141 -56.42 31.42 -52.52
N GLY L 142 -55.14 31.38 -52.85
CA GLY L 142 -54.15 30.76 -51.99
C GLY L 142 -54.07 29.25 -52.08
N GLU L 143 -54.93 28.62 -52.88
CA GLU L 143 -54.91 27.16 -52.97
C GLU L 143 -53.89 26.63 -53.95
N TRP L 144 -53.42 25.42 -53.70
CA TRP L 144 -52.62 24.69 -54.67
C TRP L 144 -53.53 24.10 -55.74
N VAL L 145 -53.04 24.06 -56.98
CA VAL L 145 -53.72 23.31 -58.03
C VAL L 145 -52.73 22.34 -58.66
N VAL L 146 -53.06 21.06 -58.68
CA VAL L 146 -52.15 20.10 -59.27
C VAL L 146 -52.85 19.31 -60.37
N MET L 147 -52.09 19.06 -61.43
CA MET L 147 -52.59 18.30 -62.55
C MET L 147 -52.15 16.85 -62.39
N ARG L 148 -53.10 15.98 -62.09
CA ARG L 148 -52.81 14.57 -61.94
C ARG L 148 -52.87 13.90 -63.31
N THR L 149 -51.80 13.18 -63.64
CA THR L 149 -51.70 12.52 -64.92
C THR L 149 -51.20 11.09 -64.68
N ASP L 150 -50.91 10.78 -63.42
CA ASP L 150 -50.22 9.54 -63.05
C ASP L 150 -48.94 9.33 -63.87
N TRP L 151 -48.23 10.42 -64.16
CA TRP L 151 -46.94 10.32 -64.84
C TRP L 151 -45.90 9.63 -63.94
N ASP L 152 -46.16 9.62 -62.63
CA ASP L 152 -45.23 9.00 -61.70
C ASP L 152 -45.06 7.51 -61.94
N LYS L 153 -45.98 6.92 -62.69
CA LYS L 153 -45.86 5.51 -63.06
C LYS L 153 -44.61 5.27 -63.91
N ARG L 154 -44.09 6.34 -64.50
CA ARG L 154 -42.94 6.26 -65.39
C ARG L 154 -41.62 6.62 -64.70
N ALA L 155 -41.68 6.94 -63.42
CA ALA L 155 -40.54 7.53 -62.72
C ALA L 155 -39.37 6.56 -62.56
N GLY L 156 -39.63 5.27 -62.74
CA GLY L 156 -38.62 4.24 -62.62
C GLY L 156 -37.77 4.12 -63.87
N ASP L 157 -38.11 4.91 -64.89
CA ASP L 157 -37.35 4.87 -66.13
C ASP L 157 -37.30 6.26 -66.76
N GLU L 158 -36.15 6.90 -66.68
CA GLU L 158 -36.02 8.28 -67.12
C GLU L 158 -36.45 8.50 -68.57
N ALA L 159 -36.07 7.59 -69.45
CA ALA L 159 -36.45 7.72 -70.86
C ALA L 159 -37.98 7.77 -71.02
N ALA L 160 -38.68 6.94 -70.25
CA ALA L 160 -40.13 6.89 -70.32
C ALA L 160 -40.74 8.11 -69.67
N PHE L 161 -40.06 8.61 -68.65
CA PHE L 161 -40.58 9.72 -67.88
C PHE L 161 -40.48 11.01 -68.68
N LEU L 162 -39.35 11.22 -69.37
CA LEU L 162 -39.20 12.39 -70.21
C LEU L 162 -39.99 12.21 -71.50
N ASN L 163 -40.09 10.96 -71.95
CA ASN L 163 -40.86 10.57 -73.13
C ASN L 163 -40.53 11.37 -74.40
N ALA L 164 -39.25 11.42 -74.74
CA ALA L 164 -38.79 12.20 -75.87
C ALA L 164 -38.72 11.37 -77.16
N ASP L 165 -38.91 12.03 -78.29
CA ASP L 165 -38.64 11.41 -79.58
C ASP L 165 -37.92 12.46 -80.42
N GLU L 166 -37.97 12.35 -81.74
CA GLU L 166 -37.19 13.25 -82.58
C GLU L 166 -37.60 14.71 -82.43
N THR L 167 -38.85 14.97 -82.08
CA THR L 167 -39.30 16.36 -81.96
C THR L 167 -39.25 16.85 -80.51
N GLY L 168 -38.67 16.06 -79.62
CA GLY L 168 -38.48 16.48 -78.25
C GLY L 168 -39.33 15.74 -77.23
N PRO L 169 -39.44 16.30 -76.02
CA PRO L 169 -40.18 15.65 -74.94
C PRO L 169 -41.68 15.70 -75.17
N HIS L 170 -42.38 14.65 -74.75
CA HIS L 170 -43.82 14.62 -74.91
C HIS L 170 -44.48 14.23 -73.58
N SER L 171 -45.00 15.23 -72.88
CA SER L 171 -45.59 15.03 -71.58
C SER L 171 -46.64 16.12 -71.38
N PRO L 172 -47.70 15.81 -70.64
CA PRO L 172 -48.85 16.70 -70.49
C PRO L 172 -48.54 17.98 -69.70
N GLY L 173 -49.40 18.97 -69.86
CA GLY L 173 -49.21 20.23 -69.17
C GLY L 173 -50.39 21.15 -69.40
N PRO L 174 -50.28 22.40 -68.93
CA PRO L 174 -51.35 23.39 -69.11
C PRO L 174 -51.17 24.22 -70.39
N THR L 175 -52.25 24.79 -70.90
CA THR L 175 -52.16 25.84 -71.91
C THR L 175 -51.82 27.15 -71.21
N PRO L 176 -51.31 28.14 -71.96
CA PRO L 176 -51.15 29.47 -71.37
C PRO L 176 -52.46 30.03 -70.79
N ASP L 177 -53.58 29.84 -71.48
CA ASP L 177 -54.87 30.36 -71.01
C ASP L 177 -55.36 29.66 -69.74
N ALA L 178 -55.05 28.38 -69.60
CA ALA L 178 -55.34 27.67 -68.35
C ALA L 178 -54.62 28.31 -67.16
N ILE L 179 -53.33 28.63 -67.34
CA ILE L 179 -52.56 29.23 -66.26
C ILE L 179 -53.05 30.66 -65.97
N GLU L 180 -53.28 31.45 -67.02
CA GLU L 180 -53.83 32.79 -66.82
C GLU L 180 -55.12 32.71 -66.02
N TYR L 181 -55.96 31.72 -66.30
CA TYR L 181 -57.23 31.60 -65.61
C TYR L 181 -57.03 31.28 -64.13
N LEU L 182 -56.15 30.33 -63.85
CA LEU L 182 -55.85 29.96 -62.47
C LEU L 182 -55.30 31.16 -61.71
N LEU L 183 -54.42 31.93 -62.35
CA LEU L 183 -53.87 33.12 -61.71
C LEU L 183 -54.95 34.15 -61.46
N SER L 184 -56.02 34.15 -62.26
CA SER L 184 -57.12 35.10 -62.00
C SER L 184 -57.84 34.71 -60.71
N LYS L 185 -57.73 33.44 -60.33
CA LYS L 185 -58.29 32.94 -59.08
C LYS L 185 -57.34 33.14 -57.90
N LYS L 186 -56.15 33.68 -58.16
CA LYS L 186 -55.17 34.01 -57.11
C LYS L 186 -54.64 32.77 -56.38
N ILE L 187 -54.46 31.68 -57.13
CA ILE L 187 -53.87 30.47 -56.55
C ILE L 187 -52.46 30.72 -55.99
N VAL L 188 -51.96 29.82 -55.14
CA VAL L 188 -50.60 30.00 -54.67
C VAL L 188 -49.62 29.42 -55.68
N GLY L 189 -50.07 28.37 -56.38
CA GLY L 189 -49.16 27.60 -57.17
C GLY L 189 -49.78 26.44 -57.90
N TRP L 190 -48.98 25.89 -58.80
CA TRP L 190 -49.39 24.89 -59.78
C TRP L 190 -48.38 23.75 -59.82
N GLY L 191 -48.87 22.51 -59.78
CA GLY L 191 -48.01 21.36 -59.74
C GLY L 191 -48.31 20.33 -60.79
N SER L 192 -47.27 19.61 -61.17
CA SER L 192 -47.35 18.59 -62.18
C SER L 192 -46.66 17.32 -61.70
N GLN L 193 -46.99 16.18 -62.30
CA GLN L 193 -46.29 14.94 -62.04
C GLN L 193 -45.20 14.69 -63.08
N CYS L 194 -45.13 15.58 -64.06
CA CYS L 194 -44.11 15.48 -65.10
C CYS L 194 -42.81 16.13 -64.64
N ILE L 195 -41.82 16.16 -65.52
CA ILE L 195 -40.49 16.67 -65.16
C ILE L 195 -40.50 18.17 -64.83
N GLY L 196 -41.49 18.89 -65.37
CA GLY L 196 -41.62 20.31 -65.10
C GLY L 196 -43.09 20.70 -65.05
N THR L 197 -43.37 21.96 -64.74
CA THR L 197 -44.74 22.45 -64.63
C THR L 197 -45.41 22.65 -65.99
N ASP L 198 -44.60 22.67 -67.04
CA ASP L 198 -45.10 22.88 -68.39
C ASP L 198 -45.15 21.57 -69.19
N ALA L 199 -45.93 21.56 -70.27
CA ALA L 199 -45.92 20.42 -71.18
C ALA L 199 -44.52 20.18 -71.74
N GLY L 200 -44.20 18.94 -72.09
CA GLY L 200 -42.93 18.62 -72.71
C GLY L 200 -42.65 19.50 -73.91
N GLN L 201 -43.70 19.83 -74.67
CA GLN L 201 -43.57 20.60 -75.89
C GLN L 201 -43.77 22.12 -75.71
N ALA L 202 -43.59 22.60 -74.48
CA ALA L 202 -43.84 24.02 -74.17
C ALA L 202 -42.75 24.94 -74.68
N GLY L 203 -41.63 24.38 -75.12
CA GLY L 203 -40.58 25.20 -75.71
C GLY L 203 -41.08 25.88 -76.98
N GLY L 204 -42.11 25.29 -77.58
CA GLY L 204 -42.70 25.82 -78.80
C GLY L 204 -44.03 26.51 -78.59
N MET L 205 -44.37 26.83 -77.34
CA MET L 205 -45.60 27.55 -77.04
C MET L 205 -45.40 29.05 -77.05
N GLU L 206 -46.48 29.80 -76.88
CA GLU L 206 -46.39 31.26 -76.83
C GLU L 206 -47.07 31.84 -75.57
N PRO L 207 -46.26 32.35 -74.62
CA PRO L 207 -44.79 32.33 -74.63
C PRO L 207 -44.25 30.94 -74.30
N PRO L 208 -42.98 30.67 -74.65
CA PRO L 208 -42.31 29.43 -74.25
C PRO L 208 -42.47 29.16 -72.75
N PHE L 209 -42.82 27.94 -72.39
CA PHE L 209 -42.93 27.53 -71.00
C PHE L 209 -43.89 28.44 -70.24
N PRO L 210 -45.17 28.45 -70.64
CA PRO L 210 -46.09 29.47 -70.12
C PRO L 210 -46.37 29.34 -68.62
N ALA L 211 -46.39 28.12 -68.08
CA ALA L 211 -46.58 27.97 -66.64
C ALA L 211 -45.43 28.62 -65.88
N HIS L 212 -44.20 28.36 -66.32
CA HIS L 212 -43.04 28.99 -65.69
C HIS L 212 -43.15 30.51 -65.83
N ASN L 213 -43.42 30.96 -67.03
CA ASN L 213 -43.51 32.36 -67.33
C ASN L 213 -44.56 33.06 -66.45
N LEU L 214 -45.79 32.56 -66.49
CA LEU L 214 -46.91 33.27 -65.86
C LEU L 214 -46.97 33.10 -64.34
N LEU L 215 -46.68 31.89 -63.84
CA LEU L 215 -46.68 31.67 -62.41
C LEU L 215 -45.68 32.59 -61.75
N HIS L 216 -44.47 32.62 -62.29
CA HIS L 216 -43.42 33.35 -61.61
C HIS L 216 -43.50 34.83 -61.87
N ARG L 217 -44.08 35.20 -63.01
CA ARG L 217 -44.48 36.59 -63.24
C ARG L 217 -45.33 37.13 -62.07
N ASP L 218 -46.20 36.27 -61.55
CA ASP L 218 -47.17 36.67 -60.52
C ASP L 218 -46.74 36.32 -59.09
N ASN L 219 -45.44 36.04 -58.90
CA ASN L 219 -44.92 35.69 -57.58
C ASN L 219 -45.54 34.39 -57.03
N CYS L 220 -45.82 33.45 -57.92
CA CYS L 220 -46.42 32.18 -57.53
C CYS L 220 -45.46 31.02 -57.73
N PHE L 221 -45.83 29.86 -57.19
CA PHE L 221 -44.93 28.69 -57.13
C PHE L 221 -45.29 27.58 -58.12
N GLY L 222 -44.29 26.79 -58.47
CA GLY L 222 -44.51 25.58 -59.25
C GLY L 222 -43.95 24.35 -58.55
N LEU L 223 -44.58 23.21 -58.81
CA LEU L 223 -44.13 21.93 -58.28
C LEU L 223 -44.00 20.96 -59.43
N ALA L 224 -42.99 20.10 -59.39
CA ALA L 224 -42.79 19.11 -60.45
C ALA L 224 -42.48 17.74 -59.87
N SER L 225 -42.67 16.72 -60.69
CA SER L 225 -42.45 15.32 -60.31
C SER L 225 -43.18 14.89 -59.03
N LEU L 226 -44.38 15.43 -58.82
CA LEU L 226 -45.24 14.98 -57.74
C LEU L 226 -45.64 13.51 -57.94
N ALA L 227 -45.62 12.76 -56.85
CA ALA L 227 -45.97 11.34 -56.84
C ALA L 227 -47.29 11.14 -56.09
N ASN L 228 -47.98 10.03 -56.37
CA ASN L 228 -49.16 9.62 -55.60
C ASN L 228 -50.34 10.57 -55.58
N LEU L 229 -50.53 11.35 -56.64
CA LEU L 229 -51.70 12.20 -56.70
C LEU L 229 -52.96 11.35 -56.85
N ASP L 230 -52.80 10.09 -57.30
CA ASP L 230 -53.94 9.17 -57.33
C ASP L 230 -54.39 8.69 -55.94
N LYS L 231 -53.66 9.08 -54.90
CA LYS L 231 -54.09 8.79 -53.53
C LYS L 231 -54.84 9.98 -52.91
N LEU L 232 -54.96 11.06 -53.67
CA LEU L 232 -55.62 12.27 -53.19
C LEU L 232 -57.02 12.41 -53.79
N PRO L 233 -57.95 12.98 -53.02
CA PRO L 233 -59.27 13.33 -53.54
C PRO L 233 -59.20 14.63 -54.35
N ALA L 234 -60.20 14.87 -55.21
CA ALA L 234 -60.24 16.10 -56.01
C ALA L 234 -60.22 17.34 -55.12
N LYS L 235 -60.98 17.29 -54.03
CA LYS L 235 -61.11 18.39 -53.08
C LYS L 235 -60.86 17.90 -51.65
N GLY L 236 -60.43 18.81 -50.76
CA GLY L 236 -60.46 18.52 -49.33
C GLY L 236 -59.13 18.15 -48.69
N ALA L 237 -58.15 17.78 -49.51
CA ALA L 237 -56.80 17.49 -49.02
C ALA L 237 -56.02 18.79 -48.78
N ILE L 238 -55.02 18.72 -47.91
CA ILE L 238 -54.09 19.82 -47.67
C ILE L 238 -52.71 19.42 -48.21
N LEU L 239 -52.11 20.26 -49.05
CA LEU L 239 -50.78 19.98 -49.56
C LEU L 239 -49.70 20.77 -48.83
N ILE L 240 -48.64 20.06 -48.42
CA ILE L 240 -47.48 20.67 -47.80
C ILE L 240 -46.30 20.58 -48.77
N ALA L 241 -45.85 21.72 -49.30
CA ALA L 241 -44.79 21.70 -50.31
C ALA L 241 -43.80 22.81 -50.01
N ALA L 242 -42.77 22.49 -49.25
CA ALA L 242 -41.88 23.52 -48.73
C ALA L 242 -40.44 23.31 -49.20
N PRO L 243 -39.87 24.33 -49.84
CA PRO L 243 -38.48 24.22 -50.29
C PRO L 243 -37.52 24.31 -49.13
N LEU L 244 -36.37 23.65 -49.26
CA LEU L 244 -35.24 23.94 -48.38
C LEU L 244 -34.94 25.43 -48.44
N LYS L 245 -34.40 25.95 -47.34
CA LYS L 245 -34.18 27.40 -47.24
C LYS L 245 -32.82 27.75 -47.84
N ILE L 246 -32.64 27.37 -49.09
CA ILE L 246 -31.40 27.59 -49.83
C ILE L 246 -31.14 29.09 -50.03
N GLU L 247 -29.92 29.52 -49.74
CA GLU L 247 -29.53 30.92 -49.84
C GLU L 247 -29.71 31.42 -51.28
N ARG L 248 -30.56 32.42 -51.46
CA ARG L 248 -30.95 32.92 -52.78
C ARG L 248 -31.38 31.77 -53.72
N GLY L 249 -32.06 30.76 -53.18
CA GLY L 249 -32.39 29.58 -53.95
C GLY L 249 -33.50 29.85 -54.97
N THR L 250 -33.40 29.23 -56.14
CA THR L 250 -34.42 29.41 -57.20
C THR L 250 -35.46 28.31 -57.13
N GLY L 251 -35.14 27.28 -56.38
CA GLY L 251 -36.06 26.17 -56.20
C GLY L 251 -35.37 25.20 -55.27
N SER L 252 -36.01 24.06 -55.05
CA SER L 252 -35.44 23.10 -54.12
C SER L 252 -36.10 21.75 -54.30
N PRO L 253 -35.34 20.67 -54.07
CA PRO L 253 -36.04 19.41 -53.88
C PRO L 253 -36.90 19.52 -52.62
N ILE L 254 -38.00 18.78 -52.57
CA ILE L 254 -38.90 18.84 -51.43
C ILE L 254 -39.37 17.46 -51.01
N ARG L 255 -39.82 17.34 -49.77
CA ARG L 255 -40.68 16.23 -49.39
C ARG L 255 -42.13 16.73 -49.34
N ALA L 256 -42.82 16.59 -50.47
CA ALA L 256 -44.21 16.96 -50.59
C ALA L 256 -45.08 15.91 -49.87
N LEU L 257 -45.89 16.40 -48.94
CA LEU L 257 -46.77 15.56 -48.15
C LEU L 257 -48.17 16.12 -48.24
N ALA L 258 -49.17 15.23 -48.27
CA ALA L 258 -50.57 15.67 -48.28
C ALA L 258 -51.30 15.11 -47.07
N LEU L 259 -52.28 15.87 -46.57
CA LEU L 259 -53.14 15.39 -45.50
C LEU L 259 -54.48 15.03 -46.11
N VAL L 260 -54.92 13.78 -45.92
CA VAL L 260 -56.18 13.34 -46.47
C VAL L 260 -56.99 12.60 -45.42
N PRO L 261 -58.32 12.60 -45.57
CA PRO L 261 -59.17 11.78 -44.70
C PRO L 261 -58.94 10.30 -44.90
N LYS L 262 -59.19 9.52 -43.85
CA LYS L 262 -59.31 8.06 -43.91
C LYS L 262 -57.96 7.39 -43.88
#